data_3E1F
#
_entry.id   3E1F
#
_cell.length_a   128.370
_cell.length_b   152.870
_cell.length_c   132.120
_cell.angle_alpha   90.00
_cell.angle_beta   102.68
_cell.angle_gamma   90.00
#
_symmetry.space_group_name_H-M   'P 1 21 1'
#
loop_
_entity.id
_entity.type
_entity.pdbx_description
1 polymer Beta-galactosidase
2 non-polymer 'MAGNESIUM ION'
3 non-polymer 'SODIUM ION'
4 non-polymer 'DIMETHYL SULFOXIDE'
5 non-polymer beta-D-galactopyranose
6 water water
#
_entity_poly.entity_id   1
_entity_poly.type   'polypeptide(L)'
_entity_poly.pdbx_seq_one_letter_code
;GSHMLEDPVVLQRRDWENPGVTQLNRLAAHPPFASWRNSEEARTDRPSQQLRSLNGEWRFAWFPAPEAVPESWLECDLPE
ADTVVVPSNWQMHGYDAPIYTNVTYPITVNPPFVPTENPTGCYSLTFNVDESWLQEGQTRIIFDGVNSAFHLWCNGRWVG
YGQDSRLPSEFDLSAFLRAGENRLAVMVLRWSDGSYLEDQDMWRMSGIFRDVSLLHKPTTQISDFHVATRFNDDFSRAVL
EAEVQMCGELRDYLRVTVSLWQGETQVASGTAPFGGEIIDERGGYADRVTLRLNVENPKLWSAEIPNLYRAVVELHTADG
TLIEAEACDVGFREVRIENGLLLLNGKPLLIRGVNRHEHHPLHGQVMDEQTMVQDILLMKQNNFNAVRCSHYPNHPLWYT
LCDRYGLYVVDEANIETEGMVPMNRLTDDPRWLPAMSERVTRMVQRDRNHPSVIIWSLGNESGHGANHDALYRWIKSVDP
SRPVQYEGGGADTTATDIICPMYARVDEDQPFPAVPKWSIKKWLSLPGETRPLILCEYAHAMGNSLGGFAKYWQAFRQYP
RLQGGFVWDWVDQSLIKYDENGNPWSAYGGDFGDTPNDRQFCMNGLVFADRTPHPALTEAKHQQQFFQFRLSGQTIEVTS
EYLFRHSDNELLHWMVALDGKPLASGEVPLDVAPQGKQLIELPELPQPESAGQLWLTVRVVQPNATAWSEAGHISAWQQW
RLAENLSVTLPAASHAIPHLTTSEMDFCIELGNKRWQFNRQSGFLSQMWIGDKKQLLTPLRDQFTRAPLDNDIGVSEATR
IDPNAWVERWKAAGHYQAEAALLQCTADTLADAVLITTAHAWQHQGKTLFISRKTYRIDGSGQMAITVDVEVASDTPHPA
RIGLNCQLAQVAERVNWLGLGPQENYPDRLTAACFDRWDLPLSDMYTPYVFPSENGLRCGTRELNYGPHQWRGDFQFNIS
RYSQQQLMETSHRHLLHAEEGTWLNIDGFHMGIGGDDSWSPSVSAEFQLSAGRYHYQLVWCQK
;
_entity_poly.pdbx_strand_id   1,2,3,4
#
loop_
_chem_comp.id
_chem_comp.type
_chem_comp.name
_chem_comp.formula
DMS non-polymer 'DIMETHYL SULFOXIDE' 'C2 H6 O S'
GAL D-saccharide, beta linking beta-D-galactopyranose 'C6 H12 O6'
MG non-polymer 'MAGNESIUM ION' 'Mg 2'
NA non-polymer 'SODIUM ION' 'Na 1'
#
# COMPACT_ATOMS: atom_id res chain seq x y z
N ARG A 13 -11.84 -52.96 10.69
CA ARG A 13 -12.05 -51.57 10.13
C ARG A 13 -10.82 -50.70 10.39
N ARG A 14 -9.73 -51.06 9.74
CA ARG A 14 -8.43 -50.38 9.86
C ARG A 14 -8.47 -48.85 9.87
N ASP A 15 -8.27 -48.25 11.05
CA ASP A 15 -8.28 -46.80 11.18
C ASP A 15 -6.89 -46.20 10.96
N TRP A 16 -5.87 -47.03 11.09
CA TRP A 16 -4.50 -46.55 10.92
C TRP A 16 -4.11 -46.45 9.46
N GLU A 17 -5.06 -46.71 8.57
CA GLU A 17 -4.80 -46.63 7.15
C GLU A 17 -5.82 -45.77 6.47
N ASN A 18 -6.30 -44.76 7.18
CA ASN A 18 -7.29 -43.83 6.67
C ASN A 18 -6.99 -42.44 7.22
N PRO A 19 -6.41 -41.56 6.39
CA PRO A 19 -6.07 -40.20 6.81
C PRO A 19 -7.31 -39.37 7.16
N GLY A 20 -8.47 -39.95 6.95
CA GLY A 20 -9.72 -39.27 7.26
C GLY A 20 -10.06 -39.45 8.72
N VAL A 21 -9.50 -40.49 9.33
CA VAL A 21 -9.72 -40.81 10.74
C VAL A 21 -8.39 -40.65 11.47
N THR A 22 -8.29 -39.58 12.26
CA THR A 22 -7.08 -39.28 13.00
C THR A 22 -7.32 -39.42 14.50
N GLN A 23 -8.57 -39.70 14.86
CA GLN A 23 -8.92 -39.87 16.25
C GLN A 23 -10.35 -40.37 16.35
N LEU A 24 -10.70 -40.88 17.52
CA LEU A 24 -12.04 -41.38 17.75
C LEU A 24 -12.32 -41.19 19.22
N ASN A 25 -13.26 -40.30 19.52
CA ASN A 25 -13.65 -40.01 20.89
C ASN A 25 -12.62 -39.24 21.70
N ARG A 26 -11.69 -38.60 21.00
CA ARG A 26 -10.66 -37.82 21.69
C ARG A 26 -11.21 -36.45 22.06
N LEU A 27 -10.90 -35.99 23.26
CA LEU A 27 -11.39 -34.68 23.71
C LEU A 27 -10.62 -33.55 23.02
N ALA A 28 -11.17 -32.34 23.11
CA ALA A 28 -10.56 -31.15 22.50
C ALA A 28 -9.23 -30.74 23.12
N ALA A 29 -8.31 -30.25 22.28
CA ALA A 29 -7.00 -29.80 22.75
C ALA A 29 -7.23 -28.56 23.61
N HIS A 30 -6.25 -28.20 24.44
CA HIS A 30 -6.38 -27.04 25.31
C HIS A 30 -5.12 -26.77 26.13
N PRO A 31 -5.01 -25.56 26.70
CA PRO A 31 -3.82 -25.20 27.50
C PRO A 31 -3.70 -26.19 28.65
N PRO A 32 -2.51 -26.29 29.25
CA PRO A 32 -2.27 -27.19 30.38
C PRO A 32 -3.24 -26.98 31.55
N PHE A 33 -3.90 -28.07 31.96
CA PHE A 33 -4.85 -28.02 33.07
C PHE A 33 -4.33 -28.81 34.27
N ALA A 34 -4.90 -28.52 35.44
CA ALA A 34 -4.53 -29.20 36.66
C ALA A 34 -5.75 -29.29 37.57
N SER A 35 -6.79 -28.54 37.22
CA SER A 35 -8.04 -28.54 37.99
C SER A 35 -7.79 -28.38 39.49
N TRP A 36 -7.16 -27.29 39.89
CA TRP A 36 -6.92 -27.05 41.30
C TRP A 36 -8.27 -26.79 41.94
N ARG A 37 -8.42 -27.16 43.20
CA ARG A 37 -9.66 -26.91 43.91
C ARG A 37 -9.37 -25.89 45.00
N ASN A 38 -8.20 -25.29 44.90
CA ASN A 38 -7.74 -24.27 45.85
C ASN A 38 -6.95 -23.21 45.08
N SER A 39 -7.47 -21.99 45.05
CA SER A 39 -6.82 -20.90 44.33
C SER A 39 -5.37 -20.64 44.73
N GLU A 40 -5.05 -20.88 45.99
CA GLU A 40 -3.70 -20.64 46.47
C GLU A 40 -2.74 -21.63 45.84
N GLU A 41 -3.18 -22.87 45.68
CA GLU A 41 -2.33 -23.87 45.06
C GLU A 41 -2.07 -23.50 43.61
N ALA A 42 -3.08 -22.96 42.96
CA ALA A 42 -2.99 -22.54 41.56
C ALA A 42 -1.98 -21.42 41.38
N ARG A 43 -2.12 -20.38 42.19
CA ARG A 43 -1.24 -19.22 42.12
C ARG A 43 0.22 -19.62 42.31
N THR A 44 0.47 -20.52 43.24
CA THR A 44 1.83 -20.97 43.55
C THR A 44 2.29 -22.13 42.68
N ASP A 45 1.46 -22.53 41.73
CA ASP A 45 1.80 -23.61 40.82
C ASP A 45 2.28 -24.86 41.56
N ARG A 46 1.61 -25.21 42.66
CA ARG A 46 1.94 -26.41 43.43
C ARG A 46 1.16 -27.60 42.90
N PRO A 47 1.65 -28.83 43.14
CA PRO A 47 0.98 -30.05 42.68
C PRO A 47 -0.53 -30.03 42.88
N SER A 48 -1.26 -30.77 42.06
CA SER A 48 -2.71 -30.81 42.17
C SER A 48 -3.20 -32.20 42.49
N GLN A 49 -4.10 -32.29 43.48
CA GLN A 49 -4.67 -33.57 43.90
C GLN A 49 -5.50 -34.17 42.77
N GLN A 50 -6.03 -33.32 41.91
CA GLN A 50 -6.86 -33.77 40.79
C GLN A 50 -6.06 -34.15 39.55
N LEU A 51 -4.73 -34.23 39.69
CA LEU A 51 -3.88 -34.61 38.58
C LEU A 51 -2.86 -35.68 38.95
N ARG A 52 -3.24 -36.94 38.77
CA ARG A 52 -2.40 -38.07 39.09
C ARG A 52 -1.59 -38.52 37.88
N SER A 53 -0.42 -39.06 38.15
CA SER A 53 0.45 -39.55 37.09
C SER A 53 0.36 -41.05 37.02
N LEU A 54 0.21 -41.60 35.82
CA LEU A 54 0.13 -43.04 35.66
C LEU A 54 1.46 -43.56 35.18
N ASN A 55 2.53 -42.80 35.38
CA ASN A 55 3.85 -43.23 34.95
C ASN A 55 4.34 -44.30 35.90
N GLY A 56 5.24 -45.16 35.41
CA GLY A 56 5.76 -46.20 36.27
C GLY A 56 5.95 -47.50 35.54
N GLU A 57 5.64 -48.61 36.22
CA GLU A 57 5.78 -49.93 35.62
C GLU A 57 4.47 -50.37 35.00
N TRP A 58 4.53 -50.74 33.73
CA TRP A 58 3.36 -51.19 32.99
C TRP A 58 3.64 -52.58 32.46
N ARG A 59 2.63 -53.19 31.86
CA ARG A 59 2.78 -54.53 31.27
C ARG A 59 2.87 -54.35 29.75
N PHE A 60 3.89 -54.95 29.16
CA PHE A 60 4.11 -54.83 27.74
C PHE A 60 4.41 -56.14 27.02
N ALA A 61 3.89 -56.25 25.81
CA ALA A 61 4.11 -57.43 24.98
C ALA A 61 4.17 -56.93 23.55
N TRP A 62 5.16 -57.40 22.80
CA TRP A 62 5.36 -57.00 21.41
C TRP A 62 4.68 -57.99 20.46
N PHE A 63 4.21 -57.50 19.33
CA PHE A 63 3.54 -58.36 18.34
C PHE A 63 3.95 -57.92 16.94
N PRO A 64 3.95 -58.84 15.95
CA PRO A 64 4.32 -58.55 14.57
C PRO A 64 3.29 -57.73 13.76
N ALA A 65 2.06 -57.71 14.26
CA ALA A 65 0.97 -56.98 13.62
C ALA A 65 -0.21 -56.95 14.58
N PRO A 66 -1.12 -55.97 14.41
CA PRO A 66 -2.26 -55.94 15.33
C PRO A 66 -3.11 -57.22 15.27
N GLU A 67 -3.15 -57.83 14.09
CA GLU A 67 -3.93 -59.05 13.88
C GLU A 67 -3.41 -60.23 14.71
N ALA A 68 -2.29 -60.05 15.40
CA ALA A 68 -1.72 -61.12 16.22
C ALA A 68 -2.04 -60.93 17.69
N VAL A 69 -2.70 -59.83 18.01
CA VAL A 69 -3.05 -59.53 19.39
C VAL A 69 -4.25 -60.37 19.83
N PRO A 70 -4.02 -61.31 20.77
CA PRO A 70 -5.04 -62.20 21.33
C PRO A 70 -6.12 -61.46 22.09
N GLU A 71 -7.38 -61.76 21.79
CA GLU A 71 -8.50 -61.12 22.46
C GLU A 71 -8.35 -61.10 23.99
N SER A 72 -7.98 -62.23 24.56
CA SER A 72 -7.82 -62.33 26.01
C SER A 72 -7.17 -61.07 26.61
N TRP A 73 -6.18 -60.55 25.90
CA TRP A 73 -5.43 -59.36 26.32
C TRP A 73 -6.32 -58.18 26.74
N LEU A 74 -7.42 -57.98 26.02
CA LEU A 74 -8.33 -56.89 26.32
C LEU A 74 -8.87 -56.92 27.72
N GLU A 75 -9.07 -58.12 28.25
CA GLU A 75 -9.62 -58.25 29.60
C GLU A 75 -8.67 -58.88 30.59
N CYS A 76 -7.79 -59.73 30.12
CA CYS A 76 -6.88 -60.40 31.03
C CYS A 76 -5.42 -60.22 30.64
N ASP A 77 -4.58 -59.86 31.60
CA ASP A 77 -3.16 -59.64 31.36
C ASP A 77 -2.48 -60.87 30.77
N LEU A 78 -1.64 -60.67 29.75
CA LEU A 78 -0.92 -61.80 29.16
C LEU A 78 0.21 -62.14 30.11
N PRO A 79 0.41 -63.43 30.42
CA PRO A 79 1.49 -63.83 31.34
C PRO A 79 2.83 -63.70 30.64
N GLU A 80 2.79 -63.89 29.33
CA GLU A 80 3.98 -63.81 28.48
C GLU A 80 4.53 -62.38 28.45
N ALA A 81 3.74 -61.42 28.94
CA ALA A 81 4.14 -60.02 28.97
C ALA A 81 5.27 -59.78 29.95
N ASP A 82 5.86 -58.60 29.85
CA ASP A 82 6.95 -58.20 30.72
C ASP A 82 6.53 -56.93 31.42
N THR A 83 7.24 -56.60 32.49
CA THR A 83 6.93 -55.37 33.20
C THR A 83 8.01 -54.39 32.77
N VAL A 84 7.57 -53.27 32.19
CA VAL A 84 8.49 -52.25 31.72
C VAL A 84 8.08 -50.87 32.21
N VAL A 85 8.99 -49.92 32.09
CA VAL A 85 8.75 -48.56 32.53
C VAL A 85 8.11 -47.72 31.42
N VAL A 86 7.18 -46.86 31.82
CA VAL A 86 6.51 -45.98 30.90
C VAL A 86 6.61 -44.58 31.49
N PRO A 87 6.86 -43.57 30.65
CA PRO A 87 7.03 -43.64 29.20
C PRO A 87 8.35 -44.25 28.75
N SER A 88 8.42 -44.65 27.49
CA SER A 88 9.61 -45.25 26.92
C SER A 88 9.37 -45.65 25.46
N ASN A 89 10.44 -46.02 24.77
CA ASN A 89 10.32 -46.46 23.38
C ASN A 89 10.72 -47.93 23.39
N TRP A 90 9.83 -48.82 22.95
CA TRP A 90 10.16 -50.23 23.00
C TRP A 90 11.41 -50.63 22.23
N GLN A 91 11.88 -49.78 21.32
CA GLN A 91 13.11 -50.09 20.62
C GLN A 91 14.22 -50.04 21.67
N MET A 92 14.16 -49.04 22.54
CA MET A 92 15.13 -48.87 23.61
C MET A 92 15.10 -50.02 24.61
N HIS A 93 14.04 -50.81 24.58
CA HIS A 93 13.93 -51.95 25.48
C HIS A 93 14.38 -53.20 24.74
N GLY A 94 14.73 -53.05 23.46
CA GLY A 94 15.21 -54.15 22.67
C GLY A 94 14.16 -55.05 22.04
N TYR A 95 12.90 -54.65 22.09
CA TYR A 95 11.83 -55.46 21.51
C TYR A 95 11.89 -55.56 19.98
N ASP A 96 12.51 -54.55 19.37
CA ASP A 96 12.74 -54.50 17.93
C ASP A 96 13.70 -53.34 17.68
N ALA A 97 14.27 -53.28 16.49
CA ALA A 97 15.25 -52.25 16.20
C ALA A 97 14.75 -50.88 15.81
N PRO A 98 15.44 -49.83 16.28
CA PRO A 98 15.08 -48.44 15.97
C PRO A 98 15.71 -48.21 14.59
N ILE A 99 14.97 -47.57 13.70
CA ILE A 99 15.50 -47.33 12.35
C ILE A 99 15.98 -45.90 12.14
N TYR A 100 17.10 -45.75 11.45
CA TYR A 100 17.55 -44.39 11.17
C TYR A 100 17.62 -44.12 9.68
N THR A 101 16.65 -43.36 9.20
CA THR A 101 16.59 -42.99 7.80
C THR A 101 16.28 -41.48 7.75
N ASN A 102 16.97 -40.80 6.83
CA ASN A 102 16.84 -39.36 6.63
C ASN A 102 15.57 -38.97 5.90
N VAL A 103 15.65 -38.95 4.57
CA VAL A 103 14.52 -38.58 3.73
C VAL A 103 13.64 -39.76 3.38
N THR A 104 14.24 -40.79 2.80
CA THR A 104 13.49 -41.96 2.38
C THR A 104 12.66 -42.56 3.49
N TYR A 105 11.35 -42.59 3.29
CA TYR A 105 10.43 -43.14 4.28
C TYR A 105 10.89 -44.52 4.75
N PRO A 106 10.66 -44.84 6.03
CA PRO A 106 11.03 -46.12 6.64
C PRO A 106 10.16 -47.26 6.13
N ILE A 107 9.01 -46.90 5.58
CA ILE A 107 8.06 -47.88 5.03
C ILE A 107 7.95 -47.63 3.53
N THR A 108 7.12 -48.44 2.86
CA THR A 108 6.92 -48.29 1.42
C THR A 108 5.95 -47.15 1.17
N VAL A 109 6.32 -46.24 0.28
CA VAL A 109 5.49 -45.09 -0.03
C VAL A 109 4.30 -45.49 -0.87
N ASN A 110 3.15 -45.57 -0.22
CA ASN A 110 1.91 -45.95 -0.87
C ASN A 110 0.76 -45.49 0.02
N PRO A 111 0.60 -44.17 0.15
CA PRO A 111 -0.46 -43.60 0.98
C PRO A 111 -1.84 -44.07 0.57
N PRO A 112 -2.71 -44.33 1.56
CA PRO A 112 -2.45 -44.21 3.00
C PRO A 112 -2.08 -45.53 3.66
N PHE A 113 -1.65 -46.50 2.87
CA PHE A 113 -1.34 -47.82 3.38
C PHE A 113 0.01 -48.04 4.04
N VAL A 114 -0.01 -48.86 5.08
CA VAL A 114 1.21 -49.20 5.81
C VAL A 114 1.42 -50.71 5.73
N PRO A 115 2.64 -51.18 6.05
CA PRO A 115 3.00 -52.61 6.01
C PRO A 115 2.01 -53.49 6.75
N THR A 116 1.75 -54.68 6.22
CA THR A 116 0.83 -55.60 6.91
C THR A 116 1.51 -55.99 8.21
N GLU A 117 2.83 -56.11 8.15
CA GLU A 117 3.63 -56.44 9.32
C GLU A 117 3.95 -55.13 10.00
N ASN A 118 3.04 -54.73 10.88
CA ASN A 118 3.14 -53.48 11.63
C ASN A 118 3.44 -53.75 13.10
N PRO A 119 4.69 -53.51 13.55
CA PRO A 119 5.04 -53.75 14.95
C PRO A 119 4.03 -53.11 15.90
N THR A 120 3.31 -53.94 16.62
CA THR A 120 2.30 -53.47 17.55
C THR A 120 2.73 -53.66 19.00
N GLY A 121 2.75 -52.57 19.75
CA GLY A 121 3.13 -52.66 21.15
C GLY A 121 1.90 -52.69 22.04
N CYS A 122 1.75 -53.76 22.82
CA CYS A 122 0.60 -53.87 23.72
C CYS A 122 0.91 -53.47 25.15
N TYR A 123 0.49 -52.26 25.54
CA TYR A 123 0.72 -51.77 26.89
C TYR A 123 -0.54 -51.92 27.73
N SER A 124 -0.38 -52.33 28.99
CA SER A 124 -1.52 -52.49 29.88
C SER A 124 -1.13 -52.01 31.27
N LEU A 125 -2.12 -51.58 32.05
CA LEU A 125 -1.87 -51.08 33.39
C LEU A 125 -3.05 -51.30 34.34
N THR A 126 -2.76 -51.91 35.48
CA THR A 126 -3.78 -52.13 36.49
C THR A 126 -3.46 -51.11 37.56
N PHE A 127 -4.46 -50.28 37.87
CA PHE A 127 -4.32 -49.21 38.85
C PHE A 127 -5.71 -49.04 39.44
N ASN A 128 -5.84 -48.35 40.56
CA ASN A 128 -7.17 -48.14 41.11
C ASN A 128 -7.50 -46.66 41.22
N VAL A 129 -8.79 -46.38 41.19
CA VAL A 129 -9.31 -45.03 41.26
C VAL A 129 -10.07 -44.79 42.56
N ASP A 130 -9.79 -43.65 43.19
CA ASP A 130 -10.46 -43.29 44.42
C ASP A 130 -11.94 -43.27 44.14
N GLU A 131 -12.73 -43.70 45.11
CA GLU A 131 -14.16 -43.72 44.94
C GLU A 131 -14.73 -42.32 44.77
N SER A 132 -14.04 -41.33 45.33
CA SER A 132 -14.50 -39.94 45.24
C SER A 132 -14.45 -39.35 43.83
N TRP A 133 -13.59 -39.93 43.00
CA TRP A 133 -13.45 -39.47 41.62
C TRP A 133 -14.62 -39.95 40.77
N LEU A 134 -15.24 -41.04 41.19
CA LEU A 134 -16.36 -41.59 40.44
C LEU A 134 -17.70 -41.18 40.99
N GLN A 135 -17.71 -40.45 42.10
CA GLN A 135 -18.97 -40.01 42.67
C GLN A 135 -19.42 -38.70 42.06
N GLU A 136 -18.51 -38.02 41.38
CA GLU A 136 -18.82 -36.74 40.78
C GLU A 136 -17.81 -36.34 39.73
N GLY A 137 -18.18 -35.31 38.97
CA GLY A 137 -17.31 -34.79 37.94
C GLY A 137 -16.84 -35.74 36.85
N GLN A 138 -15.85 -35.26 36.11
CA GLN A 138 -15.28 -35.95 34.98
C GLN A 138 -13.87 -36.46 35.27
N THR A 139 -13.62 -37.72 34.93
CA THR A 139 -12.30 -38.33 35.11
C THR A 139 -11.78 -38.70 33.73
N ARG A 140 -10.69 -38.08 33.31
CA ARG A 140 -10.14 -38.36 31.98
C ARG A 140 -8.68 -38.81 32.03
N ILE A 141 -8.23 -39.48 30.97
CA ILE A 141 -6.85 -39.92 30.90
C ILE A 141 -6.12 -39.15 29.80
N ILE A 142 -4.86 -38.81 30.05
CA ILE A 142 -4.09 -38.03 29.10
C ILE A 142 -2.77 -38.66 28.68
N PHE A 143 -2.66 -38.99 27.39
CA PHE A 143 -1.43 -39.56 26.84
C PHE A 143 -0.67 -38.45 26.10
N ASP A 144 0.38 -37.92 26.71
CA ASP A 144 1.14 -36.84 26.08
C ASP A 144 1.86 -37.21 24.81
N GLY A 145 2.08 -38.50 24.60
CA GLY A 145 2.80 -38.91 23.41
C GLY A 145 2.83 -40.40 23.15
N VAL A 146 2.19 -40.79 22.04
CA VAL A 146 2.12 -42.18 21.61
C VAL A 146 2.52 -42.18 20.14
N ASN A 147 3.60 -42.92 19.85
CA ASN A 147 4.16 -43.04 18.50
C ASN A 147 3.76 -44.39 17.90
N SER A 148 2.99 -44.43 16.81
CA SER A 148 2.48 -43.27 16.09
C SER A 148 0.95 -43.19 16.07
N ALA A 149 0.28 -44.26 16.51
CA ALA A 149 -1.18 -44.30 16.56
C ALA A 149 -1.57 -45.38 17.56
N PHE A 150 -2.78 -45.32 18.11
CA PHE A 150 -3.15 -46.31 19.10
C PHE A 150 -4.63 -46.38 19.44
N HIS A 151 -5.02 -47.55 19.96
CA HIS A 151 -6.39 -47.78 20.37
C HIS A 151 -6.37 -47.95 21.89
N LEU A 152 -7.40 -47.44 22.56
CA LEU A 152 -7.49 -47.52 24.01
C LEU A 152 -8.72 -48.24 24.51
N TRP A 153 -8.51 -49.14 25.47
CA TRP A 153 -9.58 -49.90 26.11
C TRP A 153 -9.47 -49.72 27.61
N CYS A 154 -10.62 -49.59 28.26
CA CYS A 154 -10.62 -49.46 29.71
C CYS A 154 -11.55 -50.53 30.26
N ASN A 155 -10.97 -51.50 30.95
CA ASN A 155 -11.71 -52.59 31.54
C ASN A 155 -12.42 -53.37 30.43
N GLY A 156 -11.63 -53.84 29.47
CA GLY A 156 -12.20 -54.61 28.38
C GLY A 156 -13.01 -53.82 27.37
N ARG A 157 -13.69 -52.76 27.82
CA ARG A 157 -14.48 -51.95 26.90
C ARG A 157 -13.63 -50.92 26.14
N TRP A 158 -13.91 -50.75 24.85
CA TRP A 158 -13.17 -49.82 23.98
C TRP A 158 -13.54 -48.34 24.20
N VAL A 159 -12.50 -47.51 24.31
CA VAL A 159 -12.68 -46.07 24.53
C VAL A 159 -12.53 -45.18 23.30
N GLY A 160 -11.36 -45.24 22.66
CA GLY A 160 -11.13 -44.40 21.49
C GLY A 160 -9.87 -44.67 20.71
N TYR A 161 -9.53 -43.76 19.79
CA TYR A 161 -8.36 -43.91 18.94
C TYR A 161 -7.65 -42.58 18.78
N GLY A 162 -6.36 -42.61 18.51
CA GLY A 162 -5.60 -41.37 18.35
C GLY A 162 -4.34 -41.42 17.48
N GLN A 163 -4.04 -40.32 16.81
CA GLN A 163 -2.86 -40.19 15.95
C GLN A 163 -2.12 -38.87 16.22
N ASP A 164 -0.90 -38.74 15.70
CA ASP A 164 -0.06 -37.55 15.90
C ASP A 164 0.81 -37.77 17.15
N SER A 165 1.96 -38.39 16.94
CA SER A 165 2.91 -38.73 18.00
C SER A 165 3.42 -37.60 18.89
N ARG A 166 3.21 -36.35 18.51
CA ARG A 166 3.76 -35.28 19.32
C ARG A 166 2.83 -34.40 20.14
N LEU A 167 1.54 -34.64 20.07
CA LEU A 167 0.59 -33.88 20.87
C LEU A 167 -0.24 -34.86 21.72
N PRO A 168 -0.70 -34.40 22.88
CA PRO A 168 -1.50 -35.25 23.77
C PRO A 168 -2.89 -35.66 23.30
N SER A 169 -3.27 -36.90 23.60
CA SER A 169 -4.60 -37.39 23.26
C SER A 169 -5.31 -37.65 24.59
N GLU A 170 -6.50 -37.06 24.74
CA GLU A 170 -7.29 -37.19 25.97
C GLU A 170 -8.67 -37.82 25.77
N PHE A 171 -9.02 -38.74 26.67
CA PHE A 171 -10.30 -39.43 26.60
C PHE A 171 -11.00 -39.43 27.95
N ASP A 172 -12.31 -39.30 27.90
CA ASP A 172 -13.12 -39.26 29.11
C ASP A 172 -13.42 -40.69 29.57
N LEU A 173 -12.81 -41.11 30.68
CA LEU A 173 -13.01 -42.46 31.20
C LEU A 173 -14.11 -42.58 32.24
N SER A 174 -14.70 -41.46 32.61
CA SER A 174 -15.75 -41.45 33.61
C SER A 174 -16.67 -42.67 33.60
N ALA A 175 -17.20 -43.03 32.44
CA ALA A 175 -18.12 -44.16 32.37
C ALA A 175 -17.49 -45.52 32.18
N PHE A 176 -16.17 -45.63 32.31
CA PHE A 176 -15.51 -46.92 32.14
C PHE A 176 -14.87 -47.40 33.43
N LEU A 177 -14.53 -46.44 34.28
CA LEU A 177 -13.88 -46.74 35.54
C LEU A 177 -14.83 -47.17 36.62
N ARG A 178 -14.32 -47.97 37.55
CA ARG A 178 -15.09 -48.45 38.68
C ARG A 178 -14.20 -48.18 39.89
N ALA A 179 -14.78 -48.03 41.07
CA ALA A 179 -13.98 -47.79 42.27
C ALA A 179 -13.08 -49.01 42.49
N GLY A 180 -11.80 -48.75 42.77
CA GLY A 180 -10.87 -49.83 43.00
C GLY A 180 -10.11 -50.22 41.75
N GLU A 181 -9.67 -51.47 41.67
CA GLU A 181 -8.91 -51.92 40.52
C GLU A 181 -9.58 -51.64 39.18
N ASN A 182 -8.76 -51.21 38.23
CA ASN A 182 -9.16 -50.90 36.85
C ASN A 182 -8.00 -51.31 35.97
N ARG A 183 -8.28 -51.63 34.70
CA ARG A 183 -7.20 -52.02 33.80
C ARG A 183 -7.25 -51.33 32.44
N LEU A 184 -6.11 -50.81 32.01
CA LEU A 184 -5.99 -50.12 30.73
C LEU A 184 -5.31 -51.01 29.71
N ALA A 185 -5.85 -51.00 28.50
CA ALA A 185 -5.28 -51.78 27.42
C ALA A 185 -5.02 -50.77 26.32
N VAL A 186 -3.76 -50.61 25.97
CA VAL A 186 -3.37 -49.66 24.93
C VAL A 186 -2.62 -50.34 23.80
N MET A 187 -3.25 -50.46 22.65
CA MET A 187 -2.59 -51.08 21.50
C MET A 187 -1.96 -49.97 20.67
N VAL A 188 -0.64 -49.95 20.65
CA VAL A 188 0.11 -48.93 19.93
C VAL A 188 0.70 -49.46 18.65
N LEU A 189 0.30 -48.87 17.53
CA LEU A 189 0.80 -49.27 16.22
C LEU A 189 2.01 -48.44 15.82
N ARG A 190 3.11 -49.09 15.44
CA ARG A 190 4.31 -48.36 15.05
C ARG A 190 4.11 -47.53 13.79
N TRP A 191 3.41 -48.11 12.83
CA TRP A 191 3.14 -47.41 11.56
C TRP A 191 1.66 -47.11 11.41
N SER A 192 1.36 -46.04 10.69
CA SER A 192 -0.03 -45.65 10.48
C SER A 192 0.00 -44.60 9.40
N ASP A 193 -1.17 -44.25 8.87
CA ASP A 193 -1.26 -43.23 7.83
C ASP A 193 -0.66 -41.93 8.33
N GLY A 194 -0.66 -41.76 9.65
CA GLY A 194 -0.08 -40.56 10.24
C GLY A 194 1.43 -40.53 10.07
N SER A 195 2.03 -41.69 9.79
CA SER A 195 3.47 -41.79 9.61
C SER A 195 3.90 -41.04 8.37
N TYR A 196 2.94 -40.82 7.47
CA TYR A 196 3.24 -40.11 6.23
C TYR A 196 3.57 -38.65 6.48
N LEU A 197 3.10 -38.14 7.63
CA LEU A 197 3.35 -36.75 7.99
C LEU A 197 4.45 -36.66 9.03
N GLU A 198 5.00 -37.81 9.42
CA GLU A 198 6.06 -37.86 10.42
C GLU A 198 7.38 -38.39 9.85
N ASP A 199 7.85 -37.79 8.77
CA ASP A 199 9.07 -38.23 8.14
C ASP A 199 10.28 -37.35 8.47
N GLN A 200 10.49 -37.08 9.75
CA GLN A 200 11.63 -36.25 10.14
C GLN A 200 12.93 -37.05 10.13
N ASP A 201 14.03 -36.38 9.83
CA ASP A 201 15.35 -37.00 9.80
C ASP A 201 15.86 -37.29 11.23
N MET A 202 15.34 -38.36 11.82
CA MET A 202 15.68 -38.77 13.17
C MET A 202 15.46 -40.27 13.31
N TRP A 203 15.81 -40.83 14.46
CA TRP A 203 15.60 -42.26 14.69
C TRP A 203 14.11 -42.51 14.66
N ARG A 204 13.68 -43.54 13.94
CA ARG A 204 12.26 -43.89 13.82
C ARG A 204 11.86 -44.90 14.89
N MET A 205 11.21 -44.44 15.96
CA MET A 205 10.83 -45.33 17.05
C MET A 205 9.32 -45.50 17.20
N SER A 206 8.87 -45.75 18.43
CA SER A 206 7.44 -45.94 18.72
C SER A 206 7.14 -46.32 20.18
N GLY A 207 5.85 -46.27 20.54
CA GLY A 207 5.43 -46.61 21.90
C GLY A 207 4.89 -45.42 22.65
N ILE A 208 4.66 -45.58 23.96
CA ILE A 208 4.17 -44.50 24.81
C ILE A 208 5.39 -43.80 25.41
N PHE A 209 5.93 -42.83 24.70
CA PHE A 209 7.13 -42.13 25.13
C PHE A 209 6.93 -40.85 25.95
N ARG A 210 5.69 -40.49 26.24
CA ARG A 210 5.47 -39.30 27.05
C ARG A 210 4.45 -39.59 28.12
N ASP A 211 4.60 -38.90 29.24
CA ASP A 211 3.75 -39.05 30.42
C ASP A 211 2.28 -39.40 30.18
N VAL A 212 1.73 -40.21 31.09
CA VAL A 212 0.33 -40.60 31.02
C VAL A 212 -0.29 -40.04 32.29
N SER A 213 -1.40 -39.32 32.17
CA SER A 213 -2.00 -38.74 33.35
C SER A 213 -3.48 -39.00 33.53
N LEU A 214 -3.96 -38.69 34.72
CA LEU A 214 -5.35 -38.84 35.06
C LEU A 214 -5.77 -37.51 35.68
N LEU A 215 -6.70 -36.83 35.01
CA LEU A 215 -7.18 -35.53 35.46
C LEU A 215 -8.67 -35.60 35.80
N HIS A 216 -9.04 -35.00 36.93
CA HIS A 216 -10.43 -34.97 37.35
C HIS A 216 -10.90 -33.53 37.26
N LYS A 217 -11.97 -33.29 36.52
CA LYS A 217 -12.52 -31.95 36.39
C LYS A 217 -13.96 -31.97 36.89
N PRO A 218 -14.46 -30.84 37.39
CA PRO A 218 -15.84 -30.80 37.88
C PRO A 218 -16.75 -30.97 36.67
N THR A 219 -18.02 -31.29 36.87
CA THR A 219 -18.90 -31.41 35.71
C THR A 219 -18.99 -30.02 35.08
N THR A 220 -19.29 -29.02 35.90
CA THR A 220 -19.32 -27.64 35.41
C THR A 220 -17.86 -27.23 35.57
N GLN A 221 -17.16 -27.16 34.44
CA GLN A 221 -15.74 -26.87 34.41
C GLN A 221 -15.29 -25.78 33.45
N ILE A 222 -13.99 -25.46 33.56
CA ILE A 222 -13.32 -24.50 32.70
C ILE A 222 -12.77 -25.37 31.58
N SER A 223 -13.27 -25.19 30.36
CA SER A 223 -12.82 -26.01 29.26
C SER A 223 -11.74 -25.39 28.38
N ASP A 224 -11.47 -24.10 28.58
CA ASP A 224 -10.45 -23.43 27.77
C ASP A 224 -10.31 -21.96 28.15
N PHE A 225 -9.08 -21.43 28.01
CA PHE A 225 -8.83 -20.01 28.27
C PHE A 225 -7.63 -19.49 27.47
N HIS A 226 -7.79 -18.30 26.89
CA HIS A 226 -6.75 -17.66 26.08
C HIS A 226 -6.26 -16.35 26.72
N VAL A 227 -4.95 -16.23 26.90
CA VAL A 227 -4.37 -15.02 27.49
C VAL A 227 -3.70 -14.13 26.43
N ALA A 228 -4.07 -12.86 26.44
CA ALA A 228 -3.50 -11.91 25.49
C ALA A 228 -3.04 -10.65 26.23
N THR A 229 -1.99 -10.01 25.73
CA THR A 229 -1.46 -8.78 26.33
C THR A 229 -1.12 -7.75 25.25
N ARG A 230 -1.86 -6.66 25.24
CA ARG A 230 -1.66 -5.58 24.28
C ARG A 230 -1.17 -4.32 25.00
N PHE A 231 -0.21 -3.61 24.41
CA PHE A 231 0.37 -2.41 25.03
C PHE A 231 0.19 -1.13 24.23
N ASN A 232 0.51 0.01 24.86
CA ASN A 232 0.45 1.29 24.17
C ASN A 232 1.81 1.40 23.47
N ASP A 233 2.00 2.44 22.67
CA ASP A 233 3.24 2.58 21.94
C ASP A 233 4.53 2.52 22.76
N ASP A 234 4.54 3.02 23.99
CA ASP A 234 5.77 2.95 24.76
C ASP A 234 5.81 1.90 25.86
N PHE A 235 4.87 0.96 25.79
CA PHE A 235 4.82 -0.13 26.76
C PHE A 235 4.72 0.31 28.21
N SER A 236 4.09 1.46 28.43
CA SER A 236 3.92 1.99 29.78
C SER A 236 2.62 1.40 30.36
N ARG A 237 1.68 1.10 29.48
CA ARG A 237 0.40 0.51 29.88
C ARG A 237 0.18 -0.74 29.05
N ALA A 238 -0.58 -1.68 29.60
CA ALA A 238 -0.87 -2.92 28.92
C ALA A 238 -2.21 -3.43 29.42
N VAL A 239 -2.95 -4.09 28.54
CA VAL A 239 -4.25 -4.63 28.90
C VAL A 239 -4.17 -6.14 28.75
N LEU A 240 -4.44 -6.86 29.84
CA LEU A 240 -4.43 -8.32 29.76
C LEU A 240 -5.86 -8.74 29.47
N GLU A 241 -6.04 -9.52 28.41
CA GLU A 241 -7.35 -9.99 28.01
C GLU A 241 -7.40 -11.50 28.14
N ALA A 242 -8.35 -11.99 28.93
CA ALA A 242 -8.49 -13.42 29.16
C ALA A 242 -9.88 -13.91 28.74
N GLU A 243 -9.93 -14.69 27.66
CA GLU A 243 -11.18 -15.25 27.19
C GLU A 243 -11.32 -16.61 27.85
N VAL A 244 -12.43 -16.82 28.57
CA VAL A 244 -12.65 -18.09 29.25
C VAL A 244 -13.92 -18.79 28.75
N GLN A 245 -13.81 -20.09 28.54
CA GLN A 245 -14.95 -20.90 28.06
C GLN A 245 -15.22 -22.02 29.05
N MET A 246 -16.50 -22.33 29.26
CA MET A 246 -16.90 -23.36 30.20
C MET A 246 -17.78 -24.45 29.60
N CYS A 247 -17.97 -25.50 30.39
CA CYS A 247 -18.81 -26.63 29.99
C CYS A 247 -19.65 -27.03 31.19
N GLY A 248 -20.70 -27.78 30.91
CA GLY A 248 -21.56 -28.23 31.99
C GLY A 248 -22.82 -27.40 32.06
N GLU A 249 -23.45 -27.42 33.23
CA GLU A 249 -24.68 -26.69 33.42
C GLU A 249 -24.40 -25.20 33.56
N LEU A 250 -25.05 -24.40 32.71
CA LEU A 250 -24.88 -22.96 32.77
C LEU A 250 -25.88 -22.42 33.76
N ARG A 251 -25.43 -21.54 34.65
CA ARG A 251 -26.30 -20.94 35.67
C ARG A 251 -25.83 -19.52 35.92
N ASP A 252 -26.76 -18.62 36.26
CA ASP A 252 -26.41 -17.22 36.49
C ASP A 252 -25.49 -17.03 37.67
N TYR A 253 -25.64 -17.86 38.69
CA TYR A 253 -24.80 -17.73 39.87
C TYR A 253 -23.33 -18.05 39.56
N LEU A 254 -23.06 -18.45 38.31
CA LEU A 254 -21.70 -18.76 37.89
C LEU A 254 -20.89 -17.50 37.64
N ARG A 255 -19.60 -17.58 37.94
CA ARG A 255 -18.68 -16.45 37.76
C ARG A 255 -17.27 -16.93 37.44
N VAL A 256 -16.50 -16.03 36.82
CA VAL A 256 -15.11 -16.30 36.48
C VAL A 256 -14.34 -15.08 36.94
N THR A 257 -13.25 -15.30 37.67
CA THR A 257 -12.44 -14.21 38.16
C THR A 257 -11.00 -14.42 37.76
N VAL A 258 -10.49 -13.57 36.87
CA VAL A 258 -9.10 -13.69 36.45
C VAL A 258 -8.31 -12.67 37.24
N SER A 259 -7.29 -13.13 37.95
CA SER A 259 -6.46 -12.26 38.76
C SER A 259 -4.99 -12.39 38.35
N LEU A 260 -4.32 -11.25 38.25
CA LEU A 260 -2.92 -11.22 37.84
C LEU A 260 -2.02 -11.01 39.03
N TRP A 261 -1.08 -11.94 39.23
CA TRP A 261 -0.16 -11.88 40.35
C TRP A 261 1.29 -11.65 40.00
N GLN A 262 1.89 -10.68 40.69
CA GLN A 262 3.30 -10.37 40.52
C GLN A 262 3.87 -10.80 41.87
N GLY A 263 4.35 -12.03 41.94
CA GLY A 263 4.89 -12.52 43.20
C GLY A 263 3.74 -12.69 44.19
N GLU A 264 3.88 -12.10 45.36
CA GLU A 264 2.83 -12.18 46.38
C GLU A 264 1.82 -11.06 46.19
N THR A 265 2.15 -10.11 45.34
CA THR A 265 1.29 -8.97 45.08
C THR A 265 0.21 -9.30 44.05
N GLN A 266 -0.94 -8.63 44.16
CA GLN A 266 -2.01 -8.85 43.20
C GLN A 266 -2.17 -7.55 42.41
N VAL A 267 -1.51 -7.48 41.25
CA VAL A 267 -1.55 -6.28 40.42
C VAL A 267 -2.90 -5.88 39.87
N ALA A 268 -3.74 -6.87 39.57
CA ALA A 268 -5.07 -6.57 39.04
C ALA A 268 -5.98 -7.76 39.17
N SER A 269 -7.28 -7.52 39.02
CA SER A 269 -8.24 -8.60 39.13
C SER A 269 -9.59 -8.19 38.61
N GLY A 270 -10.24 -9.10 37.89
CA GLY A 270 -11.56 -8.82 37.36
C GLY A 270 -12.49 -10.01 37.50
N THR A 271 -13.77 -9.73 37.74
CA THR A 271 -14.75 -10.79 37.88
C THR A 271 -15.94 -10.45 37.00
N ALA A 272 -16.58 -11.49 36.46
CA ALA A 272 -17.74 -11.29 35.61
C ALA A 272 -18.46 -12.60 35.39
N PRO A 273 -19.77 -12.54 35.11
CA PRO A 273 -20.55 -13.76 34.87
C PRO A 273 -20.42 -14.16 33.40
N PHE A 274 -20.73 -15.41 33.07
CA PHE A 274 -20.63 -15.86 31.69
C PHE A 274 -21.62 -15.11 30.82
N GLY A 275 -21.30 -15.01 29.55
CA GLY A 275 -22.14 -14.29 28.62
C GLY A 275 -21.26 -13.33 27.86
N GLY A 276 -20.75 -13.77 26.72
CA GLY A 276 -19.87 -12.93 25.94
C GLY A 276 -20.61 -11.84 25.21
N GLU A 277 -19.87 -11.04 24.44
CA GLU A 277 -20.48 -9.97 23.68
C GLU A 277 -21.15 -10.55 22.44
N ILE A 278 -22.05 -9.77 21.86
CA ILE A 278 -22.76 -10.18 20.65
C ILE A 278 -21.76 -10.31 19.51
N ILE A 279 -21.73 -11.45 18.84
CA ILE A 279 -20.79 -11.60 17.76
C ILE A 279 -21.45 -11.67 16.39
N ASP A 280 -22.71 -12.08 16.34
CA ASP A 280 -23.42 -12.14 15.07
C ASP A 280 -24.93 -12.14 15.28
N GLU A 281 -25.68 -12.25 14.20
CA GLU A 281 -27.13 -12.21 14.27
C GLU A 281 -27.78 -13.17 15.25
N ARG A 282 -27.09 -14.24 15.63
CA ARG A 282 -27.67 -15.21 16.59
C ARG A 282 -27.32 -14.90 18.05
N GLY A 283 -26.58 -13.83 18.27
CA GLY A 283 -26.19 -13.44 19.62
C GLY A 283 -24.71 -13.64 19.92
N GLY A 284 -24.43 -14.29 21.04
CA GLY A 284 -23.05 -14.55 21.42
C GLY A 284 -22.85 -15.83 22.22
N TYR A 285 -21.62 -16.07 22.65
CA TYR A 285 -21.33 -17.26 23.44
C TYR A 285 -21.76 -17.09 24.89
N ALA A 286 -22.85 -17.74 25.25
CA ALA A 286 -23.35 -17.67 26.62
C ALA A 286 -22.45 -18.50 27.52
N ASP A 287 -21.66 -19.37 26.91
CA ASP A 287 -20.76 -20.23 27.68
C ASP A 287 -19.31 -19.71 27.68
N ARG A 288 -19.17 -18.40 27.59
CA ARG A 288 -17.85 -17.75 27.59
C ARG A 288 -17.93 -16.35 28.21
N VAL A 289 -16.77 -15.83 28.56
CA VAL A 289 -16.66 -14.48 29.14
C VAL A 289 -15.22 -14.02 28.98
N THR A 290 -15.04 -12.73 28.74
CA THR A 290 -13.68 -12.20 28.59
C THR A 290 -13.38 -11.15 29.65
N LEU A 291 -12.27 -11.34 30.35
CA LEU A 291 -11.87 -10.39 31.37
C LEU A 291 -10.75 -9.53 30.83
N ARG A 292 -10.77 -8.25 31.17
CA ARG A 292 -9.74 -7.33 30.72
C ARG A 292 -9.19 -6.55 31.91
N LEU A 293 -7.93 -6.81 32.24
CA LEU A 293 -7.27 -6.16 33.36
C LEU A 293 -6.25 -5.14 32.87
N ASN A 294 -6.16 -4.02 33.58
CA ASN A 294 -5.21 -2.98 33.21
C ASN A 294 -3.94 -3.22 33.97
N VAL A 295 -2.82 -2.85 33.36
CA VAL A 295 -1.53 -3.02 34.01
C VAL A 295 -0.65 -1.82 33.67
N GLU A 296 -0.29 -1.05 34.69
CA GLU A 296 0.55 0.11 34.47
C GLU A 296 2.01 -0.32 34.64
N ASN A 297 2.88 0.24 33.81
CA ASN A 297 4.31 -0.06 33.85
C ASN A 297 4.56 -1.54 34.08
N PRO A 298 4.13 -2.38 33.14
CA PRO A 298 4.35 -3.81 33.32
C PRO A 298 5.79 -4.22 33.14
N LYS A 299 6.18 -5.32 33.78
CA LYS A 299 7.53 -5.86 33.67
C LYS A 299 7.53 -6.72 32.41
N LEU A 300 8.12 -6.22 31.33
CA LEU A 300 8.13 -6.95 30.07
C LEU A 300 8.99 -8.20 30.07
N TRP A 301 8.52 -9.20 29.31
CA TRP A 301 9.19 -10.49 29.19
C TRP A 301 10.10 -10.53 27.96
N SER A 302 11.24 -11.18 28.12
CA SER A 302 12.22 -11.34 27.03
C SER A 302 13.17 -12.46 27.44
N ALA A 303 14.02 -12.86 26.52
CA ALA A 303 14.99 -13.91 26.80
C ALA A 303 16.08 -13.31 27.68
N GLU A 304 16.17 -11.98 27.64
CA GLU A 304 17.14 -11.24 28.43
C GLU A 304 16.68 -11.21 29.88
N ILE A 305 15.42 -10.85 30.08
CA ILE A 305 14.84 -10.79 31.41
C ILE A 305 13.45 -11.40 31.35
N PRO A 306 13.34 -12.69 31.69
CA PRO A 306 12.07 -13.41 31.67
C PRO A 306 11.08 -13.02 32.77
N ASN A 307 10.70 -11.75 32.81
CA ASN A 307 9.73 -11.29 33.80
C ASN A 307 8.37 -11.95 33.59
N LEU A 308 7.92 -12.69 34.61
CA LEU A 308 6.63 -13.36 34.52
C LEU A 308 5.65 -12.95 35.61
N TYR A 309 4.37 -13.13 35.31
CA TYR A 309 3.28 -12.86 36.24
C TYR A 309 2.52 -14.18 36.31
N ARG A 310 1.57 -14.29 37.24
CA ARG A 310 0.80 -15.51 37.36
C ARG A 310 -0.66 -15.16 37.15
N ALA A 311 -1.27 -15.80 36.16
CA ALA A 311 -2.67 -15.55 35.86
C ALA A 311 -3.45 -16.71 36.43
N VAL A 312 -4.40 -16.42 37.30
CA VAL A 312 -5.21 -17.48 37.90
C VAL A 312 -6.67 -17.34 37.51
N VAL A 313 -7.16 -18.35 36.80
CA VAL A 313 -8.55 -18.39 36.34
C VAL A 313 -9.41 -19.19 37.31
N GLU A 314 -10.37 -18.53 37.97
CA GLU A 314 -11.25 -19.20 38.94
C GLU A 314 -12.71 -19.33 38.48
N LEU A 315 -13.22 -20.56 38.49
CA LEU A 315 -14.62 -20.80 38.14
C LEU A 315 -15.32 -20.94 39.49
N HIS A 316 -16.23 -20.01 39.80
CA HIS A 316 -16.88 -20.07 41.09
C HIS A 316 -18.31 -19.57 41.03
N THR A 317 -18.93 -19.46 42.20
CA THR A 317 -20.30 -18.98 42.28
C THR A 317 -20.29 -17.55 42.82
N ALA A 318 -21.35 -16.81 42.53
CA ALA A 318 -21.45 -15.43 42.98
C ALA A 318 -21.29 -15.29 44.48
N ASP A 319 -21.76 -16.28 45.23
CA ASP A 319 -21.67 -16.24 46.69
C ASP A 319 -20.24 -16.53 47.18
N GLY A 320 -19.30 -16.58 46.24
CA GLY A 320 -17.91 -16.81 46.59
C GLY A 320 -17.34 -18.22 46.62
N THR A 321 -18.11 -19.22 46.21
CA THR A 321 -17.59 -20.59 46.27
C THR A 321 -16.78 -21.01 45.05
N LEU A 322 -15.53 -21.43 45.29
CA LEU A 322 -14.66 -21.87 44.21
C LEU A 322 -15.14 -23.21 43.68
N ILE A 323 -15.21 -23.34 42.37
CA ILE A 323 -15.64 -24.58 41.75
C ILE A 323 -14.38 -25.29 41.29
N GLU A 324 -13.47 -24.50 40.74
CA GLU A 324 -12.21 -25.02 40.24
C GLU A 324 -11.41 -23.84 39.74
N ALA A 325 -10.10 -23.99 39.69
CA ALA A 325 -9.23 -22.91 39.23
C ALA A 325 -8.10 -23.46 38.38
N GLU A 326 -7.77 -22.70 37.33
CA GLU A 326 -6.70 -23.06 36.41
C GLU A 326 -5.78 -21.84 36.36
N ALA A 327 -4.54 -22.04 35.93
CA ALA A 327 -3.60 -20.93 35.85
C ALA A 327 -2.46 -21.15 34.87
N CYS A 328 -1.67 -20.10 34.67
CA CYS A 328 -0.54 -20.15 33.77
C CYS A 328 0.37 -18.96 34.04
N ASP A 329 1.64 -19.08 33.63
CA ASP A 329 2.57 -17.97 33.80
C ASP A 329 2.27 -17.04 32.65
N VAL A 330 2.34 -15.74 32.90
CA VAL A 330 2.08 -14.77 31.85
C VAL A 330 3.32 -13.92 31.68
N GLY A 331 3.70 -13.68 30.43
CA GLY A 331 4.86 -12.85 30.16
C GLY A 331 4.44 -11.69 29.28
N PHE A 332 4.47 -10.46 29.79
CA PHE A 332 4.07 -9.33 28.98
C PHE A 332 5.12 -9.05 27.91
N ARG A 333 4.78 -9.40 26.67
CA ARG A 333 5.69 -9.16 25.56
C ARG A 333 4.85 -9.02 24.30
N GLU A 334 5.32 -8.18 23.38
CA GLU A 334 4.63 -7.94 22.11
C GLU A 334 5.53 -8.36 20.97
N VAL A 335 5.04 -9.27 20.13
CA VAL A 335 5.82 -9.74 18.98
C VAL A 335 5.12 -9.25 17.72
N ARG A 336 5.84 -8.51 16.89
CA ARG A 336 5.24 -8.02 15.65
C ARG A 336 6.29 -7.69 14.61
N ILE A 337 5.97 -7.98 13.36
CA ILE A 337 6.88 -7.68 12.26
C ILE A 337 6.42 -6.36 11.68
N GLU A 338 7.26 -5.34 11.80
CA GLU A 338 6.91 -4.03 11.28
C GLU A 338 8.01 -3.38 10.46
N ASN A 339 7.63 -2.94 9.27
CA ASN A 339 8.56 -2.30 8.38
C ASN A 339 9.75 -3.20 8.04
N GLY A 340 9.45 -4.48 7.80
CA GLY A 340 10.47 -5.43 7.44
C GLY A 340 11.24 -6.04 8.59
N LEU A 341 10.98 -5.58 9.80
CA LEU A 341 11.71 -6.09 10.96
C LEU A 341 10.86 -6.83 11.99
N LEU A 342 11.42 -7.90 12.54
CA LEU A 342 10.75 -8.68 13.59
C LEU A 342 11.04 -7.95 14.92
N LEU A 343 10.00 -7.40 15.53
CA LEU A 343 10.15 -6.66 16.78
C LEU A 343 9.63 -7.39 18.01
N LEU A 344 10.43 -7.37 19.07
CA LEU A 344 10.03 -7.98 20.32
C LEU A 344 9.97 -6.76 21.24
N ASN A 345 8.77 -6.41 21.67
CA ASN A 345 8.58 -5.26 22.53
C ASN A 345 9.18 -4.01 21.87
N GLY A 346 8.88 -3.83 20.59
CA GLY A 346 9.36 -2.66 19.89
C GLY A 346 10.80 -2.66 19.41
N LYS A 347 11.62 -3.58 19.92
CA LYS A 347 13.00 -3.61 19.47
C LYS A 347 13.25 -4.79 18.51
N PRO A 348 14.10 -4.58 17.49
CA PRO A 348 14.45 -5.60 16.49
C PRO A 348 15.39 -6.67 17.03
N LEU A 349 14.91 -7.91 17.02
CA LEU A 349 15.67 -9.05 17.52
C LEU A 349 16.80 -9.53 16.63
N LEU A 350 17.69 -10.29 17.24
CA LEU A 350 18.82 -10.92 16.55
C LEU A 350 18.81 -12.32 17.15
N ILE A 351 18.13 -13.22 16.46
CA ILE A 351 17.98 -14.60 16.90
C ILE A 351 19.26 -15.43 16.92
N ARG A 352 19.79 -15.67 18.12
CA ARG A 352 20.97 -16.50 18.31
C ARG A 352 20.35 -17.84 18.70
N GLY A 353 19.82 -18.55 17.71
CA GLY A 353 19.16 -19.80 17.99
C GLY A 353 19.78 -21.09 17.48
N VAL A 354 19.14 -22.20 17.85
CA VAL A 354 19.56 -23.54 17.48
C VAL A 354 18.36 -24.47 17.43
N ASN A 355 18.44 -25.47 16.55
CA ASN A 355 17.37 -26.46 16.41
C ASN A 355 17.64 -27.54 17.45
N ARG A 356 16.58 -28.05 18.08
CA ARG A 356 16.76 -29.06 19.10
C ARG A 356 15.76 -30.20 19.11
N HIS A 357 16.24 -31.39 18.75
CA HIS A 357 15.43 -32.59 18.72
C HIS A 357 15.37 -33.13 20.14
N GLU A 358 14.25 -33.77 20.49
CA GLU A 358 14.14 -34.34 21.82
C GLU A 358 14.83 -35.70 21.70
N HIS A 359 16.09 -35.76 22.15
CA HIS A 359 16.87 -36.99 22.05
C HIS A 359 17.68 -37.31 23.30
N HIS A 360 17.64 -38.58 23.71
CA HIS A 360 18.40 -39.04 24.87
C HIS A 360 19.18 -40.27 24.44
N PRO A 361 20.49 -40.28 24.69
CA PRO A 361 21.36 -41.41 24.31
C PRO A 361 20.97 -42.77 24.90
N LEU A 362 20.18 -42.75 25.97
CA LEU A 362 19.77 -44.00 26.63
C LEU A 362 18.26 -44.17 26.66
N HIS A 363 17.53 -43.06 26.74
CA HIS A 363 16.07 -43.12 26.80
C HIS A 363 15.34 -42.94 25.49
N GLY A 364 16.08 -42.88 24.39
CA GLY A 364 15.47 -42.71 23.09
C GLY A 364 14.93 -41.31 22.91
N GLN A 365 13.63 -41.18 22.68
CA GLN A 365 13.03 -39.87 22.48
C GLN A 365 12.13 -39.52 23.65
N VAL A 366 12.51 -39.98 24.85
CA VAL A 366 11.73 -39.71 26.05
C VAL A 366 12.42 -38.61 26.85
N MET A 367 11.72 -37.50 27.03
CA MET A 367 12.28 -36.38 27.75
C MET A 367 11.98 -36.37 29.24
N ASP A 368 12.88 -35.73 30.00
CA ASP A 368 12.77 -35.62 31.44
C ASP A 368 13.26 -34.23 31.80
N GLU A 369 12.76 -33.69 32.90
CA GLU A 369 13.11 -32.36 33.34
C GLU A 369 14.61 -32.11 33.37
N GLN A 370 15.35 -33.05 33.97
CA GLN A 370 16.79 -32.92 34.11
C GLN A 370 17.54 -32.70 32.80
N THR A 371 17.25 -33.53 31.79
CA THR A 371 17.92 -33.38 30.50
C THR A 371 17.57 -32.02 29.89
N MET A 372 16.31 -31.62 30.04
CA MET A 372 15.84 -30.34 29.51
C MET A 372 16.61 -29.17 30.14
N VAL A 373 16.53 -29.03 31.46
CA VAL A 373 17.21 -27.96 32.17
C VAL A 373 18.69 -27.92 31.80
N GLN A 374 19.29 -29.10 31.69
CA GLN A 374 20.69 -29.18 31.33
C GLN A 374 20.91 -28.48 30.00
N ASP A 375 20.23 -28.95 28.96
CA ASP A 375 20.35 -28.34 27.64
C ASP A 375 20.14 -26.82 27.73
N ILE A 376 19.06 -26.40 28.37
CA ILE A 376 18.78 -24.98 28.51
C ILE A 376 19.93 -24.18 29.11
N LEU A 377 20.56 -24.72 30.15
CA LEU A 377 21.67 -24.01 30.77
C LEU A 377 22.83 -23.92 29.78
N LEU A 378 23.17 -25.04 29.15
CA LEU A 378 24.26 -25.06 28.19
C LEU A 378 24.02 -24.02 27.10
N MET A 379 22.80 -24.00 26.57
CA MET A 379 22.44 -23.04 25.53
C MET A 379 22.67 -21.60 25.96
N LYS A 380 22.06 -21.21 27.07
CA LYS A 380 22.21 -19.85 27.57
C LYS A 380 23.65 -19.53 27.93
N GLN A 381 24.38 -20.53 28.42
CA GLN A 381 25.77 -20.36 28.78
C GLN A 381 26.64 -20.11 27.55
N ASN A 382 26.19 -20.58 26.40
CA ASN A 382 26.89 -20.39 25.14
C ASN A 382 26.23 -19.33 24.27
N ASN A 383 25.61 -18.36 24.95
CA ASN A 383 24.94 -17.22 24.35
C ASN A 383 23.87 -17.51 23.31
N PHE A 384 23.00 -18.46 23.60
CA PHE A 384 21.89 -18.76 22.72
C PHE A 384 20.67 -18.13 23.37
N ASN A 385 19.72 -17.66 22.57
CA ASN A 385 18.52 -17.04 23.13
C ASN A 385 17.24 -17.57 22.50
N ALA A 386 17.37 -18.48 21.55
CA ALA A 386 16.20 -19.01 20.88
C ALA A 386 16.39 -20.47 20.49
N VAL A 387 15.27 -21.18 20.33
CA VAL A 387 15.31 -22.59 19.95
C VAL A 387 14.13 -22.89 19.02
N ARG A 388 14.34 -23.82 18.10
CA ARG A 388 13.27 -24.22 17.17
C ARG A 388 12.93 -25.67 17.46
N CYS A 389 11.65 -25.93 17.75
CA CYS A 389 11.18 -27.29 18.05
C CYS A 389 11.13 -28.16 16.81
N SER A 390 12.30 -28.38 16.20
CA SER A 390 12.43 -29.21 15.01
C SER A 390 12.15 -30.64 15.39
N HIS A 391 11.10 -31.26 14.85
CA HIS A 391 10.17 -30.66 13.92
C HIS A 391 8.80 -31.13 14.37
N TYR A 392 8.42 -30.74 15.58
CA TYR A 392 7.16 -31.17 16.17
C TYR A 392 6.96 -30.54 17.53
N PRO A 393 5.72 -30.44 18.00
CA PRO A 393 5.52 -29.85 19.31
C PRO A 393 6.33 -30.62 20.34
N ASN A 394 7.00 -29.90 21.24
CA ASN A 394 7.82 -30.51 22.28
C ASN A 394 7.01 -30.90 23.51
N HIS A 395 7.65 -31.69 24.39
CA HIS A 395 7.07 -32.13 25.64
C HIS A 395 6.62 -30.85 26.38
N PRO A 396 5.42 -30.87 26.97
CA PRO A 396 4.84 -29.73 27.70
C PRO A 396 5.71 -28.98 28.68
N LEU A 397 6.58 -29.70 29.38
CA LEU A 397 7.47 -29.07 30.35
C LEU A 397 8.45 -28.11 29.71
N TRP A 398 8.95 -28.47 28.52
CA TRP A 398 9.90 -27.65 27.79
C TRP A 398 9.46 -26.17 27.69
N TYR A 399 8.23 -25.93 27.24
CA TYR A 399 7.75 -24.55 27.09
C TYR A 399 7.78 -23.83 28.42
N THR A 400 7.43 -24.55 29.48
CA THR A 400 7.41 -23.96 30.82
C THR A 400 8.81 -23.49 31.19
N LEU A 401 9.80 -24.31 30.85
CA LEU A 401 11.18 -23.98 31.18
C LEU A 401 11.66 -22.76 30.38
N CYS A 402 11.44 -22.80 29.07
CA CYS A 402 11.84 -21.69 28.20
C CYS A 402 11.18 -20.38 28.63
N ASP A 403 10.00 -20.51 29.24
CA ASP A 403 9.24 -19.36 29.74
C ASP A 403 10.01 -18.70 30.87
N ARG A 404 10.37 -19.52 31.84
CA ARG A 404 11.07 -19.10 33.05
C ARG A 404 12.56 -18.81 32.91
N TYR A 405 13.27 -19.63 32.15
CA TYR A 405 14.70 -19.41 31.95
C TYR A 405 14.99 -18.33 30.93
N GLY A 406 14.06 -18.09 30.02
CA GLY A 406 14.27 -17.06 29.01
C GLY A 406 14.84 -17.56 27.69
N LEU A 407 13.95 -17.98 26.79
CA LEU A 407 14.31 -18.46 25.44
C LEU A 407 13.18 -18.24 24.43
N TYR A 408 13.51 -17.67 23.28
CA TYR A 408 12.51 -17.43 22.24
C TYR A 408 12.28 -18.76 21.58
N VAL A 409 11.02 -19.17 21.48
CA VAL A 409 10.69 -20.46 20.90
C VAL A 409 9.89 -20.41 19.62
N VAL A 410 10.21 -21.32 18.71
CA VAL A 410 9.50 -21.47 17.44
C VAL A 410 8.76 -22.79 17.63
N ASP A 411 7.44 -22.71 17.84
CA ASP A 411 6.64 -23.91 18.03
C ASP A 411 6.24 -24.43 16.65
N GLU A 412 6.65 -25.65 16.34
CA GLU A 412 6.42 -26.22 15.03
C GLU A 412 5.53 -27.45 15.00
N ALA A 413 4.50 -27.39 14.15
CA ALA A 413 3.54 -28.49 13.95
C ALA A 413 4.25 -29.76 13.48
N ASN A 414 3.69 -30.91 13.84
CA ASN A 414 4.28 -32.19 13.48
C ASN A 414 3.92 -32.61 12.06
N ILE A 415 4.58 -31.99 11.09
CA ILE A 415 4.30 -32.30 9.69
C ILE A 415 5.53 -32.26 8.74
N GLU A 416 6.08 -33.42 8.40
CA GLU A 416 7.17 -33.46 7.45
C GLU A 416 6.91 -34.62 6.51
N THR A 417 7.00 -34.35 5.22
CA THR A 417 6.75 -35.37 4.21
C THR A 417 7.82 -35.30 3.13
N GLU A 418 9.03 -34.91 3.54
CA GLU A 418 10.14 -34.77 2.62
C GLU A 418 10.35 -36.00 1.71
N GLY A 419 9.83 -37.14 2.13
CA GLY A 419 9.99 -38.36 1.36
C GLY A 419 9.09 -38.47 0.14
N MET A 420 8.03 -37.68 0.09
CA MET A 420 7.10 -37.70 -1.03
C MET A 420 7.74 -37.10 -2.28
N VAL A 421 7.11 -37.35 -3.43
CA VAL A 421 7.62 -36.83 -4.70
C VAL A 421 6.49 -36.43 -5.62
N PRO A 422 6.34 -35.12 -5.90
CA PRO A 422 7.17 -34.02 -5.40
C PRO A 422 6.91 -33.82 -3.92
N MET A 423 7.77 -33.06 -3.24
CA MET A 423 7.64 -32.89 -1.82
C MET A 423 6.28 -32.46 -1.30
N ASN A 424 5.46 -31.85 -2.14
CA ASN A 424 4.18 -31.38 -1.65
C ASN A 424 3.01 -32.24 -2.13
N ARG A 425 3.29 -33.48 -2.51
CA ARG A 425 2.22 -34.33 -3.00
C ARG A 425 1.07 -34.48 -2.02
N LEU A 426 1.36 -34.47 -0.73
CA LEU A 426 0.30 -34.61 0.25
C LEU A 426 -0.22 -33.27 0.71
N THR A 427 0.68 -32.35 1.06
CA THR A 427 0.29 -31.02 1.54
C THR A 427 -0.51 -30.18 0.53
N ASP A 428 -0.56 -30.61 -0.72
CA ASP A 428 -1.31 -29.86 -1.71
C ASP A 428 -2.59 -30.60 -2.07
N ASP A 429 -2.73 -31.79 -1.51
CA ASP A 429 -3.89 -32.62 -1.75
C ASP A 429 -4.97 -32.33 -0.70
N PRO A 430 -6.12 -31.79 -1.12
CA PRO A 430 -7.20 -31.50 -0.17
C PRO A 430 -7.64 -32.70 0.66
N ARG A 431 -7.36 -33.90 0.19
CA ARG A 431 -7.76 -35.10 0.92
C ARG A 431 -6.98 -35.19 2.23
N TRP A 432 -5.81 -34.55 2.28
CA TRP A 432 -4.99 -34.56 3.47
C TRP A 432 -5.09 -33.30 4.31
N LEU A 433 -5.99 -32.39 3.92
CA LEU A 433 -6.16 -31.14 4.66
C LEU A 433 -6.58 -31.42 6.10
N PRO A 434 -7.44 -32.41 6.30
CA PRO A 434 -7.90 -32.77 7.64
C PRO A 434 -6.78 -33.21 8.57
N ALA A 435 -6.03 -34.23 8.18
CA ALA A 435 -4.95 -34.73 9.00
C ALA A 435 -3.99 -33.58 9.38
N MET A 436 -3.58 -32.79 8.40
CA MET A 436 -2.67 -31.66 8.64
C MET A 436 -3.30 -30.65 9.59
N SER A 437 -4.52 -30.23 9.26
CA SER A 437 -5.26 -29.30 10.07
C SER A 437 -5.11 -29.54 11.58
N GLU A 438 -5.35 -30.79 12.00
CA GLU A 438 -5.28 -31.15 13.41
C GLU A 438 -3.90 -31.07 14.03
N ARG A 439 -2.86 -31.23 13.22
CA ARG A 439 -1.51 -31.16 13.74
C ARG A 439 -1.08 -29.70 13.95
N VAL A 440 -1.82 -28.79 13.31
CA VAL A 440 -1.54 -27.36 13.43
C VAL A 440 -2.44 -26.77 14.51
N THR A 441 -3.74 -26.93 14.34
CA THR A 441 -4.69 -26.41 15.29
C THR A 441 -4.51 -26.90 16.73
N ARG A 442 -4.27 -28.20 16.90
CA ARG A 442 -4.10 -28.75 18.25
C ARG A 442 -2.84 -28.26 18.94
N MET A 443 -1.84 -27.88 18.16
CA MET A 443 -0.61 -27.35 18.74
C MET A 443 -0.92 -25.95 19.25
N VAL A 444 -1.58 -25.17 18.42
CA VAL A 444 -1.92 -23.80 18.78
C VAL A 444 -2.81 -23.78 20.02
N GLN A 445 -3.86 -24.57 20.01
CA GLN A 445 -4.74 -24.59 21.16
C GLN A 445 -4.03 -25.01 22.44
N ARG A 446 -2.97 -25.80 22.31
CA ARG A 446 -2.25 -26.25 23.49
C ARG A 446 -1.24 -25.25 24.02
N ASP A 447 -0.35 -24.79 23.15
CA ASP A 447 0.72 -23.88 23.56
C ASP A 447 0.50 -22.36 23.41
N ARG A 448 -0.61 -21.95 22.83
CA ARG A 448 -0.84 -20.53 22.60
C ARG A 448 -0.68 -19.58 23.79
N ASN A 449 -0.67 -20.09 25.01
CA ASN A 449 -0.53 -19.21 26.16
C ASN A 449 0.89 -18.97 26.64
N HIS A 450 1.84 -19.78 26.17
CA HIS A 450 3.24 -19.64 26.57
C HIS A 450 3.91 -18.40 25.96
N PRO A 451 4.45 -17.51 26.81
CA PRO A 451 5.10 -16.31 26.27
C PRO A 451 6.40 -16.63 25.50
N SER A 452 7.08 -17.71 25.85
CA SER A 452 8.32 -18.07 25.18
C SER A 452 8.08 -18.41 23.71
N VAL A 453 6.86 -18.80 23.39
CA VAL A 453 6.53 -19.12 22.01
C VAL A 453 6.30 -17.77 21.33
N ILE A 454 7.20 -17.42 20.40
CA ILE A 454 7.06 -16.15 19.68
C ILE A 454 6.72 -16.32 18.21
N ILE A 455 6.91 -17.52 17.66
CA ILE A 455 6.61 -17.75 16.26
C ILE A 455 6.00 -19.13 16.06
N TRP A 456 5.04 -19.26 15.14
CA TRP A 456 4.43 -20.55 14.85
C TRP A 456 4.98 -21.06 13.50
N SER A 457 5.36 -22.33 13.44
CA SER A 457 5.87 -22.92 12.21
C SER A 457 4.89 -23.98 11.74
N LEU A 458 4.65 -24.06 10.43
CA LEU A 458 3.72 -25.03 9.86
C LEU A 458 4.27 -26.42 9.63
N GLY A 459 5.50 -26.67 10.09
CA GLY A 459 6.09 -27.99 9.90
C GLY A 459 7.45 -27.92 9.24
N ASN A 460 7.86 -28.99 8.59
CA ASN A 460 9.16 -29.00 7.93
C ASN A 460 9.19 -29.83 6.65
N GLU A 461 10.10 -29.49 5.75
CA GLU A 461 10.27 -30.18 4.47
C GLU A 461 9.02 -30.92 3.95
N SER A 462 8.09 -30.15 3.39
CA SER A 462 6.86 -30.70 2.83
C SER A 462 6.41 -29.84 1.66
N GLY A 463 7.35 -29.37 0.86
CA GLY A 463 7.01 -28.53 -0.29
C GLY A 463 6.05 -27.41 0.09
N HIS A 464 5.29 -26.91 -0.87
CA HIS A 464 4.32 -25.87 -0.56
C HIS A 464 3.00 -26.14 -1.25
N GLY A 465 2.06 -26.70 -0.49
CA GLY A 465 0.75 -27.01 -1.04
C GLY A 465 -0.30 -26.03 -0.54
N ALA A 466 -1.50 -26.11 -1.11
CA ALA A 466 -2.58 -25.23 -0.71
C ALA A 466 -2.85 -25.38 0.77
N ASN A 467 -2.83 -26.61 1.28
CA ASN A 467 -3.09 -26.86 2.71
C ASN A 467 -2.27 -25.93 3.61
N HIS A 468 -1.01 -25.70 3.22
CA HIS A 468 -0.14 -24.82 3.98
C HIS A 468 -0.72 -23.42 4.03
N ASP A 469 -1.21 -22.93 2.91
CA ASP A 469 -1.79 -21.61 2.85
C ASP A 469 -3.05 -21.52 3.68
N ALA A 470 -3.86 -22.56 3.62
CA ALA A 470 -5.11 -22.56 4.38
C ALA A 470 -4.81 -22.50 5.85
N LEU A 471 -3.91 -23.36 6.32
CA LEU A 471 -3.54 -23.42 7.72
C LEU A 471 -2.79 -22.16 8.17
N TYR A 472 -2.05 -21.57 7.24
CA TYR A 472 -1.33 -20.34 7.53
C TYR A 472 -2.36 -19.30 7.96
N ARG A 473 -3.35 -19.08 7.10
CA ARG A 473 -4.40 -18.10 7.34
C ARG A 473 -5.20 -18.38 8.60
N TRP A 474 -5.37 -19.65 8.94
CA TRP A 474 -6.11 -20.03 10.14
C TRP A 474 -5.41 -19.47 11.38
N ILE A 475 -4.13 -19.76 11.52
CA ILE A 475 -3.38 -19.27 12.65
C ILE A 475 -3.45 -17.76 12.73
N LYS A 476 -3.29 -17.10 11.59
CA LYS A 476 -3.35 -15.64 11.57
C LYS A 476 -4.68 -15.12 12.11
N SER A 477 -5.77 -15.84 11.82
CA SER A 477 -7.11 -15.46 12.30
C SER A 477 -7.28 -15.77 13.77
N VAL A 478 -6.86 -16.96 14.15
CA VAL A 478 -6.97 -17.41 15.52
C VAL A 478 -6.04 -16.71 16.49
N ASP A 479 -4.80 -16.46 16.08
CA ASP A 479 -3.82 -15.81 16.96
C ASP A 479 -2.93 -14.80 16.26
N PRO A 480 -3.38 -13.53 16.26
CA PRO A 480 -2.68 -12.40 15.64
C PRO A 480 -1.40 -12.03 16.38
N SER A 481 -1.26 -12.50 17.62
CA SER A 481 -0.08 -12.16 18.43
C SER A 481 1.26 -12.71 17.93
N ARG A 482 1.24 -13.77 17.13
CA ARG A 482 2.48 -14.36 16.66
C ARG A 482 2.60 -14.50 15.15
N PRO A 483 3.82 -14.29 14.61
CA PRO A 483 4.07 -14.41 13.18
C PRO A 483 4.11 -15.91 12.83
N VAL A 484 3.75 -16.27 11.61
CA VAL A 484 3.80 -17.67 11.17
C VAL A 484 4.91 -17.82 10.13
N GLN A 485 5.61 -18.94 10.13
CA GLN A 485 6.67 -19.13 9.15
C GLN A 485 6.71 -20.55 8.65
N TYR A 486 7.30 -20.74 7.47
CA TYR A 486 7.43 -22.05 6.88
C TYR A 486 8.44 -21.96 5.75
N GLU A 487 9.42 -22.87 5.76
CA GLU A 487 10.48 -22.85 4.76
C GLU A 487 10.17 -23.64 3.50
N GLY A 488 9.14 -24.48 3.58
CA GLY A 488 8.79 -25.29 2.43
C GLY A 488 8.51 -24.46 1.19
N GLY A 489 8.77 -25.06 0.03
CA GLY A 489 8.51 -24.38 -1.23
C GLY A 489 9.40 -23.21 -1.60
N GLY A 490 10.55 -23.07 -0.95
CA GLY A 490 11.41 -21.96 -1.32
C GLY A 490 11.65 -20.90 -0.26
N ALA A 491 11.19 -21.15 0.96
CA ALA A 491 11.41 -20.24 2.07
C ALA A 491 10.80 -18.84 2.01
N ASP A 492 10.21 -18.45 0.90
CA ASP A 492 9.60 -17.13 0.84
C ASP A 492 8.20 -17.15 0.29
N THR A 493 7.55 -18.32 0.36
CA THR A 493 6.18 -18.51 -0.13
C THR A 493 5.14 -17.64 0.56
N THR A 494 3.91 -17.71 0.09
CA THR A 494 2.81 -16.94 0.64
C THR A 494 2.34 -17.54 1.96
N ALA A 495 3.03 -18.58 2.40
CA ALA A 495 2.69 -19.25 3.64
C ALA A 495 3.66 -18.90 4.77
N THR A 496 4.42 -17.83 4.60
CA THR A 496 5.36 -17.45 5.64
C THR A 496 5.54 -15.93 5.77
N ASP A 497 5.59 -15.45 7.01
CA ASP A 497 5.76 -14.03 7.32
C ASP A 497 7.24 -13.67 7.39
N ILE A 498 8.08 -14.71 7.40
CA ILE A 498 9.53 -14.53 7.51
C ILE A 498 10.24 -15.31 6.41
N ILE A 499 11.27 -14.72 5.80
CA ILE A 499 12.02 -15.44 4.79
C ILE A 499 12.89 -16.30 5.67
N CYS A 500 12.59 -17.59 5.71
CA CYS A 500 13.29 -18.53 6.56
C CYS A 500 13.96 -19.67 5.83
N PRO A 501 14.99 -19.36 5.03
CA PRO A 501 15.66 -20.45 4.31
C PRO A 501 16.41 -21.35 5.26
N MET A 502 16.96 -22.42 4.72
CA MET A 502 17.76 -23.35 5.49
C MET A 502 19.03 -23.66 4.68
N TYR A 503 20.17 -23.24 5.22
CA TYR A 503 21.46 -23.46 4.59
C TYR A 503 21.78 -22.57 3.41
N ALA A 504 21.06 -21.45 3.31
CA ALA A 504 21.31 -20.46 2.27
C ALA A 504 22.61 -19.78 2.69
N ARG A 505 23.59 -19.71 1.80
CA ARG A 505 24.87 -19.11 2.15
C ARG A 505 24.88 -17.59 2.22
N VAL A 506 25.92 -17.04 2.82
CA VAL A 506 26.03 -15.59 3.00
C VAL A 506 26.19 -14.75 1.73
N ASP A 507 27.14 -15.12 0.87
CA ASP A 507 27.37 -14.33 -0.33
C ASP A 507 27.13 -15.12 -1.61
N GLU A 508 27.20 -16.45 -1.50
CA GLU A 508 27.04 -17.31 -2.66
C GLU A 508 25.60 -17.79 -2.92
N ASP A 509 25.16 -17.63 -4.15
CA ASP A 509 23.83 -18.08 -4.55
C ASP A 509 23.91 -19.55 -4.94
N GLN A 510 22.79 -20.25 -4.77
CA GLN A 510 22.70 -21.66 -5.13
C GLN A 510 21.39 -21.70 -5.91
N PRO A 511 21.42 -21.20 -7.16
CA PRO A 511 20.28 -21.11 -8.09
C PRO A 511 19.57 -22.40 -8.52
N PHE A 512 19.14 -23.19 -7.54
CA PHE A 512 18.41 -24.41 -7.81
C PHE A 512 17.09 -24.03 -8.50
N PRO A 513 16.61 -24.88 -9.41
CA PRO A 513 15.34 -24.56 -10.08
C PRO A 513 14.15 -24.66 -9.11
N ALA A 514 13.21 -23.73 -9.25
CA ALA A 514 11.99 -23.68 -8.44
C ALA A 514 12.23 -23.19 -7.02
N VAL A 515 13.18 -23.80 -6.33
CA VAL A 515 13.46 -23.43 -4.96
C VAL A 515 14.93 -23.12 -4.73
N PRO A 516 15.42 -22.01 -5.32
CA PRO A 516 16.81 -21.61 -5.15
C PRO A 516 17.09 -21.10 -3.74
N LYS A 517 18.36 -21.08 -3.38
CA LYS A 517 18.80 -20.57 -2.09
C LYS A 517 19.71 -19.40 -2.41
N TRP A 518 19.14 -18.20 -2.39
CA TRP A 518 19.90 -16.99 -2.69
C TRP A 518 20.79 -16.62 -1.53
N SER A 519 21.83 -15.84 -1.82
CA SER A 519 22.74 -15.36 -0.77
C SER A 519 21.78 -14.61 0.16
N ILE A 520 21.83 -14.86 1.46
CA ILE A 520 20.89 -14.20 2.34
C ILE A 520 20.87 -12.68 2.18
N LYS A 521 22.03 -12.11 1.83
CA LYS A 521 22.11 -10.67 1.64
C LYS A 521 21.39 -10.23 0.36
N LYS A 522 21.50 -11.03 -0.68
CA LYS A 522 20.84 -10.73 -1.95
C LYS A 522 19.35 -10.95 -1.84
N TRP A 523 18.96 -11.93 -1.03
CA TRP A 523 17.55 -12.29 -0.85
C TRP A 523 16.69 -11.16 -0.34
N LEU A 524 17.17 -10.45 0.67
CA LEU A 524 16.41 -9.34 1.25
C LEU A 524 16.01 -8.26 0.27
N SER A 525 16.86 -7.98 -0.70
CA SER A 525 16.57 -6.92 -1.66
C SER A 525 15.96 -7.35 -2.99
N LEU A 526 15.58 -8.61 -3.11
CA LEU A 526 14.97 -9.09 -4.36
C LEU A 526 13.76 -8.21 -4.64
N PRO A 527 13.54 -7.82 -5.91
CA PRO A 527 12.39 -6.96 -6.27
C PRO A 527 11.10 -7.32 -5.56
N GLY A 528 10.50 -6.34 -4.89
CA GLY A 528 9.25 -6.58 -4.18
C GLY A 528 9.37 -7.13 -2.77
N GLU A 529 10.39 -7.92 -2.50
CA GLU A 529 10.58 -8.50 -1.17
C GLU A 529 10.78 -7.44 -0.09
N THR A 530 10.21 -7.69 1.09
CA THR A 530 10.29 -6.73 2.20
C THR A 530 10.35 -7.37 3.59
N ARG A 531 10.13 -8.68 3.66
CA ARG A 531 10.13 -9.40 4.93
C ARG A 531 11.48 -9.49 5.60
N PRO A 532 11.49 -9.91 6.88
CA PRO A 532 12.75 -10.05 7.62
C PRO A 532 13.26 -11.48 7.30
N LEU A 533 14.57 -11.67 7.31
CA LEU A 533 15.12 -12.99 7.01
C LEU A 533 15.85 -13.64 8.18
N ILE A 534 15.34 -14.79 8.61
CA ILE A 534 15.94 -15.55 9.70
C ILE A 534 16.03 -17.01 9.25
N LEU A 535 17.23 -17.54 9.07
CA LEU A 535 17.40 -18.93 8.65
C LEU A 535 16.84 -19.89 9.71
N CYS A 536 16.01 -20.82 9.27
CA CYS A 536 15.42 -21.78 10.19
C CYS A 536 16.45 -22.89 10.49
N GLU A 537 17.49 -22.94 9.67
CA GLU A 537 18.56 -23.91 9.81
C GLU A 537 19.75 -23.41 9.03
N TYR A 538 20.92 -23.40 9.67
CA TYR A 538 22.16 -22.97 9.02
C TYR A 538 23.33 -23.44 9.86
N ALA A 539 24.49 -23.52 9.22
CA ALA A 539 25.69 -23.96 9.91
C ALA A 539 25.56 -25.41 10.38
N HIS A 540 25.40 -26.33 9.43
CA HIS A 540 25.25 -27.74 9.75
C HIS A 540 26.46 -28.15 10.56
N ALA A 541 26.24 -28.37 11.86
CA ALA A 541 27.32 -28.73 12.77
C ALA A 541 27.65 -30.22 12.83
N MET A 542 27.73 -30.86 11.66
CA MET A 542 28.03 -32.28 11.61
C MET A 542 29.52 -32.59 11.70
N GLY A 543 29.93 -33.13 12.84
CA GLY A 543 31.32 -33.50 13.04
C GLY A 543 32.22 -32.30 13.20
N ASN A 544 33.34 -32.29 12.48
CA ASN A 544 34.27 -31.18 12.53
C ASN A 544 33.73 -30.16 11.53
N SER A 545 32.77 -29.35 11.98
CA SER A 545 32.14 -28.38 11.11
C SER A 545 32.11 -26.97 11.71
N LEU A 546 31.12 -26.20 11.29
CA LEU A 546 30.89 -24.82 11.71
C LEU A 546 31.93 -23.85 11.16
N GLY A 547 32.57 -24.23 10.06
CA GLY A 547 33.55 -23.35 9.45
C GLY A 547 32.80 -22.32 8.66
N GLY A 548 33.21 -21.06 8.77
CA GLY A 548 32.54 -20.01 8.04
C GLY A 548 31.38 -19.44 8.83
N PHE A 549 31.28 -19.90 10.08
CA PHE A 549 30.23 -19.46 10.99
C PHE A 549 30.36 -17.98 11.25
N ALA A 550 31.58 -17.50 11.42
CA ALA A 550 31.79 -16.10 11.70
C ALA A 550 31.24 -15.20 10.60
N LYS A 551 31.25 -15.71 9.37
CA LYS A 551 30.77 -14.92 8.23
C LYS A 551 29.30 -14.61 8.34
N TYR A 552 28.54 -15.56 8.87
CA TYR A 552 27.10 -15.39 9.03
C TYR A 552 26.81 -14.28 10.01
N TRP A 553 27.51 -14.30 11.13
CA TRP A 553 27.29 -13.28 12.13
C TRP A 553 27.74 -11.89 11.71
N GLN A 554 28.82 -11.85 10.94
CA GLN A 554 29.36 -10.59 10.44
C GLN A 554 28.20 -9.93 9.70
N ALA A 555 27.55 -10.74 8.87
CA ALA A 555 26.41 -10.32 8.06
C ALA A 555 25.16 -10.00 8.88
N PHE A 556 24.88 -10.80 9.89
CA PHE A 556 23.71 -10.58 10.73
C PHE A 556 23.76 -9.20 11.38
N ARG A 557 24.96 -8.84 11.85
CA ARG A 557 25.15 -7.56 12.51
C ARG A 557 25.14 -6.37 11.58
N GLN A 558 25.58 -6.55 10.35
CA GLN A 558 25.60 -5.44 9.40
C GLN A 558 24.26 -5.15 8.76
N TYR A 559 23.47 -6.19 8.51
CA TYR A 559 22.17 -6.02 7.87
C TYR A 559 20.96 -6.02 8.82
N PRO A 560 20.30 -4.86 8.96
CA PRO A 560 19.15 -4.73 9.83
C PRO A 560 18.15 -5.87 9.67
N ARG A 561 17.80 -6.20 8.43
CA ARG A 561 16.83 -7.25 8.18
C ARG A 561 17.36 -8.68 8.21
N LEU A 562 18.66 -8.85 8.44
CA LEU A 562 19.23 -10.19 8.56
C LEU A 562 19.19 -10.36 10.07
N GLN A 563 18.10 -10.93 10.57
CA GLN A 563 17.90 -11.08 12.00
C GLN A 563 18.32 -12.37 12.71
N GLY A 564 19.25 -13.10 12.11
CA GLY A 564 19.73 -14.33 12.74
C GLY A 564 19.30 -15.64 12.12
N GLY A 565 19.33 -16.69 12.94
CA GLY A 565 18.95 -17.99 12.47
C GLY A 565 19.02 -19.05 13.55
N PHE A 566 18.84 -20.30 13.16
CA PHE A 566 18.89 -21.42 14.10
C PHE A 566 19.88 -22.45 13.61
N VAL A 567 20.96 -22.59 14.34
CA VAL A 567 22.00 -23.56 14.00
C VAL A 567 21.44 -24.99 13.96
N TRP A 568 21.99 -25.81 13.09
CA TRP A 568 21.55 -27.20 13.04
C TRP A 568 22.71 -28.14 13.31
N ASP A 569 22.69 -28.79 14.48
CA ASP A 569 21.63 -28.59 15.47
C ASP A 569 22.22 -28.77 16.87
N TRP A 570 21.38 -28.92 17.88
CA TRP A 570 21.88 -29.03 19.25
C TRP A 570 22.70 -30.26 19.64
N VAL A 571 22.05 -31.43 19.72
CA VAL A 571 22.74 -32.64 20.15
C VAL A 571 22.74 -33.79 19.16
N ASP A 572 23.84 -34.55 19.17
CA ASP A 572 24.01 -35.70 18.29
C ASP A 572 22.95 -36.74 18.61
N GLN A 573 22.31 -37.28 17.57
CA GLN A 573 21.31 -38.31 17.79
C GLN A 573 21.98 -39.68 17.72
N SER A 574 22.87 -39.93 18.68
CA SER A 574 23.56 -41.20 18.74
C SER A 574 22.93 -42.00 19.87
N LEU A 575 22.88 -43.32 19.71
CA LEU A 575 22.30 -44.19 20.72
C LEU A 575 23.41 -45.04 21.34
N ILE A 576 23.22 -45.43 22.59
CA ILE A 576 24.21 -46.24 23.30
C ILE A 576 24.01 -47.74 23.15
N LYS A 577 25.06 -48.43 22.73
CA LYS A 577 25.01 -49.88 22.60
C LYS A 577 26.08 -50.44 23.51
N TYR A 578 26.15 -51.76 23.63
CA TYR A 578 27.16 -52.38 24.48
C TYR A 578 27.81 -53.58 23.78
N ASP A 579 29.13 -53.66 23.90
CA ASP A 579 29.89 -54.75 23.30
C ASP A 579 29.83 -55.96 24.24
N GLU A 580 30.47 -57.05 23.83
CA GLU A 580 30.48 -58.29 24.62
C GLU A 580 30.85 -58.07 26.09
N ASN A 581 31.84 -57.21 26.34
CA ASN A 581 32.30 -56.94 27.69
C ASN A 581 31.31 -56.10 28.49
N GLY A 582 30.31 -55.56 27.81
CA GLY A 582 29.32 -54.76 28.49
C GLY A 582 29.72 -53.29 28.61
N ASN A 583 30.53 -52.82 27.66
CA ASN A 583 30.96 -51.43 27.67
C ASN A 583 30.11 -50.63 26.68
N PRO A 584 29.76 -49.40 27.05
CA PRO A 584 28.94 -48.53 26.20
C PRO A 584 29.73 -47.80 25.11
N TRP A 585 29.09 -47.60 23.96
CA TRP A 585 29.67 -46.88 22.82
C TRP A 585 28.57 -46.23 21.99
N SER A 586 28.89 -45.09 21.38
CA SER A 586 27.93 -44.36 20.56
C SER A 586 27.70 -44.99 19.19
N ALA A 587 26.45 -45.32 18.90
CA ALA A 587 26.07 -45.96 17.64
C ALA A 587 25.15 -45.05 16.82
N TYR A 588 25.13 -45.27 15.51
CA TYR A 588 24.30 -44.48 14.61
C TYR A 588 23.64 -45.33 13.53
N GLY A 589 23.33 -44.71 12.40
CA GLY A 589 22.67 -45.42 11.31
C GLY A 589 23.22 -46.80 11.01
N GLY A 590 22.32 -47.77 10.92
CA GLY A 590 22.71 -49.14 10.61
C GLY A 590 23.17 -49.97 11.80
N ASP A 591 23.76 -49.32 12.80
CA ASP A 591 24.26 -50.00 13.99
C ASP A 591 23.22 -50.84 14.73
N PHE A 592 21.99 -50.90 14.23
CA PHE A 592 20.96 -51.69 14.89
C PHE A 592 20.32 -52.67 13.92
N GLY A 593 21.01 -52.92 12.82
CA GLY A 593 20.50 -53.82 11.82
C GLY A 593 19.48 -53.09 10.97
N ASP A 594 19.25 -51.83 11.33
CA ASP A 594 18.30 -51.01 10.60
C ASP A 594 18.81 -50.77 9.19
N THR A 595 17.93 -50.97 8.22
CA THR A 595 18.27 -50.81 6.82
C THR A 595 17.01 -50.79 5.95
N PRO A 596 16.97 -49.88 4.96
CA PRO A 596 18.03 -48.91 4.65
C PRO A 596 18.25 -47.89 5.76
N ASN A 597 19.49 -47.43 5.89
CA ASN A 597 19.84 -46.43 6.88
C ASN A 597 20.67 -45.32 6.24
N ASP A 598 20.79 -44.19 6.94
CA ASP A 598 21.54 -43.05 6.42
C ASP A 598 22.82 -42.73 7.19
N ARG A 599 23.70 -43.74 7.26
CA ARG A 599 25.00 -43.63 7.91
C ARG A 599 24.99 -42.83 9.23
N GLN A 600 25.87 -41.85 9.32
CA GLN A 600 25.99 -41.03 10.51
C GLN A 600 25.31 -39.67 10.40
N PHE A 601 24.36 -39.51 9.48
CA PHE A 601 23.69 -38.22 9.31
C PHE A 601 22.75 -37.79 10.42
N CYS A 602 22.68 -38.60 11.46
CA CYS A 602 21.82 -38.31 12.61
C CYS A 602 22.63 -37.61 13.70
N MET A 603 23.92 -37.37 13.43
CA MET A 603 24.79 -36.72 14.39
C MET A 603 25.22 -35.39 13.80
N ASN A 604 24.48 -34.33 14.11
CA ASN A 604 24.77 -33.00 13.59
C ASN A 604 24.83 -31.98 14.70
N GLY A 605 25.03 -32.42 15.94
CA GLY A 605 25.05 -31.50 17.06
C GLY A 605 26.31 -30.73 17.43
N LEU A 606 26.11 -29.74 18.28
CA LEU A 606 27.19 -28.91 18.79
C LEU A 606 27.69 -29.59 20.05
N VAL A 607 26.96 -30.61 20.49
CA VAL A 607 27.31 -31.39 21.67
C VAL A 607 26.99 -32.86 21.40
N PHE A 608 27.71 -33.76 22.08
CA PHE A 608 27.50 -35.20 21.94
C PHE A 608 26.22 -35.59 22.66
N ALA A 609 25.68 -36.76 22.35
CA ALA A 609 24.44 -37.23 22.97
C ALA A 609 24.43 -37.01 24.50
N ASP A 610 25.59 -37.12 25.14
CA ASP A 610 25.68 -36.93 26.60
C ASP A 610 25.93 -35.49 27.01
N ARG A 611 25.56 -34.56 26.13
CA ARG A 611 25.73 -33.13 26.36
C ARG A 611 27.14 -32.60 26.58
N THR A 612 28.13 -33.34 26.09
CA THR A 612 29.53 -32.90 26.19
C THR A 612 29.76 -32.01 24.96
N PRO A 613 30.23 -30.78 25.18
CA PRO A 613 30.49 -29.85 24.07
C PRO A 613 31.41 -30.36 23.00
N HIS A 614 31.17 -29.91 21.77
CA HIS A 614 32.02 -30.24 20.62
C HIS A 614 32.94 -29.03 20.55
N PRO A 615 34.01 -29.11 19.76
CA PRO A 615 34.83 -27.90 19.74
C PRO A 615 34.02 -26.70 19.26
N ALA A 616 33.27 -26.91 18.16
CA ALA A 616 32.45 -25.85 17.55
C ALA A 616 31.53 -25.05 18.50
N LEU A 617 31.05 -25.66 19.56
CA LEU A 617 30.16 -24.96 20.48
C LEU A 617 30.84 -23.68 20.97
N THR A 618 32.14 -23.78 21.20
CA THR A 618 32.89 -22.65 21.70
C THR A 618 32.90 -21.52 20.67
N GLU A 619 33.04 -21.86 19.38
CA GLU A 619 33.05 -20.85 18.32
C GLU A 619 31.71 -20.13 18.32
N ALA A 620 30.65 -20.91 18.45
CA ALA A 620 29.30 -20.36 18.48
C ALA A 620 29.17 -19.34 19.61
N LYS A 621 29.54 -19.76 20.82
CA LYS A 621 29.45 -18.87 21.98
C LYS A 621 30.10 -17.53 21.68
N HIS A 622 31.31 -17.58 21.14
CA HIS A 622 32.07 -16.37 20.83
C HIS A 622 31.39 -15.48 19.80
N GLN A 623 31.00 -16.04 18.66
CA GLN A 623 30.36 -15.24 17.62
C GLN A 623 29.01 -14.66 18.04
N GLN A 624 28.36 -15.33 18.98
CA GLN A 624 27.05 -14.90 19.45
C GLN A 624 27.10 -14.04 20.73
N GLN A 625 28.25 -13.44 21.01
CA GLN A 625 28.40 -12.60 22.19
C GLN A 625 27.41 -11.45 22.13
N PHE A 626 27.12 -10.86 23.29
CA PHE A 626 26.20 -9.73 23.35
C PHE A 626 26.95 -8.45 23.60
N PHE A 627 28.27 -8.51 23.57
CA PHE A 627 29.11 -7.34 23.78
C PHE A 627 30.16 -7.27 22.69
N GLN A 628 30.20 -6.14 21.98
CA GLN A 628 31.16 -5.94 20.90
C GLN A 628 32.23 -4.95 21.34
N PHE A 629 33.47 -5.22 20.97
CA PHE A 629 34.57 -4.35 21.37
C PHE A 629 35.39 -3.87 20.19
N ARG A 630 35.90 -2.64 20.33
CA ARG A 630 36.76 -2.03 19.33
C ARG A 630 37.89 -1.35 20.11
N LEU A 631 39.08 -1.36 19.54
CA LEU A 631 40.22 -0.76 20.23
C LEU A 631 40.83 0.39 19.42
N SER A 632 41.14 1.48 20.12
CA SER A 632 41.73 2.65 19.50
C SER A 632 42.83 3.18 20.41
N GLY A 633 44.04 2.69 20.17
CA GLY A 633 45.17 3.11 20.97
C GLY A 633 45.08 2.63 22.41
N GLN A 634 44.65 3.52 23.29
CA GLN A 634 44.53 3.20 24.70
C GLN A 634 43.08 2.93 25.13
N THR A 635 42.14 3.27 24.26
CA THR A 635 40.74 3.09 24.61
C THR A 635 40.04 1.88 24.01
N ILE A 636 39.35 1.16 24.87
CA ILE A 636 38.56 -0.01 24.51
C ILE A 636 37.11 0.49 24.50
N GLU A 637 36.40 0.24 23.42
CA GLU A 637 35.01 0.68 23.35
C GLU A 637 34.11 -0.55 23.41
N VAL A 638 33.22 -0.57 24.38
CA VAL A 638 32.31 -1.69 24.54
C VAL A 638 30.91 -1.26 24.12
N THR A 639 30.32 -2.02 23.21
CA THR A 639 28.98 -1.72 22.73
C THR A 639 28.10 -2.88 23.16
N SER A 640 26.90 -2.59 23.67
CA SER A 640 26.00 -3.64 24.11
C SER A 640 25.04 -4.03 22.99
N GLU A 641 24.77 -5.33 22.86
CA GLU A 641 23.87 -5.81 21.83
C GLU A 641 22.57 -6.27 22.46
N TYR A 642 22.41 -5.97 23.75
CA TYR A 642 21.19 -6.31 24.48
C TYR A 642 20.18 -5.26 24.08
N LEU A 643 18.91 -5.61 24.16
CA LEU A 643 17.85 -4.70 23.78
C LEU A 643 17.14 -4.14 24.98
N PHE A 644 17.23 -4.85 26.09
CA PHE A 644 16.52 -4.45 27.29
C PHE A 644 17.36 -4.29 28.54
N ARG A 645 18.05 -5.36 28.96
CA ARG A 645 18.85 -5.28 30.17
C ARG A 645 20.03 -4.32 30.10
N HIS A 646 20.56 -4.02 31.28
CA HIS A 646 21.70 -3.12 31.46
C HIS A 646 22.79 -4.11 31.86
N SER A 647 24.06 -3.78 31.66
CA SER A 647 25.10 -4.73 32.05
C SER A 647 25.28 -4.68 33.55
N ASP A 648 24.24 -5.03 34.30
CA ASP A 648 24.29 -4.98 35.75
C ASP A 648 24.85 -6.20 36.49
N ASN A 649 25.43 -7.14 35.73
CA ASN A 649 26.05 -8.31 36.35
C ASN A 649 27.27 -8.69 35.52
N GLU A 650 28.05 -7.67 35.16
CA GLU A 650 29.25 -7.87 34.36
C GLU A 650 30.36 -6.86 34.64
N LEU A 651 31.59 -7.32 34.44
CA LEU A 651 32.78 -6.48 34.63
C LEU A 651 33.81 -6.92 33.60
N LEU A 652 34.45 -5.94 32.97
CA LEU A 652 35.48 -6.22 31.97
C LEU A 652 36.78 -6.60 32.68
N HIS A 653 37.43 -7.63 32.17
CA HIS A 653 38.66 -8.14 32.75
C HIS A 653 39.71 -8.16 31.63
N TRP A 654 40.72 -7.30 31.74
CA TRP A 654 41.74 -7.23 30.69
C TRP A 654 43.10 -7.72 31.14
N MET A 655 43.98 -7.94 30.16
CA MET A 655 45.32 -8.40 30.44
C MET A 655 46.23 -8.36 29.21
N VAL A 656 47.43 -7.82 29.39
CA VAL A 656 48.41 -7.73 28.33
C VAL A 656 49.49 -8.79 28.57
N ALA A 657 49.92 -9.46 27.52
CA ALA A 657 50.94 -10.51 27.65
C ALA A 657 51.86 -10.59 26.44
N LEU A 658 53.15 -10.72 26.71
CA LEU A 658 54.15 -10.83 25.65
C LEU A 658 54.31 -12.31 25.37
N ASP A 659 53.87 -12.75 24.20
CA ASP A 659 53.94 -14.15 23.82
C ASP A 659 53.70 -15.10 24.98
N GLY A 660 52.56 -14.92 25.65
CA GLY A 660 52.20 -15.77 26.75
C GLY A 660 52.55 -15.22 28.11
N LYS A 661 53.69 -14.55 28.21
CA LYS A 661 54.15 -13.97 29.47
C LYS A 661 53.32 -12.76 29.83
N PRO A 662 52.51 -12.87 30.88
CA PRO A 662 51.68 -11.72 31.27
C PRO A 662 52.56 -10.58 31.77
N LEU A 663 52.05 -9.35 31.67
CA LEU A 663 52.81 -8.18 32.13
C LEU A 663 51.92 -7.32 33.01
N ALA A 664 50.77 -6.93 32.48
CA ALA A 664 49.81 -6.11 33.20
C ALA A 664 48.41 -6.72 33.11
N SER A 665 47.49 -6.20 33.91
CA SER A 665 46.11 -6.66 33.91
C SER A 665 45.29 -5.77 34.83
N GLY A 666 43.98 -5.97 34.84
CA GLY A 666 43.12 -5.18 35.69
C GLY A 666 41.68 -5.54 35.43
N GLU A 667 40.76 -4.67 35.82
CA GLU A 667 39.36 -4.94 35.60
C GLU A 667 38.49 -3.73 35.89
N VAL A 668 37.68 -3.36 34.92
CA VAL A 668 36.78 -2.23 35.03
C VAL A 668 35.34 -2.74 35.01
N PRO A 669 34.49 -2.22 35.91
CA PRO A 669 33.10 -2.68 35.90
C PRO A 669 32.37 -2.20 34.64
N LEU A 670 31.43 -3.00 34.16
CA LEU A 670 30.69 -2.62 32.95
C LEU A 670 29.36 -1.97 33.26
N ASP A 671 29.18 -0.76 32.74
CA ASP A 671 27.94 0.00 32.94
C ASP A 671 27.48 0.46 31.57
N VAL A 672 26.96 -0.49 30.80
CA VAL A 672 26.47 -0.24 29.44
C VAL A 672 24.97 -0.46 29.34
N ALA A 673 24.28 0.53 28.78
CA ALA A 673 22.84 0.46 28.58
C ALA A 673 22.60 -0.33 27.29
N PRO A 674 21.46 -1.04 27.21
CA PRO A 674 21.21 -1.80 26.00
C PRO A 674 21.40 -0.90 24.78
N GLN A 675 22.09 -1.42 23.77
CA GLN A 675 22.34 -0.65 22.55
C GLN A 675 23.43 0.40 22.77
N GLY A 676 23.73 0.67 24.03
CA GLY A 676 24.72 1.68 24.35
C GLY A 676 26.18 1.32 24.22
N LYS A 677 27.04 2.31 24.48
CA LYS A 677 28.48 2.13 24.42
C LYS A 677 29.14 2.65 25.68
N GLN A 678 30.33 2.13 25.96
CA GLN A 678 31.09 2.55 27.14
C GLN A 678 32.56 2.56 26.74
N LEU A 679 33.25 3.63 27.09
CA LEU A 679 34.67 3.73 26.77
C LEU A 679 35.52 3.41 27.99
N ILE A 680 36.54 2.59 27.77
CA ILE A 680 37.43 2.19 28.85
C ILE A 680 38.86 2.58 28.49
N GLU A 681 39.45 3.44 29.32
CA GLU A 681 40.81 3.93 29.14
C GLU A 681 41.80 3.08 29.93
N LEU A 682 42.58 2.26 29.22
CA LEU A 682 43.55 1.42 29.89
C LEU A 682 44.70 2.28 30.41
N PRO A 683 45.25 1.94 31.58
CA PRO A 683 46.36 2.73 32.11
C PRO A 683 47.55 2.56 31.17
N GLU A 684 48.48 3.51 31.21
CA GLU A 684 49.65 3.43 30.35
C GLU A 684 50.20 2.02 30.40
N LEU A 685 49.78 1.20 29.45
CA LEU A 685 50.22 -0.20 29.40
C LEU A 685 51.72 -0.37 29.56
N PRO A 686 52.14 -1.53 30.09
CA PRO A 686 53.57 -1.81 30.29
C PRO A 686 54.35 -1.74 28.98
N GLN A 687 55.47 -1.04 29.00
CA GLN A 687 56.28 -0.94 27.80
C GLN A 687 57.14 -2.19 27.68
N PRO A 688 56.83 -3.04 26.70
CA PRO A 688 57.60 -4.28 26.48
C PRO A 688 59.04 -3.97 26.14
N GLU A 689 59.89 -4.98 26.23
CA GLU A 689 61.30 -4.81 25.94
C GLU A 689 61.76 -5.94 25.03
N SER A 690 61.70 -7.15 25.59
CA SER A 690 62.09 -8.36 24.87
C SER A 690 61.38 -8.39 23.52
N ALA A 691 61.92 -9.19 22.59
CA ALA A 691 61.30 -9.30 21.28
C ALA A 691 60.03 -10.10 21.45
N GLY A 692 59.03 -9.81 20.64
CA GLY A 692 57.79 -10.55 20.77
C GLY A 692 56.54 -9.79 20.35
N GLN A 693 55.39 -10.42 20.58
CA GLN A 693 54.11 -9.83 20.23
C GLN A 693 53.22 -9.62 21.44
N LEU A 694 52.89 -8.37 21.73
CA LEU A 694 52.03 -8.02 22.86
C LEU A 694 50.57 -8.24 22.52
N TRP A 695 49.86 -8.98 23.38
CA TRP A 695 48.45 -9.27 23.12
C TRP A 695 47.49 -8.81 24.19
N LEU A 696 46.64 -7.86 23.84
CA LEU A 696 45.63 -7.38 24.76
C LEU A 696 44.47 -8.38 24.69
N THR A 697 43.96 -8.80 25.84
CA THR A 697 42.86 -9.76 25.87
C THR A 697 41.81 -9.34 26.90
N VAL A 698 40.58 -9.17 26.47
CA VAL A 698 39.53 -8.77 27.40
C VAL A 698 38.50 -9.88 27.51
N ARG A 699 37.94 -10.03 28.71
CA ARG A 699 36.93 -11.05 28.98
C ARG A 699 35.83 -10.39 29.80
N VAL A 700 34.58 -10.61 29.43
CA VAL A 700 33.47 -10.06 30.21
C VAL A 700 33.12 -11.15 31.20
N VAL A 701 33.01 -10.79 32.48
CA VAL A 701 32.70 -11.77 33.50
C VAL A 701 31.47 -11.45 34.33
N GLN A 702 30.69 -12.48 34.61
CA GLN A 702 29.49 -12.32 35.41
C GLN A 702 29.90 -12.73 36.81
N PRO A 703 30.15 -11.75 37.68
CA PRO A 703 30.54 -12.03 39.05
C PRO A 703 29.50 -12.85 39.80
N ASN A 704 28.26 -12.41 39.74
CA ASN A 704 27.18 -13.11 40.42
C ASN A 704 26.63 -14.28 39.61
N ALA A 705 26.30 -15.35 40.32
CA ALA A 705 25.73 -16.52 39.69
C ALA A 705 24.28 -16.19 39.36
N THR A 706 23.79 -16.77 38.26
CA THR A 706 22.40 -16.56 37.82
C THR A 706 21.67 -17.88 37.95
N ALA A 707 20.52 -17.97 37.32
CA ALA A 707 19.77 -19.20 37.39
C ALA A 707 20.36 -20.22 36.42
N TRP A 708 21.07 -19.71 35.43
CA TRP A 708 21.67 -20.54 34.39
C TRP A 708 23.18 -20.51 34.35
N SER A 709 23.78 -19.62 35.12
CA SER A 709 25.22 -19.54 35.11
C SER A 709 25.87 -19.61 36.48
N GLU A 710 27.07 -20.19 36.51
CA GLU A 710 27.85 -20.32 37.72
C GLU A 710 28.38 -18.92 38.06
N ALA A 711 29.09 -18.79 39.17
CA ALA A 711 29.63 -17.48 39.51
C ALA A 711 30.92 -17.31 38.70
N GLY A 712 31.19 -16.08 38.27
CA GLY A 712 32.40 -15.83 37.50
C GLY A 712 32.35 -16.37 36.08
N HIS A 713 31.14 -16.64 35.60
CA HIS A 713 30.93 -17.15 34.24
C HIS A 713 31.45 -16.15 33.21
N ILE A 714 32.06 -16.63 32.14
CA ILE A 714 32.55 -15.75 31.11
C ILE A 714 31.56 -15.68 29.96
N SER A 715 31.05 -14.49 29.69
CA SER A 715 30.05 -14.29 28.63
C SER A 715 30.62 -13.78 27.31
N ALA A 716 31.85 -13.27 27.31
CA ALA A 716 32.46 -12.77 26.07
C ALA A 716 33.96 -12.51 26.19
N TRP A 717 34.64 -12.39 25.06
CA TRP A 717 36.06 -12.12 25.05
C TRP A 717 36.56 -11.62 23.70
N GLN A 718 37.77 -11.07 23.67
CA GLN A 718 38.34 -10.54 22.44
C GLN A 718 39.84 -10.31 22.58
N GLN A 719 40.58 -10.52 21.49
CA GLN A 719 42.02 -10.29 21.50
C GLN A 719 42.40 -9.23 20.50
N TRP A 720 43.55 -8.61 20.74
CA TRP A 720 44.10 -7.58 19.88
C TRP A 720 45.63 -7.69 19.88
N ARG A 721 46.21 -7.59 18.70
CA ARG A 721 47.67 -7.63 18.56
C ARG A 721 48.14 -6.21 18.87
N LEU A 722 48.71 -5.98 20.06
CA LEU A 722 49.21 -4.65 20.38
C LEU A 722 50.46 -4.36 19.57
N ALA A 723 51.55 -4.01 20.22
CA ALA A 723 52.78 -3.74 19.48
C ALA A 723 53.55 -5.03 19.21
N GLU A 724 54.55 -4.96 18.33
CA GLU A 724 55.39 -6.11 18.01
C GLU A 724 56.84 -5.67 17.90
N ASN A 725 57.75 -6.56 18.27
CA ASN A 725 59.17 -6.25 18.21
C ASN A 725 59.91 -7.35 17.48
N LEU A 726 60.22 -7.11 16.21
CA LEU A 726 60.94 -8.09 15.42
C LEU A 726 62.34 -8.26 16.03
N SER A 727 62.72 -9.50 16.28
CA SER A 727 64.05 -9.75 16.84
C SER A 727 65.10 -9.50 15.78
N VAL A 728 66.11 -8.72 16.13
CA VAL A 728 67.20 -8.40 15.22
C VAL A 728 68.48 -9.07 15.68
N THR A 729 68.63 -9.21 16.99
CA THR A 729 69.81 -9.83 17.57
C THR A 729 69.82 -11.33 17.26
N LEU A 730 70.42 -11.71 16.14
CA LEU A 730 70.49 -13.12 15.75
C LEU A 730 71.43 -13.86 16.70
N PRO A 731 71.13 -15.15 16.97
CA PRO A 731 71.86 -16.07 17.85
C PRO A 731 73.39 -16.01 17.87
N ALA A 732 73.95 -16.30 19.05
CA ALA A 732 75.39 -16.31 19.28
C ALA A 732 75.99 -17.64 18.81
N ALA A 733 76.60 -17.61 17.62
CA ALA A 733 77.20 -18.81 17.02
C ALA A 733 78.03 -19.63 18.01
N SER A 734 77.63 -20.89 18.21
CA SER A 734 78.34 -21.79 19.10
C SER A 734 79.55 -22.28 18.31
N HIS A 735 80.58 -22.74 19.02
CA HIS A 735 81.80 -23.19 18.35
C HIS A 735 81.76 -24.61 17.78
N ALA A 736 80.83 -25.43 18.27
CA ALA A 736 80.72 -26.81 17.78
C ALA A 736 80.31 -26.81 16.31
N ILE A 737 80.63 -27.89 15.59
CA ILE A 737 80.30 -28.00 14.18
C ILE A 737 79.89 -29.43 13.83
N PRO A 738 78.73 -29.60 13.17
CA PRO A 738 78.20 -30.91 12.76
C PRO A 738 79.10 -31.67 11.79
N HIS A 739 79.18 -32.98 11.96
CA HIS A 739 80.01 -33.80 11.09
C HIS A 739 79.13 -34.64 10.16
N LEU A 740 79.42 -34.56 8.86
CA LEU A 740 78.67 -35.31 7.85
C LEU A 740 79.35 -36.60 7.40
N THR A 741 78.66 -37.72 7.60
CA THR A 741 79.16 -39.03 7.20
C THR A 741 78.36 -39.42 5.96
N THR A 742 79.01 -40.05 4.98
CA THR A 742 78.28 -40.40 3.76
C THR A 742 78.36 -41.84 3.28
N SER A 743 77.19 -42.46 3.15
CA SER A 743 77.08 -43.82 2.66
C SER A 743 76.59 -43.64 1.24
N GLU A 744 76.20 -44.73 0.59
CA GLU A 744 75.66 -44.64 -0.76
C GLU A 744 74.15 -44.62 -0.57
N MET A 745 73.74 -45.01 0.63
CA MET A 745 72.32 -45.08 0.97
C MET A 745 71.92 -44.07 2.03
N ASP A 746 72.89 -43.39 2.65
CA ASP A 746 72.56 -42.40 3.68
C ASP A 746 73.48 -41.21 3.83
N PHE A 747 72.96 -40.18 4.48
CA PHE A 747 73.68 -38.96 4.78
C PHE A 747 73.44 -38.86 6.27
N CYS A 748 74.50 -38.98 7.07
CA CYS A 748 74.33 -38.91 8.52
C CYS A 748 75.04 -37.73 9.16
N ILE A 749 74.28 -36.88 9.83
CA ILE A 749 74.86 -35.72 10.49
C ILE A 749 74.89 -35.97 11.99
N GLU A 750 76.06 -35.79 12.58
CA GLU A 750 76.23 -35.98 14.01
C GLU A 750 76.73 -34.70 14.63
N LEU A 751 76.24 -34.41 15.82
CA LEU A 751 76.67 -33.23 16.54
C LEU A 751 76.51 -33.55 18.01
N GLY A 752 77.65 -33.68 18.70
CA GLY A 752 77.60 -34.01 20.10
C GLY A 752 76.82 -35.28 20.34
N ASN A 753 75.70 -35.15 21.05
CA ASN A 753 74.85 -36.28 21.37
C ASN A 753 73.87 -36.68 20.24
N LYS A 754 73.34 -35.67 19.56
CA LYS A 754 72.37 -35.85 18.48
C LYS A 754 72.90 -36.50 17.18
N ARG A 755 72.05 -37.28 16.52
CA ARG A 755 72.40 -37.98 15.29
C ARG A 755 71.25 -37.92 14.28
N TRP A 756 71.54 -37.43 13.08
CA TRP A 756 70.53 -37.32 12.02
C TRP A 756 70.82 -38.24 10.85
N GLN A 757 69.78 -38.92 10.34
CA GLN A 757 69.96 -39.82 9.21
C GLN A 757 68.97 -39.62 8.07
N PHE A 758 69.49 -39.25 6.90
CA PHE A 758 68.65 -39.04 5.74
C PHE A 758 68.84 -40.18 4.76
N ASN A 759 67.79 -40.96 4.52
CA ASN A 759 67.87 -42.08 3.59
C ASN A 759 67.94 -41.54 2.16
N ARG A 760 69.10 -41.67 1.52
CA ARG A 760 69.32 -41.17 0.16
C ARG A 760 68.46 -41.87 -0.89
N GLN A 761 67.74 -42.90 -0.48
CA GLN A 761 66.89 -43.66 -1.39
C GLN A 761 65.46 -43.09 -1.38
N SER A 762 65.12 -42.39 -0.30
CA SER A 762 63.80 -41.77 -0.14
C SER A 762 63.90 -40.28 -0.40
N GLY A 763 64.70 -39.63 0.44
CA GLY A 763 64.88 -38.20 0.34
C GLY A 763 64.22 -37.61 1.57
N PHE A 764 63.94 -38.48 2.53
CA PHE A 764 63.31 -38.08 3.78
C PHE A 764 64.16 -38.42 4.98
N LEU A 765 63.95 -37.68 6.06
CA LEU A 765 64.67 -37.92 7.31
C LEU A 765 64.10 -39.24 7.78
N SER A 766 64.91 -40.29 7.76
CA SER A 766 64.46 -41.60 8.18
C SER A 766 64.66 -41.89 9.65
N GLN A 767 65.52 -41.12 10.32
CA GLN A 767 65.75 -41.35 11.74
C GLN A 767 66.65 -40.33 12.41
N MET A 768 66.39 -40.13 13.70
CA MET A 768 67.15 -39.19 14.54
C MET A 768 67.43 -39.90 15.85
N TRP A 769 68.48 -39.46 16.54
CA TRP A 769 68.87 -40.07 17.81
C TRP A 769 69.32 -39.08 18.87
N ILE A 770 68.87 -39.33 20.09
CA ILE A 770 69.25 -38.52 21.24
C ILE A 770 69.85 -39.60 22.15
N GLY A 771 71.10 -39.94 21.89
CA GLY A 771 71.77 -40.98 22.65
C GLY A 771 71.56 -42.26 21.86
N ASP A 772 71.30 -43.35 22.56
CA ASP A 772 71.05 -44.62 21.88
C ASP A 772 69.54 -44.78 21.75
N LYS A 773 68.83 -43.65 21.79
CA LYS A 773 67.38 -43.62 21.71
C LYS A 773 66.86 -43.15 20.36
N LYS A 774 66.09 -44.01 19.70
CA LYS A 774 65.51 -43.69 18.39
C LYS A 774 64.46 -42.61 18.61
N GLN A 775 64.20 -41.80 17.59
CA GLN A 775 63.21 -40.73 17.72
C GLN A 775 61.99 -40.87 16.82
N LEU A 776 62.14 -41.59 15.72
CA LEU A 776 61.04 -41.77 14.78
C LEU A 776 60.69 -43.23 14.53
N LEU A 777 59.40 -43.49 14.33
CA LEU A 777 58.90 -44.83 14.04
C LEU A 777 58.48 -44.86 12.57
N THR A 778 58.41 -43.68 11.98
CA THR A 778 58.03 -43.53 10.57
C THR A 778 58.75 -42.29 10.04
N PRO A 779 59.32 -42.39 8.84
CA PRO A 779 60.04 -41.25 8.26
C PRO A 779 59.23 -39.95 8.25
N LEU A 780 59.94 -38.83 8.29
CA LEU A 780 59.33 -37.50 8.25
C LEU A 780 59.05 -37.19 6.78
N ARG A 781 57.80 -37.35 6.36
CA ARG A 781 57.44 -37.12 4.96
C ARG A 781 56.38 -36.03 4.77
N ASP A 782 56.20 -35.60 3.52
CA ASP A 782 55.20 -34.59 3.19
C ASP A 782 53.83 -35.25 3.21
N GLN A 783 52.80 -34.45 3.39
CA GLN A 783 51.42 -34.96 3.39
C GLN A 783 50.51 -33.93 2.74
N PHE A 784 49.64 -34.37 1.83
CA PHE A 784 48.75 -33.44 1.15
C PHE A 784 47.29 -33.84 1.26
N THR A 785 47.03 -34.86 2.07
CA THR A 785 45.68 -35.35 2.27
C THR A 785 45.31 -35.33 3.74
N ARG A 786 44.07 -35.66 4.05
CA ARG A 786 43.64 -35.70 5.44
C ARG A 786 42.48 -36.66 5.59
N ALA A 787 42.31 -37.21 6.79
CA ALA A 787 41.22 -38.13 7.07
C ALA A 787 39.93 -37.35 6.78
N PRO A 788 39.28 -37.65 5.64
CA PRO A 788 38.05 -36.95 5.23
C PRO A 788 37.05 -36.63 6.33
N LEU A 789 36.70 -35.36 6.43
CA LEU A 789 35.74 -34.86 7.42
C LEU A 789 34.36 -35.17 6.88
N ASP A 790 33.34 -35.08 7.73
CA ASP A 790 32.01 -35.35 7.23
C ASP A 790 31.75 -34.37 6.08
N ASN A 791 32.14 -33.11 6.25
CA ASN A 791 31.94 -32.13 5.19
C ASN A 791 32.72 -32.43 3.91
N ASP A 792 33.78 -33.23 4.02
CA ASP A 792 34.57 -33.59 2.83
C ASP A 792 33.90 -34.75 2.10
N ILE A 793 33.09 -35.51 2.83
CA ILE A 793 32.42 -36.68 2.28
C ILE A 793 31.04 -36.38 1.74
N GLY A 794 30.32 -35.50 2.41
CA GLY A 794 28.98 -35.18 1.97
C GLY A 794 28.11 -36.41 2.02
N VAL A 795 27.37 -36.66 0.96
CA VAL A 795 26.48 -37.82 0.89
C VAL A 795 27.03 -38.93 -0.01
N SER A 796 28.33 -38.88 -0.27
CA SER A 796 28.94 -39.89 -1.12
C SER A 796 29.11 -41.20 -0.35
N GLU A 797 28.55 -42.28 -0.90
CA GLU A 797 28.65 -43.57 -0.24
C GLU A 797 29.42 -44.60 -1.04
N ALA A 798 29.67 -45.74 -0.41
CA ALA A 798 30.39 -46.88 -1.00
C ALA A 798 29.90 -47.24 -2.39
N THR A 799 28.60 -47.50 -2.50
CA THR A 799 27.99 -47.89 -3.76
C THR A 799 27.60 -46.66 -4.60
N ARG A 800 27.08 -45.63 -3.94
CA ARG A 800 26.66 -44.40 -4.62
C ARG A 800 27.71 -43.31 -4.40
N ILE A 801 28.52 -43.06 -5.43
CA ILE A 801 29.57 -42.05 -5.33
C ILE A 801 29.15 -40.68 -5.83
N ASP A 802 29.46 -39.66 -5.02
CA ASP A 802 29.16 -38.29 -5.41
C ASP A 802 30.49 -37.72 -5.92
N PRO A 803 30.68 -37.68 -7.25
CA PRO A 803 31.89 -37.17 -7.87
C PRO A 803 32.25 -35.73 -7.53
N ASN A 804 31.29 -35.00 -6.98
CA ASN A 804 31.53 -33.60 -6.64
C ASN A 804 32.13 -33.38 -5.26
N ALA A 805 31.81 -34.27 -4.32
CA ALA A 805 32.32 -34.15 -2.96
C ALA A 805 33.84 -34.03 -2.94
N TRP A 806 34.37 -33.22 -2.04
CA TRP A 806 35.81 -33.05 -1.96
C TRP A 806 36.56 -34.38 -1.87
N VAL A 807 36.08 -35.29 -1.02
CA VAL A 807 36.76 -36.57 -0.87
C VAL A 807 36.85 -37.33 -2.18
N GLU A 808 35.78 -37.31 -2.97
CA GLU A 808 35.81 -38.01 -4.24
C GLU A 808 36.74 -37.32 -5.23
N ARG A 809 36.67 -35.99 -5.30
CA ARG A 809 37.53 -35.24 -6.21
C ARG A 809 38.98 -35.60 -5.92
N TRP A 810 39.31 -35.69 -4.63
CA TRP A 810 40.68 -36.03 -4.22
C TRP A 810 41.01 -37.46 -4.61
N LYS A 811 40.14 -38.39 -4.23
CA LYS A 811 40.35 -39.79 -4.55
C LYS A 811 40.61 -39.94 -6.05
N ALA A 812 39.67 -39.47 -6.86
CA ALA A 812 39.81 -39.55 -8.30
C ALA A 812 41.14 -38.99 -8.77
N ALA A 813 41.48 -37.80 -8.27
CA ALA A 813 42.72 -37.13 -8.65
C ALA A 813 43.96 -37.94 -8.29
N GLY A 814 43.82 -38.83 -7.30
CA GLY A 814 44.93 -39.67 -6.88
C GLY A 814 45.71 -39.19 -5.67
N HIS A 815 45.24 -38.14 -5.02
CA HIS A 815 45.94 -37.62 -3.85
C HIS A 815 46.16 -38.64 -2.74
N TYR A 816 45.20 -39.53 -2.55
CA TYR A 816 45.31 -40.53 -1.50
C TYR A 816 46.29 -41.67 -1.77
N GLN A 817 46.74 -41.77 -3.01
CA GLN A 817 47.70 -42.81 -3.37
C GLN A 817 48.71 -42.28 -4.35
N ALA A 818 49.46 -41.28 -3.90
CA ALA A 818 50.48 -40.68 -4.73
C ALA A 818 51.86 -41.22 -4.36
N GLU A 819 52.60 -41.66 -5.36
CA GLU A 819 53.93 -42.21 -5.17
C GLU A 819 54.93 -41.04 -5.19
N ALA A 820 55.67 -40.89 -4.10
CA ALA A 820 56.65 -39.81 -4.00
C ALA A 820 57.96 -40.16 -4.72
N ALA A 821 58.15 -39.60 -5.91
CA ALA A 821 59.36 -39.87 -6.68
C ALA A 821 60.45 -38.88 -6.33
N LEU A 822 61.67 -39.39 -6.11
CA LEU A 822 62.79 -38.52 -5.76
C LEU A 822 63.46 -37.89 -6.96
N LEU A 823 63.55 -36.56 -6.95
CA LEU A 823 64.17 -35.81 -8.03
C LEU A 823 65.62 -35.47 -7.69
N GLN A 824 65.86 -35.18 -6.42
CA GLN A 824 67.20 -34.80 -5.99
C GLN A 824 67.38 -34.99 -4.49
N CYS A 825 68.61 -35.26 -4.08
CA CYS A 825 68.94 -35.45 -2.67
C CYS A 825 70.45 -35.31 -2.49
N THR A 826 70.90 -34.08 -2.24
CA THR A 826 72.32 -33.81 -2.07
C THR A 826 72.63 -33.29 -0.68
N ALA A 827 73.91 -33.34 -0.32
CA ALA A 827 74.39 -32.87 0.97
C ALA A 827 75.65 -32.03 0.76
N ASP A 828 75.73 -30.91 1.47
CA ASP A 828 76.88 -30.02 1.36
C ASP A 828 77.35 -29.60 2.74
N THR A 829 78.60 -29.19 2.84
CA THR A 829 79.16 -28.76 4.10
C THR A 829 79.34 -27.25 4.04
N LEU A 830 78.94 -26.58 5.11
CA LEU A 830 79.06 -25.14 5.17
C LEU A 830 80.02 -24.77 6.27
N ALA A 831 80.30 -23.48 6.39
CA ALA A 831 81.22 -22.99 7.41
C ALA A 831 80.80 -23.34 8.83
N ASP A 832 79.58 -23.85 8.99
CA ASP A 832 79.12 -24.18 10.34
C ASP A 832 77.85 -25.00 10.39
N ALA A 833 77.60 -25.81 9.36
CA ALA A 833 76.40 -26.63 9.33
C ALA A 833 76.34 -27.49 8.09
N VAL A 834 75.67 -28.64 8.20
CA VAL A 834 75.51 -29.54 7.07
C VAL A 834 74.23 -29.11 6.38
N LEU A 835 74.16 -29.32 5.06
CA LEU A 835 72.99 -28.88 4.31
C LEU A 835 72.42 -29.94 3.37
N ILE A 836 71.30 -30.54 3.76
CA ILE A 836 70.67 -31.56 2.91
C ILE A 836 69.56 -30.95 2.06
N THR A 837 69.66 -31.18 0.75
CA THR A 837 68.70 -30.66 -0.20
C THR A 837 67.91 -31.79 -0.86
N THR A 838 66.59 -31.76 -0.71
CA THR A 838 65.77 -32.80 -1.32
C THR A 838 64.82 -32.13 -2.31
N ALA A 839 64.10 -32.96 -3.05
CA ALA A 839 63.15 -32.47 -4.05
C ALA A 839 62.38 -33.69 -4.56
N HIS A 840 61.09 -33.75 -4.25
CA HIS A 840 60.26 -34.87 -4.67
C HIS A 840 59.12 -34.47 -5.60
N ALA A 841 58.61 -35.44 -6.33
CA ALA A 841 57.52 -35.21 -7.26
C ALA A 841 56.43 -36.27 -7.06
N TRP A 842 55.37 -35.90 -6.34
CA TRP A 842 54.26 -36.83 -6.12
C TRP A 842 53.43 -36.90 -7.38
N GLN A 843 53.23 -38.11 -7.89
CA GLN A 843 52.47 -38.27 -9.11
C GLN A 843 51.45 -39.37 -9.01
N HIS A 844 50.68 -39.51 -10.09
CA HIS A 844 49.67 -40.54 -10.18
C HIS A 844 49.32 -40.68 -11.64
N GLN A 845 49.62 -41.86 -12.19
CA GLN A 845 49.36 -42.13 -13.58
C GLN A 845 50.00 -41.08 -14.46
N GLY A 846 51.27 -40.80 -14.20
CA GLY A 846 51.98 -39.82 -14.99
C GLY A 846 51.82 -38.39 -14.51
N LYS A 847 50.58 -37.99 -14.21
CA LYS A 847 50.31 -36.63 -13.76
C LYS A 847 51.08 -36.23 -12.51
N THR A 848 51.84 -35.14 -12.61
CA THR A 848 52.60 -34.65 -11.48
C THR A 848 51.67 -33.77 -10.67
N LEU A 849 51.29 -34.24 -9.50
CA LEU A 849 50.38 -33.51 -8.63
C LEU A 849 51.06 -32.45 -7.75
N PHE A 850 52.11 -32.86 -7.06
CA PHE A 850 52.82 -31.93 -6.18
C PHE A 850 54.33 -32.07 -6.34
N ILE A 851 55.05 -31.00 -6.02
CA ILE A 851 56.50 -31.01 -6.06
C ILE A 851 56.91 -30.38 -4.75
N SER A 852 57.78 -31.05 -4.01
CA SER A 852 58.22 -30.55 -2.73
C SER A 852 59.72 -30.42 -2.63
N ARG A 853 60.20 -29.19 -2.67
CA ARG A 853 61.63 -28.91 -2.56
C ARG A 853 61.91 -28.51 -1.13
N LYS A 854 62.94 -29.10 -0.53
CA LYS A 854 63.30 -28.77 0.85
C LYS A 854 64.81 -28.65 1.04
N THR A 855 65.20 -28.05 2.16
CA THR A 855 66.59 -27.90 2.51
C THR A 855 66.67 -27.95 4.02
N TYR A 856 67.37 -28.96 4.54
CA TYR A 856 67.53 -29.10 5.98
C TYR A 856 68.89 -28.53 6.38
N ARG A 857 68.90 -27.65 7.38
CA ARG A 857 70.14 -27.05 7.83
C ARG A 857 70.42 -27.26 9.31
N ILE A 858 71.26 -28.25 9.60
CA ILE A 858 71.64 -28.57 10.96
C ILE A 858 72.94 -27.85 11.28
N ASP A 859 72.89 -26.96 12.27
CA ASP A 859 74.07 -26.17 12.63
C ASP A 859 74.66 -26.53 13.99
N GLY A 860 75.70 -25.77 14.36
CA GLY A 860 76.39 -25.99 15.62
C GLY A 860 75.54 -26.03 16.87
N SER A 861 74.50 -25.21 16.93
CA SER A 861 73.63 -25.18 18.10
C SER A 861 72.77 -26.45 18.16
N GLY A 862 72.91 -27.29 17.14
CA GLY A 862 72.16 -28.53 17.10
C GLY A 862 70.69 -28.37 16.74
N GLN A 863 70.37 -27.36 15.95
CA GLN A 863 69.00 -27.11 15.54
C GLN A 863 68.82 -27.40 14.06
N MET A 864 67.76 -28.13 13.72
CA MET A 864 67.48 -28.45 12.34
C MET A 864 66.47 -27.48 11.75
N ALA A 865 66.87 -26.76 10.70
CA ALA A 865 66.00 -25.80 10.05
C ALA A 865 65.47 -26.34 8.73
N ILE A 866 64.22 -26.77 8.73
CA ILE A 866 63.59 -27.31 7.54
C ILE A 866 62.86 -26.22 6.76
N THR A 867 63.23 -26.02 5.50
CA THR A 867 62.59 -25.03 4.64
C THR A 867 61.89 -25.74 3.48
N VAL A 868 60.57 -25.67 3.45
CA VAL A 868 59.78 -26.31 2.41
C VAL A 868 59.18 -25.34 1.40
N ASP A 869 59.15 -25.77 0.15
CA ASP A 869 58.59 -24.98 -0.95
C ASP A 869 57.85 -25.92 -1.87
N VAL A 870 56.53 -25.95 -1.72
CA VAL A 870 55.69 -26.84 -2.53
C VAL A 870 55.02 -26.19 -3.74
N GLU A 871 54.78 -27.01 -4.76
CA GLU A 871 54.10 -26.58 -5.99
C GLU A 871 52.89 -27.47 -6.16
N VAL A 872 51.76 -26.90 -6.56
CA VAL A 872 50.57 -27.69 -6.75
C VAL A 872 49.99 -27.47 -8.13
N ALA A 873 49.75 -28.55 -8.85
CA ALA A 873 49.20 -28.46 -10.19
C ALA A 873 47.93 -27.63 -10.19
N SER A 874 47.90 -26.61 -11.05
CA SER A 874 46.76 -25.72 -11.15
C SER A 874 45.61 -26.39 -11.86
N ASP A 875 45.58 -27.71 -11.85
CA ASP A 875 44.48 -28.44 -12.48
C ASP A 875 44.22 -29.75 -11.77
N THR A 876 44.54 -29.76 -10.47
CA THR A 876 44.30 -30.90 -9.59
C THR A 876 43.59 -30.33 -8.36
N PRO A 877 42.45 -30.93 -7.97
CA PRO A 877 41.72 -30.41 -6.80
C PRO A 877 42.67 -29.92 -5.73
N HIS A 878 42.37 -28.75 -5.18
CA HIS A 878 43.20 -28.15 -4.14
C HIS A 878 43.37 -29.11 -2.99
N PRO A 879 44.62 -29.32 -2.56
CA PRO A 879 44.94 -30.23 -1.45
C PRO A 879 44.26 -29.88 -0.14
N ALA A 880 43.97 -30.92 0.64
CA ALA A 880 43.34 -30.76 1.95
C ALA A 880 44.32 -30.10 2.91
N ARG A 881 45.61 -30.23 2.61
CA ARG A 881 46.66 -29.64 3.44
C ARG A 881 48.02 -29.68 2.75
N ILE A 882 48.97 -28.94 3.32
CA ILE A 882 50.33 -28.90 2.79
C ILE A 882 51.26 -28.84 3.99
N GLY A 883 51.78 -29.99 4.40
CA GLY A 883 52.67 -30.02 5.53
C GLY A 883 53.54 -31.26 5.56
N LEU A 884 53.96 -31.63 6.76
CA LEU A 884 54.80 -32.80 6.96
C LEU A 884 54.19 -33.64 8.06
N ASN A 885 54.65 -34.88 8.19
CA ASN A 885 54.16 -35.74 9.25
C ASN A 885 55.12 -36.89 9.45
N CYS A 886 55.05 -37.47 10.64
CA CYS A 886 55.91 -38.58 11.01
C CYS A 886 55.38 -39.15 12.31
N GLN A 887 55.72 -40.41 12.59
CA GLN A 887 55.29 -41.04 13.82
C GLN A 887 56.42 -40.99 14.83
N LEU A 888 56.29 -40.12 15.83
CA LEU A 888 57.32 -39.98 16.86
C LEU A 888 57.33 -41.26 17.69
N ALA A 889 58.47 -41.53 18.35
CA ALA A 889 58.57 -42.72 19.17
C ALA A 889 58.04 -42.52 20.59
N GLN A 890 58.21 -41.32 21.13
CA GLN A 890 57.76 -41.02 22.49
C GLN A 890 56.24 -40.94 22.63
N VAL A 891 55.81 -40.86 23.89
CA VAL A 891 54.40 -40.76 24.24
C VAL A 891 54.34 -39.99 25.55
N ALA A 892 54.38 -38.66 25.45
CA ALA A 892 54.36 -37.80 26.62
C ALA A 892 52.96 -37.56 27.14
N GLU A 893 52.88 -37.07 28.38
CA GLU A 893 51.61 -36.81 29.02
C GLU A 893 51.01 -35.45 28.70
N ARG A 894 51.85 -34.49 28.37
CA ARG A 894 51.36 -33.14 28.06
C ARG A 894 51.80 -32.61 26.71
N VAL A 895 51.14 -31.55 26.27
CA VAL A 895 51.46 -30.87 25.03
C VAL A 895 51.39 -29.39 25.35
N ASN A 896 52.45 -28.68 25.03
CA ASN A 896 52.54 -27.25 25.28
C ASN A 896 52.84 -26.54 23.98
N TRP A 897 52.11 -25.46 23.72
CA TRP A 897 52.33 -24.71 22.50
C TRP A 897 51.93 -23.23 22.62
N LEU A 898 52.60 -22.40 21.84
CA LEU A 898 52.33 -20.97 21.82
C LEU A 898 51.59 -20.75 20.51
N GLY A 899 50.28 -20.54 20.61
CA GLY A 899 49.48 -20.32 19.42
C GLY A 899 47.99 -20.26 19.74
N LEU A 900 47.16 -20.55 18.74
CA LEU A 900 45.73 -20.51 18.93
C LEU A 900 45.18 -21.71 19.66
N GLY A 901 44.48 -21.44 20.76
CA GLY A 901 43.91 -22.51 21.55
C GLY A 901 42.94 -21.97 22.59
N PRO A 902 42.63 -22.77 23.63
CA PRO A 902 43.16 -24.12 23.84
C PRO A 902 42.51 -25.20 22.98
N GLN A 903 41.25 -24.97 22.61
CA GLN A 903 40.51 -25.96 21.84
C GLN A 903 40.86 -26.07 20.37
N GLU A 904 40.38 -27.16 19.79
CA GLU A 904 40.59 -27.44 18.39
C GLU A 904 40.10 -26.26 17.56
N ASN A 905 40.91 -25.85 16.58
CA ASN A 905 40.53 -24.73 15.72
C ASN A 905 41.12 -24.89 14.32
N TYR A 906 40.32 -24.55 13.32
CA TYR A 906 40.75 -24.65 11.93
C TYR A 906 40.65 -23.28 11.27
N PRO A 907 41.36 -23.09 10.13
CA PRO A 907 41.36 -21.82 9.41
C PRO A 907 40.02 -21.08 9.37
N ASP A 908 38.98 -21.76 8.92
CA ASP A 908 37.66 -21.16 8.81
C ASP A 908 36.80 -21.27 10.07
N ARG A 909 37.42 -21.61 11.19
CA ARG A 909 36.71 -21.71 12.48
C ARG A 909 37.74 -21.57 13.60
N LEU A 910 38.28 -20.37 13.75
CA LEU A 910 39.28 -20.12 14.77
C LEU A 910 39.14 -18.76 15.44
N THR A 911 38.06 -18.04 15.14
CA THR A 911 37.84 -16.73 15.73
C THR A 911 37.83 -16.81 17.25
N ALA A 912 37.14 -17.81 17.78
CA ALA A 912 37.02 -18.01 19.22
C ALA A 912 38.33 -18.33 19.92
N ALA A 913 39.26 -18.96 19.21
CA ALA A 913 40.55 -19.33 19.81
C ALA A 913 41.39 -18.09 20.12
N CYS A 914 42.21 -18.20 21.15
CA CYS A 914 43.08 -17.08 21.55
C CYS A 914 44.54 -17.47 21.45
N PHE A 915 45.39 -16.47 21.22
CA PHE A 915 46.82 -16.70 21.11
C PHE A 915 47.45 -16.59 22.48
N ASP A 916 48.12 -17.66 22.90
CA ASP A 916 48.76 -17.70 24.21
C ASP A 916 49.54 -19.01 24.36
N ARG A 917 50.04 -19.24 25.55
CA ARG A 917 50.79 -20.45 25.87
C ARG A 917 49.77 -21.42 26.42
N TRP A 918 49.60 -22.56 25.76
CA TRP A 918 48.64 -23.56 26.24
C TRP A 918 49.32 -24.87 26.60
N ASP A 919 48.83 -25.49 27.67
CA ASP A 919 49.37 -26.76 28.13
C ASP A 919 48.22 -27.70 28.46
N LEU A 920 48.15 -28.84 27.77
CA LEU A 920 47.08 -29.81 27.99
C LEU A 920 47.57 -31.24 27.88
N PRO A 921 46.80 -32.19 28.41
CA PRO A 921 47.23 -33.59 28.33
C PRO A 921 47.05 -34.08 26.89
N LEU A 922 47.97 -34.90 26.41
CA LEU A 922 47.94 -35.43 25.04
C LEU A 922 46.55 -35.78 24.53
N SER A 923 45.71 -36.31 25.41
CA SER A 923 44.36 -36.71 25.06
C SER A 923 43.45 -35.57 24.61
N ASP A 924 43.62 -34.38 25.19
CA ASP A 924 42.79 -33.25 24.80
C ASP A 924 43.17 -32.68 23.43
N MET A 925 44.18 -33.28 22.79
CA MET A 925 44.59 -32.83 21.48
C MET A 925 43.92 -33.74 20.46
N TYR A 926 42.93 -34.49 20.95
CA TYR A 926 42.16 -35.41 20.12
C TYR A 926 40.67 -35.19 20.37
N THR A 927 39.91 -34.93 19.30
CA THR A 927 38.47 -34.72 19.43
C THR A 927 37.73 -35.99 19.07
N PRO A 928 37.06 -36.61 20.06
CA PRO A 928 36.30 -37.84 19.94
C PRO A 928 35.05 -37.82 19.06
N TYR A 929 35.14 -37.26 17.87
CA TYR A 929 33.95 -37.25 17.01
C TYR A 929 33.56 -38.70 16.80
N VAL A 930 32.29 -39.01 17.02
CA VAL A 930 31.81 -40.37 16.84
C VAL A 930 32.29 -40.98 15.51
N PHE A 931 32.25 -40.22 14.44
CA PHE A 931 32.75 -40.70 13.16
C PHE A 931 34.16 -40.11 13.03
N PRO A 932 35.19 -40.96 13.11
CA PRO A 932 36.59 -40.51 13.01
C PRO A 932 36.94 -39.75 11.73
N SER A 933 37.79 -38.73 11.89
CA SER A 933 38.27 -37.91 10.78
C SER A 933 39.40 -37.00 11.28
N GLU A 934 40.00 -36.25 10.37
CA GLU A 934 41.05 -35.30 10.72
C GLU A 934 40.50 -34.46 11.88
N ASN A 935 41.30 -34.27 12.93
CA ASN A 935 40.83 -33.49 14.07
C ASN A 935 41.94 -33.01 14.99
N GLY A 936 41.54 -32.12 15.90
CA GLY A 936 42.44 -31.57 16.89
C GLY A 936 43.44 -30.53 16.42
N LEU A 937 43.34 -30.12 15.16
CA LEU A 937 44.25 -29.13 14.63
C LEU A 937 44.23 -27.85 15.46
N ARG A 938 45.37 -27.16 15.51
CA ARG A 938 45.51 -25.91 16.21
C ARG A 938 46.30 -25.01 15.27
N CYS A 939 45.74 -23.86 14.92
CA CYS A 939 46.40 -22.96 13.98
C CYS A 939 47.18 -21.83 14.61
N GLY A 940 48.02 -21.19 13.79
CA GLY A 940 48.81 -20.06 14.25
C GLY A 940 49.72 -20.37 15.42
N THR A 941 50.44 -21.48 15.31
CA THR A 941 51.34 -21.87 16.38
C THR A 941 52.78 -21.51 16.02
N ARG A 942 53.44 -20.80 16.94
CA ARG A 942 54.82 -20.38 16.74
C ARG A 942 55.79 -21.29 17.48
N GLU A 943 55.28 -21.99 18.50
CA GLU A 943 56.10 -22.89 19.29
C GLU A 943 55.34 -24.10 19.79
N LEU A 944 55.83 -25.29 19.47
CA LEU A 944 55.21 -26.53 19.90
C LEU A 944 56.19 -27.37 20.71
N ASN A 945 55.75 -27.81 21.89
CA ASN A 945 56.58 -28.62 22.77
C ASN A 945 55.96 -29.97 23.14
N TYR A 946 56.64 -31.05 22.77
CA TYR A 946 56.18 -32.40 23.08
C TYR A 946 57.39 -33.25 23.43
N GLY A 947 57.41 -33.75 24.68
CA GLY A 947 58.53 -34.56 25.11
C GLY A 947 59.81 -33.76 25.01
N PRO A 948 60.89 -34.36 24.48
CA PRO A 948 62.18 -33.67 24.33
C PRO A 948 62.15 -32.65 23.19
N HIS A 949 61.18 -32.81 22.31
CA HIS A 949 61.03 -31.96 21.13
C HIS A 949 60.45 -30.56 21.31
N GLN A 950 60.78 -29.72 20.35
CA GLN A 950 60.28 -28.36 20.25
C GLN A 950 60.35 -28.00 18.78
N TRP A 951 59.22 -27.54 18.23
CA TRP A 951 59.16 -27.14 16.84
C TRP A 951 58.81 -25.66 16.83
N ARG A 952 59.50 -24.89 16.01
CA ARG A 952 59.23 -23.46 15.93
C ARG A 952 59.01 -22.98 14.51
N GLY A 953 58.13 -21.98 14.38
CA GLY A 953 57.81 -21.42 13.09
C GLY A 953 56.48 -20.71 13.13
N ASP A 954 55.64 -20.99 12.13
CA ASP A 954 54.32 -20.38 12.01
C ASP A 954 53.44 -21.42 11.31
N PHE A 955 53.15 -22.50 12.01
CA PHE A 955 52.39 -23.63 11.47
C PHE A 955 51.11 -23.98 12.23
N GLN A 956 50.45 -25.02 11.72
CA GLN A 956 49.22 -25.58 12.30
C GLN A 956 49.62 -27.01 12.66
N PHE A 957 48.91 -27.64 13.59
CA PHE A 957 49.27 -29.00 13.96
C PHE A 957 48.18 -29.74 14.71
N ASN A 958 48.30 -31.06 14.71
CA ASN A 958 47.41 -31.93 15.46
C ASN A 958 48.33 -33.06 15.88
N ILE A 959 48.23 -33.47 17.14
CA ILE A 959 49.10 -34.50 17.66
C ILE A 959 48.31 -35.52 18.50
N SER A 960 48.34 -36.79 18.09
CA SER A 960 47.61 -37.82 18.82
C SER A 960 48.21 -39.20 18.59
N ARG A 961 47.52 -40.20 19.11
CA ARG A 961 47.98 -41.58 18.98
C ARG A 961 47.33 -42.29 17.78
N TYR A 962 46.68 -41.54 16.91
CA TYR A 962 46.03 -42.11 15.74
C TYR A 962 46.53 -41.49 14.44
N SER A 963 46.88 -42.36 13.49
CA SER A 963 47.36 -41.93 12.19
C SER A 963 46.21 -41.49 11.28
N GLN A 964 46.49 -40.57 10.37
CA GLN A 964 45.47 -40.11 9.45
C GLN A 964 44.87 -41.31 8.77
N GLN A 965 45.70 -42.29 8.45
CA GLN A 965 45.22 -43.49 7.80
C GLN A 965 44.19 -44.23 8.64
N GLN A 966 44.55 -44.55 9.89
CA GLN A 966 43.61 -45.27 10.75
C GLN A 966 42.30 -44.51 10.81
N LEU A 967 42.41 -43.20 11.07
CA LEU A 967 41.25 -42.33 11.18
C LEU A 967 40.31 -42.40 9.98
N MET A 968 40.86 -42.46 8.77
CA MET A 968 40.02 -42.51 7.59
C MET A 968 39.54 -43.92 7.27
N GLU A 969 40.11 -44.92 7.94
CA GLU A 969 39.70 -46.31 7.71
C GLU A 969 38.76 -46.78 8.82
N THR A 970 38.70 -46.01 9.90
CA THR A 970 37.84 -46.35 11.03
C THR A 970 36.51 -45.61 10.98
N SER A 971 35.42 -46.32 11.27
CA SER A 971 34.08 -45.74 11.22
C SER A 971 33.53 -45.21 12.54
N HIS A 972 33.96 -45.78 13.65
CA HIS A 972 33.48 -45.35 14.96
C HIS A 972 34.65 -45.08 15.88
N ARG A 973 34.54 -44.03 16.69
CA ARG A 973 35.60 -43.65 17.61
C ARG A 973 35.98 -44.75 18.60
N HIS A 974 35.08 -45.71 18.83
CA HIS A 974 35.37 -46.77 19.78
C HIS A 974 36.17 -47.93 19.17
N LEU A 975 36.41 -47.91 17.86
CA LEU A 975 37.16 -48.96 17.22
C LEU A 975 38.58 -48.48 16.94
N LEU A 976 38.91 -47.30 17.46
CA LEU A 976 40.23 -46.72 17.27
C LEU A 976 41.18 -47.28 18.33
N HIS A 977 42.35 -47.72 17.89
CA HIS A 977 43.32 -48.24 18.83
C HIS A 977 44.56 -47.35 18.82
N ALA A 978 45.07 -47.02 20.01
CA ALA A 978 46.26 -46.19 20.09
C ALA A 978 47.37 -46.91 19.34
N GLU A 979 48.26 -46.14 18.72
CA GLU A 979 49.35 -46.73 17.97
C GLU A 979 50.66 -46.47 18.70
N GLU A 980 51.72 -47.14 18.28
CA GLU A 980 53.02 -46.94 18.90
C GLU A 980 53.44 -45.49 18.71
N GLY A 981 53.87 -44.85 19.79
CA GLY A 981 54.32 -43.47 19.68
C GLY A 981 53.22 -42.45 19.47
N THR A 982 53.61 -41.26 19.02
CA THR A 982 52.68 -40.17 18.80
C THR A 982 52.77 -39.61 17.39
N TRP A 983 51.65 -39.61 16.68
CA TRP A 983 51.65 -39.08 15.33
C TRP A 983 51.60 -37.56 15.31
N LEU A 984 52.54 -36.96 14.58
CA LEU A 984 52.61 -35.50 14.47
C LEU A 984 52.33 -35.04 13.05
N ASN A 985 51.35 -34.14 12.91
CA ASN A 985 51.00 -33.59 11.61
C ASN A 985 51.25 -32.10 11.70
N ILE A 986 52.31 -31.64 11.04
CA ILE A 986 52.63 -30.22 11.04
C ILE A 986 52.35 -29.64 9.66
N ASP A 987 51.31 -28.81 9.61
CA ASP A 987 50.92 -28.19 8.37
C ASP A 987 51.37 -26.75 8.23
N GLY A 988 51.83 -26.41 7.04
CA GLY A 988 52.25 -25.05 6.78
C GLY A 988 50.95 -24.38 6.35
N PHE A 989 50.06 -25.18 5.78
CA PHE A 989 48.76 -24.71 5.31
C PHE A 989 47.71 -25.81 5.40
N HIS A 990 46.51 -25.46 5.86
CA HIS A 990 45.42 -26.43 5.99
C HIS A 990 44.12 -25.90 5.37
N MET A 991 43.47 -26.71 4.54
CA MET A 991 42.23 -26.29 3.90
C MET A 991 41.15 -26.11 4.97
N GLY A 992 40.19 -25.22 4.72
CA GLY A 992 39.13 -25.01 5.69
C GLY A 992 38.25 -26.24 5.83
N ILE A 993 37.49 -26.33 6.92
CA ILE A 993 36.62 -27.48 7.14
C ILE A 993 35.23 -27.30 6.54
N GLY A 994 34.82 -26.05 6.38
CA GLY A 994 33.51 -25.76 5.80
C GLY A 994 32.36 -26.17 6.70
N GLY A 995 31.15 -26.17 6.16
CA GLY A 995 30.00 -26.56 6.96
C GLY A 995 28.69 -25.82 6.72
N ASP A 996 28.63 -24.99 5.68
CA ASP A 996 27.39 -24.27 5.39
C ASP A 996 26.28 -25.28 5.20
N ASP A 997 26.69 -26.51 4.93
CA ASP A 997 25.81 -27.67 4.78
C ASP A 997 26.75 -28.85 4.62
N SER A 998 26.29 -30.05 4.92
CA SER A 998 27.17 -31.21 4.83
C SER A 998 26.83 -32.17 3.70
N TRP A 999 26.29 -31.65 2.59
CA TRP A 999 25.98 -32.51 1.47
C TRP A 999 26.40 -31.97 0.12
N SER A 1000 27.33 -31.02 0.15
CA SER A 1000 27.87 -30.41 -1.07
C SER A 1000 29.07 -29.55 -0.70
N PRO A 1001 30.05 -29.45 -1.60
CA PRO A 1001 31.22 -28.63 -1.30
C PRO A 1001 30.77 -27.34 -0.62
N SER A 1002 31.26 -27.10 0.59
CA SER A 1002 30.86 -25.91 1.33
C SER A 1002 32.02 -25.11 1.89
N VAL A 1003 33.23 -25.33 1.39
CA VAL A 1003 34.39 -24.57 1.87
C VAL A 1003 34.63 -23.35 1.00
N SER A 1004 34.56 -22.18 1.64
CA SER A 1004 34.73 -20.89 0.98
C SER A 1004 36.08 -20.83 0.26
N ALA A 1005 36.07 -20.22 -0.92
CA ALA A 1005 37.28 -20.09 -1.74
C ALA A 1005 38.50 -19.56 -1.03
N GLU A 1006 38.35 -18.52 -0.23
CA GLU A 1006 39.50 -17.96 0.46
C GLU A 1006 40.15 -18.95 1.40
N PHE A 1007 39.50 -20.10 1.63
CA PHE A 1007 40.04 -21.12 2.53
C PHE A 1007 40.46 -22.39 1.80
N GLN A 1008 40.64 -22.29 0.50
CA GLN A 1008 41.06 -23.42 -0.32
C GLN A 1008 42.52 -23.25 -0.73
N LEU A 1009 43.34 -24.24 -0.41
CA LEU A 1009 44.77 -24.17 -0.75
C LEU A 1009 44.92 -24.18 -2.28
N SER A 1010 44.78 -23.00 -2.88
CA SER A 1010 44.86 -22.86 -4.33
C SER A 1010 45.99 -21.97 -4.87
N ALA A 1011 46.73 -21.35 -3.97
CA ALA A 1011 47.83 -20.46 -4.36
C ALA A 1011 48.80 -21.04 -5.39
N GLY A 1012 48.83 -22.37 -5.51
CA GLY A 1012 49.71 -22.99 -6.47
C GLY A 1012 51.11 -23.23 -5.93
N ARG A 1013 51.70 -22.20 -5.34
CA ARG A 1013 53.04 -22.30 -4.76
C ARG A 1013 52.98 -21.90 -3.30
N TYR A 1014 53.40 -22.78 -2.41
CA TYR A 1014 53.39 -22.49 -0.98
C TYR A 1014 54.77 -22.58 -0.37
N HIS A 1015 54.95 -21.93 0.77
CA HIS A 1015 56.25 -21.94 1.45
C HIS A 1015 56.13 -21.78 2.97
N TYR A 1016 56.74 -22.72 3.70
CA TYR A 1016 56.73 -22.67 5.16
C TYR A 1016 58.09 -23.12 5.67
N GLN A 1017 58.47 -22.66 6.86
CA GLN A 1017 59.75 -23.05 7.45
C GLN A 1017 59.61 -23.46 8.90
N LEU A 1018 60.27 -24.57 9.23
CA LEU A 1018 60.24 -25.15 10.58
C LEU A 1018 61.64 -25.30 11.18
N VAL A 1019 61.69 -25.26 12.51
CA VAL A 1019 62.94 -25.45 13.21
C VAL A 1019 62.73 -26.51 14.28
N TRP A 1020 63.31 -27.69 14.05
CA TRP A 1020 63.20 -28.83 14.96
C TRP A 1020 64.42 -28.84 15.86
N CYS A 1021 64.20 -29.11 17.14
CA CYS A 1021 65.31 -29.16 18.09
C CYS A 1021 64.88 -29.79 19.40
N GLN A 1022 65.85 -29.95 20.30
CA GLN A 1022 65.63 -30.53 21.61
C GLN A 1022 65.58 -29.42 22.66
N LYS A 1023 64.48 -29.35 23.39
CA LYS A 1023 64.29 -28.33 24.41
C LYS A 1023 65.05 -28.70 25.68
N ARG B 13 21.57 50.05 -10.60
CA ARG B 13 20.57 49.05 -10.07
C ARG B 13 21.05 47.62 -10.28
N ARG B 14 22.14 47.28 -9.62
CA ARG B 14 22.81 45.96 -9.70
C ARG B 14 21.87 44.74 -9.73
N ASP B 15 21.75 44.13 -10.90
CA ASP B 15 20.89 42.96 -11.05
C ASP B 15 21.66 41.68 -10.80
N TRP B 16 22.98 41.75 -10.88
CA TRP B 16 23.80 40.56 -10.67
C TRP B 16 23.98 40.27 -9.20
N GLU B 17 23.33 41.05 -8.35
CA GLU B 17 23.46 40.82 -6.93
C GLU B 17 22.10 40.71 -6.29
N ASN B 18 21.16 40.17 -7.04
CA ASN B 18 19.79 39.99 -6.58
C ASN B 18 19.23 38.68 -7.13
N PRO B 19 19.17 37.63 -6.29
CA PRO B 19 18.65 36.33 -6.73
C PRO B 19 17.19 36.38 -7.13
N GLY B 20 16.58 37.54 -6.95
CA GLY B 20 15.18 37.73 -7.33
C GLY B 20 15.07 38.06 -8.80
N VAL B 21 16.13 38.60 -9.36
CA VAL B 21 16.19 38.94 -10.78
C VAL B 21 17.22 38.03 -11.46
N THR B 22 16.72 37.09 -12.27
CA THR B 22 17.54 36.12 -12.97
C THR B 22 17.49 36.36 -14.47
N GLN B 23 16.64 37.30 -14.87
CA GLN B 23 16.51 37.66 -16.27
C GLN B 23 15.66 38.91 -16.40
N LEU B 24 15.74 39.55 -17.55
CA LEU B 24 14.93 40.73 -17.85
C LEU B 24 14.64 40.73 -19.34
N ASN B 25 13.38 40.54 -19.68
CA ASN B 25 12.95 40.52 -21.08
C ASN B 25 13.36 39.28 -21.85
N ARG B 26 13.73 38.21 -21.14
CA ARG B 26 14.14 36.98 -21.80
C ARG B 26 12.92 36.17 -22.23
N LEU B 27 12.93 35.60 -23.43
CA LEU B 27 11.79 34.84 -23.92
C LEU B 27 11.73 33.49 -23.22
N ALA B 28 10.58 32.82 -23.35
CA ALA B 28 10.37 31.51 -22.72
C ALA B 28 11.23 30.40 -23.29
N ALA B 29 11.64 29.47 -22.44
CA ALA B 29 12.45 28.33 -22.86
C ALA B 29 11.60 27.44 -23.77
N HIS B 30 12.22 26.58 -24.55
CA HIS B 30 11.46 25.71 -25.45
C HIS B 30 12.37 24.74 -26.22
N PRO B 31 11.78 23.69 -26.82
CA PRO B 31 12.54 22.70 -27.59
C PRO B 31 13.27 23.42 -28.73
N PRO B 32 14.30 22.77 -29.29
CA PRO B 32 15.07 23.36 -30.38
C PRO B 32 14.21 23.77 -31.58
N PHE B 33 14.31 25.03 -31.99
CA PHE B 33 13.57 25.54 -33.14
C PHE B 33 14.49 25.86 -34.32
N ALA B 34 13.90 25.97 -35.50
CA ALA B 34 14.66 26.31 -36.70
C ALA B 34 13.76 27.09 -37.65
N SER B 35 12.47 27.10 -37.34
CA SER B 35 11.49 27.80 -38.16
C SER B 35 11.66 27.55 -39.65
N TRP B 36 11.56 26.28 -40.05
CA TRP B 36 11.67 25.93 -41.47
C TRP B 36 10.44 26.49 -42.17
N ARG B 37 10.59 26.87 -43.43
CA ARG B 37 9.45 27.38 -44.16
C ARG B 37 9.15 26.39 -45.26
N ASN B 38 9.74 25.20 -45.13
CA ASN B 38 9.56 24.10 -46.07
C ASN B 38 9.54 22.80 -45.29
N SER B 39 8.41 22.11 -45.30
CA SER B 39 8.29 20.85 -44.58
C SER B 39 9.35 19.80 -44.93
N GLU B 40 9.76 19.77 -46.19
CA GLU B 40 10.74 18.78 -46.60
C GLU B 40 12.06 19.02 -45.92
N GLU B 41 12.42 20.29 -45.75
CA GLU B 41 13.66 20.63 -45.11
C GLU B 41 13.60 20.18 -43.65
N ALA B 42 12.43 20.33 -43.05
CA ALA B 42 12.21 19.96 -41.66
C ALA B 42 12.36 18.46 -41.44
N ARG B 43 11.69 17.68 -42.28
CA ARG B 43 11.74 16.23 -42.20
C ARG B 43 13.17 15.70 -42.33
N THR B 44 13.93 16.29 -43.25
CA THR B 44 15.30 15.85 -43.49
C THR B 44 16.33 16.51 -42.58
N ASP B 45 15.86 17.35 -41.67
CA ASP B 45 16.72 18.05 -40.73
C ASP B 45 17.88 18.79 -41.40
N ARG B 46 17.57 19.44 -42.53
CA ARG B 46 18.56 20.20 -43.26
C ARG B 46 18.59 21.64 -42.74
N PRO B 47 19.71 22.35 -42.94
CA PRO B 47 19.87 23.73 -42.48
C PRO B 47 18.63 24.59 -42.73
N SER B 48 18.46 25.63 -41.92
CA SER B 48 17.32 26.49 -42.08
C SER B 48 17.72 27.91 -42.42
N GLN B 49 17.09 28.48 -43.44
CA GLN B 49 17.39 29.84 -43.85
C GLN B 49 17.03 30.83 -42.73
N GLN B 50 16.06 30.46 -41.90
CA GLN B 50 15.60 31.31 -40.81
C GLN B 50 16.43 31.18 -39.53
N LEU B 51 17.55 30.49 -39.63
CA LEU B 51 18.42 30.31 -38.47
C LEU B 51 19.88 30.59 -38.80
N ARG B 52 20.29 31.83 -38.62
CA ARG B 52 21.66 32.25 -38.89
C ARG B 52 22.53 32.14 -37.64
N SER B 53 23.82 31.89 -37.85
CA SER B 53 24.74 31.78 -36.74
C SER B 53 25.55 33.06 -36.66
N LEU B 54 25.70 33.59 -35.47
CA LEU B 54 26.48 34.80 -35.28
C LEU B 54 27.86 34.46 -34.74
N ASN B 55 28.28 33.22 -34.92
CA ASN B 55 29.59 32.81 -34.45
C ASN B 55 30.64 33.38 -35.37
N GLY B 56 31.85 33.57 -34.84
CA GLY B 56 32.93 34.12 -35.65
C GLY B 56 33.81 35.07 -34.88
N GLU B 57 34.25 36.13 -35.56
CA GLU B 57 35.09 37.13 -34.92
C GLU B 57 34.23 38.26 -34.34
N TRP B 58 34.46 38.54 -33.07
CA TRP B 58 33.74 39.59 -32.37
C TRP B 58 34.77 40.56 -31.79
N ARG B 59 34.28 41.66 -31.21
CA ARG B 59 35.15 42.65 -30.59
C ARG B 59 35.08 42.46 -29.09
N PHE B 60 36.23 42.37 -28.45
CA PHE B 60 36.27 42.14 -27.02
C PHE B 60 37.25 43.03 -26.27
N ALA B 61 36.84 43.45 -25.08
CA ALA B 61 37.69 44.29 -24.23
C ALA B 61 37.38 43.86 -22.81
N TRP B 62 38.43 43.66 -22.02
CA TRP B 62 38.32 43.23 -20.62
C TRP B 62 38.30 44.43 -19.67
N PHE B 63 37.58 44.32 -18.56
CA PHE B 63 37.51 45.41 -17.59
C PHE B 63 37.53 44.81 -16.18
N PRO B 64 38.01 45.57 -15.19
CA PRO B 64 38.09 45.12 -13.80
C PRO B 64 36.74 45.06 -13.05
N ALA B 65 35.76 45.79 -13.58
CA ALA B 65 34.42 45.83 -12.99
C ALA B 65 33.47 46.49 -14.00
N PRO B 66 32.17 46.23 -13.88
CA PRO B 66 31.25 46.85 -14.84
C PRO B 66 31.31 48.38 -14.78
N GLU B 67 31.59 48.91 -13.60
CA GLU B 67 31.67 50.35 -13.39
C GLU B 67 32.80 50.99 -14.20
N ALA B 68 33.65 50.19 -14.81
CA ALA B 68 34.76 50.71 -15.60
C ALA B 68 34.44 50.74 -17.09
N VAL B 69 33.26 50.23 -17.46
CA VAL B 69 32.87 50.20 -18.86
C VAL B 69 32.42 51.58 -19.33
N PRO B 70 33.18 52.19 -20.25
CA PRO B 70 32.89 53.50 -20.83
C PRO B 70 31.61 53.53 -21.64
N GLU B 71 30.76 54.52 -21.38
CA GLU B 71 29.50 54.64 -22.10
C GLU B 71 29.66 54.53 -23.61
N SER B 72 30.65 55.22 -24.17
CA SER B 72 30.89 55.19 -25.61
C SER B 72 30.72 53.79 -26.20
N TRP B 73 31.18 52.79 -25.47
CA TRP B 73 31.11 51.40 -25.89
C TRP B 73 29.72 50.96 -26.34
N LEU B 74 28.69 51.44 -25.66
CA LEU B 74 27.33 51.06 -26.01
C LEU B 74 26.96 51.41 -27.45
N GLU B 75 27.52 52.51 -27.95
CA GLU B 75 27.19 52.91 -29.31
C GLU B 75 28.36 52.87 -30.26
N CYS B 76 29.57 53.04 -29.75
CA CYS B 76 30.73 53.04 -30.61
C CYS B 76 31.79 52.05 -30.17
N ASP B 77 32.31 51.27 -31.12
CA ASP B 77 33.32 50.28 -30.82
C ASP B 77 34.57 50.88 -30.18
N LEU B 78 35.11 50.23 -29.15
CA LEU B 78 36.31 50.72 -28.50
C LEU B 78 37.47 50.33 -29.42
N PRO B 79 38.39 51.27 -29.70
CA PRO B 79 39.52 50.96 -30.58
C PRO B 79 40.50 50.07 -29.84
N GLU B 80 40.53 50.26 -28.52
CA GLU B 80 41.40 49.51 -27.62
C GLU B 80 41.02 48.02 -27.59
N ALA B 81 39.85 47.71 -28.13
CA ALA B 81 39.36 46.34 -28.17
C ALA B 81 40.18 45.49 -29.10
N ASP B 82 39.98 44.18 -29.01
CA ASP B 82 40.67 43.20 -29.84
C ASP B 82 39.61 42.41 -30.59
N THR B 83 40.04 41.72 -31.63
CA THR B 83 39.11 40.89 -32.38
C THR B 83 39.39 39.46 -31.92
N VAL B 84 38.35 38.82 -31.38
CA VAL B 84 38.49 37.46 -30.90
C VAL B 84 37.37 36.58 -31.43
N VAL B 85 37.55 35.27 -31.30
CA VAL B 85 36.56 34.31 -31.76
C VAL B 85 35.51 34.01 -30.69
N VAL B 86 34.27 33.85 -31.13
CA VAL B 86 33.17 33.54 -30.24
C VAL B 86 32.49 32.33 -30.86
N PRO B 87 32.06 31.38 -30.03
CA PRO B 87 32.17 31.34 -28.57
C PRO B 87 33.59 31.06 -28.07
N SER B 88 33.82 31.36 -26.79
CA SER B 88 35.13 31.15 -26.16
C SER B 88 35.09 31.63 -24.72
N ASN B 89 36.14 31.29 -23.97
CA ASN B 89 36.26 31.74 -22.57
C ASN B 89 37.44 32.72 -22.55
N TRP B 90 37.21 33.97 -22.13
CA TRP B 90 38.31 34.91 -22.16
C TRP B 90 39.53 34.48 -21.36
N GLN B 91 39.38 33.55 -20.42
CA GLN B 91 40.54 33.10 -19.67
C GLN B 91 41.44 32.41 -20.68
N MET B 92 40.84 31.63 -21.57
CA MET B 92 41.57 30.90 -22.60
C MET B 92 42.27 31.85 -23.58
N HIS B 93 41.86 33.11 -23.57
CA HIS B 93 42.46 34.09 -24.44
C HIS B 93 43.54 34.85 -23.67
N GLY B 94 43.67 34.51 -22.39
CA GLY B 94 44.67 35.16 -21.55
C GLY B 94 44.32 36.51 -20.96
N TYR B 95 43.07 36.93 -21.06
CA TYR B 95 42.66 38.22 -20.51
C TYR B 95 42.69 38.26 -18.98
N ASP B 96 42.59 37.09 -18.36
CA ASP B 96 42.70 36.92 -16.91
C ASP B 96 42.78 35.43 -16.64
N ALA B 97 43.15 35.05 -15.43
CA ALA B 97 43.34 33.65 -15.12
C ALA B 97 42.12 32.82 -14.77
N PRO B 98 42.10 31.56 -15.24
CA PRO B 98 40.99 30.64 -14.96
C PRO B 98 41.32 30.10 -13.58
N ILE B 99 40.31 30.00 -12.72
CA ILE B 99 40.54 29.51 -11.37
C ILE B 99 40.09 28.08 -11.17
N TYR B 100 40.87 27.30 -10.43
CA TYR B 100 40.45 25.95 -10.16
C TYR B 100 40.29 25.68 -8.67
N THR B 101 39.04 25.64 -8.24
CA THR B 101 38.72 25.38 -6.85
C THR B 101 37.60 24.34 -6.82
N ASN B 102 37.71 23.39 -5.91
CA ASN B 102 36.75 22.30 -5.75
C ASN B 102 35.46 22.73 -5.07
N VAL B 103 35.47 22.69 -3.75
CA VAL B 103 34.31 23.04 -2.95
C VAL B 103 34.27 24.52 -2.61
N THR B 104 35.32 25.00 -1.97
CA THR B 104 35.38 26.40 -1.57
C THR B 104 35.10 27.35 -2.70
N TYR B 105 34.06 28.16 -2.54
CA TYR B 105 33.67 29.14 -3.56
C TYR B 105 34.85 29.98 -3.99
N PRO B 106 34.89 30.37 -5.27
CA PRO B 106 35.96 31.18 -5.84
C PRO B 106 35.91 32.62 -5.35
N ILE B 107 34.75 33.02 -4.85
CA ILE B 107 34.55 34.37 -4.32
C ILE B 107 34.24 34.24 -2.84
N THR B 108 34.01 35.38 -2.19
CA THR B 108 33.70 35.36 -0.76
C THR B 108 32.23 35.00 -0.56
N VAL B 109 31.98 34.05 0.34
CA VAL B 109 30.63 33.62 0.59
C VAL B 109 29.86 34.64 1.40
N ASN B 110 29.00 35.38 0.72
CA ASN B 110 28.19 36.42 1.34
C ASN B 110 27.02 36.70 0.39
N PRO B 111 26.13 35.71 0.23
CA PRO B 111 24.97 35.86 -0.65
C PRO B 111 24.11 37.05 -0.29
N PRO B 112 23.58 37.77 -1.31
CA PRO B 112 23.77 37.52 -2.73
C PRO B 112 24.87 38.38 -3.36
N PHE B 113 25.76 38.91 -2.53
CA PHE B 113 26.80 39.80 -3.00
C PHE B 113 28.06 39.18 -3.61
N VAL B 114 28.58 39.84 -4.64
CA VAL B 114 29.78 39.40 -5.32
C VAL B 114 30.83 40.50 -5.19
N PRO B 115 32.10 40.18 -5.46
CA PRO B 115 33.22 41.13 -5.38
C PRO B 115 32.97 42.44 -6.14
N THR B 116 33.43 43.56 -5.60
CA THR B 116 33.23 44.82 -6.30
C THR B 116 34.07 44.74 -7.56
N GLU B 117 35.20 44.05 -7.46
CA GLU B 117 36.08 43.84 -8.59
C GLU B 117 35.61 42.58 -9.28
N ASN B 118 34.69 42.78 -10.22
CA ASN B 118 34.07 41.70 -10.97
C ASN B 118 34.53 41.77 -12.42
N PRO B 119 35.40 40.83 -12.84
CA PRO B 119 35.90 40.82 -14.22
C PRO B 119 34.74 40.87 -15.24
N THR B 120 34.66 41.98 -15.97
CA THR B 120 33.60 42.18 -16.94
C THR B 120 34.11 42.07 -18.36
N GLY B 121 33.54 41.16 -19.14
CA GLY B 121 33.97 41.01 -20.51
C GLY B 121 33.02 41.74 -21.44
N CYS B 122 33.54 42.68 -22.22
CA CYS B 122 32.70 43.45 -23.15
C CYS B 122 32.78 42.91 -24.57
N TYR B 123 31.75 42.19 -25.00
CA TYR B 123 31.70 41.65 -26.34
C TYR B 123 30.79 42.50 -27.23
N SER B 124 31.22 42.73 -28.46
CA SER B 124 30.42 43.51 -29.40
C SER B 124 30.50 42.88 -30.79
N LEU B 125 29.47 43.11 -31.60
CA LEU B 125 29.44 42.55 -32.95
C LEU B 125 28.65 43.40 -33.93
N THR B 126 29.28 43.72 -35.06
CA THR B 126 28.61 44.49 -36.09
C THR B 126 28.31 43.48 -37.17
N PHE B 127 27.04 43.37 -37.53
CA PHE B 127 26.58 42.41 -38.52
C PHE B 127 25.39 43.09 -39.17
N ASN B 128 24.92 42.58 -40.30
CA ASN B 128 23.75 43.20 -40.89
C ASN B 128 22.63 42.19 -41.04
N VAL B 129 21.41 42.72 -41.08
CA VAL B 129 20.21 41.91 -41.19
C VAL B 129 19.50 42.14 -42.51
N ASP B 130 19.08 41.06 -43.15
CA ASP B 130 18.37 41.13 -44.42
C ASP B 130 17.15 41.99 -44.19
N GLU B 131 16.80 42.80 -45.17
CA GLU B 131 15.63 43.65 -45.05
C GLU B 131 14.35 42.85 -44.92
N SER B 132 14.32 41.65 -45.49
CA SER B 132 13.15 40.79 -45.44
C SER B 132 12.81 40.29 -44.05
N TRP B 133 13.82 40.24 -43.17
CA TRP B 133 13.61 39.81 -41.79
C TRP B 133 12.93 40.89 -40.98
N LEU B 134 13.04 42.13 -41.42
CA LEU B 134 12.44 43.22 -40.70
C LEU B 134 11.13 43.66 -41.30
N GLN B 135 10.74 43.07 -42.41
CA GLN B 135 9.48 43.47 -43.02
C GLN B 135 8.32 42.66 -42.45
N GLU B 136 8.64 41.59 -41.73
CA GLU B 136 7.61 40.73 -41.18
C GLU B 136 8.15 39.82 -40.08
N GLY B 137 7.24 39.21 -39.36
CA GLY B 137 7.62 38.28 -38.33
C GLY B 137 8.49 38.79 -37.21
N GLN B 138 8.99 37.84 -36.44
CA GLN B 138 9.82 38.08 -35.27
C GLN B 138 11.27 37.66 -35.48
N THR B 139 12.20 38.54 -35.11
CA THR B 139 13.63 38.25 -35.25
C THR B 139 14.21 38.28 -33.85
N ARG B 140 14.70 37.14 -33.39
CA ARG B 140 15.27 37.04 -32.04
C ARG B 140 16.72 36.57 -32.04
N ILE B 141 17.43 36.84 -30.96
CA ILE B 141 18.82 36.40 -30.85
C ILE B 141 18.92 35.37 -29.72
N ILE B 142 19.76 34.35 -29.94
CA ILE B 142 19.89 33.26 -28.98
C ILE B 142 21.30 32.99 -28.48
N PHE B 143 21.53 33.21 -27.20
CA PHE B 143 22.83 32.96 -26.57
C PHE B 143 22.76 31.63 -25.84
N ASP B 144 23.33 30.58 -26.42
CA ASP B 144 23.31 29.27 -25.78
C ASP B 144 24.08 29.15 -24.47
N GLY B 145 25.00 30.07 -24.23
CA GLY B 145 25.77 29.98 -23.01
C GLY B 145 26.64 31.19 -22.72
N VAL B 146 26.31 31.87 -21.63
CA VAL B 146 27.04 33.06 -21.19
C VAL B 146 27.33 32.84 -19.70
N ASN B 147 28.61 32.82 -19.37
CA ASN B 147 29.09 32.60 -18.01
C ASN B 147 29.50 33.96 -17.42
N SER B 148 28.84 34.45 -16.35
CA SER B 148 27.73 33.79 -15.66
C SER B 148 26.45 34.61 -15.71
N ALA B 149 26.55 35.87 -16.13
CA ALA B 149 25.38 36.74 -16.23
C ALA B 149 25.73 37.82 -17.24
N PHE B 150 24.73 38.46 -17.82
CA PHE B 150 25.06 39.49 -18.80
C PHE B 150 23.93 40.43 -19.18
N HIS B 151 24.30 41.61 -19.66
CA HIS B 151 23.35 42.61 -20.14
C HIS B 151 23.52 42.73 -21.67
N LEU B 152 22.40 42.89 -22.38
CA LEU B 152 22.44 43.00 -23.83
C LEU B 152 21.87 44.31 -24.37
N TRP B 153 22.61 44.90 -25.31
CA TRP B 153 22.21 46.14 -25.96
C TRP B 153 22.25 45.93 -27.46
N CYS B 154 21.28 46.48 -28.17
CA CYS B 154 21.29 46.37 -29.61
C CYS B 154 21.16 47.75 -30.18
N ASN B 155 22.23 48.20 -30.84
CA ASN B 155 22.27 49.52 -31.43
C ASN B 155 22.12 50.57 -30.34
N GLY B 156 22.99 50.49 -29.32
CA GLY B 156 22.93 51.45 -28.25
C GLY B 156 21.76 51.28 -27.30
N ARG B 157 20.61 50.83 -27.80
CA ARG B 157 19.47 50.65 -26.92
C ARG B 157 19.53 49.32 -26.13
N TRP B 158 19.14 49.37 -24.86
CA TRP B 158 19.15 48.20 -23.98
C TRP B 158 18.00 47.19 -24.24
N VAL B 159 18.36 45.89 -24.32
CA VAL B 159 17.39 44.83 -24.58
C VAL B 159 16.97 44.02 -23.35
N GLY B 160 17.93 43.40 -22.67
CA GLY B 160 17.58 42.62 -21.51
C GLY B 160 18.73 42.12 -20.65
N TYR B 161 18.44 41.18 -19.76
CA TYR B 161 19.44 40.63 -18.85
C TYR B 161 19.24 39.12 -18.70
N GLY B 162 20.30 38.39 -18.39
CA GLY B 162 20.18 36.95 -18.22
C GLY B 162 21.20 36.26 -17.32
N GLN B 163 20.76 35.21 -16.63
CA GLN B 163 21.59 34.40 -15.73
C GLN B 163 21.47 32.90 -16.01
N ASP B 164 22.35 32.08 -15.43
CA ASP B 164 22.36 30.62 -15.64
C ASP B 164 23.23 30.28 -16.86
N SER B 165 24.53 30.12 -16.61
CA SER B 165 25.52 29.83 -17.63
C SER B 165 25.31 28.61 -18.51
N ARG B 166 24.40 27.72 -18.15
CA ARG B 166 24.25 26.53 -18.96
C ARG B 166 23.02 26.34 -19.85
N LEU B 167 22.11 27.30 -19.80
CA LEU B 167 20.91 27.23 -20.65
C LEU B 167 20.86 28.49 -21.50
N PRO B 168 20.25 28.40 -22.68
CA PRO B 168 20.14 29.54 -23.58
C PRO B 168 19.25 30.69 -23.14
N SER B 169 19.67 31.91 -23.44
CA SER B 169 18.89 33.09 -23.15
C SER B 169 18.50 33.72 -24.49
N GLU B 170 17.20 33.92 -24.71
CA GLU B 170 16.69 34.48 -25.97
C GLU B 170 15.95 35.80 -25.80
N PHE B 171 16.21 36.73 -26.71
CA PHE B 171 15.57 38.04 -26.67
C PHE B 171 15.05 38.44 -28.03
N ASP B 172 13.89 39.09 -28.05
CA ASP B 172 13.27 39.54 -29.27
C ASP B 172 13.87 40.88 -29.73
N LEU B 173 14.66 40.84 -30.80
CA LEU B 173 15.31 42.05 -31.31
C LEU B 173 14.53 42.77 -32.39
N SER B 174 13.39 42.22 -32.78
CA SER B 174 12.58 42.81 -33.83
C SER B 174 12.53 44.34 -33.84
N ALA B 175 12.28 44.94 -32.69
CA ALA B 175 12.18 46.40 -32.63
C ALA B 175 13.50 47.18 -32.39
N PHE B 176 14.64 46.49 -32.48
CA PHE B 176 15.93 47.14 -32.26
C PHE B 176 16.76 47.12 -33.52
N LEU B 177 16.51 46.14 -34.37
CA LEU B 177 17.27 45.99 -35.61
C LEU B 177 16.78 46.89 -36.72
N ARG B 178 17.70 47.23 -37.61
CA ARG B 178 17.41 48.06 -38.77
C ARG B 178 18.03 47.31 -39.93
N ALA B 179 17.52 47.55 -41.14
CA ALA B 179 18.06 46.87 -42.32
C ALA B 179 19.51 47.31 -42.50
N GLY B 180 20.40 46.36 -42.74
CA GLY B 180 21.80 46.69 -42.91
C GLY B 180 22.61 46.55 -41.64
N GLU B 181 23.67 47.32 -41.52
CA GLU B 181 24.52 47.26 -40.33
C GLU B 181 23.76 47.43 -39.01
N ASN B 182 24.13 46.60 -38.04
CA ASN B 182 23.57 46.59 -36.68
C ASN B 182 24.72 46.26 -35.74
N ARG B 183 24.63 46.70 -34.48
CA ARG B 183 25.70 46.40 -33.55
C ARG B 183 25.19 45.88 -32.20
N LEU B 184 25.81 44.79 -31.74
CA LEU B 184 25.45 44.19 -30.48
C LEU B 184 26.47 44.53 -29.41
N ALA B 185 25.98 44.84 -28.22
CA ALA B 185 26.85 45.16 -27.10
C ALA B 185 26.43 44.17 -26.02
N VAL B 186 27.36 43.30 -25.62
CA VAL B 186 27.06 42.31 -24.59
C VAL B 186 28.03 42.42 -23.41
N MET B 187 27.54 42.92 -22.27
CA MET B 187 28.40 43.05 -21.10
C MET B 187 28.23 41.81 -20.25
N VAL B 188 29.28 40.99 -20.21
CA VAL B 188 29.28 39.74 -19.47
C VAL B 188 30.02 39.84 -18.14
N LEU B 189 29.31 39.61 -17.04
CA LEU B 189 29.91 39.66 -15.72
C LEU B 189 30.39 38.26 -15.30
N ARG B 190 31.64 38.15 -14.85
CA ARG B 190 32.18 36.86 -14.45
C ARG B 190 31.48 36.33 -13.22
N TRP B 191 31.19 37.21 -12.27
CA TRP B 191 30.53 36.81 -11.04
C TRP B 191 29.13 37.43 -10.94
N SER B 192 28.23 36.74 -10.26
CA SER B 192 26.87 37.22 -10.09
C SER B 192 26.21 36.35 -9.05
N ASP B 193 25.05 36.77 -8.57
CA ASP B 193 24.37 36.00 -7.54
C ASP B 193 24.13 34.58 -8.05
N GLY B 194 24.10 34.43 -9.36
CA GLY B 194 23.87 33.12 -9.94
C GLY B 194 25.06 32.22 -9.70
N SER B 195 26.20 32.83 -9.39
CA SER B 195 27.43 32.07 -9.14
C SER B 195 27.29 31.21 -7.90
N TYR B 196 26.36 31.58 -7.03
CA TYR B 196 26.15 30.83 -5.81
C TYR B 196 25.57 29.46 -6.08
N LEU B 197 24.95 29.30 -7.25
CA LEU B 197 24.35 28.04 -7.63
C LEU B 197 25.23 27.31 -8.64
N GLU B 198 26.36 27.92 -8.99
CA GLU B 198 27.27 27.33 -9.95
C GLU B 198 28.62 26.99 -9.32
N ASP B 199 28.60 26.24 -8.23
CA ASP B 199 29.84 25.88 -7.55
C ASP B 199 30.33 24.47 -7.86
N GLN B 200 30.39 24.12 -9.14
CA GLN B 200 30.86 22.79 -9.51
C GLN B 200 32.39 22.69 -9.44
N ASP B 201 32.87 21.50 -9.11
CA ASP B 201 34.29 21.23 -9.02
C ASP B 201 34.93 21.16 -10.40
N MET B 202 35.13 22.33 -10.99
CA MET B 202 35.72 22.45 -12.33
C MET B 202 36.43 23.80 -12.46
N TRP B 203 37.09 24.03 -13.59
CA TRP B 203 37.75 25.32 -13.79
C TRP B 203 36.68 26.39 -13.81
N ARG B 204 36.92 27.49 -13.10
CA ARG B 204 35.97 28.60 -13.02
C ARG B 204 36.28 29.63 -14.08
N MET B 205 35.52 29.64 -15.18
CA MET B 205 35.75 30.58 -16.27
C MET B 205 34.64 31.59 -16.46
N SER B 206 34.47 32.07 -17.70
CA SER B 206 33.43 33.04 -18.05
C SER B 206 33.46 33.50 -19.51
N GLY B 207 32.41 34.21 -19.91
CA GLY B 207 32.29 34.73 -21.26
C GLY B 207 31.19 34.07 -22.08
N ILE B 208 31.16 34.33 -23.39
CA ILE B 208 30.17 33.74 -24.27
C ILE B 208 30.79 32.46 -24.83
N PHE B 209 30.63 31.35 -24.12
CA PHE B 209 31.22 30.08 -24.53
C PHE B 209 30.34 29.14 -25.37
N ARG B 210 29.14 29.58 -25.72
CA ARG B 210 28.29 28.74 -26.54
C ARG B 210 27.67 29.56 -27.67
N ASP B 211 27.45 28.90 -28.80
CA ASP B 211 26.90 29.52 -30.00
C ASP B 211 25.90 30.64 -29.80
N VAL B 212 25.96 31.63 -30.70
CA VAL B 212 25.05 32.78 -30.70
C VAL B 212 24.29 32.69 -31.99
N SER B 213 22.96 32.73 -31.93
CA SER B 213 22.15 32.60 -33.14
C SER B 213 21.11 33.70 -33.37
N LEU B 214 20.58 33.71 -34.59
CA LEU B 214 19.57 34.64 -34.97
C LEU B 214 18.47 33.80 -35.61
N LEU B 215 17.30 33.77 -34.98
CA LEU B 215 16.17 32.99 -35.47
C LEU B 215 14.99 33.91 -35.87
N HIS B 216 14.41 33.64 -37.02
CA HIS B 216 13.28 34.42 -37.48
C HIS B 216 12.04 33.54 -37.44
N LYS B 217 11.01 33.99 -36.74
CA LYS B 217 9.77 33.22 -36.63
C LYS B 217 8.64 34.06 -37.19
N PRO B 218 7.60 33.41 -37.74
CA PRO B 218 6.48 34.19 -38.28
C PRO B 218 5.80 34.87 -37.09
N THR B 219 4.95 35.86 -37.33
CA THR B 219 4.26 36.47 -36.20
C THR B 219 3.35 35.41 -35.60
N THR B 220 2.55 34.76 -36.44
CA THR B 220 1.71 33.67 -35.98
C THR B 220 2.67 32.47 -36.08
N GLN B 221 3.12 32.02 -34.92
CA GLN B 221 4.11 30.96 -34.86
C GLN B 221 3.82 29.81 -33.90
N ILE B 222 4.68 28.79 -34.00
CA ILE B 222 4.63 27.63 -33.14
C ILE B 222 5.54 28.03 -32.00
N SER B 223 5.00 28.16 -30.79
CA SER B 223 5.80 28.58 -29.65
C SER B 223 6.27 27.46 -28.74
N ASP B 224 5.76 26.25 -28.96
CA ASP B 224 6.16 25.12 -28.14
C ASP B 224 5.43 23.83 -28.54
N PHE B 225 6.09 22.70 -28.34
CA PHE B 225 5.48 21.40 -28.63
C PHE B 225 6.12 20.29 -27.77
N HIS B 226 5.28 19.42 -27.23
CA HIS B 226 5.73 18.29 -26.40
C HIS B 226 5.38 16.94 -27.06
N VAL B 227 6.39 16.07 -27.19
CA VAL B 227 6.19 14.75 -27.79
C VAL B 227 6.16 13.64 -26.73
N ALA B 228 5.11 12.82 -26.77
CA ALA B 228 4.99 11.73 -25.81
C ALA B 228 4.66 10.44 -26.57
N THR B 229 5.13 9.30 -26.03
CA THR B 229 4.86 7.99 -26.63
C THR B 229 4.49 6.95 -25.55
N ARG B 230 3.23 6.51 -25.58
CA ARG B 230 2.75 5.52 -24.61
C ARG B 230 2.45 4.21 -25.37
N PHE B 231 2.78 3.07 -24.75
CA PHE B 231 2.58 1.76 -25.37
C PHE B 231 1.66 0.82 -24.58
N ASN B 232 1.27 -0.29 -25.22
CA ASN B 232 0.45 -1.29 -24.56
C ASN B 232 1.44 -2.16 -23.81
N ASP B 233 0.98 -3.13 -23.03
CA ASP B 233 1.89 -3.97 -22.26
C ASP B 233 3.01 -4.68 -23.02
N ASP B 234 2.78 -5.10 -24.26
CA ASP B 234 3.84 -5.77 -24.99
C ASP B 234 4.52 -4.94 -26.07
N PHE B 235 4.31 -3.63 -26.02
CA PHE B 235 4.93 -2.71 -26.97
C PHE B 235 4.64 -3.01 -28.43
N SER B 236 3.48 -3.59 -28.70
CA SER B 236 3.08 -3.92 -30.06
C SER B 236 2.38 -2.71 -30.67
N ARG B 237 1.78 -1.89 -29.81
CA ARG B 237 1.11 -0.68 -30.26
C ARG B 237 1.64 0.47 -29.41
N ALA B 238 1.57 1.68 -29.97
CA ALA B 238 2.03 2.87 -29.27
C ALA B 238 1.27 4.05 -29.82
N VAL B 239 1.01 5.02 -28.94
CA VAL B 239 0.30 6.23 -29.35
C VAL B 239 1.22 7.41 -29.15
N LEU B 240 1.47 8.15 -30.24
CA LEU B 240 2.32 9.33 -30.16
C LEU B 240 1.40 10.51 -29.92
N GLU B 241 1.67 11.23 -28.84
CA GLU B 241 0.85 12.39 -28.49
C GLU B 241 1.70 13.66 -28.59
N ALA B 242 1.23 14.61 -29.39
CA ALA B 242 1.96 15.85 -29.59
C ALA B 242 1.10 17.05 -29.23
N GLU B 243 1.48 17.71 -28.14
CA GLU B 243 0.76 18.90 -27.69
C GLU B 243 1.48 20.08 -28.34
N VAL B 244 0.73 20.89 -29.09
CA VAL B 244 1.31 22.05 -29.77
C VAL B 244 0.67 23.36 -29.31
N GLN B 245 1.50 24.37 -29.07
CA GLN B 245 1.04 25.68 -28.62
C GLN B 245 1.50 26.75 -29.62
N MET B 246 0.65 27.75 -29.83
CA MET B 246 0.97 28.81 -30.79
C MET B 246 0.87 30.20 -30.21
N CYS B 247 1.34 31.17 -30.98
CA CYS B 247 1.29 32.57 -30.58
C CYS B 247 0.92 33.38 -31.79
N GLY B 248 0.48 34.60 -31.55
CA GLY B 248 0.10 35.46 -32.65
C GLY B 248 -1.41 35.52 -32.80
N GLU B 249 -1.86 35.93 -33.97
CA GLU B 249 -3.28 36.04 -34.22
C GLU B 249 -3.91 34.66 -34.37
N LEU B 250 -4.93 34.39 -33.55
CA LEU B 250 -5.64 33.12 -33.64
C LEU B 250 -6.74 33.26 -34.68
N ARG B 251 -6.85 32.27 -35.56
CA ARG B 251 -7.85 32.28 -36.63
C ARG B 251 -8.31 30.85 -36.87
N ASP B 252 -9.56 30.67 -37.28
CA ASP B 252 -10.08 29.33 -37.51
C ASP B 252 -9.38 28.62 -38.65
N TYR B 253 -8.99 29.39 -39.67
CA TYR B 253 -8.34 28.78 -40.81
C TYR B 253 -6.99 28.18 -40.44
N LEU B 254 -6.57 28.36 -39.19
CA LEU B 254 -5.30 27.83 -38.73
C LEU B 254 -5.38 26.32 -38.46
N ARG B 255 -4.28 25.62 -38.72
CA ARG B 255 -4.20 24.19 -38.51
C ARG B 255 -2.82 23.77 -38.11
N VAL B 256 -2.73 22.59 -37.49
CA VAL B 256 -1.46 22.00 -37.09
C VAL B 256 -1.51 20.55 -37.57
N THR B 257 -0.47 20.09 -38.24
CA THR B 257 -0.44 18.73 -38.74
C THR B 257 0.83 18.05 -38.27
N VAL B 258 0.70 17.07 -37.38
CA VAL B 258 1.87 16.36 -36.92
C VAL B 258 1.96 15.06 -37.71
N SER B 259 3.09 14.85 -38.36
CA SER B 259 3.31 13.65 -39.16
C SER B 259 4.56 12.89 -38.69
N LEU B 260 4.44 11.58 -38.57
CA LEU B 260 5.54 10.75 -38.11
C LEU B 260 6.20 10.03 -39.27
N TRP B 261 7.51 10.26 -39.43
CA TRP B 261 8.26 9.65 -40.53
C TRP B 261 9.28 8.61 -40.13
N GLN B 262 9.24 7.47 -40.81
CA GLN B 262 10.20 6.41 -40.60
C GLN B 262 10.95 6.40 -41.91
N GLY B 263 12.08 7.10 -41.94
CA GLY B 263 12.84 7.18 -43.18
C GLY B 263 12.04 7.98 -44.19
N GLU B 264 11.87 7.42 -45.38
CA GLU B 264 11.12 8.09 -46.44
C GLU B 264 9.63 7.78 -46.29
N THR B 265 9.33 6.82 -45.43
CA THR B 265 7.95 6.40 -45.20
C THR B 265 7.22 7.31 -44.23
N GLN B 266 5.91 7.41 -44.39
CA GLN B 266 5.11 8.23 -43.49
C GLN B 266 4.19 7.29 -42.73
N VAL B 267 4.64 6.84 -41.55
CA VAL B 267 3.88 5.90 -40.75
C VAL B 267 2.52 6.38 -40.26
N ALA B 268 2.39 7.68 -40.00
CA ALA B 268 1.12 8.19 -39.51
C ALA B 268 1.09 9.70 -39.66
N SER B 269 -0.10 10.27 -39.58
CA SER B 269 -0.25 11.71 -39.70
C SER B 269 -1.61 12.19 -39.25
N GLY B 270 -1.64 13.29 -38.52
CA GLY B 270 -2.89 13.83 -38.04
C GLY B 270 -2.95 15.33 -38.16
N THR B 271 -4.13 15.84 -38.47
CA THR B 271 -4.31 17.28 -38.60
C THR B 271 -5.50 17.73 -37.79
N ALA B 272 -5.43 18.94 -37.25
CA ALA B 272 -6.52 19.46 -36.44
C ALA B 272 -6.37 20.95 -36.22
N PRO B 273 -7.47 21.66 -35.99
CA PRO B 273 -7.41 23.11 -35.74
C PRO B 273 -7.13 23.37 -34.25
N PHE B 274 -6.68 24.57 -33.93
CA PHE B 274 -6.39 24.90 -32.55
C PHE B 274 -7.65 24.87 -31.73
N GLY B 275 -7.50 24.58 -30.45
CA GLY B 275 -8.65 24.50 -29.57
C GLY B 275 -8.51 23.21 -28.78
N GLY B 276 -7.88 23.30 -27.61
CA GLY B 276 -7.69 22.11 -26.80
C GLY B 276 -8.97 21.65 -26.13
N GLU B 277 -8.85 20.58 -25.35
CA GLU B 277 -9.99 20.05 -24.63
C GLU B 277 -10.24 20.90 -23.41
N ILE B 278 -11.45 20.80 -22.87
CA ILE B 278 -11.84 21.56 -21.68
C ILE B 278 -11.01 21.08 -20.50
N ILE B 279 -10.35 22.00 -19.81
CA ILE B 279 -9.52 21.58 -18.69
C ILE B 279 -10.08 22.01 -17.33
N ASP B 280 -10.86 23.09 -17.32
CA ASP B 280 -11.46 23.57 -16.07
C ASP B 280 -12.67 24.44 -16.35
N GLU B 281 -13.26 24.98 -15.30
CA GLU B 281 -14.45 25.81 -15.43
C GLU B 281 -14.39 26.98 -16.42
N ARG B 282 -13.19 27.45 -16.76
CA ARG B 282 -13.07 28.56 -17.70
C ARG B 282 -12.91 28.10 -19.14
N GLY B 283 -12.92 26.78 -19.36
CA GLY B 283 -12.77 26.22 -20.69
C GLY B 283 -11.44 25.52 -20.94
N GLY B 284 -10.77 25.89 -22.04
CA GLY B 284 -9.49 25.30 -22.37
C GLY B 284 -8.57 26.23 -23.13
N TYR B 285 -7.41 25.69 -23.54
CA TYR B 285 -6.46 26.48 -24.29
C TYR B 285 -6.84 26.58 -25.75
N ALA B 286 -7.33 27.75 -26.15
CA ALA B 286 -7.72 27.98 -27.54
C ALA B 286 -6.47 28.12 -28.39
N ASP B 287 -5.35 28.36 -27.73
CA ASP B 287 -4.09 28.52 -28.43
C ASP B 287 -3.23 27.26 -28.36
N ARG B 288 -3.89 26.10 -28.30
CA ARG B 288 -3.20 24.82 -28.26
C ARG B 288 -4.04 23.74 -28.91
N VAL B 289 -3.39 22.62 -29.26
CA VAL B 289 -4.06 21.47 -29.87
C VAL B 289 -3.16 20.26 -29.69
N THR B 290 -3.76 19.09 -29.47
CA THR B 290 -2.97 17.88 -29.26
C THR B 290 -3.29 16.83 -30.32
N LEU B 291 -2.26 16.33 -30.97
CA LEU B 291 -2.46 15.32 -31.99
C LEU B 291 -2.07 13.97 -31.42
N ARG B 292 -2.83 12.94 -31.80
CA ARG B 292 -2.54 11.60 -31.33
C ARG B 292 -2.51 10.65 -32.53
N LEU B 293 -1.33 10.12 -32.80
CA LEU B 293 -1.13 9.20 -33.91
C LEU B 293 -0.92 7.77 -33.42
N ASN B 294 -1.45 6.81 -34.14
CA ASN B 294 -1.30 5.42 -33.76
C ASN B 294 -0.11 4.85 -34.46
N VAL B 295 0.56 3.91 -33.82
CA VAL B 295 1.74 3.30 -34.39
C VAL B 295 1.74 1.83 -34.03
N GLU B 296 1.64 0.98 -35.04
CA GLU B 296 1.64 -0.46 -34.83
C GLU B 296 3.06 -0.96 -34.94
N ASN B 297 3.43 -1.91 -34.08
CA ASN B 297 4.76 -2.51 -34.06
C ASN B 297 5.83 -1.47 -34.25
N PRO B 298 5.93 -0.51 -33.32
CA PRO B 298 6.94 0.53 -33.46
C PRO B 298 8.35 0.02 -33.23
N LYS B 299 9.34 0.68 -33.84
CA LYS B 299 10.74 0.32 -33.67
C LYS B 299 11.19 1.02 -32.40
N LEU B 300 11.34 0.28 -31.31
CA LEU B 300 11.72 0.89 -30.04
C LEU B 300 13.15 1.43 -29.99
N TRP B 301 13.33 2.50 -29.23
CA TRP B 301 14.62 3.16 -29.07
C TRP B 301 15.33 2.67 -27.82
N SER B 302 16.65 2.51 -27.91
CA SER B 302 17.47 2.08 -26.78
C SER B 302 18.90 2.43 -27.13
N ALA B 303 19.80 2.28 -26.16
CA ALA B 303 21.21 2.56 -26.39
C ALA B 303 21.77 1.42 -27.23
N GLU B 304 21.08 0.29 -27.21
CA GLU B 304 21.49 -0.88 -27.99
C GLU B 304 21.15 -0.63 -29.46
N ILE B 305 19.93 -0.19 -29.72
CA ILE B 305 19.48 0.09 -31.07
C ILE B 305 18.70 1.40 -31.04
N PRO B 306 19.36 2.50 -31.37
CA PRO B 306 18.75 3.83 -31.37
C PRO B 306 17.75 4.10 -32.51
N ASN B 307 16.72 3.27 -32.62
CA ASN B 307 15.71 3.45 -33.65
C ASN B 307 15.00 4.79 -33.48
N LEU B 308 15.09 5.64 -34.50
CA LEU B 308 14.43 6.94 -34.44
C LEU B 308 13.42 7.18 -35.56
N TYR B 309 12.49 8.08 -35.32
CA TYR B 309 11.48 8.46 -36.30
C TYR B 309 11.63 9.97 -36.36
N ARG B 310 10.95 10.60 -37.31
CA ARG B 310 11.04 12.06 -37.43
C ARG B 310 9.66 12.63 -37.29
N ALA B 311 9.50 13.50 -36.31
CA ALA B 311 8.21 14.13 -36.07
C ALA B 311 8.27 15.53 -36.63
N VAL B 312 7.37 15.84 -37.55
CA VAL B 312 7.34 17.16 -38.16
C VAL B 312 6.05 17.90 -37.83
N VAL B 313 6.20 19.01 -37.11
CA VAL B 313 5.08 19.85 -36.71
C VAL B 313 4.89 21.02 -37.68
N GLU B 314 3.76 21.03 -38.40
CA GLU B 314 3.48 22.08 -39.39
C GLU B 314 2.37 23.04 -39.00
N LEU B 315 2.67 24.34 -38.98
CA LEU B 315 1.64 25.35 -38.68
C LEU B 315 1.21 25.86 -40.06
N HIS B 316 -0.05 25.65 -40.41
CA HIS B 316 -0.52 26.07 -41.72
C HIS B 316 -1.97 26.50 -41.71
N THR B 317 -2.49 26.78 -42.90
CA THR B 317 -3.88 27.19 -43.04
C THR B 317 -4.68 26.02 -43.61
N ALA B 318 -5.99 26.05 -43.39
CA ALA B 318 -6.86 24.97 -43.85
C ALA B 318 -6.74 24.75 -45.35
N ASP B 319 -6.51 25.83 -46.09
CA ASP B 319 -6.39 25.72 -47.54
C ASP B 319 -5.03 25.12 -47.99
N GLY B 320 -4.27 24.61 -47.02
CA GLY B 320 -3.00 23.97 -47.32
C GLY B 320 -1.72 24.78 -47.31
N THR B 321 -1.78 26.06 -46.93
CA THR B 321 -0.56 26.88 -46.92
C THR B 321 0.30 26.76 -45.66
N LEU B 322 1.55 26.37 -45.85
CA LEU B 322 2.48 26.22 -44.72
C LEU B 322 2.85 27.60 -44.20
N ILE B 323 2.81 27.73 -42.88
CA ILE B 323 3.16 28.99 -42.24
C ILE B 323 4.57 28.84 -41.72
N GLU B 324 4.84 27.66 -41.17
CA GLU B 324 6.14 27.35 -40.61
C GLU B 324 6.08 25.93 -40.10
N ALA B 325 7.24 25.28 -40.01
CA ALA B 325 7.29 23.91 -39.54
C ALA B 325 8.49 23.71 -38.63
N GLU B 326 8.27 22.92 -37.59
CA GLU B 326 9.32 22.58 -36.63
C GLU B 326 9.36 21.04 -36.55
N ALA B 327 10.47 20.49 -36.05
CA ALA B 327 10.57 19.05 -35.98
C ALA B 327 11.58 18.55 -34.95
N CYS B 328 11.60 17.24 -34.75
CA CYS B 328 12.53 16.63 -33.80
C CYS B 328 12.59 15.14 -34.08
N ASP B 329 13.66 14.51 -33.62
CA ASP B 329 13.78 13.06 -33.77
C ASP B 329 12.94 12.49 -32.65
N VAL B 330 12.26 11.38 -32.92
CA VAL B 330 11.44 10.74 -31.90
C VAL B 330 11.95 9.32 -31.71
N GLY B 331 12.03 8.90 -30.45
CA GLY B 331 12.50 7.57 -30.15
C GLY B 331 11.45 6.90 -29.29
N PHE B 332 10.77 5.89 -29.82
CA PHE B 332 9.75 5.20 -29.04
C PHE B 332 10.39 4.37 -27.94
N ARG B 333 10.28 4.85 -26.71
CA ARG B 333 10.84 4.15 -25.58
C ARG B 333 10.03 4.51 -24.35
N GLU B 334 9.90 3.56 -23.43
CA GLU B 334 9.16 3.80 -22.20
C GLU B 334 10.11 3.61 -21.03
N VAL B 335 10.19 4.63 -20.17
CA VAL B 335 11.04 4.56 -19.00
C VAL B 335 10.15 4.58 -17.78
N ARG B 336 10.25 3.56 -16.92
CA ARG B 336 9.43 3.54 -15.72
C ARG B 336 10.05 2.66 -14.64
N ILE B 337 9.92 3.10 -13.39
CA ILE B 337 10.43 2.34 -12.25
C ILE B 337 9.26 1.52 -11.73
N GLU B 338 9.36 0.20 -11.82
CA GLU B 338 8.29 -0.64 -11.35
C GLU B 338 8.78 -1.81 -10.53
N ASN B 339 8.18 -1.95 -9.35
CA ASN B 339 8.52 -3.00 -8.43
C ASN B 339 9.99 -2.96 -8.05
N GLY B 340 10.48 -1.75 -7.78
CA GLY B 340 11.85 -1.55 -7.36
C GLY B 340 12.88 -1.53 -8.47
N LEU B 341 12.45 -1.75 -9.70
CA LEU B 341 13.37 -1.77 -10.83
C LEU B 341 13.15 -0.70 -11.89
N LEU B 342 14.26 -0.16 -12.40
CA LEU B 342 14.23 0.86 -13.45
C LEU B 342 14.09 0.11 -14.78
N LEU B 343 12.94 0.25 -15.42
CA LEU B 343 12.69 -0.44 -16.68
C LEU B 343 12.73 0.46 -17.93
N LEU B 344 13.41 -0.03 -18.95
CA LEU B 344 13.48 0.69 -20.21
C LEU B 344 12.76 -0.28 -21.16
N ASN B 345 11.59 0.15 -21.64
CA ASN B 345 10.81 -0.70 -22.52
C ASN B 345 10.53 -2.05 -21.86
N GLY B 346 10.16 -2.01 -20.58
CA GLY B 346 9.84 -3.24 -19.87
C GLY B 346 11.00 -4.08 -19.36
N LYS B 347 12.21 -3.81 -19.82
CA LYS B 347 13.33 -4.59 -19.33
C LYS B 347 14.17 -3.79 -18.35
N PRO B 348 14.70 -4.43 -17.30
CA PRO B 348 15.52 -3.79 -16.27
C PRO B 348 16.93 -3.47 -16.77
N LEU B 349 17.27 -2.18 -16.75
CA LEU B 349 18.57 -1.71 -17.21
C LEU B 349 19.73 -1.98 -16.27
N LEU B 350 20.93 -1.89 -16.83
CA LEU B 350 22.18 -2.03 -16.09
C LEU B 350 23.01 -0.90 -16.66
N ILE B 351 22.98 0.24 -15.97
CA ILE B 351 23.67 1.43 -16.41
C ILE B 351 25.18 1.36 -16.37
N ARG B 352 25.80 1.25 -17.54
CA ARG B 352 27.26 1.23 -17.64
C ARG B 352 27.55 2.67 -18.03
N GLY B 353 27.50 3.57 -17.06
CA GLY B 353 27.71 4.97 -17.36
C GLY B 353 28.92 5.67 -16.80
N VAL B 354 29.07 6.93 -17.19
CA VAL B 354 30.18 7.77 -16.77
C VAL B 354 29.72 9.24 -16.73
N ASN B 355 30.35 10.01 -15.83
CA ASN B 355 30.06 11.44 -15.70
C ASN B 355 30.96 12.17 -16.73
N ARG B 356 30.41 13.16 -17.41
CA ARG B 356 31.19 13.87 -18.40
C ARG B 356 31.04 15.40 -18.41
N HIS B 357 32.11 16.07 -18.01
CA HIS B 357 32.15 17.53 -17.99
C HIS B 357 32.47 18.01 -19.40
N GLU B 358 31.96 19.16 -19.78
CA GLU B 358 32.24 19.70 -21.10
C GLU B 358 33.59 20.40 -20.95
N HIS B 359 34.66 19.70 -21.33
CA HIS B 359 36.01 20.24 -21.18
C HIS B 359 36.90 20.03 -22.39
N HIS B 360 37.62 21.07 -22.78
CA HIS B 360 38.56 20.99 -23.90
C HIS B 360 39.89 21.54 -23.42
N PRO B 361 40.98 20.79 -23.63
CA PRO B 361 42.31 21.21 -23.20
C PRO B 361 42.81 22.54 -23.79
N LEU B 362 42.20 22.98 -24.89
CA LEU B 362 42.61 24.21 -25.55
C LEU B 362 41.48 25.24 -25.64
N HIS B 363 40.25 24.76 -25.74
CA HIS B 363 39.12 25.66 -25.86
C HIS B 363 38.38 25.95 -24.58
N GLY B 364 38.91 25.48 -23.46
CA GLY B 364 38.25 25.71 -22.19
C GLY B 364 36.98 24.87 -22.04
N GLN B 365 35.85 25.55 -21.87
CA GLN B 365 34.60 24.83 -21.72
C GLN B 365 33.70 25.08 -22.92
N VAL B 366 34.32 25.22 -24.09
CA VAL B 366 33.58 25.44 -25.32
C VAL B 366 33.53 24.15 -26.12
N MET B 367 32.32 23.64 -26.33
CA MET B 367 32.16 22.39 -27.06
C MET B 367 31.97 22.55 -28.56
N ASP B 368 32.35 21.51 -29.29
CA ASP B 368 32.26 21.46 -30.74
C ASP B 368 31.86 20.04 -31.12
N GLU B 369 31.17 19.90 -32.24
CA GLU B 369 30.71 18.60 -32.68
C GLU B 369 31.78 17.52 -32.65
N GLN B 370 32.93 17.84 -33.20
CA GLN B 370 34.04 16.89 -33.30
C GLN B 370 34.46 16.30 -31.96
N THR B 371 34.68 17.15 -30.96
CA THR B 371 35.08 16.66 -29.66
C THR B 371 33.98 15.77 -29.08
N MET B 372 32.72 16.16 -29.30
CA MET B 372 31.59 15.40 -28.81
C MET B 372 31.55 14.01 -29.42
N VAL B 373 31.47 13.94 -30.74
CA VAL B 373 31.43 12.65 -31.44
C VAL B 373 32.60 11.75 -31.03
N GLN B 374 33.76 12.36 -30.85
CA GLN B 374 34.93 11.60 -30.45
C GLN B 374 34.64 10.90 -29.13
N ASP B 375 34.31 11.69 -28.11
CA ASP B 375 34.00 11.14 -26.79
C ASP B 375 32.97 10.04 -26.90
N ILE B 376 31.86 10.33 -27.60
CA ILE B 376 30.81 9.33 -27.76
C ILE B 376 31.31 8.00 -28.34
N LEU B 377 32.18 8.07 -29.34
CA LEU B 377 32.69 6.84 -29.94
C LEU B 377 33.52 6.10 -28.92
N LEU B 378 34.43 6.82 -28.28
CA LEU B 378 35.28 6.21 -27.27
C LEU B 378 34.44 5.51 -26.22
N MET B 379 33.43 6.21 -25.73
CA MET B 379 32.54 5.66 -24.71
C MET B 379 31.90 4.35 -25.15
N LYS B 380 31.23 4.38 -26.30
CA LYS B 380 30.58 3.18 -26.82
C LYS B 380 31.59 2.07 -27.12
N GLN B 381 32.77 2.47 -27.55
CA GLN B 381 33.83 1.50 -27.86
C GLN B 381 34.32 0.80 -26.62
N ASN B 382 34.18 1.46 -25.48
CA ASN B 382 34.60 0.88 -24.21
C ASN B 382 33.41 0.40 -23.39
N ASN B 383 32.37 -0.01 -24.12
CA ASN B 383 31.14 -0.54 -23.53
C ASN B 383 30.41 0.33 -22.52
N PHE B 384 30.24 1.61 -22.85
CA PHE B 384 29.49 2.51 -21.99
C PHE B 384 28.15 2.70 -22.71
N ASN B 385 27.08 2.89 -21.94
CA ASN B 385 25.76 3.08 -22.55
C ASN B 385 25.00 4.26 -21.96
N ALA B 386 25.61 4.94 -21.01
CA ALA B 386 24.94 6.06 -20.36
C ALA B 386 25.93 7.12 -19.94
N VAL B 387 25.43 8.35 -19.81
CA VAL B 387 26.25 9.48 -19.40
C VAL B 387 25.44 10.43 -18.53
N ARG B 388 26.12 11.07 -17.57
CA ARG B 388 25.44 12.01 -16.68
C ARG B 388 26.02 13.38 -16.95
N CYS B 389 25.15 14.34 -17.26
CA CYS B 389 25.57 15.70 -17.56
C CYS B 389 25.99 16.46 -16.31
N SER B 390 27.03 15.96 -15.66
CA SER B 390 27.57 16.57 -14.45
C SER B 390 28.20 17.91 -14.83
N HIS B 391 27.69 19.03 -14.32
CA HIS B 391 26.55 19.07 -13.41
C HIS B 391 25.74 20.24 -13.90
N TYR B 392 25.26 20.15 -15.15
CA TYR B 392 24.50 21.23 -15.75
C TYR B 392 24.03 20.81 -17.13
N PRO B 393 23.00 21.49 -17.66
CA PRO B 393 22.53 21.11 -18.98
C PRO B 393 23.67 21.26 -19.98
N ASN B 394 23.83 20.26 -20.85
CA ASN B 394 24.89 20.27 -21.87
C ASN B 394 24.52 21.05 -23.12
N HIS B 395 25.53 21.31 -23.94
CA HIS B 395 25.35 22.01 -25.21
C HIS B 395 24.27 21.23 -25.99
N PRO B 396 23.32 21.94 -26.61
CA PRO B 396 22.23 21.33 -27.39
C PRO B 396 22.57 20.19 -28.35
N LEU B 397 23.72 20.27 -29.00
CA LEU B 397 24.10 19.24 -29.95
C LEU B 397 24.30 17.88 -29.29
N TRP B 398 24.85 17.90 -28.08
CA TRP B 398 25.10 16.68 -27.33
C TRP B 398 23.90 15.73 -27.27
N TYR B 399 22.75 16.26 -26.86
CA TYR B 399 21.56 15.43 -26.76
C TYR B 399 21.22 14.82 -28.12
N THR B 400 21.38 15.60 -29.18
CA THR B 400 21.09 15.12 -30.52
C THR B 400 21.97 13.93 -30.88
N LEU B 401 23.23 14.01 -30.47
CA LEU B 401 24.17 12.93 -30.75
C LEU B 401 23.82 11.69 -29.93
N CYS B 402 23.60 11.86 -28.63
CA CYS B 402 23.25 10.71 -27.78
C CYS B 402 21.97 10.04 -28.25
N ASP B 403 21.12 10.83 -28.90
CA ASP B 403 19.86 10.34 -29.44
C ASP B 403 20.14 9.33 -30.56
N ARG B 404 20.95 9.78 -31.51
CA ARG B 404 21.30 9.02 -32.69
C ARG B 404 22.33 7.91 -32.50
N TYR B 405 23.35 8.15 -31.68
CA TYR B 405 24.38 7.15 -31.45
C TYR B 405 23.98 6.11 -30.44
N GLY B 406 23.04 6.47 -29.57
CA GLY B 406 22.56 5.53 -28.56
C GLY B 406 23.24 5.61 -27.21
N LEU B 407 22.75 6.49 -26.34
CA LEU B 407 23.28 6.67 -24.99
C LEU B 407 22.18 7.15 -24.03
N TYR B 408 22.07 6.50 -22.87
CA TYR B 408 21.08 6.90 -21.89
C TYR B 408 21.66 8.12 -21.20
N VAL B 409 20.87 9.19 -21.15
CA VAL B 409 21.33 10.44 -20.56
C VAL B 409 20.60 10.88 -19.29
N VAL B 410 21.37 11.41 -18.34
CA VAL B 410 20.80 11.97 -17.10
C VAL B 410 20.97 13.47 -17.30
N ASP B 411 19.87 14.18 -17.55
CA ASP B 411 19.92 15.61 -17.76
C ASP B 411 19.83 16.27 -16.39
N GLU B 412 20.87 17.03 -16.03
CA GLU B 412 20.95 17.64 -14.72
C GLU B 412 20.96 19.15 -14.71
N ALA B 413 20.07 19.72 -13.92
CA ALA B 413 19.93 21.17 -13.74
C ALA B 413 21.22 21.77 -13.21
N ASN B 414 21.45 23.03 -13.57
CA ASN B 414 22.65 23.74 -13.17
C ASN B 414 22.55 24.30 -11.74
N ILE B 415 22.67 23.43 -10.75
CA ILE B 415 22.57 23.86 -9.35
C ILE B 415 23.49 23.12 -8.38
N GLU B 416 24.60 23.75 -8.00
CA GLU B 416 25.50 23.16 -7.00
C GLU B 416 25.94 24.27 -6.05
N THR B 417 25.79 24.01 -4.75
CA THR B 417 26.14 24.98 -3.73
C THR B 417 26.93 24.29 -2.62
N GLU B 418 27.69 23.27 -3.00
CA GLU B 418 28.49 22.50 -2.05
C GLU B 418 29.34 23.37 -1.13
N GLY B 419 29.56 24.62 -1.52
CA GLY B 419 30.37 25.53 -0.73
C GLY B 419 29.67 26.14 0.46
N MET B 420 28.35 26.13 0.44
CA MET B 420 27.59 26.70 1.55
C MET B 420 27.72 25.85 2.80
N VAL B 421 27.31 26.40 3.93
CA VAL B 421 27.36 25.67 5.21
C VAL B 421 26.18 26.02 6.10
N PRO B 422 25.29 25.06 6.34
CA PRO B 422 25.34 23.69 5.83
C PRO B 422 25.07 23.68 4.32
N MET B 423 25.39 22.58 3.66
CA MET B 423 25.21 22.50 2.22
C MET B 423 23.85 22.92 1.69
N ASN B 424 22.81 22.88 2.50
CA ASN B 424 21.51 23.26 1.96
C ASN B 424 21.06 24.63 2.42
N ARG B 425 22.00 25.48 2.79
CA ARG B 425 21.60 26.80 3.27
C ARG B 425 20.79 27.60 2.26
N LEU B 426 21.07 27.42 0.97
CA LEU B 426 20.31 28.14 -0.05
C LEU B 426 19.12 27.33 -0.54
N THR B 427 19.34 26.06 -0.88
CA THR B 427 18.27 25.21 -1.39
C THR B 427 17.08 25.01 -0.46
N ASP B 428 17.23 25.40 0.80
CA ASP B 428 16.12 25.22 1.76
C ASP B 428 15.52 26.57 2.09
N ASP B 429 16.11 27.61 1.53
CA ASP B 429 15.66 28.97 1.76
C ASP B 429 14.68 29.35 0.67
N PRO B 430 13.42 29.61 1.04
CA PRO B 430 12.40 29.99 0.05
C PRO B 430 12.76 31.21 -0.78
N ARG B 431 13.67 32.03 -0.28
CA ARG B 431 14.07 33.23 -1.00
C ARG B 431 14.81 32.84 -2.28
N TRP B 432 15.38 31.64 -2.30
CA TRP B 432 16.12 31.15 -3.47
C TRP B 432 15.33 30.16 -4.34
N LEU B 433 14.08 29.92 -3.97
CA LEU B 433 13.25 29.01 -4.74
C LEU B 433 13.12 29.49 -6.18
N PRO B 434 13.00 30.81 -6.39
CA PRO B 434 12.88 31.37 -7.75
C PRO B 434 14.06 31.06 -8.64
N ALA B 435 15.26 31.45 -8.19
CA ALA B 435 16.46 31.21 -8.98
C ALA B 435 16.60 29.72 -9.35
N MET B 436 16.45 28.84 -8.35
CA MET B 436 16.54 27.40 -8.60
C MET B 436 15.46 26.96 -9.59
N SER B 437 14.21 27.32 -9.30
CA SER B 437 13.08 26.98 -10.16
C SER B 437 13.44 27.08 -11.66
N GLU B 438 13.95 28.25 -12.06
CA GLU B 438 14.29 28.48 -13.45
C GLU B 438 15.38 27.61 -14.03
N ARG B 439 16.28 27.12 -13.19
CA ARG B 439 17.36 26.28 -13.66
C ARG B 439 16.86 24.85 -13.87
N VAL B 440 15.72 24.54 -13.27
CA VAL B 440 15.12 23.22 -13.42
C VAL B 440 14.09 23.26 -14.54
N THR B 441 13.12 24.16 -14.41
CA THR B 441 12.07 24.27 -15.39
C THR B 441 12.56 24.57 -16.81
N ARG B 442 13.52 25.47 -16.96
CA ARG B 442 14.01 25.81 -18.30
C ARG B 442 14.79 24.67 -18.95
N MET B 443 15.38 23.80 -18.13
CA MET B 443 16.10 22.65 -18.67
C MET B 443 15.05 21.68 -19.23
N VAL B 444 14.01 21.44 -18.43
CA VAL B 444 12.95 20.51 -18.84
C VAL B 444 12.26 20.99 -20.11
N GLN B 445 11.86 22.25 -20.14
CA GLN B 445 11.18 22.77 -21.32
C GLN B 445 12.06 22.70 -22.56
N ARG B 446 13.38 22.71 -22.37
CA ARG B 446 14.28 22.66 -23.52
C ARG B 446 14.52 21.25 -24.02
N ASP B 447 14.95 20.37 -23.12
CA ASP B 447 15.31 19.00 -23.50
C ASP B 447 14.25 17.89 -23.39
N ARG B 448 13.10 18.20 -22.83
CA ARG B 448 12.06 17.19 -22.66
C ARG B 448 11.69 16.32 -23.85
N ASN B 449 12.04 16.73 -25.07
CA ASN B 449 11.69 15.92 -26.22
C ASN B 449 12.73 14.88 -26.67
N HIS B 450 13.95 15.00 -26.16
CA HIS B 450 15.01 14.07 -26.51
C HIS B 450 14.82 12.69 -25.89
N PRO B 451 14.76 11.63 -26.73
CA PRO B 451 14.58 10.28 -26.20
C PRO B 451 15.80 9.78 -25.39
N SER B 452 16.99 10.26 -25.70
CA SER B 452 18.17 9.83 -24.96
C SER B 452 18.11 10.27 -23.50
N VAL B 453 17.33 11.31 -23.21
CA VAL B 453 17.19 11.75 -21.83
C VAL B 453 16.19 10.79 -21.17
N ILE B 454 16.66 9.99 -20.23
CA ILE B 454 15.80 9.05 -19.55
C ILE B 454 15.56 9.39 -18.07
N ILE B 455 16.39 10.26 -17.51
CA ILE B 455 16.23 10.65 -16.10
C ILE B 455 16.54 12.13 -15.93
N TRP B 456 15.81 12.79 -15.02
CA TRP B 456 16.04 14.21 -14.72
C TRP B 456 16.73 14.28 -13.35
N SER B 457 17.78 15.11 -13.25
CA SER B 457 18.49 15.30 -11.98
C SER B 457 18.31 16.75 -11.54
N LEU B 458 18.09 16.95 -10.24
CA LEU B 458 17.87 18.29 -9.69
C LEU B 458 19.14 19.09 -9.43
N GLY B 459 20.30 18.58 -9.85
CA GLY B 459 21.54 19.30 -9.62
C GLY B 459 22.59 18.47 -8.90
N ASN B 460 23.52 19.12 -8.21
CA ASN B 460 24.55 18.37 -7.50
C ASN B 460 25.01 19.03 -6.21
N GLU B 461 25.51 18.22 -5.29
CA GLU B 461 26.00 18.68 -3.99
C GLU B 461 25.37 20.00 -3.51
N SER B 462 24.14 19.91 -3.00
CA SER B 462 23.44 21.08 -2.48
C SER B 462 22.52 20.66 -1.34
N GLY B 463 22.99 19.73 -0.51
CA GLY B 463 22.19 19.24 0.61
C GLY B 463 20.77 18.92 0.19
N HIS B 464 19.85 18.94 1.13
CA HIS B 464 18.46 18.68 0.77
C HIS B 464 17.51 19.70 1.39
N GLY B 465 17.13 20.70 0.61
CA GLY B 465 16.21 21.70 1.12
C GLY B 465 14.80 21.52 0.57
N ALA B 466 13.86 22.29 1.10
CA ALA B 466 12.49 22.21 0.67
C ALA B 466 12.41 22.45 -0.83
N ASN B 467 13.19 23.44 -1.31
CA ASN B 467 13.18 23.79 -2.74
C ASN B 467 13.34 22.56 -3.62
N HIS B 468 14.18 21.63 -3.18
CA HIS B 468 14.40 20.40 -3.94
C HIS B 468 13.12 19.60 -4.05
N ASP B 469 12.39 19.49 -2.94
CA ASP B 469 11.13 18.76 -2.94
C ASP B 469 10.08 19.43 -3.82
N ALA B 470 10.01 20.75 -3.77
CA ALA B 470 9.06 21.47 -4.57
C ALA B 470 9.32 21.23 -6.05
N LEU B 471 10.58 21.40 -6.46
CA LEU B 471 10.98 21.22 -7.86
C LEU B 471 10.88 19.74 -8.30
N TYR B 472 11.09 18.84 -7.36
CA TYR B 472 10.98 17.42 -7.64
C TYR B 472 9.55 17.16 -8.13
N ARG B 473 8.58 17.56 -7.30
CA ARG B 473 7.17 17.38 -7.60
C ARG B 473 6.73 18.10 -8.87
N TRP B 474 7.37 19.22 -9.19
CA TRP B 474 7.01 19.95 -10.40
C TRP B 474 7.27 19.09 -11.65
N ILE B 475 8.50 18.58 -11.74
CA ILE B 475 8.88 17.72 -12.85
C ILE B 475 7.94 16.53 -12.96
N LYS B 476 7.62 15.92 -11.83
CA LYS B 476 6.74 14.75 -11.83
C LYS B 476 5.39 15.12 -12.41
N SER B 477 4.92 16.35 -12.16
CA SER B 477 3.62 16.80 -12.67
C SER B 477 3.71 17.14 -14.14
N VAL B 478 4.77 17.86 -14.50
CA VAL B 478 4.99 18.27 -15.86
C VAL B 478 5.36 17.15 -16.82
N ASP B 479 6.22 16.23 -16.38
CA ASP B 479 6.65 15.14 -17.22
C ASP B 479 6.77 13.81 -16.51
N PRO B 480 5.69 13.03 -16.54
CA PRO B 480 5.58 11.71 -15.91
C PRO B 480 6.42 10.64 -16.60
N SER B 481 6.84 10.93 -17.83
CA SER B 481 7.64 9.98 -18.61
C SER B 481 9.02 9.65 -18.05
N ARG B 482 9.59 10.54 -17.24
CA ARG B 482 10.92 10.30 -16.71
C ARG B 482 11.06 10.35 -15.20
N PRO B 483 11.89 9.46 -14.63
CA PRO B 483 12.11 9.43 -13.18
C PRO B 483 12.98 10.63 -12.79
N VAL B 484 12.87 11.13 -11.57
CA VAL B 484 13.70 12.24 -11.11
C VAL B 484 14.66 11.71 -10.03
N GLN B 485 15.90 12.22 -10.01
CA GLN B 485 16.84 11.77 -8.99
C GLN B 485 17.68 12.92 -8.46
N TYR B 486 18.22 12.73 -7.26
CA TYR B 486 19.06 13.74 -6.63
C TYR B 486 19.77 13.09 -5.46
N GLU B 487 21.09 13.23 -5.43
CA GLU B 487 21.90 12.60 -4.39
C GLU B 487 22.06 13.45 -3.12
N GLY B 488 21.73 14.73 -3.22
CA GLY B 488 21.87 15.59 -2.07
C GLY B 488 21.11 15.09 -0.86
N GLY B 489 21.60 15.44 0.32
CA GLY B 489 20.93 15.04 1.55
C GLY B 489 20.99 13.58 1.93
N GLY B 490 21.87 12.79 1.33
CA GLY B 490 21.93 11.39 1.70
C GLY B 490 21.55 10.38 0.64
N ALA B 491 21.35 10.84 -0.60
CA ALA B 491 21.04 9.96 -1.72
C ALA B 491 19.72 9.20 -1.72
N ASP B 492 18.97 9.22 -0.63
CA ASP B 492 17.69 8.50 -0.62
C ASP B 492 16.55 9.35 -0.11
N THR B 493 16.71 10.67 -0.19
CA THR B 493 15.70 11.62 0.26
C THR B 493 14.37 11.51 -0.48
N THR B 494 13.39 12.30 -0.03
CA THR B 494 12.07 12.30 -0.65
C THR B 494 12.09 13.04 -1.97
N ALA B 495 13.28 13.49 -2.37
CA ALA B 495 13.43 14.23 -3.61
C ALA B 495 14.04 13.38 -4.71
N THR B 496 14.06 12.07 -4.53
CA THR B 496 14.62 11.19 -5.55
C THR B 496 13.89 9.85 -5.71
N ASP B 497 13.70 9.43 -6.95
CA ASP B 497 13.03 8.17 -7.29
C ASP B 497 14.02 7.01 -7.31
N ILE B 498 15.31 7.34 -7.27
CA ILE B 498 16.37 6.36 -7.31
C ILE B 498 17.36 6.60 -6.19
N ILE B 499 17.83 5.52 -5.56
CA ILE B 499 18.83 5.67 -4.51
C ILE B 499 20.08 5.85 -5.34
N CYS B 500 20.58 7.09 -5.37
CA CYS B 500 21.74 7.45 -6.18
C CYS B 500 22.92 7.98 -5.39
N PRO B 501 23.54 7.14 -4.56
CA PRO B 501 24.68 7.64 -3.80
C PRO B 501 25.85 7.94 -4.69
N MET B 502 26.91 8.51 -4.11
CA MET B 502 28.14 8.77 -4.83
C MET B 502 29.30 8.31 -3.98
N TYR B 503 29.99 7.28 -4.46
CA TYR B 503 31.15 6.70 -3.81
C TYR B 503 30.84 5.79 -2.63
N ALA B 504 29.61 5.31 -2.59
CA ALA B 504 29.20 4.38 -1.54
C ALA B 504 29.87 3.07 -1.95
N ARG B 505 30.60 2.45 -1.03
CA ARG B 505 31.30 1.20 -1.32
C ARG B 505 30.43 -0.05 -1.42
N VAL B 506 30.98 -1.11 -1.99
CA VAL B 506 30.23 -2.34 -2.20
C VAL B 506 29.83 -3.11 -0.94
N ASP B 507 30.76 -3.37 -0.03
CA ASP B 507 30.44 -4.12 1.18
C ASP B 507 30.67 -3.32 2.46
N GLU B 508 31.49 -2.30 2.36
CA GLU B 508 31.82 -1.49 3.53
C GLU B 508 30.95 -0.26 3.74
N ASP B 509 30.46 -0.12 4.98
CA ASP B 509 29.62 1.01 5.33
C ASP B 509 30.51 2.17 5.75
N GLN B 510 30.03 3.38 5.52
CA GLN B 510 30.73 4.60 5.91
C GLN B 510 29.66 5.39 6.66
N PRO B 511 29.35 4.98 7.89
CA PRO B 511 28.35 5.57 8.79
C PRO B 511 28.51 7.04 9.20
N PHE B 512 28.64 7.91 8.22
CA PHE B 512 28.76 9.33 8.49
C PHE B 512 27.44 9.78 9.13
N PRO B 513 27.50 10.79 10.03
CA PRO B 513 26.26 11.26 10.64
C PRO B 513 25.40 12.03 9.62
N ALA B 514 24.07 11.84 9.72
CA ALA B 514 23.10 12.50 8.87
C ALA B 514 23.06 11.97 7.44
N VAL B 515 24.23 11.88 6.82
CA VAL B 515 24.30 11.41 5.45
C VAL B 515 25.30 10.29 5.26
N PRO B 516 25.02 9.13 5.86
CA PRO B 516 25.93 7.99 5.72
C PRO B 516 25.92 7.41 4.31
N LYS B 517 26.95 6.63 4.01
CA LYS B 517 27.07 5.96 2.73
C LYS B 517 27.10 4.46 3.07
N TRP B 518 25.94 3.82 2.98
CA TRP B 518 25.85 2.41 3.28
C TRP B 518 26.41 1.58 2.15
N SER B 519 26.80 0.35 2.46
CA SER B 519 27.28 -0.57 1.44
C SER B 519 26.11 -0.62 0.48
N ILE B 520 26.35 -0.45 -0.82
CA ILE B 520 25.22 -0.46 -1.75
C ILE B 520 24.32 -1.69 -1.60
N LYS B 521 24.91 -2.82 -1.22
CA LYS B 521 24.14 -4.05 -1.03
C LYS B 521 23.24 -4.00 0.21
N LYS B 522 23.75 -3.36 1.26
CA LYS B 522 22.97 -3.24 2.49
C LYS B 522 21.90 -2.18 2.32
N TRP B 523 22.19 -1.17 1.53
CA TRP B 523 21.27 -0.06 1.30
C TRP B 523 19.93 -0.48 0.74
N LEU B 524 19.94 -1.32 -0.28
CA LEU B 524 18.71 -1.79 -0.91
C LEU B 524 17.71 -2.42 0.05
N SER B 525 18.20 -3.15 1.04
CA SER B 525 17.32 -3.84 1.98
C SER B 525 17.03 -3.13 3.29
N LEU B 526 17.43 -1.86 3.41
CA LEU B 526 17.16 -1.12 4.64
C LEU B 526 15.65 -1.12 4.86
N PRO B 527 15.21 -1.29 6.11
CA PRO B 527 13.78 -1.32 6.41
C PRO B 527 12.96 -0.27 5.66
N GLY B 528 11.93 -0.74 4.95
CA GLY B 528 11.07 0.15 4.21
C GLY B 528 11.54 0.51 2.82
N GLU B 529 12.85 0.57 2.61
CA GLU B 529 13.40 0.91 1.30
C GLU B 529 12.97 -0.06 0.20
N THR B 530 12.70 0.47 -0.99
CA THR B 530 12.27 -0.37 -2.10
C THR B 530 12.76 0.11 -3.46
N ARG B 531 13.32 1.30 -3.52
CA ARG B 531 13.79 1.87 -4.78
C ARG B 531 14.98 1.16 -5.41
N PRO B 532 15.27 1.49 -6.68
CA PRO B 532 16.41 0.88 -7.38
C PRO B 532 17.63 1.73 -7.01
N LEU B 533 18.82 1.13 -6.99
CA LEU B 533 20.01 1.87 -6.63
C LEU B 533 21.03 1.94 -7.76
N ILE B 534 21.33 3.16 -8.19
CA ILE B 534 22.30 3.44 -9.26
C ILE B 534 23.20 4.58 -8.80
N LEU B 535 24.47 4.31 -8.57
CA LEU B 535 25.38 5.35 -8.10
C LEU B 535 25.52 6.45 -9.14
N CYS B 536 25.40 7.71 -8.72
CA CYS B 536 25.51 8.81 -9.65
C CYS B 536 26.98 9.11 -9.88
N GLU B 537 27.82 8.56 -9.02
CA GLU B 537 29.26 8.73 -9.12
C GLU B 537 29.91 7.62 -8.32
N TYR B 538 30.88 6.93 -8.92
CA TYR B 538 31.60 5.87 -8.23
C TYR B 538 32.87 5.57 -9.01
N ALA B 539 33.83 4.96 -8.34
CA ALA B 539 35.10 4.61 -8.97
C ALA B 539 35.84 5.85 -9.40
N HIS B 540 36.21 6.70 -8.45
CA HIS B 540 36.95 7.93 -8.75
C HIS B 540 38.21 7.54 -9.52
N ALA B 541 38.22 7.86 -10.81
CA ALA B 541 39.34 7.51 -11.69
C ALA B 541 40.45 8.53 -11.70
N MET B 542 40.83 9.01 -10.52
CA MET B 542 41.90 10.00 -10.42
C MET B 542 43.30 9.38 -10.46
N GLY B 543 43.99 9.58 -11.57
CA GLY B 543 45.34 9.06 -11.70
C GLY B 543 45.36 7.55 -11.86
N ASN B 544 46.24 6.90 -11.10
CA ASN B 544 46.36 5.45 -11.15
C ASN B 544 45.30 4.96 -10.17
N SER B 545 44.07 4.85 -10.67
CA SER B 545 42.95 4.43 -9.85
C SER B 545 42.13 3.30 -10.49
N LEU B 546 40.85 3.26 -10.11
CA LEU B 546 39.89 2.26 -10.57
C LEU B 546 40.14 0.87 -9.99
N GLY B 547 40.84 0.82 -8.87
CA GLY B 547 41.11 -0.46 -8.23
C GLY B 547 39.86 -0.88 -7.47
N GLY B 548 39.47 -2.13 -7.58
CA GLY B 548 38.28 -2.61 -6.89
C GLY B 548 37.04 -2.39 -7.76
N PHE B 549 37.27 -1.97 -9.00
CA PHE B 549 36.20 -1.70 -9.97
C PHE B 549 35.44 -2.98 -10.27
N ALA B 550 36.17 -4.08 -10.40
CA ALA B 550 35.53 -5.36 -10.69
C ALA B 550 34.53 -5.76 -9.60
N LYS B 551 34.80 -5.36 -8.36
CA LYS B 551 33.91 -5.71 -7.26
C LYS B 551 32.52 -5.09 -7.45
N TYR B 552 32.48 -3.86 -7.95
CA TYR B 552 31.23 -3.16 -8.19
C TYR B 552 30.38 -3.90 -9.20
N TRP B 553 31.01 -4.32 -10.28
CA TRP B 553 30.26 -5.02 -11.31
C TRP B 553 29.80 -6.40 -10.89
N GLN B 554 30.62 -7.07 -10.09
CA GLN B 554 30.29 -8.39 -9.59
C GLN B 554 28.94 -8.22 -8.90
N ALA B 555 28.87 -7.18 -8.07
CA ALA B 555 27.67 -6.87 -7.31
C ALA B 555 26.51 -6.43 -8.19
N PHE B 556 26.79 -5.59 -9.19
CA PHE B 556 25.73 -5.12 -10.09
C PHE B 556 25.01 -6.28 -10.75
N ARG B 557 25.79 -7.28 -11.19
CA ARG B 557 25.22 -8.41 -11.87
C ARG B 557 24.47 -9.35 -10.96
N GLN B 558 24.90 -9.47 -9.71
CA GLN B 558 24.23 -10.37 -8.78
C GLN B 558 22.93 -9.84 -8.18
N TYR B 559 22.89 -8.53 -7.94
CA TYR B 559 21.71 -7.89 -7.35
C TYR B 559 20.77 -7.19 -8.35
N PRO B 560 19.57 -7.76 -8.55
CA PRO B 560 18.58 -7.19 -9.48
C PRO B 560 18.41 -5.68 -9.34
N ARG B 561 18.28 -5.19 -8.10
CA ARG B 561 18.10 -3.77 -7.86
C ARG B 561 19.37 -2.92 -7.82
N LEU B 562 20.53 -3.55 -8.01
CA LEU B 562 21.78 -2.80 -8.09
C LEU B 562 21.91 -2.66 -9.60
N GLN B 563 21.37 -1.57 -10.13
CA GLN B 563 21.36 -1.37 -11.57
C GLN B 563 22.49 -0.56 -12.22
N GLY B 564 23.64 -0.51 -11.57
CA GLY B 564 24.77 0.21 -12.15
C GLY B 564 25.16 1.53 -11.53
N GLY B 565 25.81 2.36 -12.35
CA GLY B 565 26.26 3.67 -11.90
C GLY B 565 26.96 4.49 -12.96
N PHE B 566 27.55 5.60 -12.55
CA PHE B 566 28.26 6.48 -13.45
C PHE B 566 29.65 6.74 -12.90
N VAL B 567 30.66 6.25 -13.61
CA VAL B 567 32.04 6.41 -13.19
C VAL B 567 32.39 7.87 -13.15
N TRP B 568 33.29 8.25 -12.23
CA TRP B 568 33.74 9.63 -12.18
C TRP B 568 35.24 9.74 -12.39
N ASP B 569 35.65 10.27 -13.55
CA ASP B 569 34.72 10.71 -14.57
C ASP B 569 35.34 10.49 -15.96
N TRP B 570 34.79 11.10 -17.00
CA TRP B 570 35.31 10.88 -18.35
C TRP B 570 36.71 11.39 -18.70
N VAL B 571 36.88 12.72 -18.76
CA VAL B 571 38.17 13.30 -19.14
C VAL B 571 38.81 14.24 -18.12
N ASP B 572 40.15 14.22 -18.09
CA ASP B 572 40.92 15.06 -17.19
C ASP B 572 40.68 16.53 -17.52
N GLN B 573 40.43 17.34 -16.50
CA GLN B 573 40.22 18.75 -16.74
C GLN B 573 41.56 19.47 -16.63
N SER B 574 42.47 19.16 -17.54
CA SER B 574 43.77 19.79 -17.56
C SER B 574 43.78 20.81 -18.69
N LEU B 575 44.48 21.92 -18.50
CA LEU B 575 44.58 22.94 -19.53
C LEU B 575 45.98 22.96 -20.10
N ILE B 576 46.12 23.38 -21.35
CA ILE B 576 47.42 23.47 -22.03
C ILE B 576 48.12 24.81 -21.86
N LYS B 577 49.36 24.77 -21.39
CA LYS B 577 50.14 25.98 -21.22
C LYS B 577 51.38 25.80 -22.08
N TYR B 578 52.20 26.85 -22.19
CA TYR B 578 53.41 26.75 -22.98
C TYR B 578 54.62 27.33 -22.24
N ASP B 579 55.75 26.64 -22.31
CA ASP B 579 56.98 27.07 -21.66
C ASP B 579 57.67 28.09 -22.57
N GLU B 580 58.80 28.62 -22.13
CA GLU B 580 59.56 29.61 -22.90
C GLU B 580 59.81 29.20 -24.35
N ASN B 581 60.11 27.92 -24.58
CA ASN B 581 60.38 27.43 -25.93
C ASN B 581 59.12 27.35 -26.78
N GLY B 582 57.96 27.48 -26.14
CA GLY B 582 56.71 27.40 -26.87
C GLY B 582 56.20 25.98 -26.99
N ASN B 583 56.55 25.12 -26.03
CA ASN B 583 56.09 23.74 -26.04
C ASN B 583 54.90 23.58 -25.10
N PRO B 584 53.90 22.77 -25.50
CA PRO B 584 52.71 22.56 -24.69
C PRO B 584 52.88 21.52 -23.59
N TRP B 585 52.19 21.75 -22.48
CA TRP B 585 52.20 20.83 -21.33
C TRP B 585 50.88 20.95 -20.54
N SER B 586 50.45 19.83 -19.93
CA SER B 586 49.22 19.82 -19.16
C SER B 586 49.35 20.46 -17.80
N ALA B 587 48.52 21.47 -17.54
CA ALA B 587 48.54 22.20 -16.29
C ALA B 587 47.24 22.01 -15.53
N TYR B 588 47.29 22.20 -14.22
CA TYR B 588 46.11 22.06 -13.36
C TYR B 588 46.02 23.14 -12.29
N GLY B 589 45.36 22.83 -11.18
CA GLY B 589 45.21 23.78 -10.09
C GLY B 589 46.46 24.60 -9.75
N GLY B 590 46.29 25.91 -9.68
CA GLY B 590 47.39 26.80 -9.35
C GLY B 590 48.28 27.20 -10.50
N ASP B 591 48.41 26.33 -11.49
CA ASP B 591 49.25 26.58 -12.65
C ASP B 591 48.93 27.86 -13.41
N PHE B 592 47.96 28.63 -12.95
CA PHE B 592 47.61 29.87 -13.64
C PHE B 592 47.63 31.03 -12.67
N GLY B 593 48.29 30.84 -11.54
CA GLY B 593 48.36 31.89 -10.54
C GLY B 593 47.07 31.89 -9.75
N ASP B 594 46.17 31.00 -10.13
CA ASP B 594 44.88 30.89 -9.45
C ASP B 594 45.11 30.41 -8.03
N THR B 595 44.45 31.09 -7.09
CA THR B 595 44.59 30.76 -5.69
C THR B 595 43.54 31.48 -4.85
N PRO B 596 42.93 30.79 -3.86
CA PRO B 596 43.22 29.39 -3.54
C PRO B 596 42.83 28.43 -4.66
N ASN B 597 43.57 27.32 -4.74
CA ASN B 597 43.32 26.29 -5.74
C ASN B 597 43.32 24.91 -5.09
N ASP B 598 42.78 23.92 -5.80
CA ASP B 598 42.71 22.56 -5.30
C ASP B 598 43.59 21.56 -6.03
N ARG B 599 44.88 21.85 -6.05
CA ARG B 599 45.91 21.02 -6.65
C ARG B 599 45.50 20.38 -7.97
N GLN B 600 45.63 19.05 -8.04
CA GLN B 600 45.30 18.29 -9.24
C GLN B 600 43.96 17.59 -9.20
N PHE B 601 43.06 18.02 -8.32
CA PHE B 601 41.76 17.36 -8.20
C PHE B 601 40.78 17.56 -9.34
N CYS B 602 41.23 18.27 -10.38
CA CYS B 602 40.41 18.51 -11.55
C CYS B 602 40.71 17.47 -12.62
N MET B 603 41.61 16.53 -12.31
CA MET B 603 41.97 15.47 -13.25
C MET B 603 41.53 14.12 -12.68
N ASN B 604 40.32 13.70 -13.01
CA ASN B 604 39.77 12.45 -12.50
C ASN B 604 39.27 11.58 -13.65
N GLY B 605 39.76 11.82 -14.86
CA GLY B 605 39.28 11.05 -15.99
C GLY B 605 39.85 9.68 -16.33
N LEU B 606 39.14 8.99 -17.22
CA LEU B 606 39.56 7.68 -17.70
C LEU B 606 40.42 7.94 -18.93
N VAL B 607 40.41 9.19 -19.38
CA VAL B 607 41.20 9.63 -20.53
C VAL B 607 41.79 11.01 -20.25
N PHE B 608 42.92 11.31 -20.88
CA PHE B 608 43.59 12.60 -20.72
C PHE B 608 42.81 13.67 -21.49
N ALA B 609 43.03 14.93 -21.16
CA ALA B 609 42.34 16.02 -21.84
C ALA B 609 42.26 15.84 -23.36
N ASP B 610 43.28 15.23 -23.95
CA ASP B 610 43.31 15.03 -25.40
C ASP B 610 42.68 13.70 -25.81
N ARG B 611 41.81 13.17 -24.97
CA ARG B 611 41.11 11.92 -25.23
C ARG B 611 41.95 10.65 -25.40
N THR B 612 43.17 10.68 -24.87
CA THR B 612 44.05 9.52 -24.94
C THR B 612 43.67 8.68 -23.72
N PRO B 613 43.35 7.40 -23.93
CA PRO B 613 42.97 6.50 -22.84
C PRO B 613 43.98 6.39 -21.71
N HIS B 614 43.47 6.17 -20.50
CA HIS B 614 44.33 5.95 -19.33
C HIS B 614 44.35 4.44 -19.25
N PRO B 615 45.23 3.88 -18.42
CA PRO B 615 45.20 2.41 -18.40
C PRO B 615 43.82 1.91 -17.94
N ALA B 616 43.28 2.51 -16.89
CA ALA B 616 41.98 2.13 -16.32
C ALA B 616 40.81 2.02 -17.30
N LEU B 617 40.81 2.81 -18.38
CA LEU B 617 39.71 2.74 -19.34
C LEU B 617 39.54 1.32 -19.83
N THR B 618 40.68 0.64 -20.01
CA THR B 618 40.66 -0.74 -20.50
C THR B 618 39.96 -1.67 -19.49
N GLU B 619 40.23 -1.44 -18.20
CA GLU B 619 39.61 -2.25 -17.15
C GLU B 619 38.09 -2.06 -17.22
N ALA B 620 37.68 -0.81 -17.38
CA ALA B 620 36.27 -0.48 -17.46
C ALA B 620 35.62 -1.23 -18.61
N LYS B 621 36.21 -1.12 -19.79
CA LYS B 621 35.66 -1.80 -20.96
C LYS B 621 35.40 -3.27 -20.69
N HIS B 622 36.39 -3.94 -20.09
CA HIS B 622 36.28 -5.36 -19.78
C HIS B 622 35.16 -5.68 -18.80
N GLN B 623 35.13 -5.00 -17.65
CA GLN B 623 34.10 -5.26 -16.65
C GLN B 623 32.70 -4.93 -17.13
N GLN B 624 32.58 -4.02 -18.09
CA GLN B 624 31.29 -3.61 -18.62
C GLN B 624 30.90 -4.35 -19.90
N GLN B 625 31.48 -5.51 -20.13
CA GLN B 625 31.16 -6.30 -21.32
C GLN B 625 29.68 -6.65 -21.34
N PHE B 626 29.16 -6.98 -22.52
CA PHE B 626 27.76 -7.35 -22.63
C PHE B 626 27.61 -8.84 -22.88
N PHE B 627 28.74 -9.54 -22.81
CA PHE B 627 28.73 -10.99 -22.99
C PHE B 627 29.50 -11.64 -21.85
N GLN B 628 28.85 -12.58 -21.17
CA GLN B 628 29.47 -13.29 -20.06
C GLN B 628 29.79 -14.72 -20.50
N PHE B 629 30.94 -15.23 -20.06
CA PHE B 629 31.34 -16.58 -20.43
C PHE B 629 31.68 -17.45 -19.24
N ARG B 630 31.39 -18.73 -19.37
CA ARG B 630 31.69 -19.72 -18.34
C ARG B 630 32.24 -20.94 -19.09
N LEU B 631 33.20 -21.63 -18.48
CA LEU B 631 33.79 -22.79 -19.14
C LEU B 631 33.57 -24.06 -18.34
N SER B 632 33.21 -25.13 -19.04
CA SER B 632 32.99 -26.43 -18.42
C SER B 632 33.62 -27.50 -19.29
N GLY B 633 34.88 -27.82 -18.99
CA GLY B 633 35.58 -28.82 -19.77
C GLY B 633 35.85 -28.38 -21.19
N GLN B 634 35.01 -28.87 -22.11
CA GLN B 634 35.14 -28.54 -23.52
C GLN B 634 34.15 -27.49 -23.99
N THR B 635 33.14 -27.20 -23.17
CA THR B 635 32.13 -26.25 -23.56
C THR B 635 32.23 -24.85 -22.98
N ILE B 636 32.12 -23.87 -23.87
CA ILE B 636 32.16 -22.47 -23.51
C ILE B 636 30.69 -22.04 -23.56
N GLU B 637 30.22 -21.39 -22.51
CA GLU B 637 28.85 -20.93 -22.48
C GLU B 637 28.84 -19.42 -22.55
N VAL B 638 28.17 -18.90 -23.56
CA VAL B 638 28.07 -17.45 -23.73
C VAL B 638 26.67 -16.98 -23.36
N THR B 639 26.59 -16.01 -22.46
CA THR B 639 25.30 -15.48 -22.04
C THR B 639 25.29 -14.02 -22.48
N SER B 640 24.18 -13.58 -23.05
CA SER B 640 24.06 -12.19 -23.49
C SER B 640 23.47 -11.30 -22.40
N GLU B 641 24.01 -10.09 -22.25
CA GLU B 641 23.50 -9.16 -21.25
C GLU B 641 22.75 -8.03 -21.94
N TYR B 642 22.49 -8.20 -23.23
CA TYR B 642 21.74 -7.21 -23.99
C TYR B 642 20.29 -7.48 -23.65
N LEU B 643 19.47 -6.44 -23.77
CA LEU B 643 18.06 -6.57 -23.44
C LEU B 643 17.22 -6.60 -24.68
N PHE B 644 17.77 -6.09 -25.77
CA PHE B 644 16.99 -6.02 -26.99
C PHE B 644 17.62 -6.66 -28.22
N ARG B 645 18.80 -6.18 -28.60
CA ARG B 645 19.45 -6.73 -29.78
C ARG B 645 19.84 -8.19 -29.68
N HIS B 646 20.13 -8.75 -30.85
CA HIS B 646 20.56 -10.13 -31.00
C HIS B 646 22.04 -9.98 -31.33
N SER B 647 22.86 -10.99 -31.09
CA SER B 647 24.28 -10.83 -31.43
C SER B 647 24.48 -11.00 -32.95
N ASP B 648 23.85 -10.12 -33.72
CA ASP B 648 23.92 -10.18 -35.18
C ASP B 648 25.12 -9.53 -35.85
N ASN B 649 26.10 -9.10 -35.07
CA ASN B 649 27.30 -8.50 -35.63
C ASN B 649 28.48 -8.92 -34.77
N GLU B 650 28.48 -10.20 -34.41
CA GLU B 650 29.54 -10.71 -33.55
C GLU B 650 29.89 -12.18 -33.82
N LEU B 651 31.14 -12.53 -33.54
CA LEU B 651 31.64 -13.89 -33.70
C LEU B 651 32.70 -14.14 -32.63
N LEU B 652 32.62 -15.31 -32.00
CA LEU B 652 33.59 -15.67 -30.97
C LEU B 652 34.88 -16.13 -31.62
N HIS B 653 35.99 -15.65 -31.08
CA HIS B 653 37.30 -15.97 -31.60
C HIS B 653 38.11 -16.57 -30.44
N TRP B 654 38.44 -17.84 -30.52
CA TRP B 654 39.19 -18.49 -29.44
C TRP B 654 40.60 -18.90 -29.82
N MET B 655 41.41 -19.20 -28.82
CA MET B 655 42.78 -19.61 -29.03
C MET B 655 43.44 -20.16 -27.77
N VAL B 656 44.09 -21.32 -27.92
CA VAL B 656 44.81 -21.96 -26.83
C VAL B 656 46.31 -21.74 -27.01
N ALA B 657 47.01 -21.43 -25.93
CA ALA B 657 48.44 -21.17 -26.00
C ALA B 657 49.20 -21.63 -24.76
N LEU B 658 50.33 -22.28 -24.99
CA LEU B 658 51.17 -22.76 -23.90
C LEU B 658 52.17 -21.65 -23.59
N ASP B 659 52.00 -21.03 -22.43
CA ASP B 659 52.87 -19.94 -22.02
C ASP B 659 53.26 -19.03 -23.17
N GLY B 660 52.26 -18.50 -23.86
CA GLY B 660 52.50 -17.60 -24.97
C GLY B 660 52.53 -18.27 -26.34
N LYS B 661 53.05 -19.49 -26.38
CA LYS B 661 53.15 -20.23 -27.63
C LYS B 661 51.79 -20.72 -28.06
N PRO B 662 51.23 -20.17 -29.15
CA PRO B 662 49.91 -20.64 -29.59
C PRO B 662 49.97 -22.09 -30.08
N LEU B 663 48.84 -22.78 -30.01
CA LEU B 663 48.78 -24.18 -30.46
C LEU B 663 47.59 -24.37 -31.38
N ALA B 664 46.42 -24.00 -30.89
CA ALA B 664 45.20 -24.12 -31.67
C ALA B 664 44.42 -22.81 -31.62
N SER B 665 43.38 -22.71 -32.46
CA SER B 665 42.54 -21.53 -32.51
C SER B 665 41.39 -21.77 -33.48
N GLY B 666 40.45 -20.84 -33.52
CA GLY B 666 39.32 -20.99 -34.41
C GLY B 666 38.35 -19.85 -34.20
N GLU B 667 37.12 -20.03 -34.63
CA GLU B 667 36.12 -18.99 -34.45
C GLU B 667 34.73 -19.47 -34.81
N VAL B 668 33.81 -19.30 -33.86
CA VAL B 668 32.42 -19.70 -34.04
C VAL B 668 31.55 -18.44 -34.07
N PRO B 669 30.59 -18.36 -35.00
CA PRO B 669 29.74 -17.17 -35.05
C PRO B 669 28.82 -17.14 -33.82
N LEU B 670 28.49 -15.94 -33.35
CA LEU B 670 27.62 -15.81 -32.17
C LEU B 670 26.17 -15.56 -32.55
N ASP B 671 25.31 -16.43 -32.06
CA ASP B 671 23.87 -16.33 -32.31
C ASP B 671 23.15 -16.43 -30.96
N VAL B 672 23.26 -15.34 -30.19
CA VAL B 672 22.66 -15.27 -28.86
C VAL B 672 21.57 -14.20 -28.82
N ALA B 673 20.40 -14.60 -28.31
CA ALA B 673 19.29 -13.68 -28.17
C ALA B 673 19.50 -12.91 -26.88
N PRO B 674 18.99 -11.66 -26.81
CA PRO B 674 19.17 -10.89 -25.59
C PRO B 674 18.76 -11.72 -24.37
N GLN B 675 19.58 -11.69 -23.34
CA GLN B 675 19.30 -12.45 -22.12
C GLN B 675 19.57 -13.95 -22.32
N GLY B 676 19.72 -14.36 -23.58
CA GLY B 676 19.93 -15.76 -23.88
C GLY B 676 21.34 -16.32 -23.69
N LYS B 677 21.45 -17.62 -23.93
CA LYS B 677 22.73 -18.32 -23.81
C LYS B 677 23.02 -19.14 -25.07
N GLN B 678 24.30 -19.40 -25.29
CA GLN B 678 24.72 -20.20 -26.44
C GLN B 678 25.88 -21.05 -26.00
N LEU B 679 25.83 -22.34 -26.33
CA LEU B 679 26.93 -23.24 -25.96
C LEU B 679 27.84 -23.48 -27.15
N ILE B 680 29.15 -23.41 -26.88
CA ILE B 680 30.13 -23.63 -27.92
C ILE B 680 31.06 -24.76 -27.51
N GLU B 681 31.07 -25.80 -28.34
CA GLU B 681 31.88 -27.00 -28.11
C GLU B 681 33.21 -26.89 -28.85
N LEU B 682 34.28 -26.67 -28.10
CA LEU B 682 35.59 -26.57 -28.73
C LEU B 682 36.05 -27.94 -29.20
N PRO B 683 36.73 -28.00 -30.36
CA PRO B 683 37.19 -29.28 -30.87
C PRO B 683 38.22 -29.83 -29.88
N GLU B 684 38.43 -31.15 -29.90
CA GLU B 684 39.39 -31.77 -28.99
C GLU B 684 40.66 -30.94 -29.00
N LEU B 685 40.76 -30.00 -28.06
CA LEU B 685 41.93 -29.13 -27.96
C LEU B 685 43.26 -29.87 -28.07
N PRO B 686 44.30 -29.17 -28.55
CA PRO B 686 45.63 -29.78 -28.70
C PRO B 686 46.16 -30.28 -27.37
N GLN B 687 46.68 -31.50 -27.36
CA GLN B 687 47.22 -32.05 -26.13
C GLN B 687 48.64 -31.54 -25.96
N PRO B 688 48.85 -30.66 -24.97
CA PRO B 688 50.17 -30.09 -24.70
C PRO B 688 51.15 -31.18 -24.31
N GLU B 689 52.43 -30.85 -24.36
CA GLU B 689 53.47 -31.81 -24.02
C GLU B 689 54.48 -31.15 -23.08
N SER B 690 55.15 -30.14 -23.62
CA SER B 690 56.15 -29.39 -22.87
C SER B 690 55.55 -28.95 -21.54
N ALA B 691 56.41 -28.60 -20.59
CA ALA B 691 55.92 -28.15 -19.30
C ALA B 691 55.36 -26.75 -19.50
N GLY B 692 54.35 -26.39 -18.72
CA GLY B 692 53.77 -25.06 -18.87
C GLY B 692 52.29 -24.95 -18.53
N GLN B 693 51.75 -23.76 -18.77
CA GLN B 693 50.35 -23.49 -18.48
C GLN B 693 49.54 -23.16 -19.74
N LEU B 694 48.56 -24.00 -20.05
CA LEU B 694 47.70 -23.80 -21.21
C LEU B 694 46.64 -22.75 -20.92
N TRP B 695 46.53 -21.74 -21.79
CA TRP B 695 45.54 -20.69 -21.59
C TRP B 695 44.53 -20.51 -22.71
N LEU B 696 43.26 -20.77 -22.40
CA LEU B 696 42.20 -20.59 -23.37
C LEU B 696 41.84 -19.10 -23.31
N THR B 697 41.71 -18.48 -24.48
CA THR B 697 41.38 -17.06 -24.55
C THR B 697 40.35 -16.81 -25.63
N VAL B 698 39.21 -16.24 -25.25
CA VAL B 698 38.17 -15.94 -26.21
C VAL B 698 38.01 -14.43 -26.35
N ARG B 699 37.66 -13.99 -27.55
CA ARG B 699 37.44 -12.58 -27.84
C ARG B 699 36.21 -12.46 -28.71
N VAL B 700 35.29 -11.56 -28.37
CA VAL B 700 34.11 -11.37 -29.20
C VAL B 700 34.49 -10.29 -30.20
N VAL B 701 34.24 -10.54 -31.48
CA VAL B 701 34.61 -9.57 -32.48
C VAL B 701 33.46 -9.11 -33.36
N GLN B 702 33.42 -7.82 -33.64
CA GLN B 702 32.39 -7.24 -34.50
C GLN B 702 33.01 -7.17 -35.89
N PRO B 703 32.69 -8.12 -36.76
CA PRO B 703 33.24 -8.12 -38.11
C PRO B 703 32.91 -6.85 -38.88
N ASN B 704 31.63 -6.48 -38.88
CA ASN B 704 31.19 -5.29 -39.59
C ASN B 704 31.39 -4.01 -38.79
N ALA B 705 31.75 -2.95 -39.50
CA ALA B 705 31.96 -1.66 -38.87
C ALA B 705 30.59 -1.06 -38.58
N THR B 706 30.49 -0.32 -37.50
CA THR B 706 29.25 0.31 -37.10
C THR B 706 29.41 1.82 -37.24
N ALA B 707 28.51 2.57 -36.63
CA ALA B 707 28.61 4.02 -36.71
C ALA B 707 29.63 4.50 -35.71
N TRP B 708 29.86 3.68 -34.69
CA TRP B 708 30.79 4.02 -33.61
C TRP B 708 32.00 3.10 -33.51
N SER B 709 32.01 2.03 -34.30
CA SER B 709 33.14 1.10 -34.24
C SER B 709 33.75 0.78 -35.59
N GLU B 710 35.05 0.56 -35.57
CA GLU B 710 35.83 0.18 -36.75
C GLU B 710 35.45 -1.26 -37.07
N ALA B 711 35.99 -1.78 -38.16
CA ALA B 711 35.69 -3.17 -38.51
C ALA B 711 36.61 -4.05 -37.67
N GLY B 712 36.11 -5.21 -37.26
CA GLY B 712 36.92 -6.09 -36.45
C GLY B 712 37.13 -5.61 -35.01
N HIS B 713 36.28 -4.69 -34.57
CA HIS B 713 36.34 -4.17 -33.21
C HIS B 713 36.14 -5.29 -32.18
N ILE B 714 36.87 -5.23 -31.08
CA ILE B 714 36.72 -6.24 -30.04
C ILE B 714 35.83 -5.70 -28.94
N SER B 715 34.71 -6.37 -28.70
CA SER B 715 33.75 -5.95 -27.69
C SER B 715 33.86 -6.66 -26.34
N ALA B 716 34.56 -7.80 -26.32
CA ALA B 716 34.72 -8.55 -25.07
C ALA B 716 35.78 -9.63 -25.15
N TRP B 717 36.22 -10.10 -23.99
CA TRP B 717 37.22 -11.16 -23.93
C TRP B 717 37.27 -11.84 -22.55
N GLN B 718 37.94 -12.99 -22.49
CA GLN B 718 38.05 -13.75 -21.25
C GLN B 718 39.14 -14.81 -21.34
N GLN B 719 39.81 -15.07 -20.21
CA GLN B 719 40.85 -16.10 -20.18
C GLN B 719 40.52 -17.18 -19.18
N TRP B 720 41.09 -18.35 -19.41
CA TRP B 720 40.90 -19.50 -18.54
C TRP B 720 42.19 -20.28 -18.49
N ARG B 721 42.56 -20.73 -17.30
CA ARG B 721 43.75 -21.54 -17.10
C ARG B 721 43.33 -22.98 -17.42
N LEU B 722 43.71 -23.50 -18.58
CA LEU B 722 43.34 -24.86 -18.91
C LEU B 722 44.16 -25.81 -18.05
N ALA B 723 44.88 -26.75 -18.66
CA ALA B 723 45.69 -27.67 -17.88
C ALA B 723 47.05 -27.07 -17.56
N GLU B 724 47.79 -27.72 -16.67
CA GLU B 724 49.13 -27.26 -16.30
C GLU B 724 50.03 -28.48 -16.15
N ASN B 725 51.31 -28.29 -16.47
CA ASN B 725 52.28 -29.37 -16.34
C ASN B 725 53.49 -28.89 -15.56
N LEU B 726 53.57 -29.26 -14.30
CA LEU B 726 54.69 -28.88 -13.47
C LEU B 726 55.94 -29.55 -14.01
N SER B 727 56.99 -28.77 -14.23
CA SER B 727 58.23 -29.34 -14.74
C SER B 727 58.89 -30.16 -13.64
N VAL B 728 59.28 -31.38 -13.98
CA VAL B 728 59.94 -32.26 -13.03
C VAL B 728 61.39 -32.48 -13.44
N THR B 729 61.64 -32.47 -14.74
CA THR B 729 62.99 -32.66 -15.26
C THR B 729 63.85 -31.45 -14.93
N LEU B 730 64.51 -31.48 -13.78
CA LEU B 730 65.36 -30.36 -13.38
C LEU B 730 66.60 -30.29 -14.28
N PRO B 731 67.13 -29.08 -14.53
CA PRO B 731 68.29 -28.77 -15.36
C PRO B 731 69.50 -29.72 -15.34
N ALA B 732 70.17 -29.82 -16.50
CA ALA B 732 71.35 -30.65 -16.67
C ALA B 732 72.58 -29.92 -16.16
N ALA B 733 73.02 -30.29 -14.96
CA ALA B 733 74.19 -29.66 -14.32
C ALA B 733 75.39 -29.48 -15.25
N SER B 734 75.79 -28.22 -15.47
CA SER B 734 76.94 -27.91 -16.31
C SER B 734 78.18 -28.21 -15.46
N HIS B 735 79.31 -28.44 -16.12
CA HIS B 735 80.52 -28.78 -15.40
C HIS B 735 81.29 -27.60 -14.82
N ALA B 736 81.05 -26.39 -15.32
CA ALA B 736 81.73 -25.21 -14.80
C ALA B 736 81.35 -24.96 -13.34
N ILE B 737 82.22 -24.27 -12.59
CA ILE B 737 81.94 -23.97 -11.19
C ILE B 737 82.43 -22.57 -10.82
N PRO B 738 81.56 -21.75 -10.20
CA PRO B 738 81.88 -20.37 -9.79
C PRO B 738 83.02 -20.28 -8.77
N HIS B 739 83.85 -19.26 -8.92
CA HIS B 739 84.98 -19.07 -8.01
C HIS B 739 84.71 -17.87 -7.10
N LEU B 740 84.85 -18.10 -5.79
CA LEU B 740 84.63 -17.04 -4.80
C LEU B 740 85.91 -16.39 -4.30
N THR B 741 86.02 -15.07 -4.51
CA THR B 741 87.16 -14.30 -4.07
C THR B 741 86.69 -13.51 -2.85
N THR B 742 87.54 -13.36 -1.84
CA THR B 742 87.12 -12.66 -0.64
C THR B 742 88.01 -11.53 -0.13
N SER B 743 87.42 -10.34 -0.04
CA SER B 743 88.10 -9.15 0.47
C SER B 743 87.53 -9.00 1.88
N GLU B 744 87.84 -7.89 2.53
CA GLU B 744 87.29 -7.65 3.86
C GLU B 744 86.07 -6.78 3.62
N MET B 745 86.00 -6.24 2.42
CA MET B 745 84.92 -5.37 2.02
C MET B 745 84.03 -5.96 0.93
N ASP B 746 84.45 -7.08 0.34
CA ASP B 746 83.65 -7.68 -0.72
C ASP B 746 83.70 -9.19 -0.85
N PHE B 747 82.70 -9.73 -1.55
CA PHE B 747 82.60 -11.14 -1.84
C PHE B 747 82.41 -11.10 -3.35
N CYS B 748 83.36 -11.63 -4.11
CA CYS B 748 83.24 -11.58 -5.56
C CYS B 748 83.15 -12.96 -6.18
N ILE B 749 82.06 -13.22 -6.91
CA ILE B 749 81.88 -14.50 -7.56
C ILE B 749 82.11 -14.33 -9.07
N GLU B 750 82.99 -15.17 -9.61
CA GLU B 750 83.29 -15.12 -11.02
C GLU B 750 82.97 -16.46 -11.65
N LEU B 751 82.46 -16.42 -12.86
CA LEU B 751 82.15 -17.63 -13.59
C LEU B 751 82.26 -17.29 -15.05
N GLY B 752 83.28 -17.84 -15.69
CA GLY B 752 83.49 -17.56 -17.10
C GLY B 752 83.60 -16.06 -17.33
N ASN B 753 82.64 -15.53 -18.09
CA ASN B 753 82.63 -14.11 -18.43
C ASN B 753 82.04 -13.21 -17.34
N LYS B 754 80.99 -13.71 -16.69
CA LYS B 754 80.26 -12.98 -15.64
C LYS B 754 81.02 -12.77 -14.31
N ARG B 755 80.75 -11.64 -13.67
CA ARG B 755 81.40 -11.28 -12.41
C ARG B 755 80.41 -10.65 -11.44
N TRP B 756 80.29 -11.21 -10.24
CA TRP B 756 79.37 -10.70 -9.23
C TRP B 756 80.09 -10.10 -8.03
N GLN B 757 79.62 -8.96 -7.54
CA GLN B 757 80.26 -8.32 -6.39
C GLN B 757 79.28 -7.90 -5.30
N PHE B 758 79.44 -8.48 -4.11
CA PHE B 758 78.60 -8.15 -2.98
C PHE B 758 79.39 -7.33 -1.97
N ASN B 759 78.98 -6.09 -1.76
CA ASN B 759 79.66 -5.22 -0.81
C ASN B 759 79.34 -5.68 0.61
N ARG B 760 80.33 -6.27 1.28
CA ARG B 760 80.15 -6.77 2.64
C ARG B 760 79.82 -5.70 3.67
N GLN B 761 79.86 -4.45 3.24
CA GLN B 761 79.57 -3.33 4.14
C GLN B 761 78.09 -2.96 4.08
N SER B 762 77.44 -3.33 2.97
CA SER B 762 76.03 -3.07 2.76
C SER B 762 75.23 -4.34 2.99
N GLY B 763 75.53 -5.35 2.18
CA GLY B 763 74.84 -6.61 2.26
C GLY B 763 74.01 -6.72 0.99
N PHE B 764 74.32 -5.85 0.04
CA PHE B 764 73.61 -5.80 -1.24
C PHE B 764 74.55 -6.03 -2.42
N LEU B 765 73.98 -6.53 -3.51
CA LEU B 765 74.75 -6.74 -4.72
C LEU B 765 75.09 -5.34 -5.19
N SER B 766 76.35 -4.96 -5.11
CA SER B 766 76.77 -3.63 -5.52
C SER B 766 77.16 -3.52 -6.99
N GLN B 767 77.45 -4.65 -7.64
CA GLN B 767 77.83 -4.62 -9.05
C GLN B 767 77.98 -5.99 -9.71
N MET B 768 77.71 -6.00 -11.01
CA MET B 768 77.81 -7.20 -11.84
C MET B 768 78.51 -6.81 -13.13
N TRP B 769 79.13 -7.78 -13.78
CA TRP B 769 79.85 -7.52 -15.02
C TRP B 769 79.69 -8.60 -16.08
N ILE B 770 79.50 -8.15 -17.32
CA ILE B 770 79.40 -9.03 -18.47
C ILE B 770 80.54 -8.52 -19.35
N GLY B 771 81.75 -8.96 -19.03
CA GLY B 771 82.93 -8.52 -19.74
C GLY B 771 83.49 -7.35 -18.95
N ASP B 772 83.93 -6.31 -19.64
CA ASP B 772 84.43 -5.13 -18.94
C ASP B 772 83.29 -4.12 -18.87
N LYS B 773 82.07 -4.62 -18.95
CA LYS B 773 80.87 -3.80 -18.92
C LYS B 773 80.12 -3.87 -17.58
N LYS B 774 79.98 -2.72 -16.93
CA LYS B 774 79.26 -2.65 -15.66
C LYS B 774 77.78 -2.90 -15.93
N GLN B 775 77.06 -3.41 -14.93
CA GLN B 775 75.63 -3.70 -15.11
C GLN B 775 74.68 -2.86 -14.27
N LEU B 776 75.18 -2.36 -13.15
CA LEU B 776 74.35 -1.57 -12.26
C LEU B 776 74.91 -0.17 -11.98
N LEU B 777 74.01 0.80 -11.81
CA LEU B 777 74.38 2.17 -11.53
C LEU B 777 74.01 2.45 -10.07
N THR B 778 73.23 1.54 -9.51
CA THR B 778 72.78 1.64 -8.12
C THR B 778 72.63 0.23 -7.58
N PRO B 779 73.10 -0.01 -6.36
CA PRO B 779 72.98 -1.36 -5.78
C PRO B 779 71.56 -1.94 -5.83
N LEU B 780 71.49 -3.27 -5.85
CA LEU B 780 70.22 -3.98 -5.86
C LEU B 780 69.76 -4.06 -4.41
N ARG B 781 68.83 -3.20 -4.02
CA ARG B 781 68.35 -3.17 -2.65
C ARG B 781 66.84 -3.44 -2.50
N ASP B 782 66.39 -3.68 -1.27
CA ASP B 782 64.98 -3.92 -0.99
C ASP B 782 64.26 -2.59 -1.06
N GLN B 783 62.95 -2.63 -1.28
CA GLN B 783 62.14 -1.42 -1.32
C GLN B 783 60.76 -1.72 -0.73
N PHE B 784 60.29 -0.84 0.15
CA PHE B 784 59.00 -1.06 0.79
C PHE B 784 58.07 0.12 0.63
N THR B 785 58.47 1.08 -0.20
CA THR B 785 57.66 2.26 -0.41
C THR B 785 57.43 2.45 -1.89
N ARG B 786 56.61 3.44 -2.24
CA ARG B 786 56.33 3.72 -3.65
C ARG B 786 55.95 5.19 -3.81
N ALA B 787 56.19 5.71 -5.01
CA ALA B 787 55.84 7.09 -5.34
C ALA B 787 54.34 7.21 -5.11
N PRO B 788 53.93 7.81 -3.98
CA PRO B 788 52.52 7.98 -3.62
C PRO B 788 51.57 8.29 -4.79
N LEU B 789 50.53 7.45 -4.90
CA LEU B 789 49.50 7.60 -5.93
C LEU B 789 48.54 8.66 -5.43
N ASP B 790 47.70 9.19 -6.31
CA ASP B 790 46.76 10.18 -5.86
C ASP B 790 45.93 9.57 -4.74
N ASN B 791 45.53 8.32 -4.90
CA ASN B 791 44.74 7.65 -3.88
C ASN B 791 45.50 7.44 -2.57
N ASP B 792 46.83 7.48 -2.62
CA ASP B 792 47.64 7.30 -1.40
C ASP B 792 47.75 8.62 -0.68
N ILE B 793 47.56 9.71 -1.42
CA ILE B 793 47.67 11.06 -0.88
C ILE B 793 46.36 11.65 -0.40
N GLY B 794 45.28 11.34 -1.11
CA GLY B 794 44.00 11.87 -0.71
C GLY B 794 44.00 13.38 -0.77
N VAL B 795 43.50 14.01 0.27
CA VAL B 795 43.46 15.48 0.31
C VAL B 795 44.51 16.06 1.23
N SER B 796 45.54 15.26 1.55
CA SER B 796 46.60 15.73 2.44
C SER B 796 47.52 16.69 1.70
N GLU B 797 47.67 17.89 2.24
CA GLU B 797 48.52 18.89 1.62
C GLU B 797 49.72 19.30 2.47
N ALA B 798 50.61 20.08 1.86
CA ALA B 798 51.83 20.57 2.50
C ALA B 798 51.58 21.17 3.87
N THR B 799 50.68 22.14 3.93
CA THR B 799 50.36 22.81 5.18
C THR B 799 49.30 22.04 5.99
N ARG B 800 48.30 21.50 5.30
CA ARG B 800 47.21 20.75 5.95
C ARG B 800 47.44 19.26 5.76
N ILE B 801 47.92 18.58 6.80
CA ILE B 801 48.19 17.15 6.72
C ILE B 801 47.04 16.27 7.17
N ASP B 802 46.72 15.27 6.37
CA ASP B 802 45.66 14.32 6.71
C ASP B 802 46.39 13.10 7.25
N PRO B 803 46.45 12.97 8.59
CA PRO B 803 47.13 11.85 9.25
C PRO B 803 46.60 10.48 8.89
N ASN B 804 45.42 10.43 8.30
CA ASN B 804 44.80 9.16 7.95
C ASN B 804 45.23 8.62 6.58
N ALA B 805 45.51 9.52 5.65
CA ALA B 805 45.91 9.12 4.30
C ALA B 805 47.07 8.13 4.34
N TRP B 806 47.07 7.15 3.44
CA TRP B 806 48.15 6.17 3.41
C TRP B 806 49.53 6.82 3.37
N VAL B 807 49.71 7.81 2.52
CA VAL B 807 51.00 8.47 2.42
C VAL B 807 51.47 9.03 3.75
N GLU B 808 50.57 9.65 4.50
CA GLU B 808 50.94 10.22 5.79
C GLU B 808 51.26 9.13 6.80
N ARG B 809 50.43 8.09 6.83
CA ARG B 809 50.65 7.00 7.75
C ARG B 809 52.04 6.44 7.52
N TRP B 810 52.42 6.31 6.24
CA TRP B 810 53.74 5.79 5.89
C TRP B 810 54.83 6.76 6.32
N LYS B 811 54.68 8.03 5.94
CA LYS B 811 55.65 9.05 6.30
C LYS B 811 55.89 9.02 7.79
N ALA B 812 54.82 9.20 8.56
CA ALA B 812 54.94 9.18 10.01
C ALA B 812 55.66 7.94 10.52
N ALA B 813 55.26 6.77 10.01
CA ALA B 813 55.86 5.51 10.43
C ALA B 813 57.36 5.45 10.13
N GLY B 814 57.80 6.24 9.15
CA GLY B 814 59.21 6.27 8.79
C GLY B 814 59.61 5.43 7.59
N HIS B 815 58.64 4.84 6.91
CA HIS B 815 58.94 4.00 5.75
C HIS B 815 59.76 4.70 4.68
N TYR B 816 59.50 5.99 4.47
CA TYR B 816 60.22 6.73 3.43
C TYR B 816 61.67 7.08 3.76
N GLN B 817 62.07 6.91 5.01
CA GLN B 817 63.44 7.20 5.41
C GLN B 817 63.91 6.17 6.41
N ALA B 818 63.95 4.91 5.99
CA ALA B 818 64.39 3.84 6.87
C ALA B 818 65.82 3.48 6.56
N GLU B 819 66.65 3.42 7.60
CA GLU B 819 68.05 3.07 7.45
C GLU B 819 68.19 1.55 7.47
N ALA B 820 68.75 0.98 6.41
CA ALA B 820 68.92 -0.47 6.32
C ALA B 820 70.15 -0.93 7.08
N ALA B 821 69.94 -1.48 8.28
CA ALA B 821 71.06 -1.97 9.09
C ALA B 821 71.38 -3.42 8.76
N LEU B 822 72.67 -3.72 8.60
CA LEU B 822 73.08 -5.08 8.27
C LEU B 822 73.21 -5.98 9.49
N LEU B 823 72.51 -7.11 9.46
CA LEU B 823 72.54 -8.06 10.57
C LEU B 823 73.51 -9.19 10.26
N GLN B 824 73.59 -9.58 9.00
CA GLN B 824 74.48 -10.67 8.61
C GLN B 824 74.79 -10.64 7.12
N CYS B 825 75.98 -11.13 6.76
CA CYS B 825 76.42 -11.19 5.37
C CYS B 825 77.56 -12.17 5.24
N THR B 826 77.22 -13.43 4.99
CA THR B 826 78.21 -14.49 4.86
C THR B 826 78.23 -15.12 3.47
N ALA B 827 79.31 -15.82 3.17
CA ALA B 827 79.47 -16.48 1.88
C ALA B 827 79.99 -17.90 2.11
N ASP B 828 79.41 -18.86 1.40
CA ASP B 828 79.83 -20.25 1.52
C ASP B 828 80.02 -20.87 0.15
N THR B 829 80.81 -21.94 0.11
CA THR B 829 81.05 -22.63 -1.15
C THR B 829 80.32 -23.95 -1.11
N LEU B 830 79.65 -24.27 -2.20
CA LEU B 830 78.92 -25.51 -2.29
C LEU B 830 79.54 -26.38 -3.36
N ALA B 831 79.02 -27.59 -3.50
CA ALA B 831 79.52 -28.53 -4.47
C ALA B 831 79.44 -28.01 -5.90
N ASP B 832 78.76 -26.88 -6.10
CA ASP B 832 78.63 -26.37 -7.47
C ASP B 832 78.06 -24.95 -7.55
N ALA B 833 78.28 -24.16 -6.51
CA ALA B 833 77.78 -22.79 -6.52
C ALA B 833 78.20 -22.04 -5.26
N VAL B 834 78.33 -20.72 -5.37
CA VAL B 834 78.68 -19.89 -4.23
C VAL B 834 77.36 -19.48 -3.58
N LEU B 835 77.38 -19.25 -2.28
CA LEU B 835 76.14 -18.92 -1.58
C LEU B 835 76.27 -17.73 -0.65
N ILE B 836 75.71 -16.59 -1.05
CA ILE B 836 75.77 -15.39 -0.21
C ILE B 836 74.48 -15.23 0.58
N THR B 837 74.63 -15.09 1.89
CA THR B 837 73.51 -14.94 2.81
C THR B 837 73.51 -13.57 3.46
N THR B 838 72.43 -12.82 3.26
CA THR B 838 72.34 -11.49 3.85
C THR B 838 71.15 -11.47 4.81
N ALA B 839 71.01 -10.37 5.54
CA ALA B 839 69.92 -10.21 6.48
C ALA B 839 69.97 -8.77 6.98
N HIS B 840 68.98 -7.97 6.62
CA HIS B 840 68.94 -6.58 7.04
C HIS B 840 67.75 -6.24 7.92
N ALA B 841 67.87 -5.13 8.64
CA ALA B 841 66.81 -4.68 9.53
C ALA B 841 66.55 -3.20 9.30
N TRP B 842 65.52 -2.87 8.54
CA TRP B 842 65.18 -1.47 8.29
C TRP B 842 64.49 -0.92 9.52
N GLN B 843 65.01 0.18 10.05
CA GLN B 843 64.43 0.76 11.25
C GLN B 843 64.23 2.25 11.13
N HIS B 844 63.66 2.81 12.18
CA HIS B 844 63.42 4.24 12.25
C HIS B 844 63.17 4.57 13.71
N GLN B 845 64.08 5.35 14.28
CA GLN B 845 63.98 5.75 15.68
C GLN B 845 63.85 4.52 16.57
N GLY B 846 64.73 3.55 16.34
CA GLY B 846 64.70 2.34 17.14
C GLY B 846 63.75 1.27 16.63
N LYS B 847 62.53 1.66 16.28
CA LYS B 847 61.53 0.72 15.81
C LYS B 847 61.97 -0.06 14.57
N THR B 848 61.97 -1.39 14.69
CA THR B 848 62.34 -2.24 13.56
C THR B 848 61.09 -2.44 12.72
N LEU B 849 61.10 -1.83 11.53
CA LEU B 849 59.97 -1.90 10.61
C LEU B 849 59.94 -3.15 9.75
N PHE B 850 61.05 -3.45 9.10
CA PHE B 850 61.13 -4.63 8.24
C PHE B 850 62.43 -5.38 8.46
N ILE B 851 62.40 -6.67 8.15
CA ILE B 851 63.58 -7.51 8.24
C ILE B 851 63.59 -8.28 6.93
N SER B 852 64.72 -8.22 6.22
CA SER B 852 64.83 -8.91 4.94
C SER B 852 65.99 -9.90 4.89
N ARG B 853 65.65 -11.18 4.95
CA ARG B 853 66.67 -12.23 4.89
C ARG B 853 66.73 -12.75 3.45
N LYS B 854 67.93 -12.85 2.91
CA LYS B 854 68.09 -13.34 1.54
C LYS B 854 69.25 -14.32 1.40
N THR B 855 69.26 -15.04 0.28
CA THR B 855 70.31 -15.99 -0.03
C THR B 855 70.47 -16.01 -1.54
N TYR B 856 71.65 -15.59 -2.01
CA TYR B 856 71.91 -15.57 -3.44
C TYR B 856 72.70 -16.83 -3.81
N ARG B 857 72.23 -17.55 -4.82
CA ARG B 857 72.91 -18.79 -5.23
C ARG B 857 73.31 -18.78 -6.69
N ILE B 858 74.57 -18.47 -6.94
CA ILE B 858 75.12 -18.44 -8.29
C ILE B 858 75.77 -19.78 -8.56
N ASP B 859 75.26 -20.49 -9.56
CA ASP B 859 75.77 -21.81 -9.90
C ASP B 859 76.50 -21.88 -11.23
N GLY B 860 76.92 -23.11 -11.57
CA GLY B 860 77.65 -23.36 -12.80
C GLY B 860 77.03 -22.84 -14.09
N SER B 861 75.72 -22.90 -14.19
CA SER B 861 75.04 -22.41 -15.39
C SER B 861 75.08 -20.88 -15.45
N GLY B 862 75.64 -20.27 -14.41
CA GLY B 862 75.75 -18.82 -14.37
C GLY B 862 74.46 -18.09 -14.09
N GLN B 863 73.58 -18.71 -13.31
CA GLN B 863 72.31 -18.11 -12.97
C GLN B 863 72.27 -17.77 -11.50
N MET B 864 71.81 -16.55 -11.19
CA MET B 864 71.72 -16.12 -9.81
C MET B 864 70.31 -16.32 -9.27
N ALA B 865 70.19 -17.12 -8.23
CA ALA B 865 68.89 -17.40 -7.63
C ALA B 865 68.73 -16.64 -6.31
N ILE B 866 67.97 -15.56 -6.34
CA ILE B 866 67.72 -14.75 -5.16
C ILE B 866 66.45 -15.20 -4.42
N THR B 867 66.60 -15.56 -3.15
CA THR B 867 65.46 -16.00 -2.34
C THR B 867 65.26 -15.03 -1.20
N VAL B 868 64.15 -14.30 -1.24
CA VAL B 868 63.84 -13.30 -0.21
C VAL B 868 62.76 -13.73 0.76
N ASP B 869 62.93 -13.36 2.03
CA ASP B 869 61.98 -13.67 3.10
C ASP B 869 61.88 -12.47 4.02
N VAL B 870 60.84 -11.66 3.82
CA VAL B 870 60.65 -10.45 4.61
C VAL B 870 59.67 -10.57 5.78
N GLU B 871 59.90 -9.76 6.80
CA GLU B 871 59.06 -9.71 7.99
C GLU B 871 58.59 -8.27 8.13
N VAL B 872 57.33 -8.08 8.48
CA VAL B 872 56.80 -6.74 8.64
C VAL B 872 56.14 -6.60 10.02
N ALA B 873 56.56 -5.58 10.75
CA ALA B 873 56.03 -5.32 12.08
C ALA B 873 54.51 -5.26 12.02
N SER B 874 53.88 -6.05 12.86
CA SER B 874 52.43 -6.10 12.89
C SER B 874 51.84 -4.86 13.55
N ASP B 875 52.59 -3.77 13.55
CA ASP B 875 52.08 -2.56 14.15
C ASP B 875 52.64 -1.34 13.44
N THR B 876 52.95 -1.53 12.17
CA THR B 876 53.45 -0.46 11.32
C THR B 876 52.59 -0.52 10.07
N PRO B 877 52.05 0.62 9.63
CA PRO B 877 51.21 0.62 8.43
C PRO B 877 51.72 -0.34 7.37
N HIS B 878 50.83 -1.12 6.79
CA HIS B 878 51.18 -2.09 5.78
C HIS B 878 51.95 -1.43 4.64
N PRO B 879 53.11 -1.98 4.27
CA PRO B 879 53.95 -1.44 3.20
C PRO B 879 53.24 -1.34 1.86
N ALA B 880 53.64 -0.32 1.09
CA ALA B 880 53.09 -0.10 -0.25
C ALA B 880 53.53 -1.23 -1.18
N ARG B 881 54.63 -1.88 -0.84
CA ARG B 881 55.16 -2.96 -1.65
C ARG B 881 56.26 -3.74 -0.90
N ILE B 882 56.63 -4.88 -1.45
CA ILE B 882 57.69 -5.70 -0.88
C ILE B 882 58.47 -6.31 -2.04
N GLY B 883 59.56 -5.65 -2.41
CA GLY B 883 60.37 -6.15 -3.51
C GLY B 883 61.81 -5.66 -3.49
N LEU B 884 62.40 -5.60 -4.67
CA LEU B 884 63.77 -5.17 -4.81
C LEU B 884 63.79 -4.14 -5.93
N ASN B 885 64.89 -3.39 -6.01
CA ASN B 885 65.05 -2.41 -7.07
C ASN B 885 66.51 -2.02 -7.22
N CYS B 886 66.84 -1.53 -8.41
CA CYS B 886 68.19 -1.14 -8.73
C CYS B 886 68.14 -0.37 -10.04
N GLN B 887 69.16 0.45 -10.27
CA GLN B 887 69.23 1.20 -11.51
C GLN B 887 70.17 0.48 -12.47
N LEU B 888 69.61 -0.16 -13.49
CA LEU B 888 70.40 -0.88 -14.48
C LEU B 888 71.18 0.14 -15.30
N ALA B 889 72.28 -0.30 -15.90
CA ALA B 889 73.09 0.60 -16.70
C ALA B 889 72.59 0.74 -18.14
N GLN B 890 72.07 -0.33 -18.71
CA GLN B 890 71.57 -0.32 -20.08
C GLN B 890 70.30 0.51 -20.29
N VAL B 891 69.96 0.69 -21.56
CA VAL B 891 68.77 1.42 -21.96
C VAL B 891 68.32 0.82 -23.28
N ALA B 892 67.57 -0.28 -23.20
CA ALA B 892 67.09 -0.99 -24.39
C ALA B 892 65.83 -0.37 -24.95
N GLU B 893 65.54 -0.71 -26.20
CA GLU B 893 64.37 -0.19 -26.91
C GLU B 893 63.09 -0.94 -26.61
N ARG B 894 63.20 -2.22 -26.27
CA ARG B 894 62.01 -3.02 -26.01
C ARG B 894 62.01 -3.70 -24.66
N VAL B 895 60.83 -4.17 -24.27
CA VAL B 895 60.64 -4.91 -23.03
C VAL B 895 59.72 -6.07 -23.37
N ASN B 896 60.17 -7.27 -23.01
CA ASN B 896 59.41 -8.47 -23.30
C ASN B 896 59.20 -9.23 -22.00
N TRP B 897 57.98 -9.67 -21.78
CA TRP B 897 57.66 -10.40 -20.55
C TRP B 897 56.50 -11.37 -20.73
N LEU B 898 56.51 -12.43 -19.93
CA LEU B 898 55.45 -13.41 -19.96
C LEU B 898 54.65 -13.16 -18.69
N GLY B 899 53.47 -12.58 -18.83
CA GLY B 899 52.66 -12.29 -17.67
C GLY B 899 51.43 -11.49 -18.04
N LEU B 900 50.89 -10.75 -17.07
CA LEU B 900 49.71 -9.94 -17.30
C LEU B 900 50.00 -8.64 -18.05
N GLY B 901 49.31 -8.46 -19.16
CA GLY B 901 49.48 -7.26 -19.96
C GLY B 901 48.44 -7.15 -21.05
N PRO B 902 48.69 -6.35 -22.08
CA PRO B 902 49.90 -5.55 -22.24
C PRO B 902 49.97 -4.29 -21.38
N GLN B 903 48.81 -3.73 -21.07
CA GLN B 903 48.76 -2.49 -20.31
C GLN B 903 49.04 -2.59 -18.82
N GLU B 904 49.28 -1.43 -18.25
CA GLU B 904 49.56 -1.32 -16.83
C GLU B 904 48.44 -1.98 -16.05
N ASN B 905 48.82 -2.77 -15.04
CA ASN B 905 47.85 -3.45 -14.21
C ASN B 905 48.36 -3.65 -12.80
N TYR B 906 47.47 -3.46 -11.83
CA TYR B 906 47.82 -3.63 -10.42
C TYR B 906 46.91 -4.67 -9.79
N PRO B 907 47.34 -5.24 -8.65
CA PRO B 907 46.56 -6.27 -7.93
C PRO B 907 45.04 -6.09 -7.97
N ASP B 908 44.57 -4.93 -7.55
CA ASP B 908 43.13 -4.65 -7.50
C ASP B 908 42.54 -4.07 -8.78
N ARG B 909 43.30 -4.16 -9.87
CA ARG B 909 42.84 -3.67 -11.17
C ARG B 909 43.63 -4.38 -12.25
N LEU B 910 43.37 -5.67 -12.41
CA LEU B 910 44.08 -6.47 -13.40
C LEU B 910 43.20 -7.49 -14.09
N THR B 911 41.90 -7.43 -13.83
CA THR B 911 40.98 -8.38 -14.46
C THR B 911 41.08 -8.33 -15.99
N ALA B 912 41.13 -7.12 -16.52
CA ALA B 912 41.20 -6.90 -17.96
C ALA B 912 42.50 -7.40 -18.60
N ALA B 913 43.58 -7.43 -17.84
CA ALA B 913 44.85 -7.89 -18.39
C ALA B 913 44.82 -9.38 -18.69
N CYS B 914 45.59 -9.78 -19.70
CA CYS B 914 45.65 -11.19 -20.08
C CYS B 914 47.06 -11.72 -19.93
N PHE B 915 47.17 -13.03 -19.69
CA PHE B 915 48.46 -13.67 -19.52
C PHE B 915 48.97 -14.13 -20.88
N ASP B 916 50.17 -13.66 -21.23
CA ASP B 916 50.75 -14.01 -22.52
C ASP B 916 52.14 -13.41 -22.61
N ARG B 917 52.73 -13.53 -23.79
CA ARG B 917 54.05 -12.99 -24.07
C ARG B 917 53.81 -11.61 -24.64
N TRP B 918 54.32 -10.58 -23.96
CA TRP B 918 54.14 -9.22 -24.46
C TRP B 918 55.47 -8.54 -24.77
N ASP B 919 55.48 -7.76 -25.84
CA ASP B 919 56.68 -7.05 -26.25
C ASP B 919 56.29 -5.62 -26.62
N LEU B 920 56.87 -4.65 -25.91
CA LEU B 920 56.58 -3.24 -26.15
C LEU B 920 57.81 -2.36 -26.00
N PRO B 921 57.75 -1.14 -26.55
CA PRO B 921 58.90 -0.25 -26.42
C PRO B 921 58.99 0.26 -24.99
N LEU B 922 60.21 0.37 -24.46
CA LEU B 922 60.43 0.84 -23.08
C LEU B 922 59.48 1.93 -22.62
N SER B 923 59.15 2.86 -23.53
CA SER B 923 58.27 3.98 -23.22
C SER B 923 56.85 3.59 -22.83
N ASP B 924 56.33 2.51 -23.40
CA ASP B 924 54.98 2.07 -23.07
C ASP B 924 54.91 1.40 -21.70
N MET B 925 56.05 1.32 -21.01
CA MET B 925 56.07 0.71 -19.69
C MET B 925 56.00 1.85 -18.68
N TYR B 926 55.66 3.03 -19.18
CA TYR B 926 55.53 4.23 -18.37
C TYR B 926 54.21 4.91 -18.67
N THR B 927 53.40 5.17 -17.64
CA THR B 927 52.11 5.83 -17.82
C THR B 927 52.23 7.31 -17.46
N PRO B 928 52.12 8.18 -18.47
CA PRO B 928 52.21 9.63 -18.36
C PRO B 928 51.14 10.34 -17.55
N TYR B 929 50.83 9.84 -16.36
CA TYR B 929 49.83 10.52 -15.55
C TYR B 929 50.35 11.94 -15.33
N VAL B 930 49.50 12.94 -15.56
CA VAL B 930 49.92 14.33 -15.38
C VAL B 930 50.61 14.54 -14.03
N PHE B 931 50.07 13.95 -12.97
CA PHE B 931 50.71 14.07 -11.66
C PHE B 931 51.50 12.77 -11.50
N PRO B 932 52.84 12.85 -11.53
CA PRO B 932 53.71 11.68 -11.38
C PRO B 932 53.50 10.87 -10.09
N SER B 933 53.61 9.54 -10.24
CA SER B 933 53.47 8.59 -9.13
C SER B 933 53.86 7.20 -9.60
N GLU B 934 53.88 6.25 -8.67
CA GLU B 934 54.20 4.87 -9.02
C GLU B 934 53.33 4.51 -10.20
N ASN B 935 53.91 3.88 -11.23
CA ASN B 935 53.12 3.50 -12.40
C ASN B 935 53.75 2.45 -13.30
N GLY B 936 52.95 1.96 -14.24
CA GLY B 936 53.40 0.98 -15.20
C GLY B 936 53.57 -0.45 -14.71
N LEU B 937 53.21 -0.71 -13.46
CA LEU B 937 53.35 -2.05 -12.93
C LEU B 937 52.62 -3.09 -13.78
N ARG B 938 53.14 -4.30 -13.79
CA ARG B 938 52.55 -5.43 -14.51
C ARG B 938 52.65 -6.60 -13.55
N CYS B 939 51.51 -7.20 -13.23
CA CYS B 939 51.48 -8.30 -12.29
C CYS B 939 51.48 -9.69 -12.92
N GLY B 940 51.74 -10.70 -12.08
CA GLY B 940 51.76 -12.07 -12.53
C GLY B 940 52.71 -12.36 -13.67
N THR B 941 53.94 -11.88 -13.53
CA THR B 941 54.95 -12.09 -14.56
C THR B 941 55.88 -13.22 -14.15
N ARG B 942 56.05 -14.20 -15.05
CA ARG B 942 56.92 -15.34 -14.79
C ARG B 942 58.27 -15.16 -15.48
N GLU B 943 58.32 -14.30 -16.49
CA GLU B 943 59.55 -14.05 -17.24
C GLU B 943 59.63 -12.62 -17.77
N LEU B 944 60.72 -11.95 -17.41
CA LEU B 944 60.95 -10.57 -17.83
C LEU B 944 62.28 -10.46 -18.59
N ASN B 945 62.23 -9.86 -19.78
CA ASN B 945 63.41 -9.71 -20.62
C ASN B 945 63.70 -8.26 -20.97
N TYR B 946 64.87 -7.77 -20.56
CA TYR B 946 65.29 -6.40 -20.88
C TYR B 946 66.78 -6.41 -21.18
N GLY B 947 67.13 -6.03 -22.40
CA GLY B 947 68.53 -6.03 -22.78
C GLY B 947 69.10 -7.43 -22.64
N PRO B 948 70.31 -7.57 -22.07
CA PRO B 948 70.94 -8.88 -21.89
C PRO B 948 70.28 -9.69 -20.77
N HIS B 949 69.55 -8.98 -19.92
CA HIS B 949 68.89 -9.58 -18.76
C HIS B 949 67.63 -10.38 -18.99
N GLN B 950 67.36 -11.26 -18.02
CA GLN B 950 66.16 -12.06 -17.98
C GLN B 950 65.93 -12.39 -16.51
N TRP B 951 64.74 -12.09 -16.01
CA TRP B 951 64.40 -12.37 -14.63
C TRP B 951 63.25 -13.37 -14.66
N ARG B 952 63.33 -14.41 -13.84
CA ARG B 952 62.27 -15.39 -13.79
C ARG B 952 61.75 -15.63 -12.39
N GLY B 953 60.45 -15.93 -12.31
CA GLY B 953 59.81 -16.18 -11.03
C GLY B 953 58.31 -15.99 -11.13
N ASP B 954 57.77 -15.27 -10.16
CA ASP B 954 56.34 -15.00 -10.10
C ASP B 954 56.21 -13.65 -9.39
N PHE B 955 56.62 -12.60 -10.10
CA PHE B 955 56.64 -11.24 -9.56
C PHE B 955 55.83 -10.22 -10.35
N GLN B 956 55.88 -8.98 -9.85
CA GLN B 956 55.25 -7.82 -10.47
C GLN B 956 56.42 -6.89 -10.79
N PHE B 957 56.26 -5.98 -11.74
CA PHE B 957 57.35 -5.09 -12.07
C PHE B 957 56.94 -3.85 -12.85
N ASN B 958 57.80 -2.84 -12.80
CA ASN B 958 57.60 -1.64 -13.57
C ASN B 958 59.03 -1.25 -13.94
N ILE B 959 59.23 -0.86 -15.20
CA ILE B 959 60.55 -0.52 -15.68
C ILE B 959 60.53 0.75 -16.53
N SER B 960 61.28 1.75 -16.10
CA SER B 960 61.33 3.01 -16.83
C SER B 960 62.60 3.79 -16.55
N ARG B 961 62.65 5.02 -17.08
CA ARG B 961 63.80 5.86 -16.91
C ARG B 961 63.65 6.82 -15.74
N TYR B 962 62.64 6.60 -14.90
CA TYR B 962 62.41 7.48 -13.74
C TYR B 962 62.42 6.69 -12.43
N SER B 963 63.16 7.19 -11.45
CA SER B 963 63.26 6.55 -10.15
C SER B 963 62.04 6.86 -9.29
N GLN B 964 61.69 5.96 -8.40
CA GLN B 964 60.55 6.19 -7.52
C GLN B 964 60.73 7.54 -6.85
N GLN B 965 61.96 7.86 -6.48
CA GLN B 965 62.24 9.12 -5.82
C GLN B 965 61.88 10.31 -6.69
N GLN B 966 62.39 10.35 -7.92
CA GLN B 966 62.09 11.46 -8.79
C GLN B 966 60.59 11.60 -8.93
N LEU B 967 59.93 10.48 -9.18
CA LEU B 967 58.49 10.45 -9.36
C LEU B 967 57.72 11.07 -8.18
N MET B 968 58.16 10.79 -6.96
CA MET B 968 57.47 11.34 -5.81
C MET B 968 57.88 12.77 -5.46
N GLU B 969 58.93 13.26 -6.11
CA GLU B 969 59.41 14.63 -5.86
C GLU B 969 58.96 15.54 -7.00
N THR B 970 58.50 14.95 -8.10
CA THR B 970 58.05 15.71 -9.25
C THR B 970 56.53 15.87 -9.27
N SER B 971 56.08 17.09 -9.59
CA SER B 971 54.65 17.42 -9.60
C SER B 971 53.94 17.30 -10.94
N HIS B 972 54.66 17.52 -12.04
CA HIS B 972 54.09 17.43 -13.37
C HIS B 972 54.91 16.51 -14.26
N ARG B 973 54.24 15.71 -15.07
CA ARG B 973 54.92 14.79 -15.95
C ARG B 973 55.91 15.46 -16.90
N HIS B 974 55.75 16.75 -17.14
CA HIS B 974 56.64 17.43 -18.06
C HIS B 974 57.93 17.92 -17.43
N LEU B 975 58.06 17.76 -16.12
CA LEU B 975 59.27 18.18 -15.43
C LEU B 975 60.13 16.95 -15.10
N LEU B 976 59.73 15.80 -15.62
CA LEU B 976 60.46 14.56 -15.40
C LEU B 976 61.58 14.46 -16.40
N HIS B 977 62.77 14.13 -15.92
CA HIS B 977 63.91 13.98 -16.82
C HIS B 977 64.39 12.55 -16.77
N ALA B 978 64.67 11.98 -17.94
CA ALA B 978 65.16 10.61 -18.00
C ALA B 978 66.45 10.56 -17.20
N GLU B 979 66.71 9.43 -16.57
CA GLU B 979 67.90 9.26 -15.77
C GLU B 979 68.82 8.27 -16.46
N GLU B 980 70.05 8.20 -15.99
CA GLU B 980 71.02 7.27 -16.55
C GLU B 980 70.52 5.85 -16.37
N GLY B 981 70.54 5.08 -17.45
CA GLY B 981 70.09 3.71 -17.36
C GLY B 981 68.59 3.52 -17.19
N THR B 982 68.21 2.33 -16.76
CA THR B 982 66.80 2.00 -16.59
C THR B 982 66.50 1.49 -15.19
N TRP B 983 65.56 2.14 -14.52
CA TRP B 983 65.19 1.73 -13.17
C TRP B 983 64.26 0.51 -13.19
N LEU B 984 64.64 -0.52 -12.43
CA LEU B 984 63.85 -1.74 -12.33
C LEU B 984 63.30 -1.93 -10.94
N ASN B 985 61.98 -2.09 -10.85
CA ASN B 985 61.31 -2.32 -9.58
C ASN B 985 60.65 -3.68 -9.68
N ILE B 986 61.22 -4.67 -9.00
CA ILE B 986 60.65 -6.01 -9.01
C ILE B 986 60.03 -6.31 -7.67
N ASP B 987 58.71 -6.40 -7.66
CA ASP B 987 57.97 -6.65 -6.44
C ASP B 987 57.51 -8.10 -6.32
N GLY B 988 57.64 -8.63 -5.11
CA GLY B 988 57.17 -9.97 -4.86
C GLY B 988 55.71 -9.77 -4.49
N PHE B 989 55.42 -8.59 -3.94
CA PHE B 989 54.07 -8.20 -3.52
C PHE B 989 53.87 -6.69 -3.62
N HIS B 990 52.70 -6.28 -4.13
CA HIS B 990 52.40 -4.86 -4.29
C HIS B 990 51.01 -4.54 -3.74
N MET B 991 50.92 -3.51 -2.90
CA MET B 991 49.64 -3.11 -2.32
C MET B 991 48.70 -2.64 -3.43
N GLY B 992 47.40 -2.78 -3.22
CA GLY B 992 46.45 -2.34 -4.23
C GLY B 992 46.45 -0.83 -4.38
N ILE B 993 45.95 -0.32 -5.51
CA ILE B 993 45.92 1.11 -5.74
C ILE B 993 44.66 1.80 -5.19
N GLY B 994 43.60 1.01 -5.03
CA GLY B 994 42.35 1.55 -4.52
C GLY B 994 41.68 2.52 -5.47
N GLY B 995 40.67 3.24 -4.99
CA GLY B 995 40.00 4.20 -5.84
C GLY B 995 38.50 4.39 -5.65
N ASP B 996 37.90 3.73 -4.65
CA ASP B 996 36.47 3.89 -4.39
C ASP B 996 36.15 5.38 -4.23
N ASP B 997 37.20 6.14 -3.91
CA ASP B 997 37.15 7.59 -3.76
C ASP B 997 38.60 8.00 -3.55
N SER B 998 38.94 9.24 -3.88
CA SER B 998 40.31 9.67 -3.72
C SER B 998 40.56 10.65 -2.58
N TRP B 999 39.78 10.55 -1.51
CA TRP B 999 39.98 11.45 -0.39
C TRP B 999 39.96 10.76 0.98
N SER B 1000 40.15 9.45 0.97
CA SER B 1000 40.19 8.66 2.19
C SER B 1000 40.67 7.26 1.86
N PRO B 1001 41.38 6.61 2.80
CA PRO B 1001 41.88 5.25 2.52
C PRO B 1001 40.79 4.47 1.79
N SER B 1002 41.11 3.98 0.59
CA SER B 1002 40.13 3.24 -0.18
C SER B 1002 40.60 1.91 -0.72
N VAL B 1003 41.70 1.40 -0.15
CA VAL B 1003 42.22 0.10 -0.59
C VAL B 1003 41.64 -1.04 0.26
N SER B 1004 40.93 -1.95 -0.40
CA SER B 1004 40.30 -3.10 0.23
C SER B 1004 41.31 -3.93 1.01
N ALA B 1005 40.91 -4.41 2.18
CA ALA B 1005 41.77 -5.21 3.04
C ALA B 1005 42.51 -6.35 2.35
N GLU B 1006 41.80 -7.12 1.53
CA GLU B 1006 42.45 -8.26 0.87
C GLU B 1006 43.59 -7.84 -0.03
N PHE B 1007 43.75 -6.53 -0.24
CA PHE B 1007 44.80 -6.02 -1.11
C PHE B 1007 45.85 -5.22 -0.36
N GLN B 1008 45.90 -5.41 0.95
CA GLN B 1008 46.86 -4.73 1.80
C GLN B 1008 47.94 -5.71 2.26
N LEU B 1009 49.20 -5.40 1.98
CA LEU B 1009 50.30 -6.27 2.37
C LEU B 1009 50.36 -6.35 3.90
N SER B 1010 49.53 -7.22 4.48
CA SER B 1010 49.46 -7.35 5.93
C SER B 1010 49.83 -8.72 6.49
N ALA B 1011 50.12 -9.69 5.63
CA ALA B 1011 50.46 -11.04 6.05
C ALA B 1011 51.54 -11.11 7.13
N GLY B 1012 52.34 -10.06 7.26
CA GLY B 1012 53.39 -10.06 8.27
C GLY B 1012 54.68 -10.69 7.78
N ARG B 1013 54.59 -11.88 7.19
CA ARG B 1013 55.75 -12.59 6.66
C ARG B 1013 55.52 -12.90 5.19
N TYR B 1014 56.43 -12.43 4.34
CA TYR B 1014 56.30 -12.65 2.90
C TYR B 1014 57.51 -13.39 2.34
N HIS B 1015 57.33 -14.03 1.19
CA HIS B 1015 58.40 -14.79 0.57
C HIS B 1015 58.27 -14.85 -0.96
N TYR B 1016 59.35 -14.46 -1.66
CA TYR B 1016 59.36 -14.51 -3.12
C TYR B 1016 60.75 -14.93 -3.56
N GLN B 1017 60.84 -15.52 -4.75
CA GLN B 1017 62.12 -15.97 -5.29
C GLN B 1017 62.32 -15.57 -6.75
N LEU B 1018 63.50 -15.04 -7.02
CA LEU B 1018 63.87 -14.57 -8.36
C LEU B 1018 65.11 -15.26 -8.91
N VAL B 1019 65.19 -15.34 -10.23
CA VAL B 1019 66.35 -15.92 -10.89
C VAL B 1019 66.84 -14.94 -11.94
N TRP B 1020 67.99 -14.31 -11.66
CA TRP B 1020 68.59 -13.33 -12.56
C TRP B 1020 69.63 -14.05 -13.42
N CYS B 1021 69.66 -13.71 -14.70
CA CYS B 1021 70.62 -14.32 -15.60
C CYS B 1021 70.68 -13.58 -16.93
N GLN B 1022 71.60 -14.03 -17.78
CA GLN B 1022 71.79 -13.43 -19.10
C GLN B 1022 71.15 -14.32 -20.17
N LYS B 1023 70.24 -13.73 -20.94
CA LYS B 1023 69.54 -14.45 -21.99
C LYS B 1023 70.42 -14.59 -23.23
N ARG C 13 11.42 52.20 -14.96
CA ARG C 13 11.59 50.71 -14.89
C ARG C 13 10.43 50.02 -14.16
N ARG C 14 9.24 50.11 -14.76
CA ARG C 14 7.98 49.56 -14.21
C ARG C 14 8.08 48.19 -13.54
N ASP C 15 8.01 48.18 -12.21
CA ASP C 15 8.09 46.92 -11.47
C ASP C 15 6.71 46.33 -11.22
N TRP C 16 5.67 47.15 -11.36
CA TRP C 16 4.31 46.67 -11.15
C TRP C 16 3.79 45.94 -12.37
N GLU C 17 4.63 45.77 -13.38
CA GLU C 17 4.21 45.08 -14.58
C GLU C 17 5.18 43.98 -14.92
N ASN C 18 5.75 43.38 -13.88
CA ASN C 18 6.71 42.30 -14.04
C ASN C 18 6.53 41.30 -12.91
N PRO C 19 5.89 40.15 -13.20
CA PRO C 19 5.65 39.12 -12.19
C PRO C 19 6.94 38.50 -11.66
N GLY C 20 8.05 38.93 -12.24
CA GLY C 20 9.36 38.44 -11.81
C GLY C 20 9.84 39.24 -10.62
N VAL C 21 9.32 40.46 -10.50
CA VAL C 21 9.67 41.34 -9.39
C VAL C 21 8.42 41.53 -8.51
N THR C 22 8.45 40.93 -7.32
CA THR C 22 7.33 41.02 -6.39
C THR C 22 7.73 41.80 -5.14
N GLN C 23 9.00 42.17 -5.07
CA GLN C 23 9.50 42.93 -3.95
C GLN C 23 10.92 43.40 -4.24
N LEU C 24 11.38 44.38 -3.47
CA LEU C 24 12.72 44.89 -3.64
C LEU C 24 13.18 45.37 -2.26
N ASN C 25 14.15 44.68 -1.70
CA ASN C 25 14.69 45.03 -0.40
C ASN C 25 13.79 44.71 0.77
N ARG C 26 12.79 43.87 0.54
CA ARG C 26 11.87 43.51 1.61
C ARG C 26 12.51 42.42 2.48
N LEU C 27 12.32 42.53 3.80
CA LEU C 27 12.91 41.55 4.73
C LEU C 27 12.14 40.23 4.69
N ALA C 28 12.73 39.17 5.25
CA ALA C 28 12.10 37.86 5.27
C ALA C 28 10.86 37.78 6.13
N ALA C 29 9.88 36.98 5.71
CA ALA C 29 8.64 36.81 6.48
C ALA C 29 9.00 36.07 7.76
N HIS C 30 8.13 36.13 8.76
CA HIS C 30 8.39 35.47 10.05
C HIS C 30 7.22 35.61 11.03
N PRO C 31 7.21 34.77 12.08
CA PRO C 31 6.15 34.82 13.09
C PRO C 31 6.10 36.22 13.69
N PRO C 32 5.00 36.57 14.36
CA PRO C 32 4.85 37.89 14.98
C PRO C 32 5.94 38.21 16.00
N PHE C 33 6.60 39.35 15.81
CA PHE C 33 7.66 39.79 16.71
C PHE C 33 7.24 41.03 17.49
N ALA C 34 7.95 41.29 18.59
CA ALA C 34 7.69 42.46 19.43
C ALA C 34 9.00 42.92 20.06
N SER C 35 10.02 42.08 19.96
CA SER C 35 11.34 42.37 20.50
C SER C 35 11.25 42.91 21.92
N TRP C 36 10.73 42.10 22.84
CA TRP C 36 10.64 42.52 24.23
C TRP C 36 12.06 42.55 24.79
N ARG C 37 12.31 43.45 25.73
CA ARG C 37 13.63 43.50 26.31
C ARG C 37 13.51 43.07 27.76
N ASN C 38 12.35 42.52 28.08
CA ASN C 38 12.03 42.03 29.41
C ASN C 38 11.21 40.75 29.28
N SER C 39 11.75 39.63 29.74
CA SER C 39 11.05 38.35 29.64
C SER C 39 9.67 38.31 30.27
N GLU C 40 9.48 39.07 31.34
CA GLU C 40 8.19 39.08 32.01
C GLU C 40 7.13 39.71 31.13
N GLU C 41 7.52 40.74 30.37
CA GLU C 41 6.58 41.40 29.48
C GLU C 41 6.18 40.42 28.38
N ALA C 42 7.14 39.63 27.92
CA ALA C 42 6.92 38.66 26.86
C ALA C 42 5.95 37.57 27.30
N ARG C 43 6.19 37.01 28.49
CA ARG C 43 5.34 35.96 29.03
C ARG C 43 3.90 36.42 29.19
N THR C 44 3.71 37.65 29.67
CA THR C 44 2.38 38.21 29.89
C THR C 44 1.77 38.88 28.66
N ASP C 45 2.49 38.82 27.54
CA ASP C 45 2.03 39.41 26.28
C ASP C 45 1.60 40.86 26.43
N ARG C 46 2.37 41.63 27.20
CA ARG C 46 2.07 43.04 27.39
C ARG C 46 2.75 43.86 26.30
N PRO C 47 2.26 45.08 26.02
CA PRO C 47 2.83 45.95 25.00
C PRO C 47 4.35 46.00 25.03
N SER C 48 4.95 46.31 23.88
CA SER C 48 6.40 46.37 23.80
C SER C 48 6.88 47.76 23.43
N GLN C 49 7.86 48.25 24.17
CA GLN C 49 8.43 49.56 23.91
C GLN C 49 9.12 49.58 22.53
N GLN C 50 9.59 48.41 22.09
CA GLN C 50 10.28 48.32 20.82
C GLN C 50 9.35 48.13 19.65
N LEU C 51 8.05 48.31 19.88
CA LEU C 51 7.08 48.16 18.80
C LEU C 51 6.08 49.30 18.78
N ARG C 52 6.39 50.34 18.03
CA ARG C 52 5.53 51.51 17.93
C ARG C 52 4.59 51.40 16.75
N SER C 53 3.43 52.01 16.87
CA SER C 53 2.44 52.00 15.80
C SER C 53 2.48 53.33 15.06
N LEU C 54 2.47 53.27 13.74
CA LEU C 54 2.48 54.50 12.95
C LEU C 54 1.10 54.79 12.42
N ASN C 55 0.09 54.20 13.05
CA ASN C 55 -1.29 54.45 12.65
C ASN C 55 -1.71 55.83 13.08
N GLY C 56 -2.67 56.40 12.37
CA GLY C 56 -3.14 57.72 12.74
C GLY C 56 -3.44 58.57 11.53
N GLU C 57 -3.12 59.85 11.61
CA GLU C 57 -3.36 60.76 10.51
C GLU C 57 -2.12 60.86 9.61
N TRP C 58 -2.32 60.63 8.33
CA TRP C 58 -1.24 60.70 7.35
C TRP C 58 -1.65 61.71 6.29
N ARG C 59 -0.73 61.99 5.37
CA ARG C 59 -0.99 62.92 4.26
C ARG C 59 -1.24 62.11 3.00
N PHE C 60 -2.34 62.41 2.33
CA PHE C 60 -2.70 61.67 1.14
C PHE C 60 -3.12 62.53 -0.05
N ALA C 61 -2.73 62.10 -1.24
CA ALA C 61 -3.07 62.80 -2.47
C ALA C 61 -3.26 61.73 -3.53
N TRP C 62 -4.35 61.84 -4.27
CA TRP C 62 -4.69 60.87 -5.32
C TRP C 62 -4.16 61.32 -6.68
N PHE C 63 -3.79 60.37 -7.54
CA PHE C 63 -3.26 60.68 -8.86
C PHE C 63 -3.81 59.67 -9.85
N PRO C 64 -3.94 60.05 -11.14
CA PRO C 64 -4.47 59.19 -12.20
C PRO C 64 -3.49 58.09 -12.65
N ALA C 65 -2.22 58.29 -12.37
CA ALA C 65 -1.17 57.33 -12.74
C ALA C 65 0.11 57.70 -12.00
N PRO C 66 1.03 56.73 -11.82
CA PRO C 66 2.27 57.07 -11.11
C PRO C 66 3.05 58.17 -11.83
N GLU C 67 2.95 58.20 -13.15
CA GLU C 67 3.65 59.20 -13.95
C GLU C 67 3.20 60.63 -13.67
N ALA C 68 2.15 60.79 -12.87
CA ALA C 68 1.64 62.13 -12.55
C ALA C 68 2.13 62.61 -11.19
N VAL C 69 2.87 61.75 -10.50
CA VAL C 69 3.38 62.07 -9.18
C VAL C 69 4.58 62.99 -9.27
N PRO C 70 4.42 64.25 -8.83
CA PRO C 70 5.45 65.29 -8.84
C PRO C 70 6.64 64.94 -7.94
N GLU C 71 7.85 65.04 -8.49
CA GLU C 71 9.06 64.74 -7.73
C GLU C 71 9.07 65.41 -6.35
N SER C 72 8.72 66.69 -6.28
CA SER C 72 8.70 67.43 -5.02
C SER C 72 8.16 66.57 -3.88
N TRP C 73 7.12 65.80 -4.17
CA TRP C 73 6.48 64.94 -3.19
C TRP C 73 7.45 64.05 -2.40
N LEU C 74 8.47 63.54 -3.07
CA LEU C 74 9.44 62.66 -2.42
C LEU C 74 10.13 63.30 -1.23
N GLU C 75 10.35 64.60 -1.31
CA GLU C 75 11.03 65.30 -0.23
C GLU C 75 10.18 66.33 0.49
N CYS C 76 9.23 66.91 -0.21
CA CYS C 76 8.38 67.92 0.39
C CYS C 76 6.89 67.60 0.28
N ASP C 77 6.18 67.73 1.39
CA ASP C 77 4.74 67.46 1.43
C ASP C 77 3.97 68.31 0.44
N LEU C 78 3.04 67.71 -0.28
CA LEU C 78 2.22 68.47 -1.23
C LEU C 78 1.18 69.22 -0.39
N PRO C 79 0.98 70.51 -0.68
CA PRO C 79 0.00 71.28 0.09
C PRO C 79 -1.40 70.88 -0.31
N GLU C 80 -1.51 70.46 -1.57
CA GLU C 80 -2.77 70.02 -2.16
C GLU C 80 -3.29 68.74 -1.49
N ALA C 81 -2.42 68.09 -0.73
CA ALA C 81 -2.76 66.86 -0.05
C ALA C 81 -3.77 67.09 1.05
N ASP C 82 -4.34 66.00 1.54
CA ASP C 82 -5.31 66.05 2.63
C ASP C 82 -4.79 65.21 3.77
N THR C 83 -5.36 65.41 4.94
CA THR C 83 -4.96 64.62 6.09
C THR C 83 -6.03 63.56 6.25
N VAL C 84 -5.61 62.30 6.20
CA VAL C 84 -6.55 61.19 6.32
C VAL C 84 -6.04 60.16 7.32
N VAL C 85 -6.94 59.27 7.73
CA VAL C 85 -6.58 58.24 8.69
C VAL C 85 -6.03 56.99 8.00
N VAL C 86 -5.06 56.37 8.64
CA VAL C 86 -4.45 55.16 8.11
C VAL C 86 -4.44 54.18 9.26
N PRO C 87 -4.73 52.90 8.99
CA PRO C 87 -5.07 52.31 7.69
C PRO C 87 -6.44 52.70 7.17
N SER C 88 -6.66 52.50 5.87
CA SER C 88 -7.94 52.81 5.24
C SER C 88 -7.87 52.51 3.74
N ASN C 89 -9.02 52.54 3.06
CA ASN C 89 -9.06 52.34 1.61
C ASN C 89 -9.50 53.67 1.03
N TRP C 90 -8.71 54.25 0.13
CA TRP C 90 -9.08 55.55 -0.40
C TRP C 90 -10.42 55.60 -1.09
N GLN C 91 -10.94 54.45 -1.50
CA GLN C 91 -12.25 54.45 -2.13
C GLN C 91 -13.23 54.90 -1.03
N MET C 92 -13.05 54.36 0.17
CA MET C 92 -13.90 54.69 1.31
C MET C 92 -13.79 56.16 1.69
N HIS C 93 -12.77 56.84 1.18
CA HIS C 93 -12.60 58.25 1.46
C HIS C 93 -13.18 59.06 0.33
N GLY C 94 -13.63 58.36 -0.71
CA GLY C 94 -14.25 59.01 -1.85
C GLY C 94 -13.31 59.52 -2.92
N TYR C 95 -12.04 59.16 -2.86
CA TYR C 95 -11.07 59.62 -3.84
C TYR C 95 -11.29 59.02 -5.23
N ASP C 96 -11.95 57.88 -5.26
CA ASP C 96 -12.33 57.21 -6.50
C ASP C 96 -13.27 56.09 -6.09
N ALA C 97 -13.96 55.50 -7.07
CA ALA C 97 -14.94 54.46 -6.78
C ALA C 97 -14.43 53.03 -6.58
N PRO C 98 -15.02 52.32 -5.61
CA PRO C 98 -14.65 50.94 -5.31
C PRO C 98 -15.41 50.13 -6.36
N ILE C 99 -14.76 49.15 -6.97
CA ILE C 99 -15.42 48.36 -8.00
C ILE C 99 -15.88 46.98 -7.52
N TYR C 100 -17.06 46.57 -7.93
CA TYR C 100 -17.49 45.24 -7.55
C TYR C 100 -17.72 44.34 -8.74
N THR C 101 -16.79 43.42 -8.94
CA THR C 101 -16.85 42.46 -10.02
C THR C 101 -16.51 41.09 -9.45
N ASN C 102 -17.25 40.08 -9.90
CA ASN C 102 -17.11 38.70 -9.45
C ASN C 102 -15.91 38.01 -10.07
N VAL C 103 -16.14 37.42 -11.24
CA VAL C 103 -15.10 36.70 -11.95
C VAL C 103 -14.30 37.58 -12.89
N THR C 104 -14.99 38.26 -13.78
CA THR C 104 -14.33 39.11 -14.76
C THR C 104 -13.40 40.12 -14.12
N TYR C 105 -12.11 40.02 -14.46
CA TYR C 105 -11.11 40.94 -13.92
C TYR C 105 -11.56 42.39 -14.06
N PRO C 106 -11.20 43.24 -13.07
CA PRO C 106 -11.55 44.66 -13.04
C PRO C 106 -10.79 45.46 -14.10
N ILE C 107 -9.69 44.88 -14.57
CA ILE C 107 -8.85 45.49 -15.59
C ILE C 107 -8.88 44.60 -16.82
N THR C 108 -8.17 45.01 -17.88
CA THR C 108 -8.12 44.24 -19.11
C THR C 108 -7.15 43.08 -18.94
N VAL C 109 -7.60 41.88 -19.30
CA VAL C 109 -6.75 40.70 -19.16
C VAL C 109 -5.67 40.66 -20.21
N ASN C 110 -4.45 41.01 -19.81
CA ASN C 110 -3.31 41.04 -20.69
C ASN C 110 -2.04 40.99 -19.82
N PRO C 111 -1.82 39.86 -19.12
CA PRO C 111 -0.67 39.69 -18.24
C PRO C 111 0.64 39.90 -18.97
N PRO C 112 1.61 40.55 -18.31
CA PRO C 112 1.52 41.10 -16.95
C PRO C 112 1.18 42.60 -16.91
N PHE C 113 0.62 43.12 -17.99
CA PHE C 113 0.32 44.53 -18.09
C PHE C 113 -0.97 45.05 -17.45
N VAL C 114 -0.87 46.24 -16.88
CA VAL C 114 -2.00 46.89 -16.24
C VAL C 114 -2.27 48.21 -16.96
N PRO C 115 -3.46 48.80 -16.75
CA PRO C 115 -3.86 50.07 -17.37
C PRO C 115 -2.83 51.17 -17.22
N THR C 116 -2.66 52.01 -18.24
CA THR C 116 -1.70 53.10 -18.12
C THR C 116 -2.25 54.03 -17.07
N GLU C 117 -3.58 54.13 -17.03
CA GLU C 117 -4.25 54.95 -16.04
C GLU C 117 -4.46 54.10 -14.80
N ASN C 118 -3.46 54.11 -13.95
CA ASN C 118 -3.44 53.32 -12.73
C ASN C 118 -3.58 54.23 -11.51
N PRO C 119 -4.76 54.23 -10.87
CA PRO C 119 -4.96 55.07 -9.69
C PRO C 119 -3.83 54.90 -8.67
N THR C 120 -3.07 55.97 -8.46
CA THR C 120 -1.96 55.93 -7.54
C THR C 120 -2.23 56.74 -6.29
N GLY C 121 -2.14 56.09 -5.13
CA GLY C 121 -2.36 56.79 -3.87
C GLY C 121 -1.04 57.19 -3.25
N CYS C 122 -0.84 58.48 -2.99
CA CYS C 122 0.39 58.96 -2.39
C CYS C 122 0.23 59.25 -0.92
N TYR C 123 0.74 58.34 -0.09
CA TYR C 123 0.67 58.50 1.35
C TYR C 123 2.02 58.98 1.88
N SER C 124 1.97 59.90 2.83
CA SER C 124 3.19 60.43 3.45
C SER C 124 2.97 60.61 4.95
N LEU C 125 4.06 60.56 5.71
CA LEU C 125 3.97 60.71 7.16
C LEU C 125 5.23 61.30 7.76
N THR C 126 5.05 62.35 8.56
CA THR C 126 6.17 62.97 9.24
C THR C 126 6.01 62.52 10.69
N PHE C 127 7.07 61.91 11.21
CA PHE C 127 7.06 61.38 12.57
C PHE C 127 8.51 61.48 13.02
N ASN C 128 8.77 61.32 14.31
CA ASN C 128 10.15 61.36 14.75
C ASN C 128 10.54 60.08 15.46
N VAL C 129 11.84 59.80 15.42
CA VAL C 129 12.42 58.61 16.01
C VAL C 129 13.32 58.96 17.20
N ASP C 130 13.14 58.22 18.29
CA ASP C 130 13.95 58.43 19.47
C ASP C 130 15.39 58.25 19.05
N GLU C 131 16.26 59.05 19.62
CA GLU C 131 17.68 58.96 19.29
C GLU C 131 18.25 57.61 19.69
N SER C 132 17.68 56.99 20.73
CA SER C 132 18.17 55.70 21.23
C SER C 132 17.98 54.57 20.23
N TRP C 133 17.02 54.73 19.32
CA TRP C 133 16.75 53.71 18.31
C TRP C 133 17.79 53.75 17.21
N LEU C 134 18.44 54.88 17.05
CA LEU C 134 19.44 55.02 16.01
C LEU C 134 20.85 54.86 16.54
N GLN C 135 21.00 54.70 17.85
CA GLN C 135 22.34 54.54 18.41
C GLN C 135 22.75 53.07 18.39
N GLU C 136 21.78 52.21 18.18
CA GLU C 136 22.08 50.78 18.17
C GLU C 136 20.98 49.97 17.51
N GLY C 137 21.31 48.70 17.26
CA GLY C 137 20.34 47.79 16.68
C GLY C 137 19.72 48.18 15.35
N GLN C 138 18.68 47.44 15.00
CA GLN C 138 17.96 47.58 13.75
C GLN C 138 16.57 48.20 13.94
N THR C 139 16.25 49.18 13.11
CA THR C 139 14.94 49.83 13.14
C THR C 139 14.26 49.56 11.81
N ARG C 140 13.16 48.82 11.83
CA ARG C 140 12.46 48.49 10.59
C ARG C 140 11.00 48.96 10.59
N ILE C 141 10.42 49.09 9.40
CA ILE C 141 9.02 49.49 9.30
C ILE C 141 8.21 48.33 8.73
N ILE C 142 6.99 48.15 9.26
CA ILE C 142 6.14 47.04 8.85
C ILE C 142 4.76 47.45 8.33
N PHE C 143 4.51 47.17 7.04
CA PHE C 143 3.22 47.46 6.44
C PHE C 143 2.43 46.14 6.36
N ASP C 144 1.46 45.96 7.25
CA ASP C 144 0.68 44.74 7.25
C ASP C 144 -0.20 44.53 6.04
N GLY C 145 -0.51 45.59 5.30
CA GLY C 145 -1.35 45.44 4.14
C GLY C 145 -1.44 46.67 3.25
N VAL C 146 -0.96 46.51 2.03
CA VAL C 146 -0.97 47.56 1.03
C VAL C 146 -1.54 46.94 -0.25
N ASN C 147 -2.65 47.47 -0.71
CA ASN C 147 -3.36 47.00 -1.90
C ASN C 147 -3.07 47.96 -3.07
N SER C 148 -2.41 47.50 -4.16
CA SER C 148 -1.96 46.13 -4.35
C SER C 148 -0.43 46.02 -4.49
N ALA C 149 0.24 47.15 -4.67
CA ALA C 149 1.70 47.17 -4.79
C ALA C 149 2.16 48.58 -4.39
N PHE C 150 3.41 48.74 -3.99
CA PHE C 150 3.86 50.07 -3.60
C PHE C 150 5.37 50.27 -3.52
N HIS C 151 5.77 51.53 -3.61
CA HIS C 151 7.18 51.90 -3.50
C HIS C 151 7.31 52.74 -2.23
N LEU C 152 8.42 52.55 -1.51
CA LEU C 152 8.66 53.26 -0.28
C LEU C 152 9.94 54.10 -0.29
N TRP C 153 9.80 55.32 0.23
CA TRP C 153 10.89 56.28 0.32
C TRP C 153 10.96 56.79 1.75
N CYS C 154 12.17 56.93 2.27
CA CYS C 154 12.33 57.45 3.61
C CYS C 154 13.26 58.64 3.55
N ASN C 155 12.72 59.82 3.81
CA ASN C 155 13.50 61.05 3.76
C ASN C 155 14.05 61.23 2.35
N GLY C 156 13.15 61.24 1.37
CA GLY C 156 13.56 61.44 -0.01
C GLY C 156 14.30 60.28 -0.64
N ARG C 157 15.06 59.53 0.15
CA ARG C 157 15.78 58.39 -0.40
C ARG C 157 14.88 57.13 -0.53
N TRP C 158 15.03 56.41 -1.64
CA TRP C 158 14.24 55.20 -1.92
C TRP C 158 14.67 53.97 -1.11
N VAL C 159 13.68 53.27 -0.54
CA VAL C 159 13.92 52.08 0.27
C VAL C 159 13.66 50.73 -0.43
N GLY C 160 12.43 50.52 -0.87
CA GLY C 160 12.12 49.28 -1.53
C GLY C 160 10.77 49.21 -2.23
N TYR C 161 10.36 48.01 -2.59
CA TYR C 161 9.10 47.77 -3.31
C TYR C 161 8.42 46.51 -2.76
N GLY C 162 7.10 46.44 -2.87
CA GLY C 162 6.38 45.27 -2.38
C GLY C 162 5.04 44.97 -3.03
N GLN C 163 4.71 43.68 -3.11
CA GLN C 163 3.45 43.22 -3.69
C GLN C 163 2.79 42.18 -2.77
N ASP C 164 1.52 41.83 -3.05
CA ASP C 164 0.74 40.87 -2.26
C ASP C 164 0.00 41.63 -1.16
N SER C 165 -1.20 42.10 -1.48
CA SER C 165 -2.02 42.89 -0.59
C SER C 165 -2.38 42.28 0.76
N ARG C 166 -2.17 40.99 0.94
CA ARG C 166 -2.60 40.41 2.20
C ARG C 166 -1.58 39.97 3.23
N LEU C 167 -0.29 40.12 2.91
CA LEU C 167 0.76 39.76 3.85
C LEU C 167 1.62 41.00 4.08
N PRO C 168 2.24 41.11 5.26
CA PRO C 168 3.10 42.25 5.61
C PRO C 168 4.42 42.39 4.85
N SER C 169 4.78 43.62 4.51
CA SER C 169 6.04 43.91 3.84
C SER C 169 6.89 44.71 4.83
N GLU C 170 8.09 44.22 5.12
CA GLU C 170 9.00 44.87 6.07
C GLU C 170 10.33 45.34 5.44
N PHE C 171 10.75 46.54 5.82
CA PHE C 171 11.98 47.11 5.30
C PHE C 171 12.82 47.67 6.42
N ASP C 172 14.13 47.52 6.29
CA ASP C 172 15.08 48.02 7.29
C ASP C 172 15.39 49.49 7.03
N LEU C 173 14.88 50.36 7.90
CA LEU C 173 15.09 51.80 7.75
C LEU C 173 16.29 52.34 8.51
N SER C 174 16.96 51.49 9.28
CA SER C 174 18.10 51.91 10.07
C SER C 174 18.98 52.97 9.42
N ALA C 175 19.37 52.77 8.16
CA ALA C 175 20.24 53.73 7.48
C ALA C 175 19.54 54.89 6.77
N PHE C 176 18.25 55.07 7.01
CA PHE C 176 17.52 56.17 6.35
C PHE C 176 17.01 57.15 7.37
N LEU C 177 16.79 56.68 8.59
CA LEU C 177 16.27 57.53 9.66
C LEU C 177 17.34 58.38 10.31
N ARG C 178 16.88 59.51 10.86
CA ARG C 178 17.75 60.43 11.56
C ARG C 178 17.00 60.74 12.85
N ALA C 179 17.72 61.13 13.91
CA ALA C 179 17.07 61.44 15.18
C ALA C 179 16.16 62.65 14.94
N GLY C 180 14.94 62.55 15.44
CA GLY C 180 14.00 63.65 15.27
C GLY C 180 13.06 63.46 14.08
N GLU C 181 12.59 64.56 13.50
CA GLU C 181 11.69 64.47 12.36
C GLU C 181 12.23 63.62 11.22
N ASN C 182 11.33 62.82 10.64
CA ASN C 182 11.59 61.94 9.51
C ASN C 182 10.33 61.95 8.65
N ARG C 183 10.45 61.65 7.37
CA ARG C 183 9.27 61.63 6.51
C ARG C 183 9.21 60.41 5.60
N LEU C 184 8.04 59.77 5.57
CA LEU C 184 7.82 58.60 4.76
C LEU C 184 7.01 58.97 3.52
N ALA C 185 7.41 58.41 2.39
CA ALA C 185 6.70 58.63 1.14
C ALA C 185 6.36 57.25 0.64
N VAL C 186 5.06 56.96 0.55
CA VAL C 186 4.61 55.66 0.09
C VAL C 186 3.71 55.78 -1.14
N MET C 187 4.22 55.38 -2.30
CA MET C 187 3.42 55.45 -3.52
C MET C 187 2.73 54.11 -3.73
N VAL C 188 1.41 54.10 -3.55
CA VAL C 188 0.63 52.88 -3.66
C VAL C 188 -0.11 52.79 -4.98
N LEU C 189 0.19 51.76 -5.76
CA LEU C 189 -0.47 51.56 -7.05
C LEU C 189 -1.69 50.65 -6.90
N ARG C 190 -2.84 51.09 -7.41
CA ARG C 190 -4.07 50.28 -7.30
C ARG C 190 -3.96 48.97 -8.07
N TRP C 191 -3.38 49.05 -9.26
CA TRP C 191 -3.22 47.87 -10.10
C TRP C 191 -1.75 47.51 -10.25
N SER C 192 -1.48 46.22 -10.48
CA SER C 192 -0.13 45.75 -10.65
C SER C 192 -0.22 44.32 -11.14
N ASP C 193 0.89 43.76 -11.57
CA ASP C 193 0.88 42.40 -12.06
C ASP C 193 0.37 41.47 -10.98
N GLY C 194 0.53 41.88 -9.73
CA GLY C 194 0.07 41.06 -8.64
C GLY C 194 -1.44 40.97 -8.61
N SER C 195 -2.10 41.92 -9.27
CA SER C 195 -3.57 41.96 -9.34
C SER C 195 -4.11 40.73 -10.07
N TYR C 196 -3.26 40.11 -10.87
CA TYR C 196 -3.67 38.94 -11.63
C TYR C 196 -3.91 37.75 -10.72
N LEU C 197 -3.33 37.81 -9.53
CA LEU C 197 -3.47 36.74 -8.57
C LEU C 197 -4.46 37.13 -7.48
N GLU C 198 -5.00 38.33 -7.58
CA GLU C 198 -5.94 38.82 -6.60
C GLU C 198 -7.33 39.06 -7.19
N ASP C 199 -7.88 38.06 -7.85
CA ASP C 199 -9.19 38.19 -8.47
C ASP C 199 -10.33 37.59 -7.65
N GLN C 200 -10.39 37.91 -6.36
CA GLN C 200 -11.46 37.37 -5.51
C GLN C 200 -12.76 38.12 -5.73
N ASP C 201 -13.87 37.40 -5.59
CA ASP C 201 -15.21 37.96 -5.74
C ASP C 201 -15.57 38.85 -4.54
N MET C 202 -15.03 40.06 -4.55
CA MET C 202 -15.24 41.03 -3.49
C MET C 202 -15.05 42.45 -4.05
N TRP C 203 -15.30 43.46 -3.22
CA TRP C 203 -15.12 44.83 -3.68
C TRP C 203 -13.65 45.00 -3.99
N ARG C 204 -13.32 45.62 -5.13
CA ARG C 204 -11.93 45.85 -5.52
C ARG C 204 -11.46 47.22 -5.06
N MET C 205 -10.69 47.27 -3.98
CA MET C 205 -10.21 48.54 -3.45
C MET C 205 -8.70 48.73 -3.56
N SER C 206 -8.11 49.49 -2.63
CA SER C 206 -6.68 49.76 -2.61
C SER C 206 -6.24 50.74 -1.51
N GLY C 207 -4.92 50.84 -1.31
CA GLY C 207 -4.36 51.73 -0.31
C GLY C 207 -3.71 50.98 0.86
N ILE C 208 -3.35 51.72 1.90
CA ILE C 208 -2.73 51.11 3.08
C ILE C 208 -3.86 50.78 4.06
N PHE C 209 -4.44 49.59 3.92
CA PHE C 209 -5.57 49.17 4.75
C PHE C 209 -5.24 48.38 6.01
N ARG C 210 -3.96 48.16 6.28
CA ARG C 210 -3.60 47.45 7.51
C ARG C 210 -2.49 48.18 8.23
N ASP C 211 -2.51 48.06 9.55
CA ASP C 211 -1.54 48.70 10.44
C ASP C 211 -0.11 48.87 9.91
N VAL C 212 0.50 49.98 10.29
CA VAL C 212 1.88 50.29 9.92
C VAL C 212 2.64 50.35 11.24
N SER C 213 3.75 49.63 11.32
CA SER C 213 4.51 49.61 12.56
C SER C 213 5.99 49.89 12.43
N LEU C 214 6.61 50.14 13.58
CA LEU C 214 8.03 50.40 13.66
C LEU C 214 8.56 49.48 14.75
N LEU C 215 9.40 48.53 14.34
CA LEU C 215 9.98 47.56 15.26
C LEU C 215 11.50 47.75 15.36
N HIS C 216 12.01 47.69 16.59
CA HIS C 216 13.43 47.83 16.82
C HIS C 216 13.94 46.49 17.33
N LYS C 217 14.94 45.94 16.64
CA LYS C 217 15.53 44.66 17.04
C LYS C 217 17.01 44.87 17.33
N PRO C 218 17.59 44.07 18.23
CA PRO C 218 19.02 44.22 18.54
C PRO C 218 19.78 43.82 17.29
N THR C 219 21.06 44.18 17.17
CA THR C 219 21.80 43.75 15.99
C THR C 219 21.88 42.24 16.04
N THR C 220 22.29 41.68 17.17
CA THR C 220 22.31 40.23 17.33
C THR C 220 20.89 39.95 17.81
N GLN C 221 20.08 39.39 16.92
CA GLN C 221 18.66 39.15 17.18
C GLN C 221 18.13 37.78 16.87
N ILE C 222 16.88 37.57 17.26
CA ILE C 222 16.15 36.33 16.99
C ILE C 222 15.45 36.63 15.67
N SER C 223 15.82 35.90 14.62
CA SER C 223 15.22 36.17 13.30
C SER C 223 14.08 35.25 12.92
N ASP C 224 13.88 34.19 13.69
CA ASP C 224 12.80 33.26 13.39
C ASP C 224 12.75 32.10 14.39
N PHE C 225 11.55 31.58 14.62
CA PHE C 225 11.37 30.43 15.50
C PHE C 225 10.11 29.64 15.14
N HIS C 226 10.24 28.30 15.14
CA HIS C 226 9.14 27.39 14.82
C HIS C 226 8.77 26.50 16.04
N VAL C 227 7.49 26.48 16.39
CA VAL C 227 7.01 25.68 17.51
C VAL C 227 6.26 24.44 17.04
N ALA C 228 6.67 23.29 17.55
CA ALA C 228 6.03 22.02 17.19
C ALA C 228 5.70 21.24 18.46
N THR C 229 4.62 20.45 18.40
CA THR C 229 4.20 19.63 19.54
C THR C 229 3.78 18.24 19.07
N ARG C 230 4.55 17.23 19.45
CA ARG C 230 4.29 15.84 19.08
C ARG C 230 3.93 15.04 20.34
N PHE C 231 2.93 14.16 20.23
CA PHE C 231 2.46 13.37 21.38
C PHE C 231 2.60 11.86 21.22
N ASN C 232 2.39 11.13 22.32
CA ASN C 232 2.42 9.67 22.27
C ASN C 232 1.00 9.28 21.85
N ASP C 233 0.75 8.00 21.61
CA ASP C 233 -0.57 7.58 21.16
C ASP C 233 -1.78 8.02 22.00
N ASP C 234 -1.62 8.12 23.32
CA ASP C 234 -2.78 8.53 24.11
C ASP C 234 -2.72 9.95 24.62
N PHE C 235 -1.84 10.75 24.04
CA PHE C 235 -1.70 12.15 24.42
C PHE C 235 -1.43 12.41 25.89
N SER C 236 -0.76 11.46 26.54
CA SER C 236 -0.41 11.57 27.95
C SER C 236 0.93 12.32 28.06
N ARG C 237 1.76 12.20 27.04
CA ARG C 237 3.05 12.90 27.00
C ARG C 237 3.12 13.63 25.68
N ALA C 238 3.91 14.70 25.67
CA ALA C 238 4.09 15.51 24.47
C ALA C 238 5.45 16.15 24.54
N VAL C 239 6.07 16.35 23.38
CA VAL C 239 7.38 16.98 23.33
C VAL C 239 7.24 18.27 22.54
N LEU C 240 7.60 19.40 23.16
CA LEU C 240 7.54 20.67 22.48
C LEU C 240 8.91 20.92 21.85
N GLU C 241 8.94 21.12 20.55
CA GLU C 241 10.19 21.34 19.85
C GLU C 241 10.21 22.76 19.29
N ALA C 242 11.23 23.52 19.67
CA ALA C 242 11.36 24.89 19.23
C ALA C 242 12.67 25.14 18.50
N GLU C 243 12.58 25.36 17.19
CA GLU C 243 13.75 25.63 16.37
C GLU C 243 13.91 27.15 16.35
N VAL C 244 15.07 27.63 16.76
CA VAL C 244 15.32 29.07 16.80
C VAL C 244 16.50 29.46 15.90
N GLN C 245 16.35 30.55 15.16
CA GLN C 245 17.39 31.03 14.25
C GLN C 245 17.73 32.47 14.62
N MET C 246 19.01 32.81 14.51
CA MET C 246 19.48 34.15 14.86
C MET C 246 20.26 34.84 13.75
N CYS C 247 20.52 36.13 13.96
CA CYS C 247 21.27 36.94 13.03
C CYS C 247 22.19 37.81 13.81
N GLY C 248 23.20 38.35 13.13
CA GLY C 248 24.14 39.21 13.80
C GLY C 248 25.42 38.47 14.09
N GLU C 249 26.18 39.00 15.04
CA GLU C 249 27.44 38.41 15.40
C GLU C 249 27.23 37.15 16.21
N LEU C 250 27.80 36.04 15.74
CA LEU C 250 27.70 34.77 16.44
C LEU C 250 28.83 34.71 17.45
N ARG C 251 28.50 34.32 18.68
CA ARG C 251 29.49 34.23 19.75
C ARG C 251 29.11 33.06 20.64
N ASP C 252 30.10 32.40 21.24
CA ASP C 252 29.82 31.25 22.10
C ASP C 252 29.03 31.60 23.34
N TYR C 253 29.26 32.79 23.87
CA TYR C 253 28.55 33.21 25.07
C TYR C 253 27.06 33.38 24.81
N LEU C 254 26.64 33.22 23.56
CA LEU C 254 25.24 33.34 23.21
C LEU C 254 24.44 32.10 23.63
N ARG C 255 23.18 32.32 24.01
CA ARG C 255 22.31 31.25 24.43
C ARG C 255 20.85 31.54 24.09
N VAL C 256 20.05 30.48 24.02
CA VAL C 256 18.64 30.59 23.75
C VAL C 256 17.96 29.73 24.80
N THR C 257 16.94 30.27 25.46
CA THR C 257 16.23 29.53 26.48
C THR C 257 14.74 29.55 26.18
N VAL C 258 14.17 28.41 25.82
CA VAL C 258 12.75 28.35 25.56
C VAL C 258 12.07 27.79 26.80
N SER C 259 11.13 28.55 27.33
CA SER C 259 10.40 28.14 28.54
C SER C 259 8.90 28.09 28.26
N LEU C 260 8.25 27.04 28.75
CA LEU C 260 6.82 26.87 28.55
C LEU C 260 6.04 27.21 29.80
N TRP C 261 5.11 28.15 29.67
CA TRP C 261 4.32 28.59 30.80
C TRP C 261 2.86 28.25 30.75
N GLN C 262 2.36 27.71 31.85
CA GLN C 262 0.94 27.38 32.00
C GLN C 262 0.50 28.36 33.08
N GLY C 263 -0.02 29.51 32.66
CA GLY C 263 -0.41 30.52 33.63
C GLY C 263 0.82 31.09 34.32
N GLU C 264 0.83 31.08 35.64
CA GLU C 264 1.97 31.59 36.40
C GLU C 264 2.99 30.49 36.62
N THR C 265 2.60 29.26 36.29
CA THR C 265 3.48 28.11 36.46
C THR C 265 4.44 27.94 35.30
N GLN C 266 5.61 27.38 35.56
CA GLN C 266 6.57 27.13 34.49
C GLN C 266 6.69 25.61 34.33
N VAL C 267 5.91 25.03 33.41
CA VAL C 267 5.90 23.59 33.19
C VAL C 267 7.20 22.96 32.72
N ALA C 268 7.97 23.70 31.93
CA ALA C 268 9.23 23.16 31.43
C ALA C 268 10.12 24.28 30.93
N SER C 269 11.40 23.98 30.75
CA SER C 269 12.33 24.99 30.27
C SER C 269 13.64 24.37 29.84
N GLY C 270 14.17 24.84 28.73
CA GLY C 270 15.44 24.34 28.24
C GLY C 270 16.33 25.44 27.73
N THR C 271 17.64 25.29 27.94
CA THR C 271 18.59 26.28 27.47
C THR C 271 19.71 25.58 26.70
N ALA C 272 20.25 26.26 25.70
CA ALA C 272 21.31 25.69 24.90
C ALA C 272 21.95 26.76 24.03
N PRO C 273 23.23 26.56 23.67
CA PRO C 273 23.94 27.53 22.83
C PRO C 273 23.65 27.23 21.36
N PHE C 274 23.88 28.22 20.50
CA PHE C 274 23.63 28.02 19.08
C PHE C 274 24.52 26.93 18.53
N GLY C 275 24.03 26.27 17.49
CA GLY C 275 24.81 25.21 16.87
C GLY C 275 23.88 24.03 16.70
N GLY C 276 23.25 23.94 15.54
CA GLY C 276 22.33 22.85 15.29
C GLY C 276 23.02 21.53 15.05
N GLU C 277 22.23 20.50 14.80
CA GLU C 277 22.78 19.19 14.54
C GLU C 277 23.29 19.14 13.11
N ILE C 278 24.14 18.16 12.84
CA ILE C 278 24.71 17.99 11.51
C ILE C 278 23.58 17.63 10.56
N ILE C 279 23.44 18.35 9.45
CA ILE C 279 22.37 18.03 8.53
C ILE C 279 22.89 17.46 7.21
N ASP C 280 24.11 17.80 6.83
CA ASP C 280 24.69 17.26 5.59
C ASP C 280 26.22 17.32 5.61
N GLU C 281 26.85 16.94 4.51
CA GLU C 281 28.30 16.92 4.44
C GLU C 281 29.03 18.20 4.81
N ARG C 282 28.35 19.35 4.77
CA ARG C 282 28.99 20.62 5.12
C ARG C 282 28.81 21.00 6.60
N GLY C 283 28.13 20.15 7.35
CA GLY C 283 27.91 20.40 8.76
C GLY C 283 26.47 20.76 9.11
N GLY C 284 26.30 21.84 9.86
CA GLY C 284 24.96 22.26 10.24
C GLY C 284 24.81 23.76 10.39
N TYR C 285 23.63 24.18 10.85
CA TYR C 285 23.36 25.59 11.05
C TYR C 285 23.94 26.07 12.37
N ALA C 286 25.06 26.80 12.28
CA ALA C 286 25.70 27.32 13.46
C ALA C 286 24.87 28.47 14.00
N ASP C 287 23.98 29.00 13.16
CA ASP C 287 23.14 30.12 13.56
C ASP C 287 21.72 29.68 13.92
N ARG C 288 21.63 28.47 14.46
CA ARG C 288 20.35 27.93 14.88
C ARG C 288 20.54 26.95 16.03
N VAL C 289 19.43 26.64 16.71
CA VAL C 289 19.43 25.71 17.83
C VAL C 289 17.99 25.26 18.05
N THR C 290 17.81 24.01 18.45
CA THR C 290 16.46 23.49 18.68
C THR C 290 16.30 23.02 20.10
N LEU C 291 15.28 23.52 20.79
CA LEU C 291 15.05 23.10 22.15
C LEU C 291 13.91 22.12 22.19
N ARG C 292 14.02 21.10 23.04
CA ARG C 292 12.98 20.10 23.17
C ARG C 292 12.58 19.93 24.65
N LEU C 293 11.37 20.35 24.97
CA LEU C 293 10.84 20.27 26.33
C LEU C 293 9.82 19.16 26.45
N ASN C 294 9.83 18.48 27.58
CA ASN C 294 8.88 17.40 27.81
C ASN C 294 7.67 17.95 28.52
N VAL C 295 6.50 17.37 28.26
CA VAL C 295 5.30 17.83 28.91
C VAL C 295 4.45 16.62 29.22
N GLU C 296 4.21 16.39 30.50
CA GLU C 296 3.38 15.26 30.92
C GLU C 296 1.94 15.75 31.05
N ASN C 297 1.00 14.91 30.65
CA ASN C 297 -0.43 15.22 30.72
C ASN C 297 -0.71 16.65 30.30
N PRO C 298 -0.41 16.99 29.05
CA PRO C 298 -0.64 18.36 28.59
C PRO C 298 -2.12 18.67 28.42
N LYS C 299 -2.48 19.94 28.56
CA LYS C 299 -3.85 20.38 28.37
C LYS C 299 -4.01 20.60 26.87
N LEU C 300 -4.72 19.69 26.19
CA LEU C 300 -4.88 19.80 24.75
C LEU C 300 -5.76 20.96 24.28
N TRP C 301 -5.41 21.51 23.12
CA TRP C 301 -6.14 22.62 22.52
C TRP C 301 -7.16 22.13 21.52
N SER C 302 -8.31 22.79 21.49
CA SER C 302 -9.39 22.47 20.57
C SER C 302 -10.32 23.66 20.53
N ALA C 303 -11.28 23.64 19.61
CA ALA C 303 -12.24 24.73 19.52
C ALA C 303 -13.23 24.57 20.68
N GLU C 304 -13.27 23.37 21.25
CA GLU C 304 -14.13 23.07 22.38
C GLU C 304 -13.52 23.68 23.62
N ILE C 305 -12.23 23.44 23.83
CA ILE C 305 -11.51 23.96 24.98
C ILE C 305 -10.16 24.46 24.50
N PRO C 306 -10.05 25.76 24.23
CA PRO C 306 -8.81 26.38 23.75
C PRO C 306 -7.70 26.49 24.80
N ASN C 307 -7.28 25.36 25.36
CA ASN C 307 -6.20 25.39 26.34
C ASN C 307 -4.89 25.88 25.71
N LEU C 308 -4.36 26.97 26.26
CA LEU C 308 -3.11 27.51 25.74
C LEU C 308 -2.00 27.59 26.77
N TYR C 309 -0.77 27.60 26.28
CA TYR C 309 0.42 27.73 27.11
C TYR C 309 1.14 28.93 26.51
N ARG C 310 2.18 29.41 27.19
CA ARG C 310 2.92 30.55 26.66
C ARG C 310 4.36 30.11 26.46
N ALA C 311 4.84 30.23 25.23
CA ALA C 311 6.21 29.87 24.92
C ALA C 311 7.01 31.15 24.80
N VAL C 312 8.07 31.26 25.62
CA VAL C 312 8.89 32.46 25.59
C VAL C 312 10.31 32.14 25.15
N VAL C 313 10.70 32.72 24.02
CA VAL C 313 12.03 32.51 23.45
C VAL C 313 12.95 33.66 23.88
N GLU C 314 13.99 33.35 24.64
CA GLU C 314 14.94 34.37 25.10
C GLU C 314 16.34 34.28 24.48
N LEU C 315 16.82 35.36 23.88
CA LEU C 315 18.16 35.38 23.31
C LEU C 315 19.00 36.09 24.38
N HIS C 316 19.96 35.39 24.94
CA HIS C 316 20.76 35.99 26.00
C HIS C 316 22.19 35.48 26.01
N THR C 317 22.94 35.89 27.03
CA THR C 317 24.33 35.47 27.17
C THR C 317 24.43 34.43 28.27
N ALA C 318 25.48 33.63 28.24
CA ALA C 318 25.66 32.58 29.22
C ALA C 318 25.65 33.12 30.63
N ASP C 319 26.17 34.33 30.82
CA ASP C 319 26.22 34.95 32.14
C ASP C 319 24.85 35.45 32.62
N GLY C 320 23.81 35.08 31.88
CA GLY C 320 22.46 35.48 32.26
C GLY C 320 21.85 36.77 31.72
N THR C 321 22.54 37.48 30.83
CA THR C 321 21.99 38.73 30.31
C THR C 321 21.03 38.59 29.13
N LEU C 322 19.82 39.10 29.30
CA LEU C 322 18.83 39.04 28.24
C LEU C 322 19.20 40.01 27.12
N ILE C 323 19.13 39.53 25.89
CA ILE C 323 19.44 40.36 24.74
C ILE C 323 18.11 40.81 24.17
N GLU C 324 17.18 39.88 24.12
CA GLU C 324 15.85 40.14 23.58
C GLU C 324 15.04 38.87 23.74
N ALA C 325 13.72 39.01 23.79
CA ALA C 325 12.85 37.86 23.93
C ALA C 325 11.62 38.01 23.05
N GLU C 326 11.20 36.87 22.49
CA GLU C 326 10.02 36.80 21.64
C GLU C 326 9.14 35.70 22.23
N ALA C 327 7.86 35.69 21.88
CA ALA C 327 6.97 34.67 22.41
C ALA C 327 5.71 34.47 21.59
N CYS C 328 4.95 33.44 21.96
CA CYS C 328 3.70 33.12 21.27
C CYS C 328 2.87 32.18 22.13
N ASP C 329 1.56 32.15 21.84
CA ASP C 329 0.69 31.25 22.59
C ASP C 329 0.91 29.90 21.94
N VAL C 330 0.91 28.84 22.74
CA VAL C 330 1.09 27.50 22.22
C VAL C 330 -0.15 26.68 22.58
N GLY C 331 -0.64 25.90 21.62
CA GLY C 331 -1.80 25.07 21.88
C GLY C 331 -1.43 23.65 21.54
N PHE C 332 -1.35 22.77 22.54
CA PHE C 332 -1.01 21.38 22.28
C PHE C 332 -2.16 20.68 21.57
N ARG C 333 -1.97 20.44 20.27
CA ARG C 333 -2.98 19.75 19.47
C ARG C 333 -2.29 19.04 18.32
N GLU C 334 -2.82 17.89 17.93
CA GLU C 334 -2.26 17.13 16.82
C GLU C 334 -3.30 17.02 15.73
N VAL C 335 -2.96 17.46 14.52
CA VAL C 335 -3.87 17.38 13.40
C VAL C 335 -3.30 16.38 12.43
N ARG C 336 -4.08 15.36 12.08
CA ARG C 336 -3.60 14.37 11.11
C ARG C 336 -4.73 13.61 10.44
N ILE C 337 -4.55 13.32 9.16
CA ILE C 337 -5.56 12.57 8.40
C ILE C 337 -5.12 11.11 8.42
N GLU C 338 -5.90 10.26 9.07
CA GLU C 338 -5.56 8.86 9.15
C GLU C 338 -6.73 7.96 8.83
N ASN C 339 -6.48 7.03 7.92
CA ASN C 339 -7.48 6.06 7.50
C ASN C 339 -8.71 6.76 6.93
N GLY C 340 -8.48 7.78 6.12
CA GLY C 340 -9.58 8.50 5.49
C GLY C 340 -10.25 9.57 6.32
N LEU C 341 -9.85 9.69 7.59
CA LEU C 341 -10.45 10.68 8.49
C LEU C 341 -9.53 11.77 8.99
N LEU C 342 -10.06 13.00 9.06
CA LEU C 342 -9.31 14.15 9.58
C LEU C 342 -9.42 14.10 11.10
N LEU C 343 -8.30 13.84 11.78
CA LEU C 343 -8.30 13.73 13.25
C LEU C 343 -7.67 14.91 13.97
N LEU C 344 -8.34 15.37 15.02
CA LEU C 344 -7.82 16.46 15.81
C LEU C 344 -7.62 15.79 17.17
N ASN C 345 -6.37 15.65 17.57
CA ASN C 345 -6.05 14.98 18.82
C ASN C 345 -6.67 13.58 18.84
N GLY C 346 -6.53 12.85 17.74
CA GLY C 346 -7.05 11.51 17.70
C GLY C 346 -8.53 11.32 17.44
N LYS C 347 -9.32 12.37 17.57
CA LYS C 347 -10.75 12.22 17.31
C LYS C 347 -11.13 12.86 15.98
N PRO C 348 -12.06 12.24 15.23
CA PRO C 348 -12.54 12.71 13.93
C PRO C 348 -13.46 13.93 14.04
N LEU C 349 -13.02 15.03 13.44
CA LEU C 349 -13.77 16.29 13.49
C LEU C 349 -15.00 16.34 12.62
N LEU C 350 -15.87 17.31 12.92
CA LEU C 350 -17.07 17.59 12.16
C LEU C 350 -17.04 19.11 12.06
N ILE C 351 -16.47 19.61 10.97
CA ILE C 351 -16.33 21.03 10.75
C ILE C 351 -17.62 21.80 10.54
N ARG C 352 -18.02 22.56 11.55
CA ARG C 352 -19.21 23.40 11.47
C ARG C 352 -18.60 24.75 11.16
N GLY C 353 -18.20 24.96 9.91
CA GLY C 353 -17.55 26.21 9.56
C GLY C 353 -18.26 27.16 8.61
N VAL C 354 -17.62 28.29 8.37
CA VAL C 354 -18.13 29.33 7.50
C VAL C 354 -16.95 30.12 6.90
N ASN C 355 -17.16 30.64 5.69
CA ASN C 355 -16.15 31.45 4.99
C ASN C 355 -16.35 32.88 5.49
N ARG C 356 -15.25 33.60 5.73
CA ARG C 356 -15.34 34.97 6.21
C ARG C 356 -14.38 35.98 5.60
N HIS C 357 -14.93 36.87 4.79
CA HIS C 357 -14.17 37.93 4.15
C HIS C 357 -13.98 39.03 5.18
N GLU C 358 -12.87 39.76 5.06
CA GLU C 358 -12.63 40.86 5.99
C GLU C 358 -13.38 42.03 5.37
N HIS C 359 -14.57 42.32 5.88
CA HIS C 359 -15.39 43.38 5.34
C HIS C 359 -16.08 44.24 6.41
N HIS C 360 -16.05 45.55 6.20
CA HIS C 360 -16.70 46.48 7.12
C HIS C 360 -17.56 47.40 6.28
N PRO C 361 -18.82 47.57 6.65
CA PRO C 361 -19.75 48.43 5.92
C PRO C 361 -19.37 49.90 5.80
N LEU C 362 -18.46 50.36 6.67
CA LEU C 362 -18.03 51.75 6.65
C LEU C 362 -16.52 51.89 6.43
N HIS C 363 -15.76 50.92 6.91
CA HIS C 363 -14.30 50.97 6.79
C HIS C 363 -13.70 50.21 5.61
N GLY C 364 -14.56 49.70 4.72
CA GLY C 364 -14.08 48.96 3.58
C GLY C 364 -13.51 47.60 3.96
N GLN C 365 -12.24 47.36 3.67
CA GLN C 365 -11.63 46.10 4.03
C GLN C 365 -10.59 46.28 5.12
N VAL C 366 -10.85 47.22 6.03
CA VAL C 366 -9.95 47.50 7.14
C VAL C 366 -10.51 46.89 8.41
N MET C 367 -9.78 45.94 8.98
CA MET C 367 -10.23 45.27 10.19
C MET C 367 -9.78 45.93 11.47
N ASP C 368 -10.55 45.68 12.53
CA ASP C 368 -10.28 46.22 13.86
C ASP C 368 -10.68 45.13 14.83
N GLU C 369 -10.06 45.14 16.00
CA GLU C 369 -10.31 44.14 17.02
C GLU C 369 -11.78 43.95 17.34
N GLN C 370 -12.48 45.07 17.53
CA GLN C 370 -13.89 45.03 17.88
C GLN C 370 -14.77 44.28 16.88
N THR C 371 -14.63 44.58 15.59
CA THR C 371 -15.41 43.89 14.58
C THR C 371 -15.07 42.40 14.59
N MET C 372 -13.79 42.08 14.78
CA MET C 372 -13.36 40.69 14.82
C MET C 372 -14.03 39.94 15.97
N VAL C 373 -13.79 40.38 17.20
CA VAL C 373 -14.36 39.74 18.37
C VAL C 373 -15.87 39.56 18.24
N GLN C 374 -16.51 40.57 17.67
CA GLN C 374 -17.95 40.51 17.48
C GLN C 374 -18.28 39.30 16.63
N ASP C 375 -17.72 39.25 15.43
CA ASP C 375 -17.96 38.14 14.53
C ASP C 375 -17.71 36.82 15.24
N ILE C 376 -16.55 36.70 15.90
CA ILE C 376 -16.21 35.47 16.60
C ILE C 376 -17.26 35.04 17.60
N LEU C 377 -17.81 36.00 18.36
CA LEU C 377 -18.83 35.65 19.36
C LEU C 377 -20.08 35.16 18.65
N LEU C 378 -20.50 35.90 17.64
CA LEU C 378 -21.69 35.51 16.89
C LEU C 378 -21.53 34.10 16.37
N MET C 379 -20.37 33.81 15.76
CA MET C 379 -20.10 32.50 15.20
C MET C 379 -20.23 31.41 16.25
N LYS C 380 -19.50 31.55 17.36
CA LYS C 380 -19.55 30.55 18.41
C LYS C 380 -20.94 30.43 19.01
N GLN C 381 -21.64 31.55 19.11
CA GLN C 381 -22.99 31.57 19.66
C GLN C 381 -23.97 30.81 18.77
N ASN C 382 -23.65 30.72 17.49
CA ASN C 382 -24.50 30.02 16.55
C ASN C 382 -23.89 28.67 16.16
N ASN C 383 -23.17 28.10 17.11
CA ASN C 383 -22.53 26.80 16.99
C ASN C 383 -21.58 26.56 15.82
N PHE C 384 -20.72 27.54 15.54
CA PHE C 384 -19.71 27.41 14.50
C PHE C 384 -18.40 27.11 15.23
N ASN C 385 -17.53 26.33 14.61
CA ASN C 385 -16.26 26.00 15.26
C ASN C 385 -15.07 26.15 14.33
N ALA C 386 -15.34 26.57 13.10
CA ALA C 386 -14.26 26.73 12.14
C ALA C 386 -14.55 27.87 11.18
N VAL C 387 -13.49 28.41 10.61
CA VAL C 387 -13.59 29.50 9.65
C VAL C 387 -12.53 29.35 8.57
N ARG C 388 -12.86 29.77 7.35
CA ARG C 388 -11.91 29.70 6.23
C ARG C 388 -11.59 31.12 5.80
N CYS C 389 -10.30 31.45 5.78
CA CYS C 389 -9.87 32.79 5.41
C CYS C 389 -9.97 33.04 3.91
N SER C 390 -11.19 32.99 3.42
CA SER C 390 -11.48 33.21 2.00
C SER C 390 -11.22 34.67 1.70
N HIS C 391 -10.25 34.97 0.83
CA HIS C 391 -9.40 33.99 0.14
C HIS C 391 -8.00 34.59 0.18
N TYR C 392 -7.48 34.76 1.38
CA TYR C 392 -6.18 35.37 1.56
C TYR C 392 -5.83 35.40 3.05
N PRO C 393 -4.54 35.54 3.37
CA PRO C 393 -4.17 35.58 4.78
C PRO C 393 -4.90 36.74 5.46
N ASN C 394 -5.44 36.49 6.64
CA ASN C 394 -6.18 37.51 7.39
C ASN C 394 -5.25 38.39 8.21
N HIS C 395 -5.81 39.48 8.72
CA HIS C 395 -5.11 40.43 9.59
C HIS C 395 -4.54 39.60 10.76
N PRO C 396 -3.28 39.84 11.13
CA PRO C 396 -2.61 39.12 12.21
C PRO C 396 -3.37 38.90 13.52
N LEU C 397 -4.16 39.87 13.95
CA LEU C 397 -4.91 39.75 15.19
C LEU C 397 -5.93 38.61 15.16
N TRP C 398 -6.55 38.43 14.00
CA TRP C 398 -7.54 37.39 13.81
C TRP C 398 -7.07 36.02 14.31
N TYR C 399 -5.91 35.57 13.86
CA TYR C 399 -5.40 34.27 14.28
C TYR C 399 -5.24 34.20 15.80
N THR C 400 -4.80 35.31 16.39
CA THR C 400 -4.63 35.38 17.84
C THR C 400 -5.97 35.17 18.52
N LEU C 401 -7.02 35.76 17.97
CA LEU C 401 -8.34 35.63 18.58
C LEU C 401 -8.85 34.20 18.44
N CYS C 402 -8.76 33.64 17.23
CA CYS C 402 -9.23 32.27 16.99
C CYS C 402 -8.48 31.28 17.88
N ASP C 403 -7.25 31.65 18.23
CA ASP C 403 -6.42 30.82 19.09
C ASP C 403 -7.06 30.74 20.48
N ARG C 404 -7.32 31.92 21.03
CA ARG C 404 -7.87 32.07 22.35
C ARG C 404 -9.36 31.76 22.54
N TYR C 405 -10.19 32.18 21.58
CA TYR C 405 -11.61 31.93 21.67
C TYR C 405 -11.99 30.52 21.27
N GLY C 406 -11.15 29.86 20.48
CA GLY C 406 -11.42 28.51 20.04
C GLY C 406 -12.12 28.35 18.69
N LEU C 407 -11.35 28.34 17.61
CA LEU C 407 -11.88 28.20 16.25
C LEU C 407 -10.86 27.53 15.32
N TYR C 408 -11.30 26.52 14.57
CA TYR C 408 -10.41 25.84 13.64
C TYR C 408 -10.31 26.74 12.42
N VAL C 409 -9.08 27.03 12.02
CA VAL C 409 -8.84 27.93 10.90
C VAL C 409 -8.19 27.30 9.69
N VAL C 410 -8.64 27.73 8.51
CA VAL C 410 -8.07 27.28 7.25
C VAL C 410 -7.36 28.54 6.75
N ASP C 411 -6.03 28.54 6.81
CA ASP C 411 -5.25 29.69 6.37
C ASP C 411 -5.03 29.53 4.87
N GLU C 412 -5.51 30.50 4.12
CA GLU C 412 -5.43 30.43 2.67
C GLU C 412 -4.61 31.51 1.99
N ALA C 413 -3.65 31.07 1.18
CA ALA C 413 -2.76 31.95 0.42
C ALA C 413 -3.55 32.90 -0.48
N ASN C 414 -2.99 34.07 -0.74
CA ASN C 414 -3.66 35.07 -1.56
C ASN C 414 -3.46 34.79 -3.05
N ILE C 415 -4.21 33.83 -3.60
CA ILE C 415 -4.07 33.49 -5.02
C ILE C 415 -5.37 33.07 -5.70
N GLU C 416 -5.99 33.97 -6.46
CA GLU C 416 -7.20 33.62 -7.21
C GLU C 416 -7.09 34.26 -8.58
N THR C 417 -7.28 33.44 -9.61
CA THR C 417 -7.21 33.89 -10.99
C THR C 417 -8.40 33.36 -11.79
N GLU C 418 -9.53 33.23 -11.11
CA GLU C 418 -10.73 32.70 -11.74
C GLU C 418 -11.08 33.39 -13.06
N GLY C 419 -10.54 34.59 -13.26
CA GLY C 419 -10.83 35.34 -14.47
C GLY C 419 -10.07 34.89 -15.71
N MET C 420 -8.97 34.17 -15.50
CA MET C 420 -8.19 33.68 -16.63
C MET C 420 -8.95 32.61 -17.42
N VAL C 421 -8.45 32.27 -18.61
CA VAL C 421 -9.09 31.25 -19.44
C VAL C 421 -8.05 30.47 -20.23
N PRO C 422 -7.88 29.17 -19.92
CA PRO C 422 -8.61 28.44 -18.89
C PRO C 422 -8.17 28.93 -17.51
N MET C 423 -8.93 28.56 -16.48
CA MET C 423 -8.64 29.03 -15.13
C MET C 423 -7.24 28.82 -14.63
N ASN C 424 -6.50 27.89 -15.21
CA ASN C 424 -5.16 27.67 -14.71
C ASN C 424 -4.08 28.20 -15.64
N ARG C 425 -4.44 29.16 -16.49
CA ARG C 425 -3.47 29.70 -17.43
C ARG C 425 -2.22 30.24 -16.75
N LEU C 426 -2.36 30.80 -15.56
CA LEU C 426 -1.21 31.32 -14.87
C LEU C 426 -0.60 30.30 -13.93
N THR C 427 -1.43 29.67 -13.11
CA THR C 427 -0.95 28.69 -12.15
C THR C 427 -0.20 27.49 -12.76
N ASP C 428 -0.31 27.30 -14.07
CA ASP C 428 0.36 26.18 -14.69
C ASP C 428 1.56 26.67 -15.48
N ASP C 429 1.72 27.97 -15.52
CA ASP C 429 2.81 28.60 -16.23
C ASP C 429 4.00 28.77 -15.29
N PRO C 430 5.12 28.12 -15.58
CA PRO C 430 6.30 28.23 -14.72
C PRO C 430 6.80 29.66 -14.54
N ARG C 431 6.46 30.53 -15.47
CA ARG C 431 6.88 31.92 -15.39
C ARG C 431 6.23 32.61 -14.17
N TRP C 432 5.11 32.07 -13.71
CA TRP C 432 4.40 32.63 -12.55
C TRP C 432 4.63 31.85 -11.26
N LEU C 433 5.49 30.83 -11.31
CA LEU C 433 5.78 30.04 -10.12
C LEU C 433 6.35 30.92 -9.02
N PRO C 434 7.20 31.89 -9.39
CA PRO C 434 7.80 32.79 -8.40
C PRO C 434 6.76 33.60 -7.63
N ALA C 435 5.95 34.36 -8.35
CA ALA C 435 4.94 35.20 -7.70
C ALA C 435 4.06 34.36 -6.77
N MET C 436 3.60 33.22 -7.24
CA MET C 436 2.75 32.35 -6.43
C MET C 436 3.52 31.86 -5.21
N SER C 437 4.71 31.32 -5.46
CA SER C 437 5.56 30.81 -4.40
C SER C 437 5.57 31.70 -3.15
N GLU C 438 5.81 32.99 -3.35
CA GLU C 438 5.87 33.94 -2.24
C GLU C 438 4.58 34.15 -1.48
N ARG C 439 3.45 33.96 -2.15
CA ARG C 439 2.16 34.16 -1.51
C ARG C 439 1.81 32.95 -0.64
N VAL C 440 2.48 31.83 -0.89
CA VAL C 440 2.27 30.60 -0.11
C VAL C 440 3.31 30.51 0.99
N THR C 441 4.57 30.56 0.61
CA THR C 441 5.65 30.49 1.59
C THR C 441 5.60 31.56 2.68
N ARG C 442 5.36 32.83 2.31
CA ARG C 442 5.32 33.92 3.29
C ARG C 442 4.15 33.81 4.25
N MET C 443 3.08 33.17 3.81
CA MET C 443 1.93 32.97 4.69
C MET C 443 2.35 31.94 5.73
N VAL C 444 2.93 30.84 5.26
CA VAL C 444 3.36 29.78 6.14
C VAL C 444 4.38 30.27 7.17
N GLN C 445 5.40 30.97 6.70
CA GLN C 445 6.40 31.46 7.64
C GLN C 445 5.81 32.40 8.67
N ARG C 446 4.72 33.08 8.31
CA ARG C 446 4.12 34.03 9.23
C ARG C 446 3.21 33.40 10.28
N ASP C 447 2.23 32.63 9.82
CA ASP C 447 1.25 32.00 10.69
C ASP C 447 1.49 30.58 11.20
N ARG C 448 2.54 29.92 10.72
CA ARG C 448 2.80 28.54 11.11
C ARG C 448 2.79 28.22 12.62
N ASN C 449 2.90 29.23 13.47
CA ASN C 449 2.92 28.94 14.91
C ASN C 449 1.55 28.97 15.60
N HIS C 450 0.53 29.48 14.92
CA HIS C 450 -0.82 29.56 15.49
C HIS C 450 -1.50 28.20 15.57
N PRO C 451 -1.93 27.79 16.78
CA PRO C 451 -2.60 26.49 16.91
C PRO C 451 -3.97 26.44 16.23
N SER C 452 -4.64 27.58 16.15
CA SER C 452 -5.96 27.62 15.51
C SER C 452 -5.86 27.29 14.02
N VAL C 453 -4.69 27.47 13.43
CA VAL C 453 -4.53 27.13 12.03
C VAL C 453 -4.33 25.62 11.99
N ILE C 454 -5.31 24.92 11.43
CA ILE C 454 -5.23 23.46 11.32
C ILE C 454 -5.05 22.95 9.90
N ILE C 455 -5.31 23.79 8.91
CA ILE C 455 -5.17 23.39 7.51
C ILE C 455 -4.64 24.53 6.68
N TRP C 456 -3.81 24.21 5.69
CA TRP C 456 -3.27 25.23 4.77
C TRP C 456 -3.99 25.11 3.41
N SER C 457 -4.41 26.24 2.85
CA SER C 457 -5.06 26.24 1.54
C SER C 457 -4.16 26.97 0.56
N LEU C 458 -4.07 26.46 -0.67
CA LEU C 458 -3.22 27.06 -1.71
C LEU C 458 -3.89 28.20 -2.48
N GLY C 459 -5.05 28.65 -2.05
CA GLY C 459 -5.70 29.75 -2.74
C GLY C 459 -7.12 29.42 -3.13
N ASN C 460 -7.65 30.14 -4.13
CA ASN C 460 -9.00 29.88 -4.58
C ASN C 460 -9.19 30.04 -6.08
N GLU C 461 -10.18 29.33 -6.62
CA GLU C 461 -10.51 29.37 -8.04
C GLU C 461 -9.35 29.76 -8.95
N SER C 462 -8.45 28.82 -9.21
CA SER C 462 -7.32 29.05 -10.09
C SER C 462 -6.97 27.77 -10.83
N GLY C 463 -7.98 27.01 -11.23
CA GLY C 463 -7.73 25.76 -11.92
C GLY C 463 -6.70 24.91 -11.21
N HIS C 464 -6.03 24.02 -11.93
CA HIS C 464 -5.00 23.20 -11.31
C HIS C 464 -3.75 23.11 -12.18
N GLY C 465 -2.77 23.95 -11.87
CA GLY C 465 -1.54 23.94 -12.64
C GLY C 465 -0.42 23.25 -11.88
N ALA C 466 0.71 23.05 -12.55
CA ALA C 466 1.86 22.42 -11.92
C ALA C 466 2.29 23.22 -10.69
N ASN C 467 2.25 24.55 -10.79
CA ASN C 467 2.65 25.40 -9.68
C ASN C 467 1.97 24.98 -8.39
N HIS C 468 0.71 24.61 -8.49
CA HIS C 468 -0.04 24.17 -7.32
C HIS C 468 0.61 22.94 -6.70
N ASP C 469 0.97 21.97 -7.54
CA ASP C 469 1.59 20.75 -7.07
C ASP C 469 2.94 21.04 -6.44
N ALA C 470 3.70 21.94 -7.04
CA ALA C 470 5.00 22.25 -6.50
C ALA C 470 4.87 22.84 -5.11
N LEU C 471 3.99 23.84 -4.99
CA LEU C 471 3.77 24.52 -3.70
C LEU C 471 3.11 23.60 -2.66
N TYR C 472 2.29 22.68 -3.15
CA TYR C 472 1.64 21.71 -2.27
C TYR C 472 2.76 20.94 -1.54
N ARG C 473 3.66 20.34 -2.32
CA ARG C 473 4.77 19.55 -1.79
C ARG C 473 5.72 20.35 -0.90
N TRP C 474 5.85 21.64 -1.16
CA TRP C 474 6.72 22.48 -0.36
C TRP C 474 6.19 22.54 1.07
N ILE C 475 4.92 22.89 1.22
CA ILE C 475 4.29 22.98 2.53
C ILE C 475 4.40 21.64 3.28
N LYS C 476 4.16 20.55 2.56
CA LYS C 476 4.26 19.23 3.17
C LYS C 476 5.66 18.99 3.72
N SER C 477 6.68 19.49 3.02
CA SER C 477 8.06 19.32 3.46
C SER C 477 8.38 20.24 4.63
N VAL C 478 7.98 21.49 4.48
CA VAL C 478 8.23 22.49 5.50
C VAL C 478 7.42 22.28 6.78
N ASP C 479 6.15 21.93 6.66
CA ASP C 479 5.32 21.76 7.84
C ASP C 479 4.41 20.57 7.75
N PRO C 480 4.88 19.42 8.26
CA PRO C 480 4.16 18.15 8.29
C PRO C 480 2.95 18.16 9.22
N SER C 481 2.93 19.11 10.15
CA SER C 481 1.87 19.19 11.16
C SER C 481 0.47 19.47 10.63
N ARG C 482 0.36 20.11 9.46
CA ARG C 482 -0.94 20.44 8.89
C ARG C 482 -1.23 19.91 7.50
N PRO C 483 -2.49 19.49 7.25
CA PRO C 483 -2.89 18.97 5.94
C PRO C 483 -3.02 20.16 4.98
N VAL C 484 -2.80 19.92 3.68
CA VAL C 484 -2.94 20.98 2.67
C VAL C 484 -4.17 20.68 1.81
N GLN C 485 -4.91 21.71 1.43
CA GLN C 485 -6.07 21.47 0.59
C GLN C 485 -6.20 22.54 -0.49
N TYR C 486 -6.92 22.19 -1.56
CA TYR C 486 -7.14 23.10 -2.67
C TYR C 486 -8.26 22.54 -3.52
N GLU C 487 -9.28 23.37 -3.77
CA GLU C 487 -10.45 22.95 -4.54
C GLU C 487 -10.28 23.09 -6.05
N GLY C 488 -9.30 23.88 -6.47
CA GLY C 488 -9.08 24.08 -7.90
C GLY C 488 -8.90 22.78 -8.67
N GLY C 489 -9.30 22.80 -9.93
CA GLY C 489 -9.15 21.64 -10.76
C GLY C 489 -10.08 20.46 -10.50
N GLY C 490 -11.14 20.64 -9.73
CA GLY C 490 -12.02 19.50 -9.48
C GLY C 490 -12.10 19.00 -8.05
N ALA C 491 -11.53 19.75 -7.12
CA ALA C 491 -11.58 19.45 -5.70
C ALA C 491 -10.92 18.16 -5.20
N ASP C 492 -10.45 17.30 -6.09
CA ASP C 492 -9.80 16.09 -5.62
C ASP C 492 -8.45 15.84 -6.27
N THR C 493 -7.85 16.90 -6.80
CA THR C 493 -6.56 16.82 -7.48
C THR C 493 -5.43 16.31 -6.58
N THR C 494 -4.25 16.15 -7.19
CA THR C 494 -3.07 15.68 -6.47
C THR C 494 -2.48 16.78 -5.60
N ALA C 495 -3.15 17.93 -5.61
CA ALA C 495 -2.70 19.08 -4.84
C ALA C 495 -3.50 19.27 -3.57
N THR C 496 -4.26 18.25 -3.16
CA THR C 496 -5.08 18.38 -1.95
C THR C 496 -5.19 17.08 -1.14
N ASP C 497 -5.09 17.21 0.17
CA ASP C 497 -5.18 16.08 1.10
C ASP C 497 -6.63 15.81 1.48
N ILE C 498 -7.51 16.75 1.15
CA ILE C 498 -8.93 16.66 1.47
C ILE C 498 -9.78 16.91 0.23
N ILE C 499 -10.84 16.12 0.06
CA ILE C 499 -11.72 16.34 -1.07
C ILE C 499 -12.53 17.52 -0.57
N CYS C 500 -12.25 18.68 -1.15
CA CYS C 500 -12.90 19.93 -0.72
C CYS C 500 -13.69 20.63 -1.81
N PRO C 501 -14.76 20.02 -2.30
CA PRO C 501 -15.53 20.69 -3.34
C PRO C 501 -16.22 21.92 -2.81
N MET C 502 -16.86 22.65 -3.70
CA MET C 502 -17.61 23.84 -3.33
C MET C 502 -18.96 23.78 -4.05
N TYR C 503 -20.03 23.65 -3.25
CA TYR C 503 -21.41 23.61 -3.74
C TYR C 503 -21.80 22.29 -4.38
N ALA C 504 -21.05 21.24 -4.06
CA ALA C 504 -21.40 19.91 -4.55
C ALA C 504 -22.62 19.50 -3.70
N ARG C 505 -23.69 19.07 -4.37
CA ARG C 505 -24.91 18.70 -3.65
C ARG C 505 -24.86 17.37 -2.90
N VAL C 506 -25.83 17.16 -1.99
CA VAL C 506 -25.85 15.94 -1.19
C VAL C 506 -26.11 14.65 -1.93
N ASP C 507 -27.16 14.60 -2.76
CA ASP C 507 -27.48 13.37 -3.47
C ASP C 507 -27.42 13.51 -4.98
N GLU C 508 -27.53 14.74 -5.46
CA GLU C 508 -27.53 14.98 -6.89
C GLU C 508 -26.17 15.28 -7.50
N ASP C 509 -25.86 14.59 -8.59
CA ASP C 509 -24.59 14.79 -9.29
C ASP C 509 -24.73 15.94 -10.28
N GLN C 510 -23.65 16.64 -10.54
CA GLN C 510 -23.63 17.74 -11.49
C GLN C 510 -22.40 17.41 -12.34
N PRO C 511 -22.54 16.43 -13.25
CA PRO C 511 -21.52 15.91 -14.16
C PRO C 511 -20.92 16.87 -15.18
N PHE C 512 -20.38 17.98 -14.69
CA PHE C 512 -19.72 18.95 -15.56
C PHE C 512 -18.48 18.28 -16.14
N PRO C 513 -18.10 18.63 -17.37
CA PRO C 513 -16.91 18.01 -17.98
C PRO C 513 -15.64 18.52 -17.31
N ALA C 514 -14.66 17.62 -17.15
CA ALA C 514 -13.37 17.93 -16.52
C ALA C 514 -13.44 18.11 -15.01
N VAL C 515 -14.36 18.97 -14.56
CA VAL C 515 -14.49 19.26 -13.14
C VAL C 515 -15.92 19.07 -12.61
N PRO C 516 -16.42 17.83 -12.62
CA PRO C 516 -17.77 17.57 -12.13
C PRO C 516 -17.87 17.74 -10.64
N LYS C 517 -19.10 17.92 -10.18
CA LYS C 517 -19.38 18.03 -8.75
C LYS C 517 -20.29 16.84 -8.41
N TRP C 518 -19.69 15.76 -7.92
CA TRP C 518 -20.42 14.57 -7.56
C TRP C 518 -21.19 14.76 -6.26
N SER C 519 -22.23 13.97 -6.07
CA SER C 519 -22.98 14.01 -4.83
C SER C 519 -21.90 13.74 -3.79
N ILE C 520 -21.80 14.55 -2.74
CA ILE C 520 -20.74 14.32 -1.75
C ILE C 520 -20.71 12.87 -1.23
N LYS C 521 -21.88 12.23 -1.17
CA LYS C 521 -21.95 10.86 -0.70
C LYS C 521 -21.36 9.87 -1.72
N LYS C 522 -21.57 10.15 -3.00
CA LYS C 522 -21.06 9.31 -4.06
C LYS C 522 -19.56 9.53 -4.22
N TRP C 523 -19.13 10.76 -4.00
CA TRP C 523 -17.73 11.12 -4.15
C TRP C 523 -16.78 10.31 -3.28
N LEU C 524 -17.12 10.14 -2.00
CA LEU C 524 -16.28 9.40 -1.08
C LEU C 524 -15.93 7.98 -1.53
N SER C 525 -16.88 7.31 -2.17
CA SER C 525 -16.68 5.94 -2.59
C SER C 525 -16.23 5.72 -4.03
N LEU C 526 -15.90 6.80 -4.75
CA LEU C 526 -15.43 6.65 -6.14
C LEU C 526 -14.24 5.73 -6.13
N PRO C 527 -14.11 4.83 -7.12
CA PRO C 527 -13.00 3.88 -7.19
C PRO C 527 -11.66 4.49 -6.85
N GLY C 528 -10.97 3.90 -5.88
CA GLY C 528 -9.66 4.39 -5.47
C GLY C 528 -9.65 5.50 -4.44
N GLU C 529 -10.65 6.36 -4.46
CA GLU C 529 -10.72 7.47 -3.52
C GLU C 529 -10.75 6.99 -2.06
N THR C 530 -10.08 7.73 -1.18
CA THR C 530 -10.00 7.36 0.22
C THR C 530 -9.94 8.54 1.18
N ARG C 531 -9.77 9.74 0.63
CA ARG C 531 -9.67 10.95 1.44
C ARG C 531 -10.93 11.39 2.15
N PRO C 532 -10.80 12.28 3.14
CA PRO C 532 -11.96 12.77 3.88
C PRO C 532 -12.56 13.90 3.02
N LEU C 533 -13.86 14.13 3.12
CA LEU C 533 -14.47 15.19 2.30
C LEU C 533 -15.09 16.29 3.14
N ILE C 534 -14.61 17.50 2.96
CA ILE C 534 -15.11 18.67 3.66
C ILE C 534 -15.29 19.80 2.65
N LEU C 535 -16.53 20.19 2.38
CA LEU C 535 -16.78 21.27 1.44
C LEU C 535 -16.14 22.57 1.88
N CYS C 536 -15.37 23.21 0.99
CA CYS C 536 -14.73 24.47 1.32
C CYS C 536 -15.75 25.60 1.20
N GLU C 537 -16.87 25.31 0.54
CA GLU C 537 -17.95 26.27 0.37
C GLU C 537 -19.21 25.50 0.04
N TYR C 538 -20.30 25.81 0.73
CA TYR C 538 -21.58 25.15 0.49
C TYR C 538 -22.67 25.97 1.16
N ALA C 539 -23.89 25.77 0.69
CA ALA C 539 -25.04 26.49 1.22
C ALA C 539 -24.90 27.98 0.99
N HIS C 540 -24.86 28.39 -0.28
CA HIS C 540 -24.73 29.81 -0.62
C HIS C 540 -25.86 30.56 0.06
N ALA C 541 -25.53 31.34 1.08
CA ALA C 541 -26.51 32.08 1.86
C ALA C 541 -26.87 33.44 1.29
N MET C 542 -27.11 33.50 -0.01
CA MET C 542 -27.45 34.77 -0.67
C MET C 542 -28.93 35.11 -0.56
N GLY C 543 -29.23 36.10 0.27
CA GLY C 543 -30.61 36.53 0.44
C GLY C 543 -31.44 35.52 1.23
N ASN C 544 -32.63 35.22 0.71
CA ASN C 544 -33.52 34.26 1.35
C ASN C 544 -33.06 32.91 0.84
N SER C 545 -32.04 32.37 1.49
CA SER C 545 -31.46 31.10 1.08
C SER C 545 -31.33 30.09 2.23
N LEU C 546 -30.35 29.20 2.09
CA LEU C 546 -30.04 28.13 3.04
C LEU C 546 -31.10 27.04 3.10
N GLY C 547 -31.87 26.91 2.02
CA GLY C 547 -32.89 25.89 1.97
C GLY C 547 -32.21 24.59 1.63
N GLY C 548 -32.55 23.53 2.33
CA GLY C 548 -31.91 22.24 2.06
C GLY C 548 -30.65 22.06 2.89
N PHE C 549 -30.44 23.01 3.80
CA PHE C 549 -29.28 23.00 4.69
C PHE C 549 -29.34 21.79 5.62
N ALA C 550 -30.52 21.45 6.09
CA ALA C 550 -30.65 20.33 6.99
C ALA C 550 -30.20 19.04 6.34
N LYS C 551 -30.37 18.95 5.02
CA LYS C 551 -29.98 17.74 4.30
C LYS C 551 -28.49 17.50 4.38
N TYR C 552 -27.71 18.57 4.29
CA TYR C 552 -26.27 18.45 4.37
C TYR C 552 -25.84 17.85 5.70
N TRP C 553 -26.41 18.37 6.78
CA TRP C 553 -26.04 17.90 8.11
C TRP C 553 -26.48 16.47 8.37
N GLN C 554 -27.63 16.12 7.85
CA GLN C 554 -28.17 14.79 8.00
C GLN C 554 -27.07 13.87 7.50
N ALA C 555 -26.56 14.21 6.32
CA ALA C 555 -25.51 13.45 5.67
C ALA C 555 -24.17 13.50 6.39
N PHE C 556 -23.82 14.66 6.93
CA PHE C 556 -22.55 14.80 7.65
C PHE C 556 -22.51 13.85 8.83
N ARG C 557 -23.62 13.77 9.55
CA ARG C 557 -23.70 12.92 10.72
C ARG C 557 -23.73 11.43 10.41
N GLN C 558 -24.34 11.06 9.29
CA GLN C 558 -24.42 9.65 8.93
C GLN C 558 -23.13 9.09 8.34
N TYR C 559 -22.42 9.89 7.55
CA TYR C 559 -21.18 9.44 6.92
C TYR C 559 -19.88 9.83 7.61
N PRO C 560 -19.17 8.85 8.20
CA PRO C 560 -17.90 9.09 8.91
C PRO C 560 -16.96 10.01 8.15
N ARG C 561 -16.77 9.75 6.86
CA ARG C 561 -15.87 10.57 6.06
C ARG C 561 -16.45 11.87 5.51
N LEU C 562 -17.72 12.14 5.78
CA LEU C 562 -18.32 13.41 5.38
C LEU C 562 -18.12 14.24 6.65
N GLN C 563 -16.99 14.95 6.72
CA GLN C 563 -16.66 15.71 7.91
C GLN C 563 -17.05 17.18 8.00
N GLY C 564 -18.05 17.59 7.25
CA GLY C 564 -18.50 18.97 7.35
C GLY C 564 -18.20 19.86 6.16
N GLY C 565 -18.16 21.16 6.44
CA GLY C 565 -17.89 22.14 5.40
C GLY C 565 -17.86 23.56 5.91
N PHE C 566 -17.77 24.51 4.99
CA PHE C 566 -17.74 25.93 5.35
C PHE C 566 -18.81 26.65 4.57
N VAL C 567 -19.82 27.17 5.29
CA VAL C 567 -20.93 27.89 4.66
C VAL C 567 -20.44 29.13 3.94
N TRP C 568 -21.09 29.47 2.84
CA TRP C 568 -20.70 30.68 2.14
C TRP C 568 -21.84 31.69 2.08
N ASP C 569 -21.72 32.79 2.85
CA ASP C 569 -20.55 33.02 3.70
C ASP C 569 -21.00 33.82 4.92
N TRP C 570 -20.06 34.37 5.68
CA TRP C 570 -20.41 35.09 6.90
C TRP C 570 -21.20 36.39 6.82
N VAL C 571 -20.61 37.45 6.27
CA VAL C 571 -21.30 38.73 6.22
C VAL C 571 -21.45 39.33 4.83
N ASP C 572 -22.56 40.03 4.63
CA ASP C 572 -22.87 40.69 3.36
C ASP C 572 -21.84 41.75 3.04
N GLN C 573 -21.32 41.73 1.82
CA GLN C 573 -20.34 42.74 1.44
C GLN C 573 -21.06 43.96 0.87
N SER C 574 -21.84 44.63 1.69
CA SER C 574 -22.55 45.81 1.27
C SER C 574 -21.84 47.02 1.86
N LEU C 575 -21.84 48.12 1.13
CA LEU C 575 -21.20 49.34 1.59
C LEU C 575 -22.27 50.40 1.90
N ILE C 576 -21.97 51.29 2.83
CA ILE C 576 -22.89 52.36 3.22
C ILE C 576 -22.74 53.65 2.39
N LYS C 577 -23.84 54.11 1.83
CA LYS C 577 -23.84 55.34 1.06
C LYS C 577 -24.83 56.26 1.75
N TYR C 578 -24.93 57.50 1.27
CA TYR C 578 -25.87 58.44 1.87
C TYR C 578 -26.64 59.21 0.79
N ASP C 579 -27.94 59.36 1.01
CA ASP C 579 -28.80 60.09 0.09
C ASP C 579 -28.69 61.59 0.37
N GLU C 580 -29.41 62.41 -0.39
CA GLU C 580 -29.38 63.86 -0.23
C GLU C 580 -29.59 64.33 1.21
N ASN C 581 -30.50 63.67 1.92
CA ASN C 581 -30.80 64.03 3.30
C ASN C 581 -29.69 63.62 4.27
N GLY C 582 -28.76 62.81 3.80
CA GLY C 582 -27.67 62.37 4.65
C GLY C 582 -28.01 61.13 5.43
N ASN C 583 -28.90 60.30 4.89
CA ASN C 583 -29.29 59.06 5.54
C ASN C 583 -28.53 57.90 4.93
N PRO C 584 -28.10 56.94 5.77
CA PRO C 584 -27.35 55.78 5.29
C PRO C 584 -28.23 54.67 4.72
N TRP C 585 -27.69 53.96 3.73
CA TRP C 585 -28.38 52.83 3.10
C TRP C 585 -27.35 51.84 2.52
N SER C 586 -27.69 50.56 2.52
CA SER C 586 -26.78 49.53 2.00
C SER C 586 -26.73 49.49 0.48
N ALA C 587 -25.52 49.66 -0.06
CA ALA C 587 -25.32 49.65 -1.51
C ALA C 587 -24.47 48.47 -1.95
N TYR C 588 -24.62 48.06 -3.22
CA TYR C 588 -23.85 46.95 -3.77
C TYR C 588 -23.33 47.22 -5.18
N GLY C 589 -23.10 46.16 -5.94
CA GLY C 589 -22.59 46.30 -7.29
C GLY C 589 -23.22 47.42 -8.11
N GLY C 590 -22.37 48.25 -8.70
CA GLY C 590 -22.82 49.35 -9.53
C GLY C 590 -23.19 50.62 -8.80
N ASP C 591 -23.62 50.48 -7.55
CA ASP C 591 -24.02 51.64 -6.74
C ASP C 591 -22.95 52.69 -6.57
N PHE C 592 -21.77 52.50 -7.17
CA PHE C 592 -20.71 53.49 -7.05
C PHE C 592 -20.22 53.92 -8.42
N GLY C 593 -21.04 53.68 -9.43
CA GLY C 593 -20.65 54.04 -10.78
C GLY C 593 -19.72 52.99 -11.33
N ASP C 594 -19.40 52.01 -10.49
CA ASP C 594 -18.52 50.92 -10.88
C ASP C 594 -19.18 50.10 -11.97
N THR C 595 -18.41 49.82 -13.01
CA THR C 595 -18.91 49.06 -14.14
C THR C 595 -17.74 48.64 -15.04
N PRO C 596 -17.78 47.40 -15.56
CA PRO C 596 -18.83 46.42 -15.30
C PRO C 596 -18.88 45.98 -13.83
N ASN C 597 -20.08 45.64 -13.37
CA ASN C 597 -20.29 45.19 -12.00
C ASN C 597 -21.16 43.94 -11.99
N ASP C 598 -21.15 43.24 -10.86
CA ASP C 598 -21.92 42.01 -10.73
C ASP C 598 -23.09 42.09 -9.75
N ARG C 599 -23.99 43.03 -10.04
CA ARG C 599 -25.21 43.25 -9.26
C ARG C 599 -25.03 43.11 -7.75
N GLN C 600 -25.86 42.29 -7.15
CA GLN C 600 -25.84 42.08 -5.72
C GLN C 600 -25.12 40.79 -5.29
N PHE C 601 -24.27 40.23 -6.14
CA PHE C 601 -23.60 38.99 -5.79
C PHE C 601 -22.53 39.07 -4.72
N CYS C 602 -22.37 40.27 -4.17
CA CYS C 602 -21.39 40.50 -3.11
C CYS C 602 -22.04 40.37 -1.74
N MET C 603 -23.34 40.06 -1.73
CA MET C 603 -24.08 39.89 -0.47
C MET C 603 -24.54 38.45 -0.37
N ASN C 604 -23.72 37.63 0.26
CA ASN C 604 -24.03 36.20 0.43
C ASN C 604 -23.93 35.79 1.89
N GLY C 605 -24.05 36.73 2.81
CA GLY C 605 -23.92 36.41 4.21
C GLY C 605 -25.10 35.89 5.01
N LEU C 606 -24.78 35.36 6.20
CA LEU C 606 -25.77 34.86 7.14
C LEU C 606 -26.15 36.05 8.02
N VAL C 607 -25.38 37.14 7.89
CA VAL C 607 -25.63 38.36 8.63
C VAL C 607 -25.39 39.57 7.72
N PHE C 608 -26.07 40.68 8.00
CA PHE C 608 -25.92 41.91 7.22
C PHE C 608 -24.58 42.56 7.56
N ALA C 609 -24.11 43.47 6.70
CA ALA C 609 -22.84 44.15 6.91
C ALA C 609 -22.64 44.63 8.36
N ASP C 610 -23.73 45.02 9.01
CA ASP C 610 -23.66 45.50 10.39
C ASP C 610 -23.82 44.38 11.41
N ARG C 611 -23.52 43.16 11.00
CA ARG C 611 -23.61 41.98 11.85
C ARG C 611 -24.97 41.61 12.44
N THR C 612 -26.04 42.07 11.79
CA THR C 612 -27.39 41.75 12.23
C THR C 612 -27.71 40.42 11.56
N PRO C 613 -28.13 39.42 12.35
CA PRO C 613 -28.47 38.10 11.80
C PRO C 613 -29.53 38.09 10.71
N HIS C 614 -29.39 37.15 9.78
CA HIS C 614 -30.37 36.95 8.71
C HIS C 614 -31.25 35.85 9.28
N PRO C 615 -32.40 35.60 8.66
CA PRO C 615 -33.18 34.53 9.26
C PRO C 615 -32.39 33.22 9.27
N ALA C 616 -31.76 32.91 8.14
CA ALA C 616 -30.99 31.67 7.97
C ALA C 616 -29.96 31.35 9.05
N LEU C 617 -29.38 32.37 9.69
CA LEU C 617 -28.38 32.12 10.72
C LEU C 617 -28.96 31.22 11.79
N THR C 618 -30.23 31.44 12.11
CA THR C 618 -30.90 30.64 13.12
C THR C 618 -30.97 29.16 12.70
N GLU C 619 -31.26 28.90 11.42
CA GLU C 619 -31.34 27.54 10.92
C GLU C 619 -29.99 26.88 11.08
N ALA C 620 -28.94 27.61 10.73
CA ALA C 620 -27.59 27.11 10.85
C ALA C 620 -27.31 26.69 12.30
N LYS C 621 -27.55 27.60 13.24
CA LYS C 621 -27.31 27.30 14.64
C LYS C 621 -27.95 25.96 15.04
N HIS C 622 -29.22 25.82 14.68
CA HIS C 622 -29.96 24.62 15.02
C HIS C 622 -29.34 23.35 14.43
N GLN C 623 -29.11 23.34 13.12
CA GLN C 623 -28.56 22.15 12.48
C GLN C 623 -27.16 21.79 12.95
N GLN C 624 -26.43 22.79 13.44
CA GLN C 624 -25.06 22.59 13.89
C GLN C 624 -24.96 22.38 15.40
N GLN C 625 -26.05 21.99 16.03
CA GLN C 625 -26.04 21.75 17.47
C GLN C 625 -25.00 20.68 17.82
N PHE C 626 -24.60 20.63 19.08
CA PHE C 626 -23.64 19.65 19.52
C PHE C 626 -24.31 18.62 20.41
N PHE C 627 -25.63 18.67 20.48
CA PHE C 627 -26.39 17.74 21.30
C PHE C 627 -27.55 17.22 20.47
N GLN C 628 -27.63 15.91 20.34
CA GLN C 628 -28.69 15.27 19.58
C GLN C 628 -29.68 14.60 20.53
N PHE C 629 -30.96 14.69 20.23
CA PHE C 629 -31.98 14.10 21.08
C PHE C 629 -32.90 13.16 20.34
N ARG C 630 -33.35 12.13 21.05
CA ARG C 630 -34.30 11.16 20.51
C ARG C 630 -35.32 10.91 21.62
N LEU C 631 -36.57 10.70 21.25
CA LEU C 631 -37.61 10.48 22.24
C LEU C 631 -38.25 9.10 22.10
N SER C 632 -38.46 8.45 23.24
CA SER C 632 -39.07 7.13 23.27
C SER C 632 -40.05 7.07 24.43
N GLY C 633 -41.29 7.40 24.15
CA GLY C 633 -42.31 7.42 25.17
C GLY C 633 -42.08 8.49 26.23
N GLN C 634 -41.53 8.07 27.36
CA GLN C 634 -41.27 8.98 28.46
C GLN C 634 -39.80 9.38 28.55
N THR C 635 -38.94 8.67 27.82
CA THR C 635 -37.52 8.96 27.90
C THR C 635 -36.93 9.77 26.76
N ILE C 636 -36.17 10.79 27.15
CA ILE C 636 -35.47 11.67 26.21
C ILE C 636 -34.03 11.18 26.26
N GLU C 637 -33.45 10.93 25.10
CA GLU C 637 -32.07 10.48 25.07
C GLU C 637 -31.20 11.58 24.49
N VAL C 638 -30.20 12.02 25.26
CA VAL C 638 -29.30 13.08 24.82
C VAL C 638 -27.95 12.48 24.48
N THR C 639 -27.49 12.74 23.26
CA THR C 639 -26.20 12.24 22.82
C THR C 639 -25.30 13.46 22.59
N SER C 640 -24.06 13.41 23.05
CA SER C 640 -23.13 14.52 22.86
C SER C 640 -22.31 14.35 21.59
N GLU C 641 -22.11 15.46 20.88
CA GLU C 641 -21.35 15.43 19.65
C GLU C 641 -20.01 16.10 19.89
N TYR C 642 -19.71 16.38 21.15
CA TYR C 642 -18.43 16.99 21.50
C TYR C 642 -17.42 15.85 21.50
N LEU C 643 -16.17 16.19 21.25
CA LEU C 643 -15.12 15.17 21.21
C LEU C 643 -14.26 15.20 22.45
N PHE C 644 -14.27 16.34 23.13
CA PHE C 644 -13.43 16.48 24.29
C PHE C 644 -14.13 16.90 25.57
N ARG C 645 -14.79 18.04 25.55
CA ARG C 645 -15.45 18.53 26.76
C ARG C 645 -16.59 17.66 27.24
N HIS C 646 -16.97 17.91 28.49
CA HIS C 646 -18.06 17.22 29.16
C HIS C 646 -19.14 18.30 29.20
N SER C 647 -20.41 17.94 29.31
CA SER C 647 -21.43 18.98 29.37
C SER C 647 -21.47 19.61 30.76
N ASP C 648 -20.35 20.22 31.16
CA ASP C 648 -20.24 20.84 32.48
C ASP C 648 -20.78 22.26 32.65
N ASN C 649 -21.45 22.78 31.63
CA ASN C 649 -22.03 24.10 31.71
C ASN C 649 -23.33 24.09 30.94
N GLU C 650 -24.11 23.04 31.17
CA GLU C 650 -25.39 22.88 30.51
C GLU C 650 -26.45 22.13 31.33
N LEU C 651 -27.71 22.47 31.08
CA LEU C 651 -28.84 21.83 31.74
C LEU C 651 -30.00 21.77 30.75
N LEU C 652 -30.67 20.63 30.70
CA LEU C 652 -31.81 20.48 29.81
C LEU C 652 -33.03 21.14 30.42
N HIS C 653 -33.76 21.87 29.58
CA HIS C 653 -34.95 22.60 30.00
C HIS C 653 -36.11 22.14 29.11
N TRP C 654 -37.07 21.42 29.68
CA TRP C 654 -38.19 20.92 28.91
C TRP C 654 -39.52 21.58 29.24
N MET C 655 -40.49 21.38 28.36
CA MET C 655 -41.82 21.94 28.54
C MET C 655 -42.85 21.39 27.57
N VAL C 656 -44.00 20.99 28.11
CA VAL C 656 -45.10 20.46 27.31
C VAL C 656 -46.18 21.54 27.19
N ALA C 657 -46.75 21.67 26.00
CA ALA C 657 -47.78 22.68 25.77
C ALA C 657 -48.83 22.23 24.76
N LEU C 658 -50.09 22.50 25.09
CA LEU C 658 -51.20 22.15 24.21
C LEU C 658 -51.44 23.36 23.33
N ASP C 659 -51.14 23.23 22.05
CA ASP C 659 -51.31 24.32 21.10
C ASP C 659 -50.97 25.67 21.70
N GLY C 660 -49.75 25.78 22.22
CA GLY C 660 -49.30 27.04 22.80
C GLY C 660 -49.48 27.18 24.29
N LYS C 661 -50.57 26.62 24.80
CA LYS C 661 -50.89 26.68 26.22
C LYS C 661 -49.98 25.74 26.99
N PRO C 662 -49.06 26.27 27.80
CA PRO C 662 -48.16 25.40 28.57
C PRO C 662 -48.93 24.61 29.62
N LEU C 663 -48.41 23.45 30.00
CA LEU C 663 -49.06 22.61 31.00
C LEU C 663 -48.06 22.22 32.06
N ALA C 664 -46.97 21.60 31.62
CA ALA C 664 -45.91 21.18 32.52
C ALA C 664 -44.55 21.65 32.01
N SER C 665 -43.54 21.52 32.86
CA SER C 665 -42.18 21.92 32.51
C SER C 665 -41.24 21.52 33.63
N GLY C 666 -39.94 21.67 33.40
CA GLY C 666 -38.97 21.32 34.41
C GLY C 666 -37.58 21.50 33.86
N GLU C 667 -36.59 20.88 34.49
CA GLU C 667 -35.23 20.99 34.01
C GLU C 667 -34.31 20.02 34.72
N VAL C 668 -33.59 19.23 33.92
CA VAL C 668 -32.64 18.26 34.43
C VAL C 668 -31.23 18.68 34.02
N PRO C 669 -30.27 18.59 34.95
CA PRO C 669 -28.91 18.98 34.59
C PRO C 669 -28.31 17.97 33.61
N LEU C 670 -27.46 18.45 32.71
CA LEU C 670 -26.84 17.56 31.73
C LEU C 670 -25.46 17.09 32.15
N ASP C 671 -25.29 15.78 32.17
CA ASP C 671 -24.01 15.18 32.56
C ASP C 671 -23.66 14.15 31.49
N VAL C 672 -23.27 14.65 30.32
CA VAL C 672 -22.92 13.81 29.17
C VAL C 672 -21.45 13.94 28.80
N ALA C 673 -20.79 12.79 28.66
CA ALA C 673 -19.37 12.76 28.31
C ALA C 673 -19.31 12.89 26.81
N PRO C 674 -18.21 13.47 26.29
CA PRO C 674 -18.10 13.61 24.83
C PRO C 674 -18.39 12.28 24.16
N GLN C 675 -19.21 12.30 23.11
CA GLN C 675 -19.57 11.08 22.38
C GLN C 675 -20.60 10.27 23.16
N GLY C 676 -20.76 10.58 24.44
CA GLY C 676 -21.68 9.84 25.28
C GLY C 676 -23.17 10.12 25.17
N LYS C 677 -23.95 9.37 25.93
CA LYS C 677 -25.39 9.53 25.95
C LYS C 677 -25.91 9.64 27.38
N GLN C 678 -27.07 10.26 27.53
CA GLN C 678 -27.67 10.41 28.84
C GLN C 678 -29.17 10.24 28.66
N LEU C 679 -29.80 9.45 29.54
CA LEU C 679 -31.23 9.24 29.45
C LEU C 679 -31.97 10.08 30.48
N ILE C 680 -33.03 10.75 30.04
CA ILE C 680 -33.81 11.57 30.93
C ILE C 680 -35.24 11.09 30.94
N GLU C 681 -35.71 10.71 32.11
CA GLU C 681 -37.07 10.20 32.31
C GLU C 681 -38.00 11.33 32.75
N LEU C 682 -38.87 11.77 31.87
CA LEU C 682 -39.81 12.84 32.20
C LEU C 682 -40.87 12.31 33.16
N PRO C 683 -41.29 13.15 34.13
CA PRO C 683 -42.30 12.69 35.08
C PRO C 683 -43.58 12.46 34.29
N GLU C 684 -44.49 11.64 34.83
CA GLU C 684 -45.76 11.35 34.17
C GLU C 684 -46.35 12.65 33.66
N LEU C 685 -46.06 12.98 32.40
CA LEU C 685 -46.53 14.20 31.79
C LEU C 685 -48.01 14.46 32.03
N PRO C 686 -48.41 15.74 32.03
CA PRO C 686 -49.81 16.10 32.26
C PRO C 686 -50.72 15.47 31.20
N GLN C 687 -51.82 14.88 31.64
CA GLN C 687 -52.76 14.27 30.71
C GLN C 687 -53.67 15.35 30.15
N PRO C 688 -53.50 15.69 28.86
CA PRO C 688 -54.31 16.72 28.20
C PRO C 688 -55.76 16.30 28.19
N GLU C 689 -56.62 17.26 27.93
CA GLU C 689 -58.05 17.00 27.90
C GLU C 689 -58.66 17.63 26.65
N SER C 690 -58.59 18.95 26.60
CA SER C 690 -59.09 19.73 25.48
C SER C 690 -58.55 19.15 24.18
N ALA C 691 -59.20 19.48 23.07
CA ALA C 691 -58.74 18.99 21.77
C ALA C 691 -57.47 19.76 21.45
N GLY C 692 -56.55 19.13 20.74
CA GLY C 692 -55.32 19.82 20.39
C GLY C 692 -54.10 18.94 20.22
N GLN C 693 -52.96 19.58 20.00
CA GLN C 693 -51.69 18.88 19.80
C GLN C 693 -50.68 19.22 20.88
N LEU C 694 -50.27 18.20 21.64
CA LEU C 694 -49.29 18.36 22.71
C LEU C 694 -47.88 18.39 22.14
N TRP C 695 -47.12 19.41 22.49
CA TRP C 695 -45.75 19.54 21.99
C TRP C 695 -44.64 19.59 23.04
N LEU C 696 -43.79 18.57 23.04
CA LEU C 696 -42.68 18.54 23.98
C LEU C 696 -41.59 19.38 23.33
N THR C 697 -40.96 20.24 24.12
CA THR C 697 -39.90 21.10 23.61
C THR C 697 -38.74 21.17 24.61
N VAL C 698 -37.56 20.77 24.16
CA VAL C 698 -36.41 20.81 25.04
C VAL C 698 -35.42 21.86 24.55
N ARG C 699 -34.72 22.49 25.48
CA ARG C 699 -33.72 23.51 25.17
C ARG C 699 -32.53 23.28 26.06
N VAL C 700 -31.33 23.27 25.49
CA VAL C 700 -30.13 23.10 26.31
C VAL C 700 -29.70 24.52 26.69
N VAL C 701 -29.45 24.74 27.97
CA VAL C 701 -29.07 26.08 28.41
C VAL C 701 -27.75 26.12 29.14
N GLN C 702 -26.96 27.15 28.85
CA GLN C 702 -25.68 27.34 29.51
C GLN C 702 -25.95 28.33 30.64
N PRO C 703 -26.07 27.84 31.88
CA PRO C 703 -26.34 28.71 33.02
C PRO C 703 -25.26 29.77 33.21
N ASN C 704 -24.00 29.33 33.21
CA ASN C 704 -22.87 30.24 33.38
C ASN C 704 -22.46 30.93 32.09
N ALA C 705 -22.07 32.20 32.23
CA ALA C 705 -21.63 32.94 31.08
C ALA C 705 -20.21 32.48 30.74
N THR C 706 -19.86 32.50 29.46
CA THR C 706 -18.54 32.10 29.00
C THR C 706 -17.83 33.32 28.46
N ALA C 707 -16.77 33.11 27.71
CA ALA C 707 -16.04 34.24 27.14
C ALA C 707 -16.77 34.71 25.90
N TRP C 708 -17.57 33.84 25.33
CA TRP C 708 -18.28 34.14 24.11
C TRP C 708 -19.80 34.13 24.27
N SER C 709 -20.28 33.68 25.42
CA SER C 709 -21.71 33.62 25.61
C SER C 709 -22.23 34.30 26.88
N GLU C 710 -23.42 34.86 26.77
CA GLU C 710 -24.09 35.52 27.88
C GLU C 710 -24.50 34.42 28.84
N ALA C 711 -25.10 34.79 29.96
CA ALA C 711 -25.55 33.79 30.91
C ALA C 711 -26.91 33.32 30.42
N GLY C 712 -27.20 32.03 30.60
CA GLY C 712 -28.47 31.49 30.16
C GLY C 712 -28.59 31.33 28.65
N HIS C 713 -27.45 31.35 27.96
CA HIS C 713 -27.41 31.19 26.51
C HIS C 713 -28.00 29.85 26.10
N ILE C 714 -28.74 29.83 24.99
CA ILE C 714 -29.31 28.58 24.51
C ILE C 714 -28.44 28.00 23.40
N SER C 715 -27.91 26.80 23.63
CA SER C 715 -27.04 26.15 22.67
C SER C 715 -27.72 25.13 21.77
N ALA C 716 -28.92 24.69 22.13
CA ALA C 716 -29.66 23.69 21.33
C ALA C 716 -31.12 23.55 21.72
N TRP C 717 -31.91 22.95 20.83
CA TRP C 717 -33.33 22.74 21.09
C TRP C 717 -33.94 21.69 20.16
N GLN C 718 -35.13 21.20 20.51
CA GLN C 718 -35.82 20.19 19.72
C GLN C 718 -37.31 20.07 20.11
N GLN C 719 -38.15 19.79 19.13
CA GLN C 719 -39.57 19.63 19.40
C GLN C 719 -40.04 18.24 18.99
N TRP C 720 -41.12 17.80 19.62
CA TRP C 720 -41.73 16.51 19.36
C TRP C 720 -43.23 16.65 19.51
N ARG C 721 -43.96 16.05 18.58
CA ARG C 721 -45.42 16.05 18.60
C ARG C 721 -45.80 14.92 19.55
N LEU C 722 -46.23 15.24 20.77
CA LEU C 722 -46.63 14.20 21.70
C LEU C 722 -47.96 13.62 21.23
N ALA C 723 -48.97 13.59 22.09
CA ALA C 723 -50.25 13.05 21.69
C ALA C 723 -51.09 14.10 20.95
N GLU C 724 -52.17 13.67 20.31
CA GLU C 724 -53.08 14.57 19.61
C GLU C 724 -54.52 14.14 19.87
N ASN C 725 -55.41 15.13 19.92
CA ASN C 725 -56.83 14.86 20.16
C ASN C 725 -57.68 15.54 19.10
N LEU C 726 -58.12 14.76 18.12
CA LEU C 726 -58.95 15.31 17.06
C LEU C 726 -60.27 15.75 17.67
N SER C 727 -60.68 16.99 17.39
CA SER C 727 -61.94 17.49 17.93
C SER C 727 -63.10 16.81 17.21
N VAL C 728 -64.05 16.29 17.99
CA VAL C 728 -65.21 15.62 17.44
C VAL C 728 -66.46 16.43 17.69
N THR C 729 -66.47 17.14 18.81
CA THR C 729 -67.60 17.97 19.19
C THR C 729 -67.69 19.18 18.26
N LEU C 730 -68.41 19.03 17.16
CA LEU C 730 -68.57 20.13 16.21
C LEU C 730 -69.42 21.24 16.83
N PRO C 731 -69.14 22.51 16.46
CA PRO C 731 -69.81 23.74 16.93
C PRO C 731 -71.32 23.73 17.15
N ALA C 732 -71.75 24.51 18.13
CA ALA C 732 -73.17 24.64 18.49
C ALA C 732 -73.85 25.63 17.55
N ALA C 733 -74.59 25.10 16.58
CA ALA C 733 -75.28 25.92 15.60
C ALA C 733 -76.04 27.11 16.18
N SER C 734 -75.65 28.32 15.78
CA SER C 734 -76.31 29.54 16.24
C SER C 734 -77.61 29.65 15.46
N HIS C 735 -78.56 30.40 16.00
CA HIS C 735 -79.86 30.53 15.35
C HIS C 735 -79.93 31.55 14.21
N ALA C 736 -78.99 32.49 14.18
CA ALA C 736 -78.97 33.50 13.13
C ALA C 736 -78.72 32.85 11.76
N ILE C 737 -79.16 33.50 10.69
CA ILE C 737 -78.98 32.97 9.33
C ILE C 737 -78.65 34.09 8.34
N PRO C 738 -77.57 33.93 7.55
CA PRO C 738 -77.14 34.92 6.56
C PRO C 738 -78.15 35.19 5.47
N HIS C 739 -78.27 36.45 5.05
CA HIS C 739 -79.20 36.82 4.01
C HIS C 739 -78.47 37.14 2.71
N LEU C 740 -78.90 36.50 1.62
CA LEU C 740 -78.27 36.71 0.32
C LEU C 740 -79.04 37.69 -0.57
N THR C 741 -78.36 38.76 -0.98
CA THR C 741 -78.96 39.76 -1.86
C THR C 741 -78.32 39.55 -3.22
N THR C 742 -79.07 39.69 -4.30
CA THR C 742 -78.51 39.46 -5.63
C THR C 742 -78.68 40.55 -6.69
N SER C 743 -77.55 41.03 -7.20
CA SER C 743 -77.52 42.03 -8.25
C SER C 743 -77.20 41.23 -9.48
N GLU C 744 -76.91 41.92 -10.58
CA GLU C 744 -76.53 41.24 -11.80
C GLU C 744 -75.02 41.26 -11.79
N MET C 745 -74.50 42.14 -10.94
CA MET C 745 -73.06 42.33 -10.82
C MET C 745 -72.50 41.88 -9.48
N ASP C 746 -73.37 41.56 -8.53
CA ASP C 746 -72.90 41.13 -7.22
C ASP C 746 -73.77 40.12 -6.46
N PHE C 747 -73.13 39.49 -5.49
CA PHE C 747 -73.78 38.54 -4.59
C PHE C 747 -73.38 39.10 -3.24
N CYS C 748 -74.34 39.58 -2.46
CA CYS C 748 -74.02 40.15 -1.16
C CYS C 748 -74.62 39.40 0.00
N ILE C 749 -73.77 38.90 0.89
CA ILE C 749 -74.22 38.17 2.05
C ILE C 749 -74.10 39.06 3.28
N GLU C 750 -75.20 39.18 4.01
CA GLU C 750 -75.20 39.99 5.23
C GLU C 750 -75.61 39.11 6.40
N LEU C 751 -74.97 39.37 7.53
CA LEU C 751 -75.28 38.63 8.74
C LEU C 751 -74.99 39.56 9.90
N GLY C 752 -76.04 40.00 10.58
CA GLY C 752 -75.85 40.91 11.69
C GLY C 752 -75.07 42.14 11.24
N ASN C 753 -73.89 42.32 11.81
CA ASN C 753 -73.05 43.47 11.49
C ASN C 753 -72.23 43.33 10.20
N LYS C 754 -71.73 42.12 9.98
CA LYS C 754 -70.88 41.79 8.83
C LYS C 754 -71.58 41.81 7.45
N ARG C 755 -70.83 42.19 6.42
CA ARG C 755 -71.34 42.27 5.06
C ARG C 755 -70.31 41.76 4.06
N TRP C 756 -70.70 40.79 3.24
CA TRP C 756 -69.80 40.20 2.24
C TRP C 756 -70.24 40.52 0.80
N GLN C 757 -69.29 40.89 -0.06
CA GLN C 757 -69.64 41.20 -1.44
C GLN C 757 -68.76 40.50 -2.47
N PHE C 758 -69.38 39.66 -3.30
CA PHE C 758 -68.66 38.94 -4.34
C PHE C 758 -69.01 39.54 -5.69
N ASN C 759 -68.02 40.09 -6.38
CA ASN C 759 -68.25 40.69 -7.69
C ASN C 759 -68.45 39.58 -8.71
N ARG C 760 -69.68 39.44 -9.19
CA ARG C 760 -70.00 38.40 -10.16
C ARG C 760 -69.29 38.55 -11.49
N GLN C 761 -68.58 39.66 -11.67
CA GLN C 761 -67.86 39.93 -12.89
C GLN C 761 -66.43 39.38 -12.80
N SER C 762 -65.95 39.21 -11.56
CA SER C 762 -64.60 38.71 -11.31
C SER C 762 -64.69 37.27 -10.86
N GLY C 763 -65.38 37.08 -9.76
CA GLY C 763 -65.52 35.75 -9.18
C GLY C 763 -64.71 35.74 -7.90
N PHE C 764 -64.35 36.94 -7.47
CA PHE C 764 -63.55 37.12 -6.26
C PHE C 764 -64.29 37.97 -5.24
N LEU C 765 -63.92 37.78 -3.97
CA LEU C 765 -64.51 38.56 -2.88
C LEU C 765 -63.94 39.95 -3.11
N SER C 766 -64.78 40.90 -3.50
CA SER C 766 -64.32 42.26 -3.77
C SER C 766 -64.37 43.17 -2.55
N GLN C 767 -65.14 42.80 -1.54
CA GLN C 767 -65.24 43.63 -0.34
C GLN C 767 -66.02 43.02 0.82
N MET C 768 -65.62 43.39 2.04
CA MET C 768 -66.24 42.94 3.27
C MET C 768 -66.41 44.15 4.17
N TRP C 769 -67.37 44.08 5.08
CA TRP C 769 -67.63 45.20 5.98
C TRP C 769 -67.93 44.79 7.41
N ILE C 770 -67.34 45.53 8.35
CA ILE C 770 -67.59 45.33 9.77
C ILE C 770 -68.12 46.71 10.19
N GLY C 771 -69.40 46.92 9.95
CA GLY C 771 -70.01 48.21 10.24
C GLY C 771 -69.92 49.00 8.95
N ASP C 772 -69.64 50.29 9.06
CA ASP C 772 -69.50 51.11 7.86
C ASP C 772 -68.02 51.18 7.52
N LYS C 773 -67.29 50.17 7.97
CA LYS C 773 -65.85 50.08 7.74
C LYS C 773 -65.46 49.04 6.69
N LYS C 774 -64.80 49.51 5.61
CA LYS C 774 -64.35 48.64 4.54
C LYS C 774 -63.24 47.75 5.09
N GLN C 775 -63.07 46.56 4.51
CA GLN C 775 -62.04 45.65 4.99
C GLN C 775 -60.92 45.35 4.00
N LEU C 776 -61.20 45.52 2.71
CA LEU C 776 -60.23 45.25 1.68
C LEU C 776 -59.96 46.43 0.78
N LEU C 777 -58.71 46.56 0.33
CA LEU C 777 -58.30 47.63 -0.57
C LEU C 777 -58.05 47.00 -1.94
N THR C 778 -57.98 45.68 -1.97
CA THR C 778 -57.76 44.92 -3.19
C THR C 778 -58.49 43.59 -3.04
N PRO C 779 -59.18 43.15 -4.09
CA PRO C 779 -59.92 41.89 -4.01
C PRO C 779 -59.08 40.70 -3.55
N LEU C 780 -59.74 39.72 -2.94
CA LEU C 780 -59.08 38.51 -2.46
C LEU C 780 -58.95 37.57 -3.67
N ARG C 781 -57.77 37.50 -4.26
CA ARG C 781 -57.56 36.69 -5.44
C ARG C 781 -56.51 35.58 -5.24
N ASP C 782 -56.44 34.65 -6.19
CA ASP C 782 -55.46 33.58 -6.13
C ASP C 782 -54.11 34.16 -6.57
N GLN C 783 -53.02 33.51 -6.17
CA GLN C 783 -51.68 33.94 -6.56
C GLN C 783 -50.81 32.72 -6.77
N PHE C 784 -50.06 32.70 -7.87
CA PHE C 784 -49.21 31.54 -8.17
C PHE C 784 -47.77 31.93 -8.40
N THR C 785 -47.46 33.20 -8.14
CA THR C 785 -46.12 33.71 -8.35
C THR C 785 -45.61 34.33 -7.07
N ARG C 786 -44.33 34.73 -7.08
CA ARG C 786 -43.73 35.36 -5.92
C ARG C 786 -42.57 36.28 -6.33
N ALA C 787 -42.33 37.31 -5.53
CA ALA C 787 -41.24 38.24 -5.79
C ALA C 787 -39.98 37.37 -5.85
N PRO C 788 -39.48 37.11 -7.06
CA PRO C 788 -38.28 36.29 -7.25
C PRO C 788 -37.16 36.48 -6.23
N LEU C 789 -36.74 35.36 -5.63
CA LEU C 789 -35.67 35.33 -4.65
C LEU C 789 -34.36 35.35 -5.44
N ASP C 790 -33.26 35.64 -4.77
CA ASP C 790 -32.00 35.64 -5.48
C ASP C 790 -31.82 34.24 -6.11
N ASN C 791 -32.16 33.20 -5.35
CA ASN C 791 -32.01 31.85 -5.89
C ASN C 791 -32.93 31.58 -7.07
N ASP C 792 -34.00 32.36 -7.19
CA ASP C 792 -34.93 32.18 -8.31
C ASP C 792 -34.40 32.88 -9.56
N ILE C 793 -33.54 33.86 -9.33
CA ILE C 793 -32.99 34.65 -10.41
C ILE C 793 -31.65 34.13 -10.92
N GLY C 794 -30.84 33.62 -10.01
CA GLY C 794 -29.53 33.11 -10.42
C GLY C 794 -28.70 34.22 -11.02
N VAL C 795 -28.09 33.95 -12.16
CA VAL C 795 -27.26 34.96 -12.81
C VAL C 795 -27.92 35.56 -14.03
N SER C 796 -29.24 35.44 -14.10
CA SER C 796 -29.98 35.98 -15.23
C SER C 796 -30.11 37.49 -15.10
N GLU C 797 -29.66 38.21 -16.12
CA GLU C 797 -29.72 39.65 -16.11
C GLU C 797 -30.62 40.24 -17.20
N ALA C 798 -30.82 41.55 -17.10
CA ALA C 798 -31.66 42.31 -18.04
C ALA C 798 -31.32 42.02 -19.50
N THR C 799 -30.04 42.19 -19.85
CA THR C 799 -29.59 41.96 -21.21
C THR C 799 -29.24 40.48 -21.47
N ARG C 800 -28.62 39.83 -20.49
CA ARG C 800 -28.24 38.43 -20.60
C ARG C 800 -29.22 37.56 -19.81
N ILE C 801 -30.14 36.90 -20.52
CA ILE C 801 -31.13 36.06 -19.87
C ILE C 801 -30.75 34.60 -19.76
N ASP C 802 -30.91 34.05 -18.56
CA ASP C 802 -30.62 32.64 -18.32
C ASP C 802 -31.97 31.95 -18.38
N PRO C 803 -32.29 31.32 -19.52
CA PRO C 803 -33.56 30.63 -19.72
C PRO C 803 -33.83 29.49 -18.74
N ASN C 804 -32.80 29.04 -18.05
CA ASN C 804 -32.94 27.93 -17.11
C ASN C 804 -33.37 28.36 -15.70
N ALA C 805 -32.99 29.56 -15.29
CA ALA C 805 -33.34 30.08 -13.97
C ALA C 805 -34.85 30.01 -13.73
N TRP C 806 -35.26 29.69 -12.50
CA TRP C 806 -36.69 29.60 -12.21
C TRP C 806 -37.46 30.84 -12.64
N VAL C 807 -36.93 32.01 -12.32
CA VAL C 807 -37.61 33.24 -12.67
C VAL C 807 -37.88 33.36 -14.17
N GLU C 808 -36.91 32.97 -14.99
CA GLU C 808 -37.08 33.04 -16.44
C GLU C 808 -38.10 31.99 -16.91
N ARG C 809 -38.00 30.77 -16.37
CA ARG C 809 -38.92 29.71 -16.75
C ARG C 809 -40.35 30.18 -16.49
N TRP C 810 -40.53 30.85 -15.35
CA TRP C 810 -41.85 31.37 -14.98
C TRP C 810 -42.27 32.49 -15.93
N LYS C 811 -41.40 33.48 -16.11
CA LYS C 811 -41.69 34.59 -16.99
C LYS C 811 -42.10 34.07 -18.35
N ALA C 812 -41.25 33.26 -18.96
CA ALA C 812 -41.56 32.69 -20.26
C ALA C 812 -42.90 31.99 -20.29
N ALA C 813 -43.15 31.16 -19.28
CA ALA C 813 -44.39 30.42 -19.20
C ALA C 813 -45.62 31.33 -19.11
N GLY C 814 -45.41 32.56 -18.62
CA GLY C 814 -46.49 33.50 -18.50
C GLY C 814 -47.13 33.62 -17.12
N HIS C 815 -46.56 32.96 -16.13
CA HIS C 815 -47.12 33.02 -14.79
C HIS C 815 -47.23 34.43 -14.23
N TYR C 816 -46.28 35.30 -14.56
CA TYR C 816 -46.31 36.66 -14.03
C TYR C 816 -47.36 37.58 -14.66
N GLN C 817 -47.95 37.15 -15.77
CA GLN C 817 -48.96 37.95 -16.43
C GLN C 817 -50.07 37.05 -16.96
N ALA C 818 -50.72 36.35 -16.05
CA ALA C 818 -51.80 35.44 -16.41
C ALA C 818 -53.14 36.12 -16.18
N GLU C 819 -53.99 36.09 -17.19
CA GLU C 819 -55.33 36.70 -17.09
C GLU C 819 -56.27 35.67 -16.46
N ALA C 820 -56.89 36.02 -15.34
CA ALA C 820 -57.83 35.12 -14.66
C ALA C 820 -59.21 35.12 -15.31
N ALA C 821 -59.52 34.10 -16.11
CA ALA C 821 -60.81 34.04 -16.78
C ALA C 821 -61.82 33.32 -15.91
N LEU C 822 -63.03 33.89 -15.79
CA LEU C 822 -64.07 33.30 -14.98
C LEU C 822 -64.86 32.22 -15.70
N LEU C 823 -64.89 31.03 -15.10
CA LEU C 823 -65.60 29.91 -15.67
C LEU C 823 -66.99 29.77 -15.05
N GLN C 824 -67.08 30.06 -13.77
CA GLN C 824 -68.35 29.95 -13.09
C GLN C 824 -68.37 30.77 -11.80
N CYS C 825 -69.57 31.21 -11.42
CA CYS C 825 -69.76 32.00 -10.20
C CYS C 825 -71.23 32.00 -9.81
N THR C 826 -71.61 31.01 -9.01
CA THR C 826 -72.99 30.87 -8.58
C THR C 826 -73.15 31.01 -7.07
N ALA C 827 -74.38 31.27 -6.64
CA ALA C 827 -74.69 31.41 -5.23
C ALA C 827 -75.93 30.60 -4.89
N ASP C 828 -75.89 29.88 -3.77
CA ASP C 828 -77.01 29.06 -3.34
C ASP C 828 -77.30 29.30 -1.87
N THR C 829 -78.53 29.01 -1.46
CA THR C 829 -78.94 29.19 -0.09
C THR C 829 -79.08 27.82 0.53
N LEU C 830 -78.55 27.67 1.74
CA LEU C 830 -78.62 26.41 2.43
C LEU C 830 -79.45 26.59 3.68
N ALA C 831 -79.66 25.49 4.40
CA ALA C 831 -80.45 25.50 5.62
C ALA C 831 -79.90 26.45 6.68
N ASP C 832 -78.70 26.96 6.46
CA ASP C 832 -78.10 27.84 7.48
C ASP C 832 -76.85 28.58 7.02
N ALA C 833 -76.74 28.83 5.72
CA ALA C 833 -75.56 29.54 5.20
C ALA C 833 -75.68 29.76 3.70
N VAL C 834 -75.04 30.83 3.22
CA VAL C 834 -75.04 31.13 1.79
C VAL C 834 -73.83 30.41 1.22
N LEU C 835 -73.89 30.03 -0.04
CA LEU C 835 -72.80 29.27 -0.64
C LEU C 835 -72.38 29.80 -2.01
N ILE C 836 -71.24 30.49 -2.07
CA ILE C 836 -70.75 31.02 -3.33
C ILE C 836 -69.71 30.06 -3.95
N THR C 837 -69.94 29.71 -5.20
CA THR C 837 -69.07 28.80 -5.93
C THR C 837 -68.40 29.51 -7.08
N THR C 838 -67.08 29.54 -7.09
CA THR C 838 -66.36 30.18 -8.19
C THR C 838 -65.51 29.12 -8.88
N ALA C 839 -64.90 29.51 -10.00
CA ALA C 839 -64.04 28.63 -10.78
C ALA C 839 -63.39 29.48 -11.85
N HIS C 840 -62.07 29.64 -11.75
CA HIS C 840 -61.33 30.45 -12.71
C HIS C 840 -60.28 29.66 -13.48
N ALA C 841 -59.88 30.20 -14.62
CA ALA C 841 -58.88 29.55 -15.46
C ALA C 841 -57.83 30.56 -15.86
N TRP C 842 -56.68 30.54 -15.19
CA TRP C 842 -55.59 31.46 -15.53
C TRP C 842 -54.90 30.95 -16.77
N GLN C 843 -54.80 31.81 -17.78
CA GLN C 843 -54.18 31.40 -19.03
C GLN C 843 -53.19 32.42 -19.54
N HIS C 844 -52.54 32.07 -20.65
CA HIS C 844 -51.57 32.93 -21.29
C HIS C 844 -51.40 32.40 -22.68
N GLN C 845 -51.78 33.23 -23.66
CA GLN C 845 -51.68 32.86 -25.06
C GLN C 845 -52.39 31.53 -25.31
N GLY C 846 -53.62 31.42 -24.81
CA GLY C 846 -54.38 30.20 -25.00
C GLY C 846 -54.11 29.12 -23.97
N LYS C 847 -52.84 28.88 -23.65
CA LYS C 847 -52.48 27.85 -22.70
C LYS C 847 -53.10 28.06 -21.32
N THR C 848 -53.84 27.06 -20.84
CA THR C 848 -54.46 27.14 -19.52
C THR C 848 -53.42 26.66 -18.51
N LEU C 849 -52.93 27.60 -17.70
CA LEU C 849 -51.90 27.31 -16.72
C LEU C 849 -52.43 26.76 -15.42
N PHE C 850 -53.42 27.44 -14.85
CA PHE C 850 -53.99 27.01 -13.59
C PHE C 850 -55.49 27.10 -13.62
N ILE C 851 -56.15 26.28 -12.80
CA ILE C 851 -57.59 26.30 -12.66
C ILE C 851 -57.84 26.32 -11.17
N SER C 852 -58.63 27.28 -10.70
CA SER C 852 -58.92 27.41 -9.27
C SER C 852 -60.40 27.35 -8.96
N ARG C 853 -60.84 26.23 -8.42
CA ARG C 853 -62.25 26.08 -8.05
C ARG C 853 -62.38 26.34 -6.57
N LYS C 854 -63.35 27.17 -6.19
CA LYS C 854 -63.56 27.49 -4.78
C LYS C 854 -65.03 27.48 -4.38
N THR C 855 -65.27 27.44 -3.07
CA THR C 855 -66.62 27.48 -2.53
C THR C 855 -66.54 28.20 -1.20
N TYR C 856 -67.21 29.34 -1.10
CA TYR C 856 -67.22 30.12 0.13
C TYR C 856 -68.50 29.82 0.89
N ARG C 857 -68.38 29.47 2.17
CA ARG C 857 -69.54 29.15 2.97
C ARG C 857 -69.65 29.99 4.23
N ILE C 858 -70.49 31.02 4.16
CA ILE C 858 -70.73 31.92 5.28
C ILE C 858 -71.96 31.44 6.02
N ASP C 859 -71.79 31.07 7.28
CA ASP C 859 -72.89 30.55 8.07
C ASP C 859 -73.34 31.47 9.19
N GLY C 860 -74.30 30.97 9.96
CA GLY C 860 -74.87 31.72 11.07
C GLY C 860 -73.89 32.31 12.07
N SER C 861 -72.83 31.58 12.38
CA SER C 861 -71.84 32.06 13.35
C SER C 861 -71.02 33.19 12.74
N GLY C 862 -71.29 33.51 11.48
CA GLY C 862 -70.58 34.59 10.81
C GLY C 862 -69.16 34.27 10.40
N GLN C 863 -68.90 32.99 10.09
CA GLN C 863 -67.57 32.57 9.68
C GLN C 863 -67.56 32.17 8.22
N MET C 864 -66.57 32.66 7.48
CA MET C 864 -66.45 32.32 6.08
C MET C 864 -65.46 31.17 5.87
N ALA C 865 -65.95 30.08 5.31
CA ALA C 865 -65.13 28.91 5.06
C ALA C 865 -64.76 28.81 3.58
N ILE C 866 -63.52 29.17 3.25
CA ILE C 866 -63.05 29.13 1.87
C ILE C 866 -62.36 27.80 1.57
N THR C 867 -62.88 27.07 0.57
CA THR C 867 -62.31 25.78 0.18
C THR C 867 -61.76 25.88 -1.24
N VAL C 868 -60.44 25.80 -1.37
CA VAL C 868 -59.81 25.90 -2.67
C VAL C 868 -59.29 24.58 -3.21
N ASP C 869 -59.40 24.40 -4.52
CA ASP C 869 -58.95 23.20 -5.22
C ASP C 869 -58.33 23.62 -6.54
N VAL C 870 -57.00 23.69 -6.57
CA VAL C 870 -56.29 24.11 -7.77
C VAL C 870 -55.73 22.99 -8.65
N GLU C 871 -55.64 23.27 -9.94
CA GLU C 871 -55.07 22.33 -10.91
C GLU C 871 -53.92 23.04 -11.59
N VAL C 872 -52.83 22.32 -11.82
CA VAL C 872 -51.69 22.92 -12.48
C VAL C 872 -51.25 22.08 -13.68
N ALA C 873 -51.15 22.74 -14.82
CA ALA C 873 -50.75 22.07 -16.05
C ALA C 873 -49.46 21.30 -15.81
N SER C 874 -49.49 20.00 -16.13
CA SER C 874 -48.32 19.15 -15.95
C SER C 874 -47.26 19.42 -17.01
N ASP C 875 -47.27 20.62 -17.58
CA ASP C 875 -46.28 20.96 -18.59
C ASP C 875 -45.99 22.46 -18.54
N THR C 876 -46.16 23.04 -17.35
CA THR C 876 -45.86 24.44 -17.13
C THR C 876 -45.00 24.46 -15.87
N PRO C 877 -43.86 25.14 -15.90
CA PRO C 877 -43.00 25.18 -14.71
C PRO C 877 -43.81 25.23 -13.42
N HIS C 878 -43.39 24.42 -12.45
CA HIS C 878 -44.07 24.36 -11.16
C HIS C 878 -44.16 25.74 -10.54
N PRO C 879 -45.37 26.14 -10.11
CA PRO C 879 -45.60 27.45 -9.50
C PRO C 879 -44.78 27.71 -8.25
N ALA C 880 -44.44 28.97 -8.05
CA ALA C 880 -43.67 29.39 -6.89
C ALA C 880 -44.52 29.22 -5.62
N ARG C 881 -45.83 29.25 -5.80
CA ARG C 881 -46.76 29.11 -4.69
C ARG C 881 -48.19 28.86 -5.18
N ILE C 882 -49.06 28.49 -4.24
CA ILE C 882 -50.46 28.24 -4.53
C ILE C 882 -51.25 28.71 -3.33
N GLY C 883 -51.76 29.94 -3.43
CA GLY C 883 -52.54 30.48 -2.34
C GLY C 883 -53.45 31.61 -2.77
N LEU C 884 -53.75 32.48 -1.80
CA LEU C 884 -54.61 33.64 -2.03
C LEU C 884 -53.90 34.86 -1.48
N ASN C 885 -54.37 36.03 -1.87
CA ASN C 885 -53.79 37.28 -1.36
C ASN C 885 -54.76 38.43 -1.58
N CYS C 886 -54.58 39.46 -0.78
CA CYS C 886 -55.42 40.63 -0.84
C CYS C 886 -54.78 41.72 0.03
N GLN C 887 -55.13 42.97 -0.25
CA GLN C 887 -54.58 44.07 0.52
C GLN C 887 -55.62 44.47 1.55
N LEU C 888 -55.37 44.14 2.81
CA LEU C 888 -56.28 44.48 3.90
C LEU C 888 -56.25 45.99 4.08
N ALA C 889 -57.30 46.54 4.68
CA ALA C 889 -57.36 47.98 4.90
C ALA C 889 -56.65 48.44 6.19
N GLN C 890 -56.72 47.60 7.22
CA GLN C 890 -56.12 47.91 8.52
C GLN C 890 -54.60 47.89 8.52
N VAL C 891 -54.04 48.39 9.61
CA VAL C 891 -52.59 48.42 9.82
C VAL C 891 -52.36 48.30 11.31
N ALA C 892 -52.37 47.07 11.80
CA ALA C 892 -52.18 46.79 13.22
C ALA C 892 -50.72 46.79 13.63
N GLU C 893 -50.49 46.89 14.94
CA GLU C 893 -49.15 46.91 15.49
C GLU C 893 -48.54 45.54 15.72
N ARG C 894 -49.39 44.55 15.96
CA ARG C 894 -48.89 43.20 16.22
C ARG C 894 -49.46 42.13 15.29
N VAL C 895 -48.82 40.97 15.30
CA VAL C 895 -49.24 39.82 14.53
C VAL C 895 -49.08 38.62 15.46
N ASN C 896 -50.17 37.88 15.63
CA ASN C 896 -50.18 36.70 16.49
C ASN C 896 -50.61 35.48 15.67
N TRP C 897 -49.87 34.40 15.83
CA TRP C 897 -50.18 33.18 15.09
C TRP C 897 -49.73 31.93 15.82
N LEU C 898 -50.44 30.84 15.56
CA LEU C 898 -50.11 29.55 16.15
C LEU C 898 -49.51 28.76 14.99
N GLY C 899 -48.20 28.58 15.03
CA GLY C 899 -47.54 27.86 13.96
C GLY C 899 -46.03 27.90 14.11
N LEU C 900 -45.32 27.71 13.00
CA LEU C 900 -43.87 27.73 13.02
C LEU C 900 -43.28 29.12 13.09
N GLY C 901 -42.46 29.35 14.11
CA GLY C 901 -41.85 30.65 14.29
C GLY C 901 -40.76 30.61 15.33
N PRO C 902 -40.36 31.78 15.87
CA PRO C 902 -40.90 33.08 15.51
C PRO C 902 -40.38 33.66 14.20
N GLN C 903 -39.17 33.28 13.84
CA GLN C 903 -38.55 33.83 12.63
C GLN C 903 -39.05 33.27 11.33
N GLU C 904 -38.71 33.99 10.26
CA GLU C 904 -39.07 33.62 8.91
C GLU C 904 -38.63 32.18 8.63
N ASN C 905 -39.52 31.39 8.03
CA ASN C 905 -39.19 30.02 7.73
C ASN C 905 -39.92 29.56 6.48
N TYR C 906 -39.23 28.78 5.64
CA TYR C 906 -39.80 28.27 4.40
C TYR C 906 -39.73 26.75 4.40
N PRO C 907 -40.55 26.09 3.56
CA PRO C 907 -40.59 24.63 3.47
C PRO C 907 -39.25 23.92 3.63
N ASP C 908 -38.27 24.32 2.82
CA ASP C 908 -36.95 23.70 2.84
C ASP C 908 -35.96 24.33 3.82
N ARG C 909 -36.48 25.16 4.73
CA ARG C 909 -35.64 25.80 5.74
C ARG C 909 -36.53 26.20 6.91
N LEU C 910 -37.02 25.20 7.65
CA LEU C 910 -37.90 25.45 8.79
C LEU C 910 -37.63 24.50 9.96
N THR C 911 -36.57 23.72 9.87
CA THR C 911 -36.26 22.80 10.95
C THR C 911 -36.08 23.55 12.27
N ALA C 912 -35.37 24.67 12.22
CA ALA C 912 -35.10 25.47 13.42
C ALA C 912 -36.34 26.10 14.04
N ALA C 913 -37.37 26.37 13.24
CA ALA C 913 -38.59 26.96 13.76
C ALA C 913 -39.35 26.02 14.67
N CYS C 914 -40.04 26.57 15.65
CA CYS C 914 -40.82 25.77 16.58
C CYS C 914 -42.30 26.10 16.49
N PHE C 915 -43.14 25.12 16.82
CA PHE C 915 -44.58 25.31 16.79
C PHE C 915 -45.05 25.83 18.12
N ASP C 916 -45.73 26.97 18.09
CA ASP C 916 -46.23 27.59 19.31
C ASP C 916 -47.01 28.84 18.94
N ARG C 917 -47.40 29.59 19.96
CA ARG C 917 -48.14 30.81 19.79
C ARG C 917 -47.10 31.91 19.75
N TRP C 918 -47.04 32.65 18.65
CA TRP C 918 -46.05 33.73 18.53
C TRP C 918 -46.74 35.08 18.36
N ASP C 919 -46.16 36.10 18.98
CA ASP C 919 -46.70 37.46 18.89
C ASP C 919 -45.53 38.44 18.63
N LEU C 920 -45.60 39.14 17.52
CA LEU C 920 -44.53 40.09 17.16
C LEU C 920 -45.09 41.33 16.49
N PRO C 921 -44.29 42.41 16.45
CA PRO C 921 -44.77 43.63 15.80
C PRO C 921 -44.74 43.45 14.27
N LEU C 922 -45.75 43.99 13.61
CA LEU C 922 -45.88 43.86 12.16
C LEU C 922 -44.57 43.91 11.41
N SER C 923 -43.66 44.76 11.87
CA SER C 923 -42.37 44.94 11.22
C SER C 923 -41.49 43.72 11.23
N ASP C 924 -41.57 42.90 12.27
CA ASP C 924 -40.75 41.71 12.32
C ASP C 924 -41.25 40.60 11.40
N MET C 925 -42.34 40.87 10.67
CA MET C 925 -42.87 39.89 9.74
C MET C 925 -42.32 40.23 8.36
N TYR C 926 -41.31 41.11 8.35
CA TYR C 926 -40.67 41.56 7.13
C TYR C 926 -39.16 41.45 7.28
N THR C 927 -38.52 40.73 6.36
CA THR C 927 -37.08 40.57 6.41
C THR C 927 -36.41 41.54 5.44
N PRO C 928 -35.69 42.52 5.98
CA PRO C 928 -34.98 43.57 5.24
C PRO C 928 -33.83 43.15 4.33
N TYR C 929 -34.00 42.09 3.54
CA TYR C 929 -32.92 41.68 2.65
C TYR C 929 -32.58 42.88 1.77
N VAL C 930 -31.31 43.24 1.68
CA VAL C 930 -30.92 44.37 0.87
C VAL C 930 -31.57 44.34 -0.51
N PHE C 931 -31.59 43.18 -1.14
CA PHE C 931 -32.26 43.06 -2.45
C PHE C 931 -33.66 42.51 -2.16
N PRO C 932 -34.71 43.33 -2.34
CA PRO C 932 -36.08 42.90 -2.09
C PRO C 932 -36.54 41.66 -2.84
N SER C 933 -37.34 40.83 -2.16
CA SER C 933 -37.91 39.60 -2.72
C SER C 933 -38.94 39.02 -1.76
N GLU C 934 -39.59 37.94 -2.17
CA GLU C 934 -40.57 37.28 -1.33
C GLU C 934 -39.89 37.04 0.01
N ASN C 935 -40.56 37.37 1.11
CA ASN C 935 -39.96 37.15 2.43
C ASN C 935 -40.93 37.13 3.61
N GLY C 936 -40.41 36.73 4.76
CA GLY C 936 -41.19 36.70 5.98
C GLY C 936 -42.19 35.58 6.13
N LEU C 937 -42.22 34.65 5.17
CA LEU C 937 -43.15 33.54 5.25
C LEU C 937 -42.98 32.75 6.54
N ARG C 938 -44.08 32.18 7.01
CA ARG C 938 -44.10 31.35 8.22
C ARG C 938 -44.97 30.15 7.84
N CYS C 939 -44.42 28.95 7.98
CA CYS C 939 -45.13 27.75 7.59
C CYS C 939 -45.81 27.02 8.75
N GLY C 940 -46.72 26.10 8.40
CA GLY C 940 -47.43 25.32 9.39
C GLY C 940 -48.21 26.12 10.40
N THR C 941 -48.96 27.10 9.91
CA THR C 941 -49.75 27.93 10.79
C THR C 941 -51.21 27.46 10.79
N ARG C 942 -51.75 27.24 11.99
CA ARG C 942 -53.14 26.79 12.14
C ARG C 942 -54.05 27.96 12.51
N GLU C 943 -53.45 29.03 13.04
CA GLU C 943 -54.21 30.21 13.45
C GLU C 943 -53.42 31.50 13.27
N LEU C 944 -54.00 32.45 12.53
CA LEU C 944 -53.38 33.74 12.28
C LEU C 944 -54.30 34.86 12.75
N ASN C 945 -53.75 35.78 13.55
CA ASN C 945 -54.51 36.90 14.09
C ASN C 945 -53.90 38.26 13.73
N TYR C 946 -54.65 39.08 13.01
CA TYR C 946 -54.20 40.42 12.65
C TYR C 946 -55.40 41.37 12.73
N GLY C 947 -55.30 42.36 13.59
CA GLY C 947 -56.39 43.30 13.74
C GLY C 947 -57.64 42.55 14.15
N PRO C 948 -58.79 42.87 13.54
CA PRO C 948 -60.05 42.20 13.87
C PRO C 948 -60.12 40.79 13.31
N HIS C 949 -59.25 40.52 12.35
CA HIS C 949 -59.20 39.25 11.65
C HIS C 949 -58.57 38.07 12.36
N GLN C 950 -58.97 36.89 11.90
CA GLN C 950 -58.43 35.62 12.37
C GLN C 950 -58.64 34.64 11.22
N TRP C 951 -57.58 33.97 10.82
CA TRP C 951 -57.65 33.00 9.75
C TRP C 951 -57.26 31.66 10.35
N ARG C 952 -58.02 30.62 10.04
CA ARG C 952 -57.70 29.30 10.57
C ARG C 952 -57.60 28.24 9.47
N GLY C 953 -56.72 27.27 9.70
CA GLY C 953 -56.52 26.20 8.75
C GLY C 953 -55.17 25.55 8.94
N ASP C 954 -54.47 25.34 7.84
CA ASP C 954 -53.16 24.72 7.86
C ASP C 954 -52.40 25.30 6.67
N PHE C 955 -52.06 26.59 6.79
CA PHE C 955 -51.39 27.35 5.74
C PHE C 955 -50.04 27.97 6.12
N GLN C 956 -49.49 28.70 5.15
CA GLN C 956 -48.24 29.42 5.29
C GLN C 956 -48.64 30.86 5.02
N PHE C 957 -47.86 31.82 5.49
CA PHE C 957 -48.23 33.22 5.26
C PHE C 957 -47.08 34.19 5.47
N ASN C 958 -47.24 35.38 4.89
CA ASN C 958 -46.30 36.46 5.08
C ASN C 958 -47.21 37.68 5.06
N ILE C 959 -46.98 38.60 6.00
CA ILE C 959 -47.81 39.78 6.12
C ILE C 959 -46.97 41.05 6.33
N SER C 960 -47.09 41.99 5.41
CA SER C 960 -46.33 43.23 5.51
C SER C 960 -46.99 44.39 4.77
N ARG C 961 -46.29 45.51 4.71
CA ARG C 961 -46.80 46.70 4.04
C ARG C 961 -46.31 46.80 2.61
N TYR C 962 -45.72 45.72 2.08
CA TYR C 962 -45.22 45.72 0.71
C TYR C 962 -45.85 44.60 -0.14
N SER C 963 -46.32 44.97 -1.32
CA SER C 963 -46.94 44.01 -2.22
C SER C 963 -45.88 43.19 -2.95
N GLN C 964 -46.23 41.97 -3.34
CA GLN C 964 -45.29 41.14 -4.06
C GLN C 964 -44.78 41.90 -5.28
N GLN C 965 -45.68 42.66 -5.90
CA GLN C 965 -45.31 43.44 -7.06
C GLN C 965 -44.24 44.46 -6.75
N GLN C 966 -44.47 45.29 -5.74
CA GLN C 966 -43.47 46.29 -5.39
C GLN C 966 -42.14 45.62 -5.13
N LEU C 967 -42.19 44.56 -4.33
CA LEU C 967 -40.98 43.80 -3.98
C LEU C 967 -40.18 43.30 -5.18
N MET C 968 -40.86 42.85 -6.23
CA MET C 968 -40.15 42.36 -7.41
C MET C 968 -39.76 43.47 -8.37
N GLU C 969 -40.28 44.68 -8.16
CA GLU C 969 -39.94 45.80 -9.03
C GLU C 969 -38.91 46.71 -8.34
N THR C 970 -38.69 46.50 -7.05
CA THR C 970 -37.73 47.29 -6.29
C THR C 970 -36.39 46.57 -6.13
N SER C 971 -35.30 47.32 -6.31
CA SER C 971 -33.96 46.74 -6.24
C SER C 971 -33.25 46.85 -4.90
N HIS C 972 -33.57 47.87 -4.12
CA HIS C 972 -32.95 48.06 -2.81
C HIS C 972 -34.01 48.23 -1.75
N ARG C 973 -33.78 47.62 -0.59
CA ARG C 973 -34.72 47.71 0.52
C ARG C 973 -35.02 49.14 0.95
N HIS C 974 -34.13 50.09 0.64
CA HIS C 974 -34.36 51.48 1.04
C HIS C 974 -35.22 52.29 0.09
N LEU C 975 -35.63 51.68 -1.02
CA LEU C 975 -36.49 52.37 -1.98
C LEU C 975 -37.91 51.83 -1.86
N LEU C 976 -38.14 51.01 -0.84
CA LEU C 976 -39.46 50.41 -0.62
C LEU C 976 -40.28 51.39 0.18
N HIS C 977 -41.52 51.61 -0.25
CA HIS C 977 -42.41 52.52 0.46
C HIS C 977 -43.60 51.74 0.98
N ALA C 978 -43.98 51.99 2.22
CA ALA C 978 -45.12 51.30 2.81
C ALA C 978 -46.33 51.63 1.95
N GLU C 979 -47.26 50.69 1.84
CA GLU C 979 -48.44 50.91 1.04
C GLU C 979 -49.66 51.01 1.94
N GLU C 980 -50.78 51.46 1.38
CA GLU C 980 -51.99 51.57 2.17
C GLU C 980 -52.37 50.19 2.69
N GLY C 981 -52.67 50.10 3.98
CA GLY C 981 -53.07 48.82 4.53
C GLY C 981 -51.97 47.79 4.66
N THR C 982 -52.37 46.53 4.84
CA THR C 982 -51.44 45.44 5.02
C THR C 982 -51.66 44.30 4.02
N TRP C 983 -50.62 43.97 3.26
CA TRP C 983 -50.73 42.90 2.29
C TRP C 983 -50.64 41.52 2.94
N LEU C 984 -51.64 40.68 2.65
CA LEU C 984 -51.69 39.34 3.20
C LEU C 984 -51.54 38.28 2.11
N ASN C 985 -50.55 37.41 2.28
CA ASN C 985 -50.32 36.34 1.33
C ASN C 985 -50.51 35.05 2.11
N ILE C 986 -51.62 34.36 1.84
CA ILE C 986 -51.90 33.08 2.50
C ILE C 986 -51.75 31.95 1.50
N ASP C 987 -50.71 31.15 1.69
CA ASP C 987 -50.42 30.04 0.81
C ASP C 987 -50.84 28.72 1.39
N GLY C 988 -51.41 27.88 0.53
CA GLY C 988 -51.80 26.56 0.94
C GLY C 988 -50.55 25.74 0.72
N PHE C 989 -49.75 26.18 -0.25
CA PHE C 989 -48.49 25.53 -0.62
C PHE C 989 -47.48 26.55 -1.14
N HIS C 990 -46.21 26.41 -0.73
CA HIS C 990 -45.15 27.31 -1.16
C HIS C 990 -43.92 26.53 -1.61
N MET C 991 -43.39 26.87 -2.78
CA MET C 991 -42.20 26.21 -3.30
C MET C 991 -41.01 26.50 -2.38
N GLY C 992 -40.06 25.58 -2.31
CA GLY C 992 -38.89 25.81 -1.48
C GLY C 992 -38.03 26.96 -2.00
N ILE C 993 -37.18 27.52 -1.15
CA ILE C 993 -36.33 28.63 -1.56
C ILE C 993 -35.00 28.17 -2.17
N GLY C 994 -34.57 26.95 -1.83
CA GLY C 994 -33.32 26.44 -2.35
C GLY C 994 -32.09 27.17 -1.85
N GLY C 995 -30.94 26.91 -2.47
CA GLY C 995 -29.73 27.60 -2.04
C GLY C 995 -28.43 26.81 -2.09
N ASP C 996 -28.45 25.60 -2.63
CA ASP C 996 -27.21 24.80 -2.75
C ASP C 996 -26.17 25.63 -3.48
N ASP C 997 -26.65 26.60 -4.23
CA ASP C 997 -25.84 27.54 -4.98
C ASP C 997 -26.83 28.55 -5.53
N SER C 998 -26.39 29.77 -5.82
CA SER C 998 -27.31 30.78 -6.32
C SER C 998 -27.16 31.14 -7.79
N TRP C 999 -26.70 30.18 -8.59
CA TRP C 999 -26.52 30.46 -10.02
C TRP C 999 -27.07 29.36 -10.92
N SER C 1000 -27.95 28.53 -10.37
CA SER C 1000 -28.58 27.46 -11.12
C SER C 1000 -29.72 26.89 -10.29
N PRO C 1001 -30.79 26.40 -10.94
CA PRO C 1001 -31.90 25.84 -10.17
C PRO C 1001 -31.34 24.96 -9.05
N SER C 1002 -31.71 25.29 -7.82
CA SER C 1002 -31.20 24.55 -6.69
C SER C 1002 -32.25 24.10 -5.70
N VAL C 1003 -33.52 24.10 -6.12
CA VAL C 1003 -34.58 23.66 -5.23
C VAL C 1003 -34.85 22.16 -5.44
N SER C 1004 -34.68 21.40 -4.36
CA SER C 1004 -34.88 19.96 -4.37
C SER C 1004 -36.29 19.60 -4.82
N ALA C 1005 -36.39 18.52 -5.60
CA ALA C 1005 -37.67 18.06 -6.15
C ALA C 1005 -38.80 17.94 -5.15
N GLU C 1006 -38.54 17.34 -3.99
CA GLU C 1006 -39.58 17.17 -2.98
C GLU C 1006 -40.14 18.49 -2.50
N PHE C 1007 -39.52 19.61 -2.89
CA PHE C 1007 -39.99 20.94 -2.48
C PHE C 1007 -40.53 21.76 -3.65
N GLN C 1008 -40.86 21.08 -4.75
CA GLN C 1008 -41.40 21.75 -5.92
C GLN C 1008 -42.89 21.44 -6.07
N LEU C 1009 -43.72 22.48 -6.08
CA LEU C 1009 -45.16 22.30 -6.21
C LEU C 1009 -45.47 21.65 -7.54
N SER C 1010 -45.36 20.32 -7.58
CA SER C 1010 -45.58 19.56 -8.81
C SER C 1010 -46.72 18.54 -8.79
N ALA C 1011 -47.36 18.38 -7.64
CA ALA C 1011 -48.45 17.42 -7.48
C ALA C 1011 -49.54 17.51 -8.54
N GLY C 1012 -49.64 18.66 -9.22
CA GLY C 1012 -50.65 18.82 -10.25
C GLY C 1012 -51.99 19.30 -9.72
N ARG C 1013 -52.48 18.64 -8.67
CA ARG C 1013 -53.75 19.00 -8.06
C ARG C 1013 -53.52 19.28 -6.59
N TYR C 1014 -53.86 20.48 -6.14
CA TYR C 1014 -53.69 20.86 -4.74
C TYR C 1014 -55.01 21.26 -4.09
N HIS C 1015 -55.06 21.17 -2.75
CA HIS C 1015 -56.27 21.48 -2.01
C HIS C 1015 -55.98 22.02 -0.60
N TYR C 1016 -56.53 23.18 -0.29
CA TYR C 1016 -56.36 23.80 1.03
C TYR C 1016 -57.68 24.45 1.44
N GLN C 1017 -57.90 24.56 2.75
CA GLN C 1017 -59.12 25.18 3.24
C GLN C 1017 -58.85 26.20 4.34
N LEU C 1018 -59.50 27.35 4.22
CA LEU C 1018 -59.35 28.47 5.16
C LEU C 1018 -60.67 28.89 5.77
N VAL C 1019 -60.59 29.44 6.98
CA VAL C 1019 -61.75 29.96 7.68
C VAL C 1019 -61.45 31.38 8.13
N TRP C 1020 -62.09 32.34 7.47
CA TRP C 1020 -61.91 33.76 7.77
C TRP C 1020 -63.03 34.18 8.71
N CYS C 1021 -62.71 35.00 9.70
CA CYS C 1021 -63.72 35.47 10.63
C CYS C 1021 -63.17 36.60 11.48
N GLN C 1022 -64.03 37.15 12.32
CA GLN C 1022 -63.67 38.25 13.20
C GLN C 1022 -63.48 37.72 14.63
N LYS C 1023 -62.30 37.98 15.20
CA LYS C 1023 -61.97 37.51 16.55
C LYS C 1023 -62.60 38.42 17.58
N ARG D 13 -20.96 -49.04 14.58
CA ARG D 13 -19.95 -47.94 14.51
C ARG D 13 -20.51 -46.73 13.75
N ARG D 14 -21.52 -46.10 14.32
CA ARG D 14 -22.23 -44.94 13.77
C ARG D 14 -21.37 -43.87 13.10
N ASP D 15 -21.38 -43.84 11.78
CA ASP D 15 -20.59 -42.87 11.05
C ASP D 15 -21.37 -41.60 10.79
N TRP D 16 -22.69 -41.67 10.90
CA TRP D 16 -23.52 -40.50 10.67
C TRP D 16 -23.57 -39.59 11.88
N GLU D 17 -22.80 -39.92 12.92
CA GLU D 17 -22.76 -39.09 14.10
C GLU D 17 -21.33 -38.75 14.47
N ASN D 18 -20.50 -38.59 13.45
CA ASN D 18 -19.10 -38.27 13.63
C ASN D 18 -18.65 -37.34 12.49
N PRO D 19 -18.53 -36.03 12.78
CA PRO D 19 -18.12 -35.06 11.77
C PRO D 19 -16.71 -35.30 11.27
N GLY D 20 -16.03 -36.28 11.87
CA GLY D 20 -14.68 -36.62 11.47
C GLY D 20 -14.71 -37.57 10.29
N VAL D 21 -15.84 -38.26 10.14
CA VAL D 21 -16.04 -39.19 9.03
C VAL D 21 -17.14 -38.64 8.13
N THR D 22 -16.75 -38.17 6.96
CA THR D 22 -17.68 -37.61 6.00
C THR D 22 -17.80 -38.50 4.76
N GLN D 23 -16.96 -39.52 4.71
CA GLN D 23 -16.96 -40.44 3.59
C GLN D 23 -16.08 -41.63 3.92
N LEU D 24 -16.25 -42.71 3.15
CA LEU D 24 -15.45 -43.91 3.33
C LEU D 24 -15.34 -44.56 1.97
N ASN D 25 -14.12 -44.56 1.44
CA ASN D 25 -13.83 -45.15 0.14
C ASN D 25 -14.36 -44.37 -1.06
N ARG D 26 -14.70 -43.11 -0.84
CA ARG D 26 -15.22 -42.28 -1.93
C ARG D 26 -14.05 -41.77 -2.78
N LEU D 27 -14.23 -41.78 -4.10
CA LEU D 27 -13.17 -41.31 -4.98
C LEU D 27 -13.09 -39.79 -4.97
N ALA D 28 -11.99 -39.26 -5.48
CA ALA D 28 -11.76 -37.81 -5.52
C ALA D 28 -12.72 -37.05 -6.42
N ALA D 29 -13.05 -35.82 -6.03
CA ALA D 29 -13.95 -34.97 -6.81
C ALA D 29 -13.22 -34.56 -8.09
N HIS D 30 -13.95 -34.13 -9.11
CA HIS D 30 -13.32 -33.75 -10.38
C HIS D 30 -14.34 -33.22 -11.38
N PRO D 31 -13.86 -32.52 -12.43
CA PRO D 31 -14.75 -31.96 -13.46
C PRO D 31 -15.56 -33.08 -14.08
N PRO D 32 -16.67 -32.74 -14.74
CA PRO D 32 -17.53 -33.74 -15.39
C PRO D 32 -16.78 -34.64 -16.38
N PHE D 33 -16.89 -35.95 -16.18
CA PHE D 33 -16.25 -36.92 -17.08
C PHE D 33 -17.28 -37.72 -17.88
N ALA D 34 -16.82 -38.33 -18.97
CA ALA D 34 -17.70 -39.14 -19.80
C ALA D 34 -16.87 -40.27 -20.40
N SER D 35 -15.56 -40.16 -20.27
CA SER D 35 -14.66 -41.17 -20.80
C SER D 35 -14.98 -41.58 -22.24
N TRP D 36 -14.94 -40.61 -23.16
CA TRP D 36 -15.22 -40.91 -24.55
C TRP D 36 -14.06 -41.76 -25.07
N ARG D 37 -14.35 -42.64 -26.01
CA ARG D 37 -13.27 -43.44 -26.59
C ARG D 37 -13.11 -43.03 -28.05
N ASN D 38 -13.73 -41.89 -28.37
CA ASN D 38 -13.69 -41.31 -29.71
C ASN D 38 -13.65 -39.80 -29.56
N SER D 39 -12.56 -39.19 -30.00
CA SER D 39 -12.39 -37.74 -29.91
C SER D 39 -13.50 -36.93 -30.58
N GLU D 40 -14.06 -37.46 -31.66
CA GLU D 40 -15.10 -36.74 -32.36
C GLU D 40 -16.33 -36.64 -31.50
N GLU D 41 -16.62 -37.70 -30.76
CA GLU D 41 -17.78 -37.70 -29.89
C GLU D 41 -17.60 -36.67 -28.79
N ALA D 42 -16.36 -36.57 -28.32
CA ALA D 42 -16.01 -35.63 -27.25
C ALA D 42 -16.20 -34.20 -27.71
N ARG D 43 -15.63 -33.87 -28.86
CA ARG D 43 -15.72 -32.52 -29.43
C ARG D 43 -17.17 -32.06 -29.61
N THR D 44 -18.01 -32.98 -30.09
CA THR D 44 -19.41 -32.67 -30.35
C THR D 44 -20.30 -32.86 -29.14
N ASP D 45 -19.70 -33.22 -28.01
CA ASP D 45 -20.44 -33.44 -26.77
C ASP D 45 -21.63 -34.38 -26.94
N ARG D 46 -21.43 -35.47 -27.67
CA ARG D 46 -22.47 -36.45 -27.90
C ARG D 46 -22.39 -37.51 -26.81
N PRO D 47 -23.50 -38.22 -26.55
CA PRO D 47 -23.57 -39.27 -25.54
C PRO D 47 -22.35 -40.18 -25.53
N SER D 48 -22.05 -40.76 -24.38
CA SER D 48 -20.89 -41.64 -24.28
C SER D 48 -21.30 -43.04 -23.89
N GLN D 49 -20.75 -44.02 -24.61
CA GLN D 49 -21.05 -45.42 -24.35
C GLN D 49 -20.53 -45.83 -22.97
N GLN D 50 -19.50 -45.15 -22.50
CA GLN D 50 -18.90 -45.45 -21.19
C GLN D 50 -19.59 -44.76 -20.04
N LEU D 51 -20.74 -44.15 -20.29
CA LEU D 51 -21.48 -43.47 -19.25
C LEU D 51 -22.96 -43.83 -19.26
N ARG D 52 -23.31 -44.86 -18.50
CA ARG D 52 -24.69 -45.33 -18.40
C ARG D 52 -25.42 -44.69 -17.25
N SER D 53 -26.73 -44.52 -17.40
CA SER D 53 -27.54 -43.92 -16.36
C SER D 53 -28.29 -45.03 -15.64
N LEU D 54 -28.29 -44.99 -14.32
CA LEU D 54 -29.00 -46.00 -13.56
C LEU D 54 -30.31 -45.44 -13.05
N ASN D 55 -30.80 -44.39 -13.72
CA ASN D 55 -32.06 -43.79 -13.32
C ASN D 55 -33.20 -44.68 -13.77
N GLY D 56 -34.33 -44.60 -13.08
CA GLY D 56 -35.46 -45.41 -13.45
C GLY D 56 -36.21 -45.94 -12.26
N GLU D 57 -36.66 -47.19 -12.36
CA GLU D 57 -37.40 -47.80 -11.27
C GLU D 57 -36.48 -48.57 -10.35
N TRP D 58 -36.54 -48.25 -9.06
CA TRP D 58 -35.72 -48.91 -8.06
C TRP D 58 -36.66 -49.52 -7.02
N ARG D 59 -36.07 -50.25 -6.07
CA ARG D 59 -36.85 -50.86 -5.00
C ARG D 59 -36.62 -50.03 -3.73
N PHE D 60 -37.72 -49.66 -3.09
CA PHE D 60 -37.62 -48.83 -1.89
C PHE D 60 -38.49 -49.30 -0.73
N ALA D 61 -37.94 -49.16 0.49
CA ALA D 61 -38.64 -49.52 1.71
C ALA D 61 -38.20 -48.53 2.76
N TRP D 62 -39.18 -47.99 3.50
CA TRP D 62 -38.92 -47.00 4.54
C TRP D 62 -38.75 -47.68 5.91
N PHE D 63 -37.92 -47.11 6.78
CA PHE D 63 -37.70 -47.65 8.11
C PHE D 63 -37.59 -46.50 9.10
N PRO D 64 -37.95 -46.75 10.38
CA PRO D 64 -37.90 -45.73 11.44
C PRO D 64 -36.48 -45.37 11.92
N ALA D 65 -35.53 -46.26 11.64
CA ALA D 65 -34.14 -46.06 12.02
C ALA D 65 -33.29 -47.11 11.32
N PRO D 66 -31.99 -46.85 11.17
CA PRO D 66 -31.17 -47.85 10.49
C PRO D 66 -31.18 -49.18 11.23
N GLU D 67 -31.29 -49.13 12.55
CA GLU D 67 -31.30 -50.35 13.35
C GLU D 67 -32.48 -51.27 13.05
N ALA D 68 -33.42 -50.81 12.23
CA ALA D 68 -34.59 -51.61 11.88
C ALA D 68 -34.44 -52.29 10.52
N VAL D 69 -33.32 -52.02 9.86
CA VAL D 69 -33.07 -52.59 8.55
C VAL D 69 -32.61 -54.05 8.66
N PRO D 70 -33.46 -54.97 8.20
CA PRO D 70 -33.20 -56.41 8.21
C PRO D 70 -32.00 -56.81 7.35
N GLU D 71 -31.09 -57.59 7.91
CA GLU D 71 -29.91 -58.04 7.19
C GLU D 71 -30.24 -58.59 5.79
N SER D 72 -31.26 -59.45 5.72
CA SER D 72 -31.67 -60.05 4.46
C SER D 72 -31.60 -59.05 3.30
N TRP D 73 -32.02 -57.82 3.59
CA TRP D 73 -32.03 -56.75 2.59
C TRP D 73 -30.71 -56.58 1.84
N LEU D 74 -29.61 -56.76 2.54
CA LEU D 74 -28.30 -56.59 1.91
C LEU D 74 -28.08 -57.53 0.74
N GLU D 75 -28.65 -58.72 0.82
CA GLU D 75 -28.46 -59.67 -0.26
C GLU D 75 -29.73 -60.04 -1.00
N CYS D 76 -30.86 -59.95 -0.33
CA CYS D 76 -32.10 -60.31 -0.96
C CYS D 76 -33.15 -59.19 -0.89
N ASP D 77 -33.77 -58.88 -2.02
CA ASP D 77 -34.79 -57.84 -2.08
C ASP D 77 -35.95 -58.10 -1.11
N LEU D 78 -36.38 -57.06 -0.40
CA LEU D 78 -37.52 -57.21 0.52
C LEU D 78 -38.77 -57.24 -0.34
N PRO D 79 -39.68 -58.18 -0.07
CA PRO D 79 -40.91 -58.25 -0.87
C PRO D 79 -41.84 -57.11 -0.48
N GLU D 80 -41.72 -56.72 0.78
CA GLU D 80 -42.51 -55.65 1.35
C GLU D 80 -42.19 -54.31 0.68
N ALA D 81 -41.10 -54.29 -0.08
CA ALA D 81 -40.65 -53.08 -0.75
C ALA D 81 -41.59 -52.69 -1.88
N ASP D 82 -41.41 -51.47 -2.38
CA ASP D 82 -42.21 -50.94 -3.46
C ASP D 82 -41.27 -50.56 -4.57
N THR D 83 -41.82 -50.40 -5.77
CA THR D 83 -41.00 -49.98 -6.90
C THR D 83 -41.29 -48.51 -7.09
N VAL D 84 -40.24 -47.71 -6.99
CA VAL D 84 -40.36 -46.27 -7.14
C VAL D 84 -39.35 -45.72 -8.12
N VAL D 85 -39.55 -44.49 -8.54
CA VAL D 85 -38.66 -43.86 -9.49
C VAL D 85 -37.51 -43.15 -8.79
N VAL D 86 -36.33 -43.22 -9.39
CA VAL D 86 -35.16 -42.57 -8.85
C VAL D 86 -34.58 -41.75 -10.01
N PRO D 87 -34.11 -40.53 -9.72
CA PRO D 87 -34.07 -39.87 -8.42
C PRO D 87 -35.43 -39.38 -7.93
N SER D 88 -35.51 -39.07 -6.63
CA SER D 88 -36.76 -38.59 -6.03
C SER D 88 -36.56 -38.39 -4.52
N ASN D 89 -37.53 -37.76 -3.88
CA ASN D 89 -37.47 -37.55 -2.43
C ASN D 89 -38.61 -38.39 -1.87
N TRP D 90 -38.29 -39.32 -0.97
CA TRP D 90 -39.35 -40.17 -0.45
C TRP D 90 -40.48 -39.43 0.23
N GLN D 91 -40.26 -38.18 0.63
CA GLN D 91 -41.35 -37.42 1.23
C GLN D 91 -42.39 -37.23 0.13
N MET D 92 -41.91 -36.91 -1.08
CA MET D 92 -42.77 -36.70 -2.23
C MET D 92 -43.52 -37.96 -2.61
N HIS D 93 -43.08 -39.11 -2.11
CA HIS D 93 -43.75 -40.37 -2.39
C HIS D 93 -44.72 -40.70 -1.26
N GLY D 94 -44.72 -39.86 -0.23
CA GLY D 94 -45.61 -40.04 0.91
C GLY D 94 -45.15 -41.01 1.99
N TYR D 95 -43.89 -41.43 1.94
CA TYR D 95 -43.37 -42.35 2.95
C TYR D 95 -43.24 -41.73 4.33
N ASP D 96 -43.12 -40.40 4.36
CA ASP D 96 -43.07 -39.62 5.60
C ASP D 96 -43.19 -38.17 5.19
N ALA D 97 -43.46 -37.29 6.15
CA ALA D 97 -43.65 -35.89 5.82
C ALA D 97 -42.42 -35.01 5.65
N PRO D 98 -42.48 -34.08 4.69
CA PRO D 98 -41.39 -33.16 4.41
C PRO D 98 -41.57 -32.06 5.45
N ILE D 99 -40.47 -31.61 6.06
CA ILE D 99 -40.59 -30.58 7.09
C ILE D 99 -40.16 -29.22 6.61
N TYR D 100 -40.90 -28.19 7.01
CA TYR D 100 -40.50 -26.86 6.63
C TYR D 100 -40.19 -25.98 7.83
N THR D 101 -38.90 -25.77 8.05
CA THR D 101 -38.44 -24.94 9.13
C THR D 101 -37.36 -24.00 8.55
N ASN D 102 -37.40 -22.74 8.98
CA ASN D 102 -36.47 -21.69 8.56
C ASN D 102 -35.10 -21.81 9.22
N VAL D 103 -34.97 -21.20 10.39
CA VAL D 103 -33.72 -21.20 11.12
C VAL D 103 -33.59 -22.38 12.06
N THR D 104 -34.54 -22.51 12.98
CA THR D 104 -34.51 -23.59 13.94
C THR D 104 -34.32 -24.96 13.31
N TYR D 105 -33.23 -25.62 13.68
CA TYR D 105 -32.94 -26.94 13.15
C TYR D 105 -34.14 -27.87 13.27
N PRO D 106 -34.30 -28.77 12.29
CA PRO D 106 -35.41 -29.74 12.24
C PRO D 106 -35.23 -30.83 13.31
N ILE D 107 -34.01 -30.99 13.80
CA ILE D 107 -33.71 -31.96 14.82
C ILE D 107 -33.26 -31.22 16.08
N THR D 108 -32.92 -31.96 17.13
CA THR D 108 -32.47 -31.34 18.37
C THR D 108 -31.00 -30.94 18.23
N VAL D 109 -30.69 -29.71 18.59
CA VAL D 109 -29.32 -29.22 18.48
C VAL D 109 -28.44 -29.81 19.57
N ASN D 110 -27.62 -30.78 19.17
CA ASN D 110 -26.72 -31.45 20.09
C ASN D 110 -25.65 -32.15 19.25
N PRO D 111 -24.82 -31.34 18.57
CA PRO D 111 -23.76 -31.89 17.71
C PRO D 111 -22.82 -32.81 18.47
N PRO D 112 -22.39 -33.90 17.82
CA PRO D 112 -22.75 -34.28 16.44
C PRO D 112 -23.87 -35.31 16.37
N PHE D 113 -24.65 -35.42 17.45
CA PHE D 113 -25.72 -36.41 17.53
C PHE D 113 -27.05 -36.10 16.84
N VAL D 114 -27.63 -37.14 16.27
CA VAL D 114 -28.92 -37.02 15.60
C VAL D 114 -29.91 -37.94 16.31
N PRO D 115 -31.22 -37.75 16.07
CA PRO D 115 -32.28 -38.55 16.69
C PRO D 115 -32.06 -40.06 16.53
N THR D 116 -32.43 -40.84 17.54
CA THR D 116 -32.27 -42.29 17.45
C THR D 116 -33.25 -42.76 16.38
N GLU D 117 -34.38 -42.07 16.31
CA GLU D 117 -35.40 -42.35 15.31
C GLU D 117 -35.04 -41.54 14.08
N ASN D 118 -34.20 -42.14 13.24
CA ASN D 118 -33.71 -41.52 12.02
C ASN D 118 -34.32 -42.18 10.79
N PRO D 119 -35.28 -41.51 10.12
CA PRO D 119 -35.91 -42.09 8.93
C PRO D 119 -34.87 -42.61 7.94
N THR D 120 -34.85 -43.91 7.76
CA THR D 120 -33.88 -44.52 6.86
C THR D 120 -34.53 -45.04 5.59
N GLY D 121 -34.08 -44.56 4.44
CA GLY D 121 -34.64 -45.01 3.19
C GLY D 121 -33.78 -46.10 2.56
N CYS D 122 -34.36 -47.27 2.32
CA CYS D 122 -33.60 -48.38 1.74
C CYS D 122 -33.84 -48.53 0.25
N TYR D 123 -32.89 -48.08 -0.55
CA TYR D 123 -33.01 -48.18 -2.00
C TYR D 123 -32.18 -49.34 -2.51
N SER D 124 -32.73 -50.07 -3.48
CA SER D 124 -32.01 -51.20 -4.07
C SER D 124 -32.26 -51.23 -5.57
N LEU D 125 -31.32 -51.81 -6.31
CA LEU D 125 -31.46 -51.90 -7.75
C LEU D 125 -30.75 -53.10 -8.35
N THR D 126 -31.49 -53.87 -9.15
CA THR D 126 -30.91 -55.03 -9.83
C THR D 126 -30.75 -54.59 -11.27
N PHE D 127 -29.53 -54.68 -11.76
CA PHE D 127 -29.19 -54.26 -13.12
C PHE D 127 -28.04 -55.16 -13.53
N ASN D 128 -27.74 -55.21 -14.82
CA ASN D 128 -26.60 -56.04 -15.23
C ASN D 128 -25.54 -55.22 -15.91
N VAL D 129 -24.31 -55.73 -15.85
CA VAL D 129 -23.16 -55.07 -16.42
C VAL D 129 -22.60 -55.85 -17.59
N ASP D 130 -22.29 -55.15 -18.67
CA ASP D 130 -21.71 -55.80 -19.86
C ASP D 130 -20.44 -56.49 -19.42
N GLU D 131 -20.18 -57.66 -19.99
CA GLU D 131 -18.99 -58.40 -19.63
C GLU D 131 -17.72 -57.62 -20.02
N SER D 132 -17.81 -56.79 -21.05
CA SER D 132 -16.66 -56.01 -21.51
C SER D 132 -16.17 -54.96 -20.51
N TRP D 133 -17.08 -54.53 -19.63
CA TRP D 133 -16.74 -53.53 -18.60
C TRP D 133 -15.93 -54.16 -17.49
N LEU D 134 -16.06 -55.47 -17.32
CA LEU D 134 -15.35 -56.16 -16.27
C LEU D 134 -14.09 -56.84 -16.75
N GLN D 135 -13.85 -56.80 -18.05
CA GLN D 135 -12.66 -57.43 -18.58
C GLN D 135 -11.48 -56.47 -18.55
N GLU D 136 -11.77 -55.20 -18.34
CA GLU D 136 -10.70 -54.20 -18.32
C GLU D 136 -11.15 -52.90 -17.68
N GLY D 137 -10.18 -52.03 -17.43
CA GLY D 137 -10.47 -50.74 -16.86
C GLY D 137 -11.19 -50.70 -15.54
N GLN D 138 -11.65 -49.51 -15.21
CA GLN D 138 -12.33 -49.20 -13.96
C GLN D 138 -13.81 -48.90 -14.18
N THR D 139 -14.67 -49.52 -13.36
CA THR D 139 -16.11 -49.29 -13.44
C THR D 139 -16.54 -48.69 -12.12
N ARG D 140 -17.03 -47.45 -12.15
CA ARG D 140 -17.45 -46.77 -10.92
C ARG D 140 -18.89 -46.31 -10.96
N ILE D 141 -19.47 -46.07 -9.80
CA ILE D 141 -20.87 -45.61 -9.72
C ILE D 141 -20.87 -44.19 -9.16
N ILE D 142 -21.76 -43.35 -9.69
CA ILE D 142 -21.82 -41.95 -9.29
C ILE D 142 -23.19 -41.49 -8.81
N PHE D 143 -23.27 -41.12 -7.54
CA PHE D 143 -24.52 -40.61 -6.96
C PHE D 143 -24.42 -39.08 -6.88
N ASP D 144 -25.07 -38.38 -7.80
CA ASP D 144 -25.02 -36.92 -7.80
C ASP D 144 -25.64 -36.24 -6.59
N GLY D 145 -26.51 -36.95 -5.88
CA GLY D 145 -27.14 -36.33 -4.74
C GLY D 145 -27.93 -37.27 -3.86
N VAL D 146 -27.46 -37.42 -2.63
CA VAL D 146 -28.10 -38.27 -1.64
C VAL D 146 -28.23 -37.42 -0.38
N ASN D 147 -29.46 -37.23 0.06
CA ASN D 147 -29.82 -36.43 1.24
C ASN D 147 -30.13 -37.39 2.41
N SER D 148 -29.35 -37.38 3.50
CA SER D 148 -28.19 -36.52 3.71
C SER D 148 -26.89 -37.28 3.89
N ALA D 149 -26.98 -38.60 4.05
CA ALA D 149 -25.81 -39.45 4.22
C ALA D 149 -26.23 -40.85 3.82
N PHE D 150 -25.29 -41.71 3.47
CA PHE D 150 -25.68 -43.07 3.07
C PHE D 150 -24.55 -44.09 3.01
N HIS D 151 -24.94 -45.35 3.09
CA HIS D 151 -24.01 -46.48 3.02
C HIS D 151 -24.34 -47.23 1.75
N LEU D 152 -23.31 -47.72 1.07
CA LEU D 152 -23.49 -48.45 -0.19
C LEU D 152 -22.95 -49.87 -0.16
N TRP D 153 -23.75 -50.79 -0.67
CA TRP D 153 -23.38 -52.20 -0.76
C TRP D 153 -23.60 -52.67 -2.18
N CYS D 154 -22.68 -53.48 -2.68
CA CYS D 154 -22.82 -54.01 -4.03
C CYS D 154 -22.73 -55.52 -3.95
N ASN D 155 -23.84 -56.18 -4.24
CA ASN D 155 -23.91 -57.63 -4.18
C ASN D 155 -23.59 -58.10 -2.77
N GLY D 156 -24.36 -57.61 -1.80
CA GLY D 156 -24.15 -58.00 -0.43
C GLY D 156 -22.89 -57.43 0.24
N ARG D 157 -21.82 -57.25 -0.53
CA ARG D 157 -20.60 -56.72 0.05
C ARG D 157 -20.65 -55.18 0.16
N TRP D 158 -20.11 -54.66 1.27
CA TRP D 158 -20.07 -53.23 1.56
C TRP D 158 -19.00 -52.46 0.76
N VAL D 159 -19.40 -51.33 0.19
CA VAL D 159 -18.50 -50.50 -0.62
C VAL D 159 -17.97 -49.25 0.09
N GLY D 160 -18.87 -48.37 0.53
CA GLY D 160 -18.43 -47.16 1.19
C GLY D 160 -19.51 -46.33 1.84
N TYR D 161 -19.15 -45.11 2.22
CA TYR D 161 -20.05 -44.18 2.89
C TYR D 161 -19.88 -42.76 2.34
N GLY D 162 -20.94 -41.95 2.45
CA GLY D 162 -20.85 -40.58 1.96
C GLY D 162 -21.80 -39.56 2.60
N GLN D 163 -21.32 -38.32 2.67
CA GLN D 163 -22.10 -37.19 3.22
C GLN D 163 -22.03 -35.96 2.28
N ASP D 164 -22.87 -34.96 2.53
CA ASP D 164 -22.94 -33.74 1.71
C ASP D 164 -23.95 -33.94 0.61
N SER D 165 -25.20 -33.64 0.91
CA SER D 165 -26.32 -33.81 -0.02
C SER D 165 -26.26 -33.12 -1.36
N ARG D 166 -25.35 -32.18 -1.55
CA ARG D 166 -25.34 -31.46 -2.81
C ARG D 166 -24.21 -31.69 -3.80
N LEU D 167 -23.27 -32.56 -3.46
CA LEU D 167 -22.17 -32.88 -4.38
C LEU D 167 -22.16 -34.39 -4.59
N PRO D 168 -21.68 -34.83 -5.75
CA PRO D 168 -21.63 -36.25 -6.08
C PRO D 168 -20.65 -37.12 -5.30
N SER D 169 -21.06 -38.33 -4.97
CA SER D 169 -20.20 -39.28 -4.28
C SER D 169 -19.94 -40.43 -5.26
N GLU D 170 -18.68 -40.74 -5.52
CA GLU D 170 -18.29 -41.80 -6.45
C GLU D 170 -17.48 -42.92 -5.82
N PHE D 171 -17.82 -44.16 -6.17
CA PHE D 171 -17.13 -45.33 -5.64
C PHE D 171 -16.74 -46.30 -6.74
N ASP D 172 -15.57 -46.90 -6.58
CA ASP D 172 -15.06 -47.86 -7.56
C ASP D 172 -15.67 -49.24 -7.31
N LEU D 173 -16.57 -49.67 -8.21
CA LEU D 173 -17.23 -50.96 -8.07
C LEU D 173 -16.54 -52.10 -8.80
N SER D 174 -15.49 -51.78 -9.55
CA SER D 174 -14.76 -52.79 -10.31
C SER D 174 -14.68 -54.17 -9.66
N ALA D 175 -14.26 -54.22 -8.40
CA ALA D 175 -14.12 -55.50 -7.71
C ALA D 175 -15.37 -56.04 -7.02
N PHE D 176 -16.53 -55.46 -7.27
CA PHE D 176 -17.77 -55.95 -6.66
C PHE D 176 -18.74 -56.47 -7.69
N LEU D 177 -18.62 -55.96 -8.91
CA LEU D 177 -19.51 -56.36 -9.99
C LEU D 177 -19.10 -57.67 -10.63
N ARG D 178 -20.10 -58.34 -11.20
CA ARG D 178 -19.90 -59.60 -11.90
C ARG D 178 -20.66 -59.43 -13.20
N ALA D 179 -20.27 -60.17 -14.23
CA ALA D 179 -20.98 -60.07 -15.50
C ALA D 179 -22.43 -60.53 -15.31
N GLY D 180 -23.38 -59.74 -15.83
CA GLY D 180 -24.77 -60.11 -15.70
C GLY D 180 -25.42 -59.42 -14.54
N GLU D 181 -26.45 -60.03 -13.96
CA GLU D 181 -27.16 -59.43 -12.84
C GLU D 181 -26.26 -59.02 -11.67
N ASN D 182 -26.58 -57.86 -11.09
CA ASN D 182 -25.86 -57.29 -9.96
C ASN D 182 -26.92 -56.57 -9.14
N ARG D 183 -26.67 -56.39 -7.86
CA ARG D 183 -27.65 -55.68 -7.02
C ARG D 183 -27.01 -54.65 -6.11
N LEU D 184 -27.61 -53.45 -6.11
CA LEU D 184 -27.13 -52.36 -5.28
C LEU D 184 -28.02 -52.18 -4.07
N ALA D 185 -27.41 -51.95 -2.93
CA ALA D 185 -28.14 -51.73 -1.70
C ALA D 185 -27.65 -50.38 -1.20
N VAL D 186 -28.57 -49.42 -1.11
CA VAL D 186 -28.20 -48.09 -0.65
C VAL D 186 -29.03 -47.68 0.55
N MET D 187 -28.40 -47.62 1.73
CA MET D 187 -29.11 -47.21 2.94
C MET D 187 -28.90 -45.72 3.14
N VAL D 188 -29.97 -44.96 2.94
CA VAL D 188 -29.94 -43.52 3.04
C VAL D 188 -30.53 -43.01 4.36
N LEU D 189 -29.72 -42.32 5.15
CA LEU D 189 -30.17 -41.77 6.42
C LEU D 189 -30.64 -40.33 6.24
N ARG D 190 -31.84 -40.01 6.72
CA ARG D 190 -32.38 -38.66 6.59
C ARG D 190 -31.56 -37.65 7.38
N TRP D 191 -31.14 -38.05 8.58
CA TRP D 191 -30.36 -37.17 9.43
C TRP D 191 -28.95 -37.71 9.62
N SER D 192 -28.01 -36.80 9.86
CA SER D 192 -26.62 -37.18 10.07
C SER D 192 -25.90 -35.95 10.55
N ASP D 193 -24.67 -36.13 11.03
CA ASP D 193 -23.90 -35.01 11.53
C ASP D 193 -23.75 -33.97 10.45
N GLY D 194 -23.85 -34.39 9.20
CA GLY D 194 -23.75 -33.47 8.09
C GLY D 194 -24.95 -32.54 8.03
N SER D 195 -26.04 -32.93 8.68
CA SER D 195 -27.26 -32.12 8.71
C SER D 195 -27.01 -30.80 9.45
N TYR D 196 -25.98 -30.78 10.28
CA TYR D 196 -25.65 -29.58 11.03
C TYR D 196 -25.15 -28.48 10.13
N LEU D 197 -24.67 -28.87 8.95
CA LEU D 197 -24.16 -27.91 7.99
C LEU D 197 -25.17 -27.69 6.88
N GLU D 198 -26.31 -28.35 6.98
CA GLU D 198 -27.35 -28.22 5.97
C GLU D 198 -28.63 -27.62 6.53
N ASP D 199 -28.51 -26.47 7.18
CA ASP D 199 -29.68 -25.83 7.77
C ASP D 199 -30.25 -24.69 6.94
N GLN D 200 -30.48 -24.92 5.65
CA GLN D 200 -31.00 -23.87 4.79
C GLN D 200 -32.51 -23.73 4.95
N ASP D 201 -33.00 -22.51 4.79
CA ASP D 201 -34.42 -22.21 4.92
C ASP D 201 -35.21 -22.74 3.70
N MET D 202 -35.44 -24.05 3.69
CA MET D 202 -36.17 -24.72 2.63
C MET D 202 -36.82 -25.97 3.18
N TRP D 203 -37.59 -26.66 2.35
CA TRP D 203 -38.23 -27.90 2.81
C TRP D 203 -37.14 -28.91 3.14
N ARG D 204 -37.26 -29.57 4.30
CA ARG D 204 -36.26 -30.54 4.72
C ARG D 204 -36.65 -31.95 4.26
N MET D 205 -36.01 -32.42 3.19
CA MET D 205 -36.32 -33.74 2.64
C MET D 205 -35.18 -34.76 2.78
N SER D 206 -35.15 -35.74 1.86
CA SER D 206 -34.13 -36.78 1.87
C SER D 206 -34.32 -37.84 0.78
N GLY D 207 -33.29 -38.65 0.58
CA GLY D 207 -33.32 -39.71 -0.42
C GLY D 207 -32.32 -39.48 -1.56
N ILE D 208 -32.40 -40.29 -2.60
CA ILE D 208 -31.53 -40.16 -3.76
C ILE D 208 -32.25 -39.26 -4.76
N PHE D 209 -32.06 -37.95 -4.60
CA PHE D 209 -32.73 -36.97 -5.46
C PHE D 209 -31.97 -36.52 -6.71
N ARG D 210 -30.79 -37.06 -6.95
CA ARG D 210 -30.05 -36.69 -8.15
C ARG D 210 -29.52 -37.92 -8.88
N ASP D 211 -29.45 -37.82 -10.20
CA ASP D 211 -29.02 -38.91 -11.06
C ASP D 211 -27.96 -39.86 -10.51
N VAL D 212 -28.09 -41.13 -10.88
CA VAL D 212 -27.15 -42.17 -10.49
C VAL D 212 -26.52 -42.67 -11.79
N SER D 213 -25.20 -42.70 -11.86
CA SER D 213 -24.55 -43.14 -13.09
C SER D 213 -23.51 -44.22 -12.93
N LEU D 214 -23.11 -44.77 -14.07
CA LEU D 214 -22.10 -45.80 -14.10
C LEU D 214 -21.10 -45.35 -15.17
N LEU D 215 -19.88 -45.08 -14.74
CA LEU D 215 -18.82 -44.61 -15.63
C LEU D 215 -17.69 -45.62 -15.71
N HIS D 216 -17.22 -45.89 -16.93
CA HIS D 216 -16.12 -46.81 -17.14
C HIS D 216 -14.92 -46.02 -17.64
N LYS D 217 -13.80 -46.13 -16.93
CA LYS D 217 -12.59 -45.41 -17.31
C LYS D 217 -11.51 -46.45 -17.57
N PRO D 218 -10.55 -46.13 -18.44
CA PRO D 218 -9.46 -47.08 -18.73
C PRO D 218 -8.63 -47.17 -17.45
N THR D 219 -7.79 -48.18 -17.30
CA THR D 219 -6.96 -48.26 -16.11
C THR D 219 -6.03 -47.04 -16.12
N THR D 220 -5.34 -46.83 -17.23
CA THR D 220 -4.49 -45.66 -17.39
C THR D 220 -5.49 -44.62 -17.90
N GLN D 221 -5.84 -43.70 -17.03
CA GLN D 221 -6.86 -42.72 -17.31
C GLN D 221 -6.52 -41.28 -17.00
N ILE D 222 -7.42 -40.39 -17.42
CA ILE D 222 -7.33 -38.96 -17.16
C ILE D 222 -8.10 -38.81 -15.85
N SER D 223 -7.41 -38.41 -14.79
CA SER D 223 -8.06 -38.27 -13.50
C SER D 223 -8.46 -36.86 -13.12
N ASP D 224 -7.99 -35.87 -13.88
CA ASP D 224 -8.35 -34.49 -13.60
C ASP D 224 -7.71 -33.52 -14.59
N PHE D 225 -8.41 -32.41 -14.85
CA PHE D 225 -7.88 -31.37 -15.73
C PHE D 225 -8.47 -29.99 -15.37
N HIS D 226 -7.61 -28.97 -15.37
CA HIS D 226 -7.99 -27.59 -15.07
C HIS D 226 -7.76 -26.66 -16.27
N VAL D 227 -8.80 -25.92 -16.66
CA VAL D 227 -8.70 -25.00 -17.78
C VAL D 227 -8.61 -23.54 -17.33
N ALA D 228 -7.59 -22.84 -17.83
CA ALA D 228 -7.39 -21.43 -17.47
C ALA D 228 -7.21 -20.59 -18.73
N THR D 229 -7.66 -19.34 -18.69
CA THR D 229 -7.50 -18.42 -19.82
C THR D 229 -7.07 -17.03 -19.36
N ARG D 230 -5.83 -16.65 -19.71
CA ARG D 230 -5.26 -15.35 -19.35
C ARG D 230 -5.08 -14.52 -20.62
N PHE D 231 -5.40 -13.21 -20.53
CA PHE D 231 -5.31 -12.30 -21.68
C PHE D 231 -4.34 -11.13 -21.49
N ASN D 232 -4.08 -10.43 -22.59
CA ASN D 232 -3.22 -9.25 -22.52
C ASN D 232 -4.16 -8.13 -22.13
N ASP D 233 -3.64 -6.94 -21.89
CA ASP D 233 -4.48 -5.82 -21.47
C ASP D 233 -5.69 -5.49 -22.32
N ASP D 234 -5.61 -5.67 -23.64
CA ASP D 234 -6.78 -5.35 -24.47
C ASP D 234 -7.54 -6.56 -24.99
N PHE D 235 -7.26 -7.73 -24.41
CA PHE D 235 -7.95 -8.95 -24.78
C PHE D 235 -7.84 -9.33 -26.26
N SER D 236 -6.74 -8.93 -26.88
CA SER D 236 -6.51 -9.24 -28.28
C SER D 236 -5.86 -10.61 -28.37
N ARG D 237 -5.12 -10.98 -27.33
CA ARG D 237 -4.45 -12.27 -27.26
C ARG D 237 -4.85 -12.93 -25.94
N ALA D 238 -4.82 -14.25 -25.92
CA ALA D 238 -5.15 -15.01 -24.74
C ALA D 238 -4.39 -16.32 -24.79
N VAL D 239 -4.02 -16.83 -23.63
CA VAL D 239 -3.31 -18.10 -23.54
C VAL D 239 -4.16 -19.08 -22.76
N LEU D 240 -4.50 -20.20 -23.39
CA LEU D 240 -5.30 -21.21 -22.71
C LEU D 240 -4.31 -22.18 -22.08
N GLU D 241 -4.44 -22.37 -20.78
CA GLU D 241 -3.56 -23.27 -20.05
C GLU D 241 -4.38 -24.44 -19.48
N ALA D 242 -3.98 -25.65 -19.85
CA ALA D 242 -4.68 -26.84 -19.40
C ALA D 242 -3.75 -27.77 -18.64
N GLU D 243 -3.98 -27.91 -17.34
CA GLU D 243 -3.17 -28.79 -16.52
C GLU D 243 -3.88 -30.13 -16.51
N VAL D 244 -3.19 -31.19 -16.90
CA VAL D 244 -3.82 -32.51 -16.93
C VAL D 244 -3.08 -33.48 -16.02
N GLN D 245 -3.87 -34.29 -15.29
CA GLN D 245 -3.31 -35.28 -14.36
C GLN D 245 -3.84 -36.66 -14.73
N MET D 246 -3.00 -37.68 -14.60
CA MET D 246 -3.38 -39.04 -14.95
C MET D 246 -3.17 -40.05 -13.82
N CYS D 247 -3.69 -41.25 -14.04
CA CYS D 247 -3.55 -42.34 -13.09
C CYS D 247 -3.27 -43.60 -13.87
N GLY D 248 -2.78 -44.61 -13.17
CA GLY D 248 -2.49 -45.87 -13.82
C GLY D 248 -1.00 -46.01 -14.09
N GLU D 249 -0.66 -46.89 -15.02
CA GLU D 249 0.73 -47.12 -15.35
C GLU D 249 1.30 -45.96 -16.16
N LEU D 250 2.38 -45.37 -15.67
CA LEU D 250 3.02 -44.28 -16.37
C LEU D 250 4.00 -44.87 -17.36
N ARG D 251 3.98 -44.38 -18.59
CA ARG D 251 4.88 -44.87 -19.65
C ARG D 251 5.26 -43.69 -20.54
N ASP D 252 6.46 -43.73 -21.11
CA ASP D 252 6.90 -42.63 -21.96
C ASP D 252 6.06 -42.47 -23.21
N TYR D 253 5.59 -43.59 -23.75
CA TYR D 253 4.79 -43.54 -24.96
C TYR D 253 3.46 -42.81 -24.74
N LEU D 254 3.20 -42.42 -23.50
CA LEU D 254 1.98 -41.70 -23.17
C LEU D 254 2.06 -40.24 -23.59
N ARG D 255 0.91 -39.70 -23.98
CA ARG D 255 0.79 -38.31 -24.42
C ARG D 255 -0.58 -37.75 -24.11
N VAL D 256 -0.63 -36.42 -24.06
CA VAL D 256 -1.87 -35.69 -23.84
C VAL D 256 -1.90 -34.59 -24.88
N THR D 257 -3.03 -34.47 -25.57
CA THR D 257 -3.16 -33.45 -26.59
C THR D 257 -4.41 -32.63 -26.32
N VAL D 258 -4.22 -31.37 -25.96
CA VAL D 258 -5.36 -30.50 -25.73
C VAL D 258 -5.58 -29.66 -26.98
N SER D 259 -6.78 -29.76 -27.56
CA SER D 259 -7.11 -29.01 -28.75
C SER D 259 -8.33 -28.10 -28.51
N LEU D 260 -8.24 -26.87 -29.01
CA LEU D 260 -9.32 -25.92 -28.84
C LEU D 260 -10.13 -25.77 -30.12
N TRP D 261 -11.43 -25.98 -30.02
CA TRP D 261 -12.31 -25.91 -31.17
C TRP D 261 -13.32 -24.79 -31.14
N GLN D 262 -13.39 -24.06 -32.25
CA GLN D 262 -14.35 -22.98 -32.43
C GLN D 262 -15.26 -23.55 -33.51
N GLY D 263 -16.33 -24.20 -33.12
CA GLY D 263 -17.22 -24.79 -34.10
C GLY D 263 -16.51 -25.96 -34.75
N GLU D 264 -16.48 -25.98 -36.07
CA GLU D 264 -15.83 -27.07 -36.81
C GLU D 264 -14.35 -26.74 -36.99
N THR D 265 -13.98 -25.51 -36.68
CA THR D 265 -12.59 -25.06 -36.83
C THR D 265 -11.74 -25.46 -35.63
N GLN D 266 -10.44 -25.65 -35.86
CA GLN D 266 -9.54 -25.99 -34.78
C GLN D 266 -8.56 -24.82 -34.62
N VAL D 267 -8.91 -23.90 -33.71
CA VAL D 267 -8.08 -22.71 -33.48
C VAL D 267 -6.68 -22.95 -32.97
N ALA D 268 -6.49 -23.99 -32.18
CA ALA D 268 -5.16 -24.27 -31.64
C ALA D 268 -5.06 -25.68 -31.12
N SER D 269 -3.85 -26.17 -30.95
CA SER D 269 -3.68 -27.52 -30.44
C SER D 269 -2.27 -27.76 -29.96
N GLY D 270 -2.14 -28.45 -28.82
CA GLY D 270 -0.83 -28.74 -28.31
C GLY D 270 -0.74 -30.17 -27.80
N THR D 271 0.43 -30.80 -27.97
CA THR D 271 0.64 -32.16 -27.52
C THR D 271 1.94 -32.21 -26.73
N ALA D 272 1.98 -33.07 -25.71
CA ALA D 272 3.17 -33.20 -24.88
C ALA D 272 3.07 -34.44 -24.01
N PRO D 273 4.23 -35.00 -23.61
CA PRO D 273 4.23 -36.19 -22.76
C PRO D 273 4.11 -35.77 -21.31
N PHE D 274 3.74 -36.72 -20.46
CA PHE D 274 3.61 -36.41 -19.03
C PHE D 274 4.97 -36.04 -18.45
N GLY D 275 4.94 -35.25 -17.39
CA GLY D 275 6.16 -34.81 -16.77
C GLY D 275 6.07 -33.31 -16.65
N GLY D 276 5.58 -32.86 -15.50
CA GLY D 276 5.44 -31.43 -15.26
C GLY D 276 6.75 -30.74 -14.96
N GLU D 277 6.68 -29.44 -14.73
CA GLU D 277 7.88 -28.68 -14.45
C GLU D 277 8.28 -28.93 -13.02
N ILE D 278 9.55 -28.63 -12.71
CA ILE D 278 10.08 -28.81 -11.37
C ILE D 278 9.35 -27.85 -10.45
N ILE D 279 8.80 -28.35 -9.36
CA ILE D 279 8.09 -27.47 -8.44
C ILE D 279 8.79 -27.29 -7.10
N ASP D 280 9.59 -28.28 -6.70
CA ASP D 280 10.35 -28.17 -5.46
C ASP D 280 11.56 -29.10 -5.45
N GLU D 281 12.29 -29.12 -4.34
CA GLU D 281 13.49 -29.93 -4.22
C GLU D 281 13.37 -31.42 -4.59
N ARG D 282 12.15 -31.96 -4.59
CA ARG D 282 11.97 -33.37 -4.93
C ARG D 282 11.62 -33.57 -6.41
N GLY D 283 11.56 -32.48 -7.16
CA GLY D 283 11.25 -32.58 -8.58
C GLY D 283 9.87 -32.04 -8.94
N GLY D 284 9.12 -32.84 -9.68
CA GLY D 284 7.79 -32.42 -10.08
C GLY D 284 6.83 -33.57 -10.28
N TYR D 285 5.63 -33.24 -10.74
CA TYR D 285 4.61 -34.25 -10.97
C TYR D 285 4.86 -34.99 -12.29
N ALA D 286 5.34 -36.22 -12.18
CA ALA D 286 5.59 -37.03 -13.36
C ALA D 286 4.28 -37.50 -13.95
N ASP D 287 3.22 -37.43 -13.13
CA ASP D 287 1.89 -37.85 -13.55
C ASP D 287 0.99 -36.67 -13.94
N ARG D 288 1.61 -35.62 -14.47
CA ARG D 288 0.88 -34.44 -14.91
C ARG D 288 1.62 -33.75 -16.05
N VAL D 289 0.90 -32.89 -16.76
CA VAL D 289 1.45 -32.12 -17.87
C VAL D 289 0.54 -30.93 -18.12
N THR D 290 1.12 -29.80 -18.51
CA THR D 290 0.34 -28.61 -18.77
C THR D 290 0.51 -28.13 -20.20
N LEU D 291 -0.60 -27.97 -20.90
CA LEU D 291 -0.53 -27.50 -22.26
C LEU D 291 -0.91 -26.02 -22.30
N ARG D 292 -0.24 -25.27 -23.17
CA ARG D 292 -0.52 -23.85 -23.30
C ARG D 292 -0.71 -23.50 -24.77
N LEU D 293 -1.94 -23.14 -25.12
CA LEU D 293 -2.28 -22.79 -26.48
C LEU D 293 -2.49 -21.28 -26.62
N ASN D 294 -2.06 -20.74 -27.75
CA ASN D 294 -2.21 -19.31 -28.00
C ASN D 294 -3.51 -19.10 -28.73
N VAL D 295 -4.13 -17.94 -28.52
CA VAL D 295 -5.38 -17.63 -29.17
C VAL D 295 -5.39 -16.16 -29.50
N GLU D 296 -5.42 -15.84 -30.79
CA GLU D 296 -5.45 -14.45 -31.20
C GLU D 296 -6.88 -14.03 -31.37
N ASN D 297 -7.19 -12.79 -30.98
CA ASN D 297 -8.53 -12.24 -31.08
C ASN D 297 -9.59 -13.26 -30.67
N PRO D 298 -9.57 -13.70 -29.41
CA PRO D 298 -10.56 -14.67 -28.98
C PRO D 298 -11.94 -14.07 -28.82
N LYS D 299 -12.96 -14.91 -28.98
CA LYS D 299 -14.34 -14.50 -28.83
C LYS D 299 -14.62 -14.57 -27.33
N LEU D 300 -14.68 -13.41 -26.67
CA LEU D 300 -14.91 -13.42 -25.22
C LEU D 300 -16.31 -13.86 -24.78
N TRP D 301 -16.36 -14.48 -23.61
CA TRP D 301 -17.61 -14.98 -23.04
C TRP D 301 -18.20 -13.97 -22.06
N SER D 302 -19.52 -13.86 -22.06
CA SER D 302 -20.24 -12.98 -21.16
C SER D 302 -21.69 -13.44 -21.15
N ALA D 303 -22.48 -12.86 -20.26
CA ALA D 303 -23.90 -13.21 -20.18
C ALA D 303 -24.58 -12.55 -21.38
N GLU D 304 -23.92 -11.53 -21.93
CA GLU D 304 -24.43 -10.79 -23.09
C GLU D 304 -24.24 -11.63 -24.33
N ILE D 305 -23.05 -12.18 -24.49
CA ILE D 305 -22.74 -13.01 -25.64
C ILE D 305 -21.92 -14.18 -25.12
N PRO D 306 -22.58 -15.32 -24.86
CA PRO D 306 -21.93 -16.53 -24.36
C PRO D 306 -21.07 -17.28 -25.37
N ASN D 307 -20.07 -16.60 -25.93
CA ASN D 307 -19.18 -17.24 -26.89
C ASN D 307 -18.41 -18.38 -26.25
N LEU D 308 -18.57 -19.58 -26.78
CA LEU D 308 -17.87 -20.73 -26.23
C LEU D 308 -17.00 -21.44 -27.25
N TYR D 309 -16.01 -22.16 -26.72
CA TYR D 309 -15.09 -22.96 -27.52
C TYR D 309 -15.19 -24.35 -26.91
N ARG D 310 -14.61 -25.35 -27.56
CA ARG D 310 -14.66 -26.70 -27.03
C ARG D 310 -13.25 -27.16 -26.81
N ALA D 311 -12.95 -27.53 -25.57
CA ALA D 311 -11.62 -28.02 -25.25
C ALA D 311 -11.69 -29.52 -25.13
N VAL D 312 -10.86 -30.21 -25.90
CA VAL D 312 -10.87 -31.67 -25.88
C VAL D 312 -9.54 -32.21 -25.41
N VAL D 313 -9.58 -32.91 -24.28
CA VAL D 313 -8.40 -33.49 -23.68
C VAL D 313 -8.27 -34.96 -24.08
N GLU D 314 -7.22 -35.30 -24.83
CA GLU D 314 -7.01 -36.69 -25.28
C GLU D 314 -5.82 -37.40 -24.64
N LEU D 315 -6.07 -38.55 -24.03
CA LEU D 315 -4.99 -39.35 -23.42
C LEU D 315 -4.70 -40.42 -24.46
N HIS D 316 -3.50 -40.39 -25.03
CA HIS D 316 -3.16 -41.34 -26.08
C HIS D 316 -1.68 -41.75 -26.07
N THR D 317 -1.28 -42.52 -27.06
CA THR D 317 0.09 -42.96 -27.16
C THR D 317 0.79 -42.16 -28.24
N ALA D 318 2.11 -42.12 -28.19
CA ALA D 318 2.88 -41.38 -29.16
C ALA D 318 2.61 -41.83 -30.60
N ASP D 319 2.34 -43.12 -30.78
CA ASP D 319 2.05 -43.65 -32.10
C ASP D 319 0.65 -43.27 -32.61
N GLY D 320 -0.01 -42.38 -31.89
CA GLY D 320 -1.33 -41.91 -32.26
C GLY D 320 -2.58 -42.62 -31.75
N THR D 321 -2.43 -43.61 -30.86
CA THR D 321 -3.60 -44.32 -30.36
C THR D 321 -4.35 -43.65 -29.22
N LEU D 322 -5.63 -43.36 -29.42
CA LEU D 322 -6.42 -42.74 -28.37
C LEU D 322 -6.67 -43.75 -27.26
N ILE D 323 -6.51 -43.30 -26.03
CA ILE D 323 -6.75 -44.15 -24.87
C ILE D 323 -8.11 -43.77 -24.33
N GLU D 324 -8.34 -42.46 -24.30
CA GLU D 324 -9.59 -41.92 -23.80
C GLU D 324 -9.53 -40.41 -23.96
N ALA D 325 -10.69 -39.79 -24.04
CA ALA D 325 -10.75 -38.34 -24.20
C ALA D 325 -11.85 -37.74 -23.35
N GLU D 326 -11.55 -36.58 -22.78
CA GLU D 326 -12.48 -35.83 -21.95
C GLU D 326 -12.57 -34.43 -22.55
N ALA D 327 -13.64 -33.70 -22.24
CA ALA D 327 -13.79 -32.35 -22.78
C ALA D 327 -14.70 -31.47 -21.96
N CYS D 328 -14.75 -30.20 -22.35
CA CYS D 328 -15.59 -29.21 -21.68
C CYS D 328 -15.72 -27.99 -22.56
N ASP D 329 -16.77 -27.20 -22.29
CA ASP D 329 -16.95 -25.97 -23.04
C ASP D 329 -16.01 -24.98 -22.37
N VAL D 330 -15.40 -24.11 -23.17
CA VAL D 330 -14.50 -23.10 -22.62
C VAL D 330 -15.04 -21.73 -23.01
N GLY D 331 -15.04 -20.80 -22.05
CA GLY D 331 -15.50 -19.45 -22.32
C GLY D 331 -14.39 -18.49 -21.97
N PHE D 332 -13.81 -17.83 -22.96
CA PHE D 332 -12.73 -16.89 -22.68
C PHE D 332 -13.27 -15.64 -21.98
N ARG D 333 -13.01 -15.54 -20.69
CA ARG D 333 -13.47 -14.40 -19.91
C ARG D 333 -12.52 -14.22 -18.75
N GLU D 334 -12.32 -12.97 -18.34
CA GLU D 334 -11.44 -12.66 -17.22
C GLU D 334 -12.25 -11.97 -16.14
N VAL D 335 -12.21 -12.52 -14.94
CA VAL D 335 -12.93 -11.93 -13.82
C VAL D 335 -11.92 -11.43 -12.83
N ARG D 336 -11.98 -10.15 -12.49
CA ARG D 336 -11.03 -9.60 -11.52
C ARG D 336 -11.55 -8.33 -10.86
N ILE D 337 -11.26 -8.19 -9.57
CA ILE D 337 -11.68 -7.01 -8.84
C ILE D 337 -10.48 -6.07 -8.84
N GLU D 338 -10.62 -4.92 -9.50
CA GLU D 338 -9.53 -3.96 -9.57
C GLU D 338 -9.97 -2.54 -9.27
N ASN D 339 -9.26 -1.92 -8.34
CA ASN D 339 -9.55 -0.56 -7.94
C ASN D 339 -10.96 -0.41 -7.41
N GLY D 340 -11.37 -1.37 -6.57
CA GLY D 340 -12.70 -1.34 -5.97
C GLY D 340 -13.83 -1.84 -6.84
N LEU D 341 -13.54 -2.16 -8.09
CA LEU D 341 -14.57 -2.63 -9.01
C LEU D 341 -14.45 -4.06 -9.51
N LEU D 342 -15.58 -4.74 -9.62
CA LEU D 342 -15.63 -6.12 -10.14
C LEU D 342 -15.65 -6.03 -11.67
N LEU D 343 -14.57 -6.44 -12.31
CA LEU D 343 -14.48 -6.39 -13.77
C LEU D 343 -14.62 -7.72 -14.47
N LEU D 344 -15.43 -7.73 -15.53
CA LEU D 344 -15.62 -8.92 -16.34
C LEU D 344 -15.05 -8.47 -17.68
N ASN D 345 -13.92 -9.06 -18.04
CA ASN D 345 -13.24 -8.72 -19.29
C ASN D 345 -12.96 -7.24 -19.31
N GLY D 346 -12.43 -6.72 -18.21
CA GLY D 346 -12.09 -5.32 -18.14
C GLY D 346 -13.20 -4.31 -17.91
N LYS D 347 -14.45 -4.71 -18.09
CA LYS D 347 -15.55 -3.77 -17.85
C LYS D 347 -16.24 -4.07 -16.53
N PRO D 348 -16.69 -3.01 -15.82
CA PRO D 348 -17.38 -3.13 -14.53
C PRO D 348 -18.83 -3.61 -14.67
N LEU D 349 -19.12 -4.75 -14.05
CA LEU D 349 -20.44 -5.38 -14.10
C LEU D 349 -21.50 -4.71 -13.24
N LEU D 350 -22.76 -5.02 -13.59
CA LEU D 350 -23.91 -4.54 -12.85
C LEU D 350 -24.76 -5.80 -12.79
N ILE D 351 -24.60 -6.54 -11.69
CA ILE D 351 -25.31 -7.80 -11.48
C ILE D 351 -26.81 -7.69 -11.32
N ARG D 352 -27.55 -8.09 -12.35
CA ARG D 352 -29.00 -8.09 -12.29
C ARG D 352 -29.27 -9.56 -11.99
N GLY D 353 -29.11 -9.94 -10.72
CA GLY D 353 -29.30 -11.33 -10.35
C GLY D 353 -30.44 -11.67 -9.43
N VAL D 354 -30.57 -12.97 -9.18
CA VAL D 354 -31.59 -13.54 -8.33
C VAL D 354 -31.10 -14.85 -7.71
N ASN D 355 -31.58 -15.15 -6.50
CA ASN D 355 -31.23 -16.39 -5.80
C ASN D 355 -32.19 -17.44 -6.30
N ARG D 356 -31.70 -18.67 -6.51
CA ARG D 356 -32.57 -19.72 -7.02
C ARG D 356 -32.38 -21.10 -6.39
N HIS D 357 -33.37 -21.51 -5.60
CA HIS D 357 -33.37 -22.82 -4.95
C HIS D 357 -33.82 -23.85 -5.99
N GLU D 358 -33.32 -25.07 -5.89
CA GLU D 358 -33.73 -26.12 -6.80
C GLU D 358 -35.01 -26.66 -6.20
N HIS D 359 -36.14 -26.20 -6.72
CA HIS D 359 -37.45 -26.59 -6.21
C HIS D 359 -38.48 -26.91 -7.28
N HIS D 360 -39.20 -28.01 -7.11
CA HIS D 360 -40.25 -28.43 -8.05
C HIS D 360 -41.51 -28.70 -7.23
N PRO D 361 -42.63 -28.09 -7.63
CA PRO D 361 -43.91 -28.26 -6.91
C PRO D 361 -44.43 -29.68 -6.81
N LEU D 362 -43.92 -30.57 -7.65
CA LEU D 362 -44.35 -31.95 -7.65
C LEU D 362 -43.21 -32.94 -7.40
N HIS D 363 -42.02 -32.57 -7.85
CA HIS D 363 -40.87 -33.44 -7.69
C HIS D 363 -39.97 -33.15 -6.51
N GLY D 364 -40.39 -32.23 -5.65
CA GLY D 364 -39.59 -31.89 -4.48
C GLY D 364 -38.35 -31.10 -4.84
N GLN D 365 -37.19 -31.65 -4.53
CA GLN D 365 -35.95 -30.96 -4.85
C GLN D 365 -35.19 -31.72 -5.92
N VAL D 366 -35.93 -32.36 -6.83
CA VAL D 366 -35.30 -33.11 -7.91
C VAL D 366 -35.37 -32.29 -9.19
N MET D 367 -34.21 -31.95 -9.74
CA MET D 367 -34.18 -31.15 -10.95
C MET D 367 -34.17 -31.94 -12.25
N ASP D 368 -34.65 -31.30 -13.31
CA ASP D 368 -34.71 -31.90 -14.63
C ASP D 368 -34.40 -30.80 -15.62
N GLU D 369 -33.85 -31.17 -16.77
CA GLU D 369 -33.48 -30.20 -17.78
C GLU D 369 -34.58 -29.22 -18.12
N GLN D 370 -35.78 -29.73 -18.35
CA GLN D 370 -36.89 -28.89 -18.72
C GLN D 370 -37.19 -27.76 -17.74
N THR D 371 -37.27 -28.08 -16.45
CA THR D 371 -37.56 -27.06 -15.44
C THR D 371 -36.44 -26.03 -15.45
N MET D 372 -35.20 -26.50 -15.59
CA MET D 372 -34.05 -25.62 -15.62
C MET D 372 -34.12 -24.63 -16.78
N VAL D 373 -34.19 -25.16 -18.00
CA VAL D 373 -34.27 -24.31 -19.19
C VAL D 373 -35.39 -23.28 -19.09
N GLN D 374 -36.52 -23.73 -18.55
CA GLN D 374 -37.66 -22.87 -18.37
C GLN D 374 -37.24 -21.68 -17.52
N ASP D 375 -36.79 -21.94 -16.30
CA ASP D 375 -36.36 -20.87 -15.40
C ASP D 375 -35.37 -19.95 -16.11
N ILE D 376 -34.36 -20.53 -16.74
CA ILE D 376 -33.36 -19.73 -17.43
C ILE D 376 -33.95 -18.78 -18.46
N LEU D 377 -34.92 -19.25 -19.24
CA LEU D 377 -35.55 -18.40 -20.24
C LEU D 377 -36.31 -17.27 -19.55
N LEU D 378 -37.11 -17.61 -18.55
CA LEU D 378 -37.86 -16.60 -17.82
C LEU D 378 -36.92 -15.52 -17.26
N MET D 379 -35.84 -15.96 -16.62
CA MET D 379 -34.87 -15.03 -16.07
C MET D 379 -34.35 -14.06 -17.12
N LYS D 380 -33.78 -14.60 -18.20
CA LYS D 380 -33.23 -13.76 -19.25
C LYS D 380 -34.31 -12.89 -19.88
N GLN D 381 -35.52 -13.42 -19.98
CA GLN D 381 -36.63 -12.67 -20.57
C GLN D 381 -37.03 -11.47 -19.70
N ASN D 382 -36.73 -11.58 -18.41
CA ASN D 382 -37.02 -10.52 -17.47
C ASN D 382 -35.76 -9.74 -17.07
N ASN D 383 -34.83 -9.69 -18.01
CA ASN D 383 -33.57 -8.98 -17.87
C ASN D 383 -32.68 -9.34 -16.67
N PHE D 384 -32.52 -10.64 -16.41
CA PHE D 384 -31.65 -11.08 -15.33
C PHE D 384 -30.39 -11.57 -16.04
N ASN D 385 -29.23 -11.42 -15.40
CA ASN D 385 -28.00 -11.89 -16.02
C ASN D 385 -27.13 -12.69 -15.05
N ALA D 386 -27.61 -12.88 -13.83
CA ALA D 386 -26.83 -13.63 -12.86
C ALA D 386 -27.74 -14.38 -11.91
N VAL D 387 -27.19 -15.44 -11.30
CA VAL D 387 -27.94 -16.27 -10.36
C VAL D 387 -27.03 -16.75 -9.26
N ARG D 388 -27.57 -16.92 -8.06
CA ARG D 388 -26.76 -17.38 -6.94
C ARG D 388 -27.31 -18.73 -6.53
N CYS D 389 -26.44 -19.74 -6.48
CA CYS D 389 -26.86 -21.10 -6.09
C CYS D 389 -27.12 -21.22 -4.60
N SER D 390 -28.11 -20.48 -4.14
CA SER D 390 -28.49 -20.48 -2.73
C SER D 390 -29.09 -21.84 -2.43
N HIS D 391 -28.49 -22.63 -1.53
CA HIS D 391 -27.28 -22.31 -0.81
C HIS D 391 -26.46 -23.58 -0.83
N TYR D 392 -26.13 -24.05 -2.03
CA TYR D 392 -25.40 -25.30 -2.20
C TYR D 392 -25.10 -25.53 -3.66
N PRO D 393 -24.11 -26.38 -3.96
CA PRO D 393 -23.79 -26.63 -5.37
C PRO D 393 -25.03 -27.17 -6.06
N ASN D 394 -25.31 -26.66 -7.25
CA ASN D 394 -26.47 -27.09 -8.03
C ASN D 394 -26.22 -28.34 -8.85
N HIS D 395 -27.30 -28.91 -9.37
CA HIS D 395 -27.24 -30.09 -10.22
C HIS D 395 -26.27 -29.75 -11.38
N PRO D 396 -25.38 -30.68 -11.73
CA PRO D 396 -24.39 -30.49 -12.80
C PRO D 396 -24.86 -29.88 -14.12
N LEU D 397 -26.07 -30.23 -14.54
CA LEU D 397 -26.59 -29.70 -15.80
C LEU D 397 -26.77 -28.17 -15.78
N TRP D 398 -27.19 -27.66 -14.64
CA TRP D 398 -27.41 -26.23 -14.48
C TRP D 398 -26.23 -25.38 -14.94
N TYR D 399 -25.03 -25.70 -14.49
CA TYR D 399 -23.86 -24.92 -14.89
C TYR D 399 -23.68 -24.96 -16.40
N THR D 400 -23.94 -26.11 -17.00
CA THR D 400 -23.79 -26.27 -18.43
C THR D 400 -24.74 -25.34 -19.16
N LEU D 401 -25.96 -25.23 -18.66
CA LEU D 401 -26.95 -24.36 -19.27
C LEU D 401 -26.56 -22.89 -19.14
N CYS D 402 -26.21 -22.47 -17.92
CA CYS D 402 -25.81 -21.08 -17.67
C CYS D 402 -24.60 -20.70 -18.53
N ASP D 403 -23.80 -21.69 -18.86
CA ASP D 403 -22.62 -21.53 -19.70
C ASP D 403 -23.05 -21.13 -21.10
N ARG D 404 -23.96 -21.93 -21.64
CA ARG D 404 -24.46 -21.75 -22.99
C ARG D 404 -25.50 -20.65 -23.19
N TYR D 405 -26.41 -20.50 -22.25
CA TYR D 405 -27.45 -19.46 -22.37
C TYR D 405 -26.96 -18.09 -21.97
N GLY D 406 -25.92 -18.05 -21.13
CA GLY D 406 -25.39 -16.78 -20.70
C GLY D 406 -25.93 -16.25 -19.38
N LEU D 407 -25.28 -16.65 -18.28
CA LEU D 407 -25.65 -16.22 -16.94
C LEU D 407 -24.45 -16.26 -15.99
N TYR D 408 -24.24 -15.17 -15.23
CA TYR D 408 -23.14 -15.11 -14.27
C TYR D 408 -23.60 -15.90 -13.07
N VAL D 409 -22.78 -16.85 -12.64
CA VAL D 409 -23.14 -17.72 -11.53
C VAL D 409 -22.27 -17.58 -10.30
N VAL D 410 -22.91 -17.64 -9.13
CA VAL D 410 -22.21 -17.61 -7.85
C VAL D 410 -22.35 -19.06 -7.35
N ASP D 411 -21.25 -19.81 -7.38
CA ASP D 411 -21.27 -21.19 -6.94
C ASP D 411 -21.01 -21.18 -5.46
N GLU D 412 -21.99 -21.67 -4.69
CA GLU D 412 -21.92 -21.67 -3.24
C GLU D 412 -21.87 -23.02 -2.55
N ALA D 413 -20.84 -23.20 -1.71
CA ALA D 413 -20.64 -24.44 -0.95
C ALA D 413 -21.86 -24.75 -0.06
N ASN D 414 -22.07 -26.03 0.20
CA ASN D 414 -23.21 -26.47 0.99
C ASN D 414 -22.93 -26.36 2.50
N ILE D 415 -22.98 -25.13 3.03
CA ILE D 415 -22.71 -24.92 4.44
C ILE D 415 -23.54 -23.81 5.10
N GLU D 416 -24.60 -24.18 5.84
CA GLU D 416 -25.40 -23.20 6.58
C GLU D 416 -25.70 -23.78 7.94
N THR D 417 -25.40 -22.99 8.97
CA THR D 417 -25.62 -23.40 10.35
C THR D 417 -26.30 -22.29 11.13
N GLU D 418 -27.15 -21.52 10.44
CA GLU D 418 -27.87 -20.40 11.06
C GLU D 418 -28.57 -20.78 12.35
N GLY D 419 -28.81 -22.07 12.55
CA GLY D 419 -29.49 -22.51 13.76
C GLY D 419 -28.64 -22.55 15.01
N MET D 420 -27.33 -22.62 14.85
CA MET D 420 -26.44 -22.66 15.99
C MET D 420 -26.48 -21.34 16.76
N VAL D 421 -25.92 -21.35 17.97
CA VAL D 421 -25.86 -20.14 18.79
C VAL D 421 -24.58 -20.08 19.61
N PRO D 422 -23.70 -19.11 19.30
CA PRO D 422 -23.85 -18.09 18.26
C PRO D 422 -23.74 -18.75 16.88
N MET D 423 -24.14 -18.02 15.85
CA MET D 423 -24.13 -18.58 14.51
C MET D 423 -22.83 -19.22 14.04
N ASN D 424 -21.70 -18.87 14.63
CA ASN D 424 -20.47 -19.47 14.17
C ASN D 424 -19.92 -20.51 15.12
N ARG D 425 -20.76 -21.07 15.96
CA ARG D 425 -20.27 -22.07 16.91
C ARG D 425 -19.56 -23.25 16.24
N LEU D 426 -19.99 -23.63 15.04
CA LEU D 426 -19.33 -24.74 14.37
C LEU D 426 -18.23 -24.25 13.47
N THR D 427 -18.54 -23.26 12.63
CA THR D 427 -17.55 -22.72 11.69
C THR D 427 -16.27 -22.15 12.31
N ASP D 428 -16.26 -21.93 13.62
CA ASP D 428 -15.08 -21.40 14.26
C ASP D 428 -14.40 -22.49 15.08
N ASP D 429 -15.03 -23.65 15.11
CA ASP D 429 -14.49 -24.78 15.84
C ASP D 429 -13.62 -25.62 14.92
N PRO D 430 -12.31 -25.70 15.22
CA PRO D 430 -11.39 -26.47 14.39
C PRO D 430 -11.81 -27.93 14.21
N ARG D 431 -12.62 -28.44 15.13
CA ARG D 431 -13.07 -29.83 15.04
C ARG D 431 -13.97 -30.03 13.81
N TRP D 432 -14.57 -28.95 13.34
CA TRP D 432 -15.44 -29.00 12.17
C TRP D 432 -14.78 -28.50 10.88
N LEU D 433 -13.49 -28.16 10.95
CA LEU D 433 -12.77 -27.70 9.78
C LEU D 433 -12.78 -28.75 8.68
N PRO D 434 -12.65 -30.04 9.06
CA PRO D 434 -12.65 -31.12 8.07
C PRO D 434 -13.94 -31.22 7.27
N ALA D 435 -15.06 -31.36 7.98
CA ALA D 435 -16.35 -31.47 7.30
C ALA D 435 -16.57 -30.29 6.35
N MET D 436 -16.35 -29.07 6.84
CA MET D 436 -16.51 -27.87 6.01
C MET D 436 -15.58 -27.93 4.80
N SER D 437 -14.29 -28.14 5.08
CA SER D 437 -13.27 -28.23 4.05
C SER D 437 -13.78 -28.98 2.80
N GLU D 438 -14.32 -30.18 2.99
CA GLU D 438 -14.79 -31.00 1.89
C GLU D 438 -15.96 -30.45 1.11
N ARG D 439 -16.77 -29.61 1.75
CA ARG D 439 -17.92 -29.03 1.07
C ARG D 439 -17.51 -27.83 0.21
N VAL D 440 -16.31 -27.32 0.47
CA VAL D 440 -15.77 -26.21 -0.29
C VAL D 440 -14.87 -26.75 -1.39
N THR D 441 -13.87 -27.52 -1.00
CA THR D 441 -12.92 -28.07 -1.95
C THR D 441 -13.55 -28.94 -3.04
N ARG D 442 -14.48 -29.80 -2.68
CA ARG D 442 -15.10 -30.69 -3.67
C ARG D 442 -15.98 -29.94 -4.65
N MET D 443 -16.49 -28.78 -4.23
CA MET D 443 -17.31 -27.96 -5.13
C MET D 443 -16.37 -27.35 -6.16
N VAL D 444 -15.26 -26.80 -5.67
CA VAL D 444 -14.28 -26.18 -6.55
C VAL D 444 -13.71 -27.18 -7.54
N GLN D 445 -13.28 -28.34 -7.06
CA GLN D 445 -12.73 -29.33 -7.96
C GLN D 445 -13.73 -29.79 -9.00
N ARG D 446 -15.02 -29.70 -8.69
CA ARG D 446 -16.03 -30.13 -9.64
C ARG D 446 -16.39 -29.09 -10.69
N ASP D 447 -16.73 -27.87 -10.24
CA ASP D 447 -17.18 -26.80 -11.13
C ASP D 447 -16.17 -25.77 -11.62
N ARG D 448 -14.94 -25.83 -11.12
CA ARG D 448 -13.92 -24.85 -11.50
C ARG D 448 -13.70 -24.60 -13.00
N ASN D 449 -14.16 -25.50 -13.86
CA ASN D 449 -13.95 -25.31 -15.29
C ASN D 449 -15.08 -24.56 -16.02
N HIS D 450 -16.23 -24.39 -15.37
CA HIS D 450 -17.37 -23.68 -15.97
C HIS D 450 -17.13 -22.18 -16.05
N PRO D 451 -17.23 -21.60 -17.26
CA PRO D 451 -17.02 -20.15 -17.39
C PRO D 451 -18.15 -19.32 -16.74
N SER D 452 -19.37 -19.87 -16.69
CA SER D 452 -20.48 -19.16 -16.08
C SER D 452 -20.26 -18.91 -14.58
N VAL D 453 -19.42 -19.74 -13.96
CA VAL D 453 -19.12 -19.55 -12.56
C VAL D 453 -18.09 -18.41 -12.50
N ILE D 454 -18.51 -17.27 -11.94
CA ILE D 454 -17.60 -16.13 -11.84
C ILE D 454 -17.17 -15.81 -10.41
N ILE D 455 -17.92 -16.32 -9.44
CA ILE D 455 -17.60 -16.06 -8.03
C ILE D 455 -17.81 -17.30 -7.18
N TRP D 456 -16.97 -17.51 -6.17
CA TRP D 456 -17.13 -18.66 -5.27
C TRP D 456 -17.66 -18.16 -3.93
N SER D 457 -18.68 -18.82 -3.38
CA SER D 457 -19.23 -18.44 -2.08
C SER D 457 -18.96 -19.57 -1.08
N LEU D 458 -18.58 -19.19 0.15
CA LEU D 458 -18.26 -20.16 1.20
C LEU D 458 -19.49 -20.71 1.95
N GLY D 459 -20.69 -20.42 1.46
CA GLY D 459 -21.87 -20.94 2.14
C GLY D 459 -22.84 -19.85 2.51
N ASN D 460 -23.69 -20.12 3.50
CA ASN D 460 -24.68 -19.13 3.92
C ASN D 460 -24.95 -19.14 5.44
N GLU D 461 -25.38 -18.00 5.97
CA GLU D 461 -25.71 -17.85 7.37
C GLU D 461 -25.01 -18.84 8.32
N SER D 462 -23.73 -18.57 8.59
CA SER D 462 -22.93 -19.40 9.47
C SER D 462 -21.92 -18.54 10.23
N GLY D 463 -22.32 -17.33 10.62
CA GLY D 463 -21.43 -16.42 11.33
C GLY D 463 -20.08 -16.33 10.64
N HIS D 464 -19.04 -15.97 11.39
CA HIS D 464 -17.72 -15.91 10.79
C HIS D 464 -16.68 -16.56 11.68
N GLY D 465 -16.35 -17.82 11.39
CA GLY D 465 -15.35 -18.53 12.17
C GLY D 465 -14.03 -18.60 11.44
N ALA D 466 -12.99 -19.07 12.14
CA ALA D 466 -11.67 -19.21 11.55
C ALA D 466 -11.73 -20.13 10.32
N ASN D 467 -12.53 -21.19 10.40
CA ASN D 467 -12.65 -22.12 9.29
C ASN D 467 -12.94 -21.39 7.98
N HIS D 468 -13.79 -20.36 8.05
CA HIS D 468 -14.14 -19.58 6.87
C HIS D 468 -12.90 -18.92 6.29
N ASP D 469 -12.07 -18.35 7.15
CA ASP D 469 -10.85 -17.71 6.70
C ASP D 469 -9.90 -18.71 6.09
N ALA D 470 -9.78 -19.88 6.70
CA ALA D 470 -8.88 -20.91 6.19
C ALA D 470 -9.29 -21.34 4.80
N LEU D 471 -10.57 -21.64 4.63
CA LEU D 471 -11.10 -22.07 3.35
C LEU D 471 -11.10 -20.94 2.32
N TYR D 472 -11.24 -19.71 2.80
CA TYR D 472 -11.22 -18.58 1.91
C TYR D 472 -9.85 -18.58 1.21
N ARG D 473 -8.79 -18.60 2.02
CA ARG D 473 -7.42 -18.57 1.52
C ARG D 473 -7.12 -19.76 0.61
N TRP D 474 -7.74 -20.90 0.89
CA TRP D 474 -7.50 -22.09 0.08
C TRP D 474 -7.92 -21.85 -1.36
N ILE D 475 -9.17 -21.42 -1.53
CA ILE D 475 -9.70 -21.13 -2.86
C ILE D 475 -8.83 -20.10 -3.57
N LYS D 476 -8.42 -19.07 -2.86
CA LYS D 476 -7.56 -18.05 -3.45
C LYS D 476 -6.25 -18.66 -3.98
N SER D 477 -5.72 -19.66 -3.28
CA SER D 477 -4.47 -20.32 -3.69
C SER D 477 -4.71 -21.25 -4.84
N VAL D 478 -5.76 -22.05 -4.73
CA VAL D 478 -6.11 -23.01 -5.75
C VAL D 478 -6.64 -22.40 -7.04
N ASP D 479 -7.46 -21.35 -6.94
CA ASP D 479 -8.03 -20.74 -8.12
C ASP D 479 -8.10 -19.25 -8.04
N PRO D 480 -7.07 -18.57 -8.55
CA PRO D 480 -6.93 -17.12 -8.57
C PRO D 480 -7.89 -16.44 -9.55
N SER D 481 -8.43 -17.21 -10.48
CA SER D 481 -9.34 -16.67 -11.49
C SER D 481 -10.65 -16.10 -10.99
N ARG D 482 -11.11 -16.56 -9.83
CA ARG D 482 -12.39 -16.09 -9.30
C ARG D 482 -12.35 -15.49 -7.91
N PRO D 483 -13.13 -14.43 -7.68
CA PRO D 483 -13.21 -13.76 -6.36
C PRO D 483 -14.02 -14.65 -5.43
N VAL D 484 -13.75 -14.58 -4.13
CA VAL D 484 -14.49 -15.37 -3.15
C VAL D 484 -15.33 -14.40 -2.32
N GLN D 485 -16.53 -14.83 -1.92
CA GLN D 485 -17.37 -13.97 -1.12
C GLN D 485 -18.12 -14.76 -0.05
N TYR D 486 -18.52 -14.06 1.01
CA TYR D 486 -19.25 -14.66 2.10
C TYR D 486 -19.87 -13.54 2.93
N GLU D 487 -21.17 -13.62 3.16
CA GLU D 487 -21.90 -12.61 3.91
C GLU D 487 -21.90 -12.82 5.43
N GLY D 488 -21.54 -14.03 5.87
CA GLY D 488 -21.51 -14.31 7.29
C GLY D 488 -20.63 -13.36 8.09
N GLY D 489 -20.99 -13.15 9.35
CA GLY D 489 -20.22 -12.27 10.19
C GLY D 489 -20.28 -10.78 9.91
N GLY D 490 -21.22 -10.31 9.10
CA GLY D 490 -21.28 -8.88 8.85
C GLY D 490 -21.08 -8.43 7.42
N ALA D 491 -21.01 -9.39 6.50
CA ALA D 491 -20.85 -9.10 5.07
C ALA D 491 -19.55 -8.43 4.59
N ASP D 492 -18.69 -7.98 5.50
CA ASP D 492 -17.46 -7.36 5.06
C ASP D 492 -16.23 -7.93 5.74
N THR D 493 -16.36 -9.14 6.26
CA THR D 493 -15.27 -9.82 6.97
C THR D 493 -14.04 -10.07 6.10
N THR D 494 -12.99 -10.60 6.73
CA THR D 494 -11.74 -10.89 6.04
C THR D 494 -11.87 -12.14 5.19
N ALA D 495 -13.08 -12.70 5.17
CA ALA D 495 -13.34 -13.89 4.40
C ALA D 495 -14.09 -13.59 3.12
N THR D 496 -14.12 -12.33 2.69
CA THR D 496 -14.85 -11.99 1.48
C THR D 496 -14.18 -10.86 0.67
N ASP D 497 -14.13 -11.03 -0.65
CA ASP D 497 -13.54 -10.05 -1.56
C ASP D 497 -14.58 -9.00 -1.98
N ILE D 498 -15.83 -9.28 -1.65
CA ILE D 498 -16.93 -8.39 -2.00
C ILE D 498 -17.79 -8.09 -0.79
N ILE D 499 -18.23 -6.84 -0.65
CA ILE D 499 -19.10 -6.50 0.46
C ILE D 499 -20.43 -7.02 -0.06
N CYS D 500 -20.89 -8.12 0.51
CA CYS D 500 -22.11 -8.77 0.07
C CYS D 500 -23.18 -8.89 1.13
N PRO D 501 -23.73 -7.75 1.56
CA PRO D 501 -24.76 -7.87 2.60
C PRO D 501 -26.00 -8.49 2.05
N MET D 502 -26.97 -8.74 2.93
CA MET D 502 -28.28 -9.28 2.54
C MET D 502 -29.36 -8.46 3.24
N TYR D 503 -30.13 -7.73 2.42
CA TYR D 503 -31.24 -6.91 2.90
C TYR D 503 -30.83 -5.59 3.52
N ALA D 504 -29.60 -5.16 3.23
CA ALA D 504 -29.12 -3.88 3.72
C ALA D 504 -29.87 -2.86 2.87
N ARG D 505 -30.52 -1.88 3.51
CA ARG D 505 -31.28 -0.87 2.77
C ARG D 505 -30.46 0.19 2.02
N VAL D 506 -31.11 0.92 1.12
CA VAL D 506 -30.43 1.93 0.31
C VAL D 506 -29.93 3.16 1.04
N ASP D 507 -30.79 3.80 1.85
CA ASP D 507 -30.37 4.99 2.58
C ASP D 507 -30.43 4.84 4.10
N GLU D 508 -31.22 3.90 4.56
CA GLU D 508 -31.38 3.69 5.99
C GLU D 508 -30.44 2.66 6.60
N ASP D 509 -29.81 3.05 7.71
CA ASP D 509 -28.90 2.16 8.43
C ASP D 509 -29.70 1.31 9.40
N GLN D 510 -29.20 0.11 9.69
CA GLN D 510 -29.83 -0.79 10.63
C GLN D 510 -28.66 -1.20 11.51
N PRO D 511 -28.23 -0.30 12.41
CA PRO D 511 -27.12 -0.46 13.36
C PRO D 511 -27.17 -1.59 14.38
N PHE D 512 -27.39 -2.82 13.89
CA PHE D 512 -27.42 -3.98 14.76
C PHE D 512 -26.04 -4.14 15.39
N PRO D 513 -25.98 -4.62 16.63
CA PRO D 513 -24.67 -4.80 17.25
C PRO D 513 -23.90 -5.94 16.58
N ALA D 514 -22.59 -5.76 16.45
CA ALA D 514 -21.69 -6.76 15.85
C ALA D 514 -21.82 -6.90 14.34
N VAL D 515 -23.04 -7.08 13.88
CA VAL D 515 -23.27 -7.25 12.46
C VAL D 515 -24.32 -6.30 11.90
N PRO D 516 -24.03 -4.99 11.91
CA PRO D 516 -24.98 -4.01 11.39
C PRO D 516 -25.13 -4.09 9.89
N LYS D 517 -26.21 -3.51 9.39
CA LYS D 517 -26.47 -3.46 7.97
C LYS D 517 -26.51 -1.99 7.62
N TRP D 518 -25.39 -1.46 7.16
CA TRP D 518 -25.33 -0.06 6.80
C TRP D 518 -26.05 0.22 5.50
N SER D 519 -26.45 1.47 5.28
CA SER D 519 -27.07 1.87 4.02
C SER D 519 -26.01 1.46 3.00
N ILE D 520 -26.38 0.75 1.95
CA ILE D 520 -25.36 0.33 0.98
C ILE D 520 -24.48 1.49 0.47
N LYS D 521 -25.05 2.69 0.38
CA LYS D 521 -24.30 3.85 -0.08
C LYS D 521 -23.28 4.32 0.97
N LYS D 522 -23.66 4.24 2.24
CA LYS D 522 -22.78 4.64 3.32
C LYS D 522 -21.68 3.61 3.51
N TRP D 523 -22.03 2.35 3.27
CA TRP D 523 -21.10 1.24 3.46
C TRP D 523 -19.83 1.37 2.62
N LEU D 524 -19.98 1.67 1.33
CA LEU D 524 -18.84 1.79 0.44
C LEU D 524 -17.76 2.76 0.90
N SER D 525 -18.17 3.86 1.52
CA SER D 525 -17.22 4.88 1.96
C SER D 525 -16.76 4.79 3.42
N LEU D 526 -17.11 3.72 4.13
CA LEU D 526 -16.68 3.58 5.53
C LEU D 526 -15.16 3.65 5.54
N PRO D 527 -14.59 4.36 6.54
CA PRO D 527 -13.12 4.49 6.63
C PRO D 527 -12.37 3.21 6.34
N GLY D 528 -11.46 3.29 5.37
CA GLY D 528 -10.64 2.15 5.00
C GLY D 528 -11.24 1.22 3.97
N GLU D 529 -12.57 1.12 3.95
CA GLU D 529 -13.24 0.23 2.99
C GLU D 529 -12.97 0.62 1.54
N THR D 530 -12.80 -0.38 0.68
CA THR D 530 -12.51 -0.13 -0.73
C THR D 530 -13.10 -1.15 -1.71
N ARG D 531 -13.66 -2.22 -1.18
CA ARG D 531 -14.25 -3.29 -1.97
C ARG D 531 -15.50 -2.90 -2.72
N PRO D 532 -15.92 -3.74 -3.69
CA PRO D 532 -17.14 -3.47 -4.45
C PRO D 532 -18.29 -4.05 -3.63
N LEU D 533 -19.49 -3.47 -3.72
CA LEU D 533 -20.61 -3.97 -2.94
C LEU D 533 -21.74 -4.53 -3.81
N ILE D 534 -22.04 -5.82 -3.63
CA ILE D 534 -23.10 -6.50 -4.37
C ILE D 534 -23.91 -7.32 -3.35
N LEU D 535 -25.16 -6.94 -3.12
CA LEU D 535 -26.00 -7.67 -2.16
C LEU D 535 -26.21 -9.10 -2.60
N CYS D 536 -25.97 -10.05 -1.69
CA CYS D 536 -26.17 -11.46 -2.03
C CYS D 536 -27.65 -11.82 -1.95
N GLU D 537 -28.43 -10.93 -1.33
CA GLU D 537 -29.88 -11.11 -1.19
C GLU D 537 -30.46 -9.74 -0.86
N TYR D 538 -31.50 -9.35 -1.61
CA TYR D 538 -32.17 -8.09 -1.36
C TYR D 538 -33.53 -8.14 -2.04
N ALA D 539 -34.43 -7.27 -1.61
CA ALA D 539 -35.78 -7.20 -2.17
C ALA D 539 -36.52 -8.50 -1.95
N HIS D 540 -36.74 -8.85 -0.69
CA HIS D 540 -37.45 -10.08 -0.34
C HIS D 540 -38.79 -10.04 -1.06
N ALA D 541 -38.94 -10.88 -2.07
CA ALA D 541 -40.16 -10.93 -2.87
C ALA D 541 -41.25 -11.84 -2.31
N MET D 542 -41.50 -11.75 -1.02
CA MET D 542 -42.52 -12.59 -0.38
C MET D 542 -43.92 -12.02 -0.52
N GLY D 543 -44.72 -12.67 -1.35
CA GLY D 543 -46.10 -12.23 -1.57
C GLY D 543 -46.19 -10.95 -2.37
N ASN D 544 -46.99 -10.01 -1.87
CA ASN D 544 -47.16 -8.72 -2.52
C ASN D 544 -46.01 -7.88 -1.98
N SER D 545 -44.85 -8.03 -2.60
CA SER D 545 -43.67 -7.31 -2.18
C SER D 545 -42.96 -6.57 -3.31
N LEU D 546 -41.64 -6.39 -3.14
CA LEU D 546 -40.77 -5.71 -4.08
C LEU D 546 -41.03 -4.21 -4.15
N GLY D 547 -41.59 -3.65 -3.09
CA GLY D 547 -41.83 -2.23 -3.06
C GLY D 547 -40.54 -1.55 -2.70
N GLY D 548 -40.20 -0.48 -3.41
CA GLY D 548 -38.96 0.24 -3.12
C GLY D 548 -37.82 -0.34 -3.93
N PHE D 549 -38.16 -1.26 -4.84
CA PHE D 549 -37.20 -1.94 -5.69
C PHE D 549 -36.51 -0.94 -6.60
N ALA D 550 -37.27 0.02 -7.11
CA ALA D 550 -36.73 1.04 -8.00
C ALA D 550 -35.63 1.86 -7.33
N LYS D 551 -35.73 2.02 -6.00
CA LYS D 551 -34.74 2.80 -5.27
C LYS D 551 -33.36 2.13 -5.32
N TYR D 552 -33.35 0.80 -5.26
CA TYR D 552 -32.10 0.06 -5.29
C TYR D 552 -31.38 0.28 -6.59
N TRP D 553 -32.12 0.18 -7.68
CA TRP D 553 -31.54 0.36 -9.00
C TRP D 553 -31.09 1.78 -9.27
N GLN D 554 -31.85 2.75 -8.77
CA GLN D 554 -31.52 4.14 -8.93
C GLN D 554 -30.10 4.28 -8.38
N ALA D 555 -29.89 3.69 -7.21
CA ALA D 555 -28.60 3.72 -6.53
C ALA D 555 -27.51 2.91 -7.22
N PHE D 556 -27.88 1.75 -7.77
CA PHE D 556 -26.90 0.91 -8.47
C PHE D 556 -26.28 1.62 -9.65
N ARG D 557 -27.13 2.34 -10.38
CA ARG D 557 -26.69 3.08 -11.55
C ARG D 557 -25.88 4.32 -11.21
N GLN D 558 -26.19 4.99 -10.11
CA GLN D 558 -25.45 6.19 -9.74
C GLN D 558 -24.09 5.92 -9.12
N TYR D 559 -23.97 4.86 -8.33
CA TYR D 559 -22.71 4.52 -7.66
C TYR D 559 -21.88 3.45 -8.35
N PRO D 560 -20.70 3.85 -8.89
CA PRO D 560 -19.80 2.92 -9.58
C PRO D 560 -19.56 1.62 -8.80
N ARG D 561 -19.28 1.73 -7.52
CA ARG D 561 -19.02 0.54 -6.71
C ARG D 561 -20.25 -0.19 -6.16
N LEU D 562 -21.45 0.31 -6.48
CA LEU D 562 -22.68 -0.37 -6.09
C LEU D 562 -22.98 -1.15 -7.35
N GLN D 563 -22.47 -2.38 -7.42
CA GLN D 563 -22.60 -3.19 -8.62
C GLN D 563 -23.75 -4.17 -8.74
N GLY D 564 -24.83 -3.93 -7.99
CA GLY D 564 -25.99 -4.80 -8.07
C GLY D 564 -26.27 -5.72 -6.91
N GLY D 565 -26.99 -6.80 -7.20
CA GLY D 565 -27.32 -7.77 -6.17
C GLY D 565 -28.11 -8.95 -6.69
N PHE D 566 -28.59 -9.77 -5.77
CA PHE D 566 -29.38 -10.94 -6.13
C PHE D 566 -30.70 -10.91 -5.38
N VAL D 567 -31.79 -10.76 -6.12
CA VAL D 567 -33.11 -10.72 -5.51
C VAL D 567 -33.43 -12.03 -4.79
N TRP D 568 -34.22 -11.95 -3.73
CA TRP D 568 -34.60 -13.16 -3.03
C TRP D 568 -36.09 -13.30 -3.00
N ASP D 569 -36.60 -14.27 -3.76
CA ASP D 569 -35.77 -15.14 -4.59
C ASP D 569 -36.57 -15.54 -5.84
N TRP D 570 -36.11 -16.55 -6.59
CA TRP D 570 -36.79 -16.94 -7.82
C TRP D 570 -38.20 -17.54 -7.77
N VAL D 571 -38.32 -18.75 -7.23
CA VAL D 571 -39.61 -19.42 -7.18
C VAL D 571 -40.10 -19.81 -5.78
N ASP D 572 -41.42 -19.74 -5.60
CA ASP D 572 -42.07 -20.10 -4.33
C ASP D 572 -41.83 -21.56 -4.03
N GLN D 573 -41.42 -21.86 -2.79
CA GLN D 573 -41.20 -23.25 -2.42
C GLN D 573 -42.49 -23.83 -1.86
N SER D 574 -43.51 -23.92 -2.71
CA SER D 574 -44.79 -24.48 -2.31
C SER D 574 -44.89 -25.88 -2.89
N LEU D 575 -45.52 -26.78 -2.16
CA LEU D 575 -45.68 -28.15 -2.61
C LEU D 575 -47.15 -28.40 -2.94
N ILE D 576 -47.40 -29.32 -3.87
CA ILE D 576 -48.76 -29.66 -4.29
C ILE D 576 -49.39 -30.79 -3.48
N LYS D 577 -50.57 -30.52 -2.93
CA LYS D 577 -51.32 -31.52 -2.17
C LYS D 577 -52.65 -31.71 -2.89
N TYR D 578 -53.43 -32.68 -2.44
CA TYR D 578 -54.73 -32.93 -3.05
C TYR D 578 -55.82 -33.13 -2.00
N ASP D 579 -56.97 -32.51 -2.24
CA ASP D 579 -58.12 -32.60 -1.32
C ASP D 579 -58.87 -33.90 -1.63
N GLU D 580 -59.93 -34.16 -0.87
CA GLU D 580 -60.74 -35.36 -1.06
C GLU D 580 -61.15 -35.64 -2.50
N ASN D 581 -61.51 -34.58 -3.22
CA ASN D 581 -61.94 -34.70 -4.62
C ASN D 581 -60.78 -35.01 -5.56
N GLY D 582 -59.55 -34.89 -5.05
CA GLY D 582 -58.40 -35.15 -5.89
C GLY D 582 -57.95 -33.94 -6.69
N ASN D 583 -58.21 -32.74 -6.16
CA ASN D 583 -57.81 -31.50 -6.82
C ASN D 583 -56.53 -30.98 -6.17
N PRO D 584 -55.60 -30.46 -6.98
CA PRO D 584 -54.34 -29.94 -6.48
C PRO D 584 -54.42 -28.51 -5.93
N TRP D 585 -53.62 -28.22 -4.92
CA TRP D 585 -53.54 -26.90 -4.29
C TRP D 585 -52.15 -26.68 -3.68
N SER D 586 -51.69 -25.43 -3.67
CA SER D 586 -50.37 -25.10 -3.14
C SER D 586 -50.34 -25.10 -1.61
N ALA D 587 -49.44 -25.90 -1.05
CA ALA D 587 -49.30 -26.01 0.39
C ALA D 587 -47.93 -25.52 0.85
N TYR D 588 -47.85 -25.12 2.13
CA TYR D 588 -46.60 -24.65 2.70
C TYR D 588 -46.37 -25.15 4.12
N GLY D 589 -45.60 -24.40 4.90
CA GLY D 589 -45.30 -24.80 6.26
C GLY D 589 -46.47 -25.34 7.05
N GLY D 590 -46.25 -26.50 7.66
CA GLY D 590 -47.27 -27.14 8.48
C GLY D 590 -48.27 -27.99 7.73
N ASP D 591 -48.54 -27.64 6.48
CA ASP D 591 -49.49 -28.36 5.65
C ASP D 591 -49.21 -29.84 5.48
N PHE D 592 -48.17 -30.36 6.12
CA PHE D 592 -47.87 -31.77 6.00
C PHE D 592 -47.75 -32.42 7.37
N GLY D 593 -48.28 -31.74 8.38
CA GLY D 593 -48.19 -32.24 9.73
C GLY D 593 -46.83 -31.91 10.30
N ASP D 594 -46.00 -31.28 9.47
CA ASP D 594 -44.67 -30.91 9.89
C ASP D 594 -44.76 -29.86 10.99
N THR D 595 -43.97 -30.05 12.03
CA THR D 595 -43.97 -29.15 13.17
C THR D 595 -42.80 -29.46 14.10
N PRO D 596 -42.12 -28.42 14.62
CA PRO D 596 -42.43 -27.02 14.34
C PRO D 596 -42.20 -26.64 12.87
N ASN D 597 -42.98 -25.67 12.39
CA ASN D 597 -42.88 -25.19 11.03
C ASN D 597 -42.86 -23.66 11.01
N ASP D 598 -42.41 -23.09 9.89
CA ASP D 598 -42.34 -21.65 9.76
C ASP D 598 -43.32 -21.05 8.76
N ARG D 599 -44.61 -21.29 9.02
CA ARG D 599 -45.70 -20.78 8.22
C ARG D 599 -45.45 -20.78 6.71
N GLN D 600 -45.65 -19.62 6.10
CA GLN D 600 -45.48 -19.48 4.66
C GLN D 600 -44.14 -18.85 4.24
N PHE D 601 -43.15 -18.88 5.14
CA PHE D 601 -41.87 -18.26 4.80
C PHE D 601 -41.02 -18.95 3.76
N CYS D 602 -41.58 -20.00 3.17
CA CYS D 602 -40.88 -20.75 2.14
C CYS D 602 -41.32 -20.28 0.77
N MET D 603 -42.20 -19.28 0.74
CA MET D 603 -42.69 -18.73 -0.53
C MET D 603 -42.26 -17.28 -0.65
N ASN D 604 -41.10 -17.07 -1.27
CA ASN D 604 -40.52 -15.74 -1.42
C ASN D 604 -40.20 -15.45 -2.88
N GLY D 605 -40.77 -16.20 -3.80
CA GLY D 605 -40.43 -15.98 -5.19
C GLY D 605 -41.09 -14.90 -6.02
N LEU D 606 -40.51 -14.67 -7.19
CA LEU D 606 -41.03 -13.70 -8.16
C LEU D 606 -42.00 -14.46 -9.06
N VAL D 607 -42.00 -15.78 -8.91
CA VAL D 607 -42.90 -16.64 -9.67
C VAL D 607 -43.41 -17.76 -8.76
N PHE D 608 -44.59 -18.30 -9.08
CA PHE D 608 -45.20 -19.38 -8.31
C PHE D 608 -44.46 -20.68 -8.61
N ALA D 609 -44.64 -21.69 -7.75
CA ALA D 609 -43.97 -22.97 -7.93
C ALA D 609 -44.06 -23.48 -9.36
N ASP D 610 -45.15 -23.18 -10.04
CA ASP D 610 -45.32 -23.63 -11.43
C ASP D 610 -44.79 -22.62 -12.46
N ARG D 611 -43.86 -21.79 -12.02
CA ARG D 611 -43.23 -20.77 -12.88
C ARG D 611 -44.14 -19.70 -13.49
N THR D 612 -45.30 -19.46 -12.88
CA THR D 612 -46.22 -18.43 -13.35
C THR D 612 -45.73 -17.15 -12.65
N PRO D 613 -45.50 -16.09 -13.42
CA PRO D 613 -45.01 -14.82 -12.88
C PRO D 613 -45.89 -14.21 -11.82
N HIS D 614 -45.26 -13.51 -10.88
CA HIS D 614 -45.98 -12.78 -9.82
C HIS D 614 -46.05 -11.38 -10.41
N PRO D 615 -46.87 -10.50 -9.83
CA PRO D 615 -46.88 -9.17 -10.44
C PRO D 615 -45.48 -8.55 -10.41
N ALA D 616 -44.81 -8.66 -9.26
CA ALA D 616 -43.48 -8.09 -9.07
C ALA D 616 -42.42 -8.43 -10.12
N LEU D 617 -42.54 -9.59 -10.76
CA LEU D 617 -41.56 -9.98 -11.78
C LEU D 617 -41.48 -8.91 -12.85
N THR D 618 -42.64 -8.36 -13.18
CA THR D 618 -42.71 -7.31 -14.20
C THR D 618 -41.95 -6.05 -13.77
N GLU D 619 -42.06 -5.67 -12.49
CA GLU D 619 -41.35 -4.50 -11.98
C GLU D 619 -39.85 -4.74 -12.13
N ALA D 620 -39.41 -5.94 -11.75
CA ALA D 620 -38.00 -6.31 -11.85
C ALA D 620 -37.50 -6.15 -13.26
N LYS D 621 -38.22 -6.73 -14.22
CA LYS D 621 -37.82 -6.65 -15.62
C LYS D 621 -37.57 -5.20 -16.03
N HIS D 622 -38.54 -4.34 -15.73
CA HIS D 622 -38.44 -2.94 -16.06
C HIS D 622 -37.24 -2.24 -15.44
N GLN D 623 -37.07 -2.35 -14.12
CA GLN D 623 -35.94 -1.69 -13.45
C GLN D 623 -34.58 -2.21 -13.88
N GLN D 624 -34.55 -3.45 -14.37
CA GLN D 624 -33.30 -4.08 -14.80
C GLN D 624 -33.06 -3.99 -16.32
N GLN D 625 -33.72 -3.04 -16.97
CA GLN D 625 -33.56 -2.85 -18.40
C GLN D 625 -32.10 -2.56 -18.72
N PHE D 626 -31.70 -2.78 -19.97
CA PHE D 626 -30.33 -2.52 -20.40
C PHE D 626 -30.27 -1.28 -21.28
N PHE D 627 -31.40 -0.58 -21.41
CA PHE D 627 -31.46 0.63 -22.20
C PHE D 627 -32.12 1.73 -21.39
N GLN D 628 -31.43 2.84 -21.25
CA GLN D 628 -31.95 3.99 -20.50
C GLN D 628 -32.36 5.09 -21.47
N PHE D 629 -33.50 5.74 -21.18
CA PHE D 629 -33.96 6.80 -22.06
C PHE D 629 -34.19 8.12 -21.33
N ARG D 630 -33.96 9.20 -22.05
CA ARG D 630 -34.19 10.56 -21.52
C ARG D 630 -34.86 11.32 -22.66
N LEU D 631 -35.76 12.23 -22.32
CA LEU D 631 -36.47 13.00 -23.33
C LEU D 631 -36.20 14.48 -23.17
N SER D 632 -35.97 15.13 -24.31
CA SER D 632 -35.72 16.57 -24.35
C SER D 632 -36.47 17.18 -25.54
N GLY D 633 -37.69 17.61 -25.27
CA GLY D 633 -38.51 18.19 -26.32
C GLY D 633 -38.90 17.17 -27.37
N GLN D 634 -38.19 17.20 -28.48
CA GLN D 634 -38.47 16.28 -29.59
C GLN D 634 -37.49 15.12 -29.67
N THR D 635 -36.41 15.21 -28.92
CA THR D 635 -35.42 14.15 -28.95
C THR D 635 -35.41 13.16 -27.82
N ILE D 636 -35.37 11.90 -28.20
CA ILE D 636 -35.32 10.78 -27.27
C ILE D 636 -33.86 10.34 -27.28
N GLU D 637 -33.25 10.22 -26.11
CA GLU D 637 -31.86 9.79 -26.04
C GLU D 637 -31.80 8.40 -25.45
N VAL D 638 -31.24 7.47 -26.20
CA VAL D 638 -31.11 6.11 -25.74
C VAL D 638 -29.66 5.81 -25.35
N THR D 639 -29.46 5.33 -24.14
CA THR D 639 -28.12 5.01 -23.68
C THR D 639 -28.10 3.50 -23.44
N SER D 640 -27.04 2.84 -23.88
CA SER D 640 -26.93 1.39 -23.68
C SER D 640 -26.18 1.06 -22.39
N GLU D 641 -26.67 0.05 -21.67
CA GLU D 641 -26.04 -0.35 -20.43
C GLU D 641 -25.31 -1.68 -20.64
N TYR D 642 -25.21 -2.10 -21.90
CA TYR D 642 -24.51 -3.32 -22.24
C TYR D 642 -23.01 -2.97 -22.21
N LEU D 643 -22.18 -3.95 -21.94
CA LEU D 643 -20.75 -3.72 -21.86
C LEU D 643 -20.05 -4.24 -23.09
N PHE D 644 -20.70 -5.16 -23.78
CA PHE D 644 -20.05 -5.78 -24.93
C PHE D 644 -20.84 -5.72 -26.22
N ARG D 645 -22.03 -6.32 -26.23
CA ARG D 645 -22.83 -6.33 -27.45
C ARG D 645 -23.24 -4.96 -27.95
N HIS D 646 -23.69 -4.95 -29.19
CA HIS D 646 -24.17 -3.76 -29.88
C HIS D 646 -25.68 -4.04 -29.95
N SER D 647 -26.51 -3.02 -30.08
CA SER D 647 -27.94 -3.28 -30.16
C SER D 647 -28.30 -3.78 -31.55
N ASP D 648 -27.75 -4.94 -31.92
CA ASP D 648 -27.96 -5.51 -33.25
C ASP D 648 -29.21 -6.36 -33.46
N ASN D 649 -30.08 -6.39 -32.46
CA ASN D 649 -31.32 -7.15 -32.56
C ASN D 649 -32.41 -6.38 -31.83
N GLU D 650 -32.44 -5.08 -32.08
CA GLU D 650 -33.42 -4.23 -31.42
C GLU D 650 -33.83 -3.03 -32.27
N LEU D 651 -35.06 -2.57 -32.04
CA LEU D 651 -35.60 -1.39 -32.72
C LEU D 651 -36.55 -0.68 -31.75
N LEU D 652 -36.43 0.64 -31.68
CA LEU D 652 -37.29 1.44 -30.80
C LEU D 652 -38.66 1.61 -31.45
N HIS D 653 -39.69 1.41 -30.65
CA HIS D 653 -41.08 1.49 -31.09
C HIS D 653 -41.78 2.54 -30.22
N TRP D 654 -42.15 3.67 -30.81
CA TRP D 654 -42.80 4.73 -30.05
C TRP D 654 -44.26 4.96 -30.43
N MET D 655 -44.96 5.68 -29.56
CA MET D 655 -46.36 5.98 -29.78
C MET D 655 -46.92 7.04 -28.83
N VAL D 656 -47.62 8.01 -29.40
CA VAL D 656 -48.23 9.08 -28.62
C VAL D 656 -49.73 8.82 -28.52
N ALA D 657 -50.29 9.02 -27.34
CA ALA D 657 -51.72 8.79 -27.13
C ALA D 657 -52.35 9.76 -26.14
N LEU D 658 -53.53 10.26 -26.49
CA LEU D 658 -54.25 11.19 -25.64
C LEU D 658 -55.15 10.34 -24.76
N ASP D 659 -54.86 10.28 -23.48
CA ASP D 659 -55.65 9.51 -22.54
C ASP D 659 -56.15 8.19 -23.12
N GLY D 660 -55.20 7.40 -23.63
CA GLY D 660 -55.53 6.10 -24.20
C GLY D 660 -55.71 6.10 -25.70
N LYS D 661 -56.29 7.17 -26.23
CA LYS D 661 -56.56 7.30 -27.66
C LYS D 661 -55.25 7.56 -28.40
N PRO D 662 -54.79 6.58 -29.19
CA PRO D 662 -53.53 6.77 -29.94
C PRO D 662 -53.68 7.86 -30.99
N LEU D 663 -52.58 8.51 -31.36
CA LEU D 663 -52.63 9.57 -32.37
C LEU D 663 -51.56 9.32 -33.41
N ALA D 664 -50.33 9.19 -32.95
CA ALA D 664 -49.20 8.93 -33.83
C ALA D 664 -48.37 7.76 -33.30
N SER D 665 -47.45 7.29 -34.13
CA SER D 665 -46.56 6.19 -33.75
C SER D 665 -45.53 5.98 -34.84
N GLY D 666 -44.56 5.11 -34.58
CA GLY D 666 -43.53 4.84 -35.56
C GLY D 666 -42.52 3.88 -34.98
N GLU D 667 -41.34 3.82 -35.59
CA GLU D 667 -40.30 2.95 -35.10
C GLU D 667 -38.97 3.21 -35.78
N VAL D 668 -37.95 3.44 -34.97
CA VAL D 668 -36.60 3.71 -35.44
C VAL D 668 -35.71 2.55 -35.01
N PRO D 669 -34.86 2.05 -35.92
CA PRO D 669 -33.99 0.93 -35.53
C PRO D 669 -32.94 1.45 -34.52
N LEU D 670 -32.52 0.57 -33.62
CA LEU D 670 -31.53 0.95 -32.62
C LEU D 670 -30.11 0.56 -33.01
N ASP D 671 -29.23 1.54 -33.04
CA ASP D 671 -27.83 1.31 -33.38
C ASP D 671 -26.97 1.97 -32.30
N VAL D 672 -26.97 1.32 -31.12
CA VAL D 672 -26.22 1.81 -29.98
C VAL D 672 -25.09 0.86 -29.58
N ALA D 673 -23.89 1.43 -29.43
CA ALA D 673 -22.72 0.64 -29.02
C ALA D 673 -22.77 0.51 -27.50
N PRO D 674 -22.21 -0.58 -26.97
CA PRO D 674 -22.25 -0.75 -25.51
C PRO D 674 -21.73 0.51 -24.85
N GLN D 675 -22.44 0.97 -23.82
CA GLN D 675 -22.07 2.17 -23.09
C GLN D 675 -22.40 3.43 -23.89
N GLY D 676 -22.70 3.25 -25.18
CA GLY D 676 -23.00 4.37 -26.05
C GLY D 676 -24.38 4.99 -25.96
N LYS D 677 -24.57 6.05 -26.73
CA LYS D 677 -25.84 6.78 -26.78
C LYS D 677 -26.28 6.96 -28.22
N GLN D 678 -27.58 7.12 -28.40
CA GLN D 678 -28.16 7.33 -29.72
C GLN D 678 -29.29 8.32 -29.57
N LEU D 679 -29.32 9.32 -30.45
CA LEU D 679 -30.38 10.31 -30.39
C LEU D 679 -31.44 10.03 -31.43
N ILE D 680 -32.70 10.11 -31.02
CA ILE D 680 -33.81 9.88 -31.92
C ILE D 680 -34.73 11.10 -31.95
N GLU D 681 -34.87 11.67 -33.15
CA GLU D 681 -35.68 12.86 -33.37
C GLU D 681 -37.07 12.46 -33.84
N LEU D 682 -38.06 12.62 -32.96
CA LEU D 682 -39.42 12.26 -33.33
C LEU D 682 -39.98 13.29 -34.31
N PRO D 683 -40.78 12.85 -35.28
CA PRO D 683 -41.35 13.79 -36.24
C PRO D 683 -42.27 14.72 -35.49
N GLU D 684 -42.53 15.90 -36.06
CA GLU D 684 -43.41 16.87 -35.41
C GLU D 684 -44.65 16.17 -34.91
N LEU D 685 -44.62 15.74 -33.65
CA LEU D 685 -45.73 15.01 -33.04
C LEU D 685 -47.08 15.65 -33.31
N PRO D 686 -48.13 14.83 -33.33
CA PRO D 686 -49.49 15.34 -33.58
C PRO D 686 -49.89 16.37 -32.55
N GLN D 687 -50.44 17.49 -33.01
CA GLN D 687 -50.88 18.53 -32.10
C GLN D 687 -52.26 18.17 -31.55
N PRO D 688 -52.33 17.80 -30.27
CA PRO D 688 -53.60 17.43 -29.64
C PRO D 688 -54.56 18.59 -29.66
N GLU D 689 -55.82 18.31 -29.41
CA GLU D 689 -56.86 19.33 -29.41
C GLU D 689 -57.72 19.16 -28.17
N SER D 690 -58.42 18.03 -28.13
CA SER D 690 -59.29 17.69 -27.04
C SER D 690 -58.55 17.86 -25.73
N ALA D 691 -59.29 17.98 -24.64
CA ALA D 691 -58.66 18.12 -23.34
C ALA D 691 -58.06 16.75 -22.98
N GLY D 692 -56.97 16.75 -22.24
CA GLY D 692 -56.36 15.49 -21.86
C GLY D 692 -54.86 15.53 -21.65
N GLN D 693 -54.29 14.35 -21.43
CA GLN D 693 -52.87 14.21 -21.20
C GLN D 693 -52.21 13.33 -22.26
N LEU D 694 -51.28 13.93 -23.01
CA LEU D 694 -50.55 13.23 -24.07
C LEU D 694 -49.43 12.39 -23.48
N TRP D 695 -49.40 11.11 -23.82
CA TRP D 695 -48.36 10.22 -23.30
C TRP D 695 -47.45 9.56 -24.34
N LEU D 696 -46.17 9.93 -24.32
CA LEU D 696 -45.21 9.32 -25.21
C LEU D 696 -44.80 8.00 -24.56
N THR D 697 -44.79 6.91 -25.34
CA THR D 697 -44.41 5.61 -24.81
C THR D 697 -43.49 4.90 -25.78
N VAL D 698 -42.30 4.53 -25.32
CA VAL D 698 -41.36 3.82 -26.18
C VAL D 698 -41.15 2.40 -25.66
N ARG D 699 -40.95 1.47 -26.58
CA ARG D 699 -40.70 0.06 -26.26
C ARG D 699 -39.57 -0.45 -27.13
N VAL D 700 -38.58 -1.10 -26.53
CA VAL D 700 -37.48 -1.66 -27.31
C VAL D 700 -37.94 -3.05 -27.68
N VAL D 701 -37.86 -3.39 -28.96
CA VAL D 701 -38.30 -4.71 -29.40
C VAL D 701 -37.22 -5.52 -30.12
N GLN D 702 -37.18 -6.81 -29.81
CA GLN D 702 -36.23 -7.71 -30.44
C GLN D 702 -37.00 -8.36 -31.58
N PRO D 703 -36.78 -7.90 -32.82
CA PRO D 703 -37.47 -8.48 -33.98
C PRO D 703 -37.17 -9.96 -34.17
N ASN D 704 -35.90 -10.31 -34.12
CA ASN D 704 -35.49 -11.70 -34.29
C ASN D 704 -35.56 -12.49 -32.99
N ALA D 705 -35.98 -13.74 -33.12
CA ALA D 705 -36.05 -14.62 -31.97
C ALA D 705 -34.65 -15.05 -31.61
N THR D 706 -34.40 -15.26 -30.33
CA THR D 706 -33.09 -15.68 -29.84
C THR D 706 -33.23 -17.10 -29.29
N ALA D 707 -32.24 -17.53 -28.52
CA ALA D 707 -32.30 -18.86 -27.95
C ALA D 707 -33.20 -18.84 -26.72
N TRP D 708 -33.35 -17.65 -26.15
CA TRP D 708 -34.15 -17.47 -24.94
C TRP D 708 -35.38 -16.60 -25.13
N SER D 709 -35.49 -15.95 -26.28
CA SER D 709 -36.64 -15.09 -26.51
C SER D 709 -37.40 -15.37 -27.80
N GLU D 710 -38.71 -15.14 -27.72
CA GLU D 710 -39.61 -15.32 -28.85
C GLU D 710 -39.33 -14.17 -29.81
N ALA D 711 -40.01 -14.15 -30.94
CA ALA D 711 -39.79 -13.06 -31.89
C ALA D 711 -40.62 -11.88 -31.41
N GLY D 712 -40.11 -10.67 -31.60
CA GLY D 712 -40.87 -9.51 -31.18
C GLY D 712 -40.91 -9.32 -29.68
N HIS D 713 -40.00 -9.96 -28.97
CA HIS D 713 -39.90 -9.85 -27.51
C HIS D 713 -39.62 -8.40 -27.10
N ILE D 714 -40.23 -7.96 -26.01
CA ILE D 714 -40.00 -6.60 -25.54
C ILE D 714 -38.98 -6.62 -24.42
N SER D 715 -37.86 -5.93 -24.62
CA SER D 715 -36.78 -5.88 -23.64
C SER D 715 -36.79 -4.65 -22.74
N ALA D 716 -37.52 -3.61 -23.14
CA ALA D 716 -37.57 -2.39 -22.34
C ALA D 716 -38.67 -1.43 -22.76
N TRP D 717 -38.99 -0.48 -21.89
CA TRP D 717 -40.02 0.52 -22.17
C TRP D 717 -39.95 1.74 -21.24
N GLN D 718 -40.63 2.81 -21.63
CA GLN D 718 -40.62 4.03 -20.84
C GLN D 718 -41.76 4.98 -21.24
N GLN D 719 -42.31 5.70 -20.27
CA GLN D 719 -43.38 6.64 -20.57
C GLN D 719 -42.97 8.04 -20.18
N TRP D 720 -43.60 9.02 -20.83
CA TRP D 720 -43.36 10.43 -20.58
C TRP D 720 -44.67 11.18 -20.74
N ARG D 721 -44.93 12.09 -19.82
CA ARG D 721 -46.13 12.92 -19.85
C ARG D 721 -45.79 14.05 -20.81
N LEU D 722 -46.31 14.03 -22.03
CA LEU D 722 -46.03 15.13 -22.96
C LEU D 722 -46.79 16.36 -22.52
N ALA D 723 -47.59 16.95 -23.40
CA ALA D 723 -48.33 18.14 -23.02
C ALA D 723 -49.64 17.76 -22.31
N GLU D 724 -50.29 18.74 -21.70
CA GLU D 724 -51.56 18.53 -21.02
C GLU D 724 -52.49 19.70 -21.29
N ASN D 725 -53.78 19.42 -21.36
CA ASN D 725 -54.77 20.44 -21.61
C ASN D 725 -55.88 20.37 -20.59
N LEU D 726 -55.82 21.26 -19.61
CA LEU D 726 -56.83 21.28 -18.57
C LEU D 726 -58.15 21.68 -19.21
N SER D 727 -59.20 20.91 -18.95
CA SER D 727 -60.51 21.22 -19.51
C SER D 727 -61.08 22.43 -18.82
N VAL D 728 -61.54 23.39 -19.60
CA VAL D 728 -62.13 24.63 -19.07
C VAL D 728 -63.61 24.67 -19.37
N THR D 729 -64.01 24.08 -20.49
CA THR D 729 -65.40 24.05 -20.89
C THR D 729 -66.17 23.12 -19.98
N LEU D 730 -66.72 23.66 -18.89
CA LEU D 730 -67.49 22.86 -17.95
C LEU D 730 -68.82 22.43 -18.59
N PRO D 731 -69.32 21.23 -18.22
CA PRO D 731 -70.56 20.60 -18.71
C PRO D 731 -71.78 21.48 -18.96
N ALA D 732 -72.57 21.07 -19.96
CA ALA D 732 -73.80 21.77 -20.34
C ALA D 732 -74.95 21.35 -19.43
N ALA D 733 -75.27 22.22 -18.48
CA ALA D 733 -76.34 21.95 -17.50
C ALA D 733 -77.63 21.40 -18.13
N SER D 734 -78.00 20.20 -17.72
CA SER D 734 -79.22 19.56 -18.21
C SER D 734 -80.36 20.23 -17.46
N HIS D 735 -81.57 20.15 -18.01
CA HIS D 735 -82.72 20.80 -17.39
C HIS D 735 -83.39 20.02 -16.26
N ALA D 736 -83.15 18.72 -16.21
CA ALA D 736 -83.72 17.86 -15.16
C ALA D 736 -83.18 18.27 -13.78
N ILE D 737 -83.95 18.00 -12.72
CA ILE D 737 -83.53 18.34 -11.37
C ILE D 737 -83.92 17.23 -10.38
N PRO D 738 -82.95 16.75 -9.57
CA PRO D 738 -83.18 15.68 -8.57
C PRO D 738 -84.19 16.06 -7.50
N HIS D 739 -85.01 15.10 -7.09
CA HIS D 739 -86.02 15.33 -6.07
C HIS D 739 -85.61 14.66 -4.76
N LEU D 740 -85.61 15.44 -3.67
CA LEU D 740 -85.25 14.92 -2.36
C LEU D 740 -86.45 14.56 -1.49
N THR D 741 -86.54 13.29 -1.08
CA THR D 741 -87.62 12.80 -0.23
C THR D 741 -86.99 12.61 1.15
N THR D 742 -87.72 12.95 2.21
CA THR D 742 -87.17 12.84 3.55
C THR D 742 -87.95 12.06 4.60
N SER D 743 -87.31 11.03 5.14
CA SER D 743 -87.87 10.17 6.18
C SER D 743 -87.15 10.64 7.42
N GLU D 744 -87.34 9.93 8.53
CA GLU D 744 -86.65 10.28 9.76
C GLU D 744 -85.43 9.38 9.78
N MET D 745 -85.47 8.35 8.93
CA MET D 745 -84.41 7.38 8.85
C MET D 745 -83.66 7.42 7.52
N ASP D 746 -84.19 8.17 6.54
CA ASP D 746 -83.54 8.24 5.24
C ASP D 746 -83.66 9.56 4.48
N PHE D 747 -82.76 9.72 3.53
CA PHE D 747 -82.74 10.86 2.63
C PHE D 747 -82.70 10.16 1.28
N CYS D 748 -83.74 10.33 0.47
CA CYS D 748 -83.78 9.66 -0.82
C CYS D 748 -83.80 10.63 -1.98
N ILE D 749 -82.81 10.52 -2.86
CA ILE D 749 -82.75 11.38 -4.04
C ILE D 749 -83.13 10.58 -5.26
N GLU D 750 -84.09 11.10 -6.02
CA GLU D 750 -84.54 10.45 -7.24
C GLU D 750 -84.34 11.37 -8.41
N LEU D 751 -83.95 10.79 -9.54
CA LEU D 751 -83.75 11.56 -10.76
C LEU D 751 -84.01 10.63 -11.89
N GLY D 752 -85.11 10.87 -12.59
CA GLY D 752 -85.47 10.00 -13.70
C GLY D 752 -85.55 8.55 -13.24
N ASN D 753 -84.66 7.73 -13.79
CA ASN D 753 -84.64 6.31 -13.48
C ASN D 753 -83.89 5.96 -12.18
N LYS D 754 -82.81 6.69 -11.93
CA LYS D 754 -81.95 6.48 -10.77
C LYS D 754 -82.55 6.87 -9.42
N ARG D 755 -82.17 6.13 -8.37
CA ARG D 755 -82.67 6.35 -7.01
C ARG D 755 -81.55 6.19 -5.99
N TRP D 756 -81.33 7.22 -5.18
CA TRP D 756 -80.28 7.19 -4.15
C TRP D 756 -80.85 7.20 -2.72
N GLN D 757 -80.31 6.36 -1.85
CA GLN D 757 -80.80 6.30 -0.47
C GLN D 757 -79.71 6.37 0.58
N PHE D 758 -79.75 7.43 1.39
CA PHE D 758 -78.76 7.62 2.46
C PHE D 758 -79.41 7.33 3.82
N ASN D 759 -78.94 6.28 4.49
CA ASN D 759 -79.49 5.93 5.80
C ASN D 759 -79.04 6.97 6.82
N ARG D 760 -79.98 7.78 7.29
CA ARG D 760 -79.67 8.84 8.27
C ARG D 760 -79.19 8.32 9.60
N GLN D 761 -79.24 7.01 9.79
CA GLN D 761 -78.82 6.40 11.04
C GLN D 761 -77.33 6.02 10.99
N SER D 762 -76.82 5.85 9.77
CA SER D 762 -75.41 5.48 9.52
C SER D 762 -74.65 6.71 9.09
N GLY D 763 -75.08 7.28 7.96
CA GLY D 763 -74.42 8.44 7.41
C GLY D 763 -73.74 7.96 6.15
N PHE D 764 -74.13 6.78 5.69
CA PHE D 764 -73.56 6.18 4.49
C PHE D 764 -74.62 5.90 3.44
N LEU D 765 -74.20 5.83 2.19
CA LEU D 765 -75.10 5.52 1.10
C LEU D 765 -75.43 4.04 1.33
N SER D 766 -76.69 3.77 1.68
CA SER D 766 -77.09 2.39 1.94
C SER D 766 -77.65 1.66 0.73
N GLN D 767 -78.03 2.41 -0.31
CA GLN D 767 -78.56 1.78 -1.51
C GLN D 767 -78.82 2.72 -2.69
N MET D 768 -78.69 2.16 -3.88
CA MET D 768 -78.92 2.88 -5.12
C MET D 768 -79.74 1.97 -6.03
N TRP D 769 -80.46 2.58 -6.98
CA TRP D 769 -81.29 1.82 -7.90
C TRP D 769 -81.28 2.31 -9.33
N ILE D 770 -81.21 1.36 -10.25
CA ILE D 770 -81.26 1.67 -11.67
C ILE D 770 -82.46 0.85 -12.09
N GLY D 771 -83.64 1.41 -11.86
CA GLY D 771 -84.88 0.72 -12.18
C GLY D 771 -85.31 0.02 -10.91
N ASP D 772 -85.79 -1.21 -11.02
CA ASP D 772 -86.18 -1.95 -9.83
C ASP D 772 -85.01 -2.86 -9.45
N LYS D 773 -83.80 -2.46 -9.89
CA LYS D 773 -82.58 -3.22 -9.64
C LYS D 773 -81.69 -2.58 -8.57
N LYS D 774 -81.44 -3.32 -7.50
CA LYS D 774 -80.60 -2.86 -6.41
C LYS D 774 -79.17 -2.77 -6.92
N GLN D 775 -78.37 -1.89 -6.34
CA GLN D 775 -76.99 -1.73 -6.78
C GLN D 775 -75.93 -2.11 -5.76
N LEU D 776 -76.29 -2.09 -4.48
CA LEU D 776 -75.34 -2.42 -3.43
C LEU D 776 -75.82 -3.55 -2.53
N LEU D 777 -74.87 -4.37 -2.07
CA LEU D 777 -75.17 -5.48 -1.17
C LEU D 777 -74.63 -5.12 0.20
N THR D 778 -73.82 -4.07 0.25
CA THR D 778 -73.21 -3.57 1.49
C THR D 778 -73.03 -2.05 1.34
N PRO D 779 -73.40 -1.28 2.37
CA PRO D 779 -73.26 0.17 2.29
C PRO D 779 -71.89 0.66 1.84
N LEU D 780 -71.87 1.85 1.24
CA LEU D 780 -70.62 2.48 0.77
C LEU D 780 -70.00 3.16 1.97
N ARG D 781 -69.00 2.53 2.58
CA ARG D 781 -68.39 3.11 3.77
C ARG D 781 -66.89 3.39 3.63
N ASP D 782 -66.32 4.12 4.58
CA ASP D 782 -64.89 4.45 4.56
C ASP D 782 -64.13 3.22 5.01
N GLN D 783 -62.85 3.13 4.64
CA GLN D 783 -62.01 1.99 5.05
C GLN D 783 -60.60 2.50 5.28
N PHE D 784 -60.00 2.10 6.39
CA PHE D 784 -58.65 2.55 6.73
C PHE D 784 -57.69 1.39 7.00
N THR D 785 -58.16 0.17 6.74
CA THR D 785 -57.35 -1.00 6.97
C THR D 785 -57.26 -1.82 5.68
N ARG D 786 -56.46 -2.89 5.70
CA ARG D 786 -56.34 -3.75 4.53
C ARG D 786 -55.91 -5.14 4.97
N ALA D 787 -56.29 -6.14 4.17
CA ALA D 787 -55.91 -7.52 4.45
C ALA D 787 -54.38 -7.54 4.55
N PRO D 788 -53.85 -7.62 5.77
CA PRO D 788 -52.40 -7.63 6.00
C PRO D 788 -51.57 -8.42 5.00
N LEU D 789 -50.57 -7.74 4.42
CA LEU D 789 -49.65 -8.34 3.45
C LEU D 789 -48.61 -9.11 4.25
N ASP D 790 -47.85 -9.98 3.59
CA ASP D 790 -46.84 -10.69 4.33
C ASP D 790 -45.92 -9.65 4.97
N ASN D 791 -45.57 -8.61 4.22
CA ASN D 791 -44.69 -7.57 4.76
C ASN D 791 -45.33 -6.80 5.92
N ASP D 792 -46.65 -6.83 6.04
CA ASP D 792 -47.33 -6.14 7.14
C ASP D 792 -47.31 -7.02 8.38
N ILE D 793 -47.16 -8.32 8.17
CA ILE D 793 -47.17 -9.28 9.25
C ILE D 793 -45.80 -9.62 9.80
N GLY D 794 -44.82 -9.67 8.91
CA GLY D 794 -43.48 -10.00 9.34
C GLY D 794 -43.44 -11.39 9.94
N VAL D 795 -42.82 -11.51 11.10
CA VAL D 795 -42.72 -12.80 11.76
C VAL D 795 -43.64 -12.91 12.96
N SER D 796 -44.66 -12.04 13.01
CA SER D 796 -45.58 -12.07 14.13
C SER D 796 -46.53 -13.24 13.98
N GLU D 797 -46.60 -14.07 15.02
CA GLU D 797 -47.48 -15.23 14.99
C GLU D 797 -48.58 -15.19 16.06
N ALA D 798 -49.49 -16.15 15.95
CA ALA D 798 -50.63 -16.29 16.86
C ALA D 798 -50.22 -16.24 18.32
N THR D 799 -49.29 -17.10 18.69
CA THR D 799 -48.81 -17.17 20.06
C THR D 799 -47.69 -16.15 20.35
N ARG D 800 -46.78 -15.98 19.39
CA ARG D 800 -45.67 -15.05 19.54
C ARG D 800 -45.96 -13.78 18.72
N ILE D 801 -46.33 -12.71 19.41
CA ILE D 801 -46.66 -11.45 18.75
C ILE D 801 -45.51 -10.49 18.65
N ASP D 802 -45.30 -9.93 17.46
CA ASP D 802 -44.25 -8.95 17.23
C ASP D 802 -44.96 -7.60 17.27
N PRO D 803 -44.89 -6.90 18.41
CA PRO D 803 -45.54 -5.59 18.59
C PRO D 803 -45.09 -4.52 17.63
N ASN D 804 -43.98 -4.75 16.94
CA ASN D 804 -43.45 -3.77 16.01
C ASN D 804 -44.02 -3.87 14.60
N ALA D 805 -44.37 -5.08 14.17
CA ALA D 805 -44.93 -5.32 12.84
C ALA D 805 -46.13 -4.39 12.57
N TRP D 806 -46.25 -3.90 11.34
CA TRP D 806 -47.36 -3.00 11.03
C TRP D 806 -48.71 -3.57 11.43
N VAL D 807 -48.95 -4.84 11.13
CA VAL D 807 -50.23 -5.46 11.46
C VAL D 807 -50.53 -5.39 12.95
N GLU D 808 -49.53 -5.64 13.79
CA GLU D 808 -49.74 -5.58 15.22
C GLU D 808 -49.98 -4.15 15.69
N ARG D 809 -49.20 -3.21 15.17
CA ARG D 809 -49.34 -1.80 15.53
C ARG D 809 -50.78 -1.38 15.23
N TRP D 810 -51.30 -1.82 14.08
CA TRP D 810 -52.67 -1.49 13.69
C TRP D 810 -53.67 -2.16 14.61
N LYS D 811 -53.53 -3.47 14.80
CA LYS D 811 -54.41 -4.22 15.67
C LYS D 811 -54.49 -3.53 17.01
N ALA D 812 -53.35 -3.38 17.67
CA ALA D 812 -53.30 -2.73 18.97
C ALA D 812 -54.00 -1.39 18.96
N ALA D 813 -53.70 -0.56 17.95
CA ALA D 813 -54.29 0.77 17.85
C ALA D 813 -55.82 0.72 17.72
N GLY D 814 -56.33 -0.40 17.23
CA GLY D 814 -57.76 -0.57 17.08
C GLY D 814 -58.32 -0.32 15.70
N HIS D 815 -57.46 -0.09 14.72
CA HIS D 815 -57.91 0.15 13.36
C HIS D 815 -58.82 -0.93 12.80
N TYR D 816 -58.53 -2.19 13.13
CA TYR D 816 -59.33 -3.29 12.60
C TYR D 816 -60.73 -3.44 13.22
N GLN D 817 -60.98 -2.73 14.31
CA GLN D 817 -62.29 -2.80 14.95
C GLN D 817 -62.71 -1.43 15.46
N ALA D 818 -62.82 -0.48 14.53
CA ALA D 818 -63.20 0.87 14.89
C ALA D 818 -64.68 1.07 14.62
N GLU D 819 -65.39 1.59 15.61
CA GLU D 819 -66.81 1.85 15.48
C GLU D 819 -67.00 3.24 14.85
N ALA D 820 -67.67 3.29 13.72
CA ALA D 820 -67.91 4.57 13.04
C ALA D 820 -69.06 5.37 13.66
N ALA D 821 -68.72 6.38 14.46
CA ALA D 821 -69.75 7.20 15.10
C ALA D 821 -70.17 8.36 14.22
N LEU D 822 -71.47 8.58 14.09
CA LEU D 822 -71.98 9.66 13.25
C LEU D 822 -72.02 11.00 13.96
N LEU D 823 -71.34 11.98 13.38
CA LEU D 823 -71.30 13.32 13.94
C LEU D 823 -72.34 14.21 13.29
N GLN D 824 -72.56 14.03 11.99
CA GLN D 824 -73.51 14.84 11.27
C GLN D 824 -73.99 14.17 9.98
N CYS D 825 -75.21 14.48 9.57
CA CYS D 825 -75.79 13.94 8.35
C CYS D 825 -76.98 14.78 7.94
N THR D 826 -76.72 15.80 7.13
CA THR D 826 -77.77 16.72 6.67
C THR D 826 -77.96 16.68 5.16
N ALA D 827 -79.09 17.19 4.71
CA ALA D 827 -79.40 17.24 3.28
C ALA D 827 -79.94 18.61 2.93
N ASP D 828 -79.47 19.16 1.82
CA ASP D 828 -79.91 20.47 1.37
C ASP D 828 -80.27 20.44 -0.10
N THR D 829 -81.11 21.39 -0.52
CA THR D 829 -81.50 21.47 -1.90
C THR D 829 -80.81 22.67 -2.53
N LEU D 830 -80.28 22.47 -3.73
CA LEU D 830 -79.61 23.53 -4.42
C LEU D 830 -80.38 23.86 -5.69
N ALA D 831 -79.93 24.88 -6.39
CA ALA D 831 -80.57 25.31 -7.62
C ALA D 831 -80.60 24.21 -8.68
N ASP D 832 -79.92 23.10 -8.44
CA ASP D 832 -79.90 22.04 -9.45
C ASP D 832 -79.29 20.73 -8.96
N ALA D 833 -79.37 20.47 -7.67
CA ALA D 833 -78.83 19.23 -7.14
C ALA D 833 -79.07 19.12 -5.66
N VAL D 834 -79.17 17.88 -5.16
CA VAL D 834 -79.38 17.63 -3.74
C VAL D 834 -77.98 17.52 -3.14
N LEU D 835 -77.84 17.88 -1.87
CA LEU D 835 -76.52 17.85 -1.25
C LEU D 835 -76.50 17.20 0.12
N ILE D 836 -75.97 15.99 0.19
CA ILE D 836 -75.91 15.28 1.47
C ILE D 836 -74.54 15.44 2.12
N THR D 837 -74.54 15.91 3.37
CA THR D 837 -73.33 16.16 4.12
C THR D 837 -73.21 15.21 5.30
N THR D 838 -72.13 14.42 5.34
CA THR D 838 -71.94 13.50 6.44
C THR D 838 -70.66 13.87 7.15
N ALA D 839 -70.39 13.20 8.27
CA ALA D 839 -69.19 13.45 9.06
C ALA D 839 -69.17 12.37 10.15
N HIS D 840 -68.17 11.49 10.08
CA HIS D 840 -68.05 10.39 11.04
C HIS D 840 -66.77 10.47 11.85
N ALA D 841 -66.75 9.78 12.98
CA ALA D 841 -65.58 9.75 13.84
C ALA D 841 -65.30 8.32 14.26
N TRP D 842 -64.34 7.67 13.60
CA TRP D 842 -64.00 6.29 13.96
C TRP D 842 -63.17 6.31 15.21
N GLN D 843 -63.58 5.56 16.22
CA GLN D 843 -62.86 5.55 17.47
C GLN D 843 -62.64 4.16 18.00
N HIS D 844 -61.94 4.10 19.12
CA HIS D 844 -61.64 2.85 19.78
C HIS D 844 -61.23 3.17 21.19
N GLN D 845 -62.04 2.73 22.14
CA GLN D 845 -61.77 2.98 23.55
C GLN D 845 -61.58 4.47 23.78
N GLY D 846 -62.52 5.25 23.27
CA GLY D 846 -62.46 6.68 23.46
C GLY D 846 -61.61 7.41 22.45
N LYS D 847 -60.42 6.89 22.16
CA LYS D 847 -59.52 7.52 21.21
C LYS D 847 -60.10 7.69 19.82
N THR D 848 -60.13 8.94 19.34
CA THR D 848 -60.64 9.23 18.00
C THR D 848 -59.50 9.01 17.04
N LEU D 849 -59.61 7.96 16.23
CA LEU D 849 -58.58 7.60 15.26
C LEU D 849 -58.68 8.35 13.94
N PHE D 850 -59.88 8.36 13.35
CA PHE D 850 -60.08 9.03 12.07
C PHE D 850 -61.38 9.83 12.08
N ILE D 851 -61.44 10.87 11.25
CA ILE D 851 -62.64 11.66 11.09
C ILE D 851 -62.81 11.78 9.59
N SER D 852 -64.00 11.47 9.10
CA SER D 852 -64.27 11.51 7.67
C SER D 852 -65.45 12.40 7.34
N ARG D 853 -65.17 13.57 6.78
CA ARG D 853 -66.21 14.50 6.39
C ARG D 853 -66.44 14.35 4.91
N LYS D 854 -67.69 14.21 4.49
CA LYS D 854 -68.02 14.06 3.08
C LYS D 854 -69.19 14.91 2.65
N THR D 855 -69.34 15.08 1.34
CA THR D 855 -70.46 15.81 0.77
C THR D 855 -70.80 15.15 -0.57
N TYR D 856 -72.01 14.61 -0.68
CA TYR D 856 -72.43 13.97 -1.92
C TYR D 856 -73.29 14.96 -2.69
N ARG D 857 -72.97 15.18 -3.96
CA ARG D 857 -73.72 16.11 -4.79
C ARG D 857 -74.28 15.46 -6.06
N ILE D 858 -75.56 15.10 -6.00
CA ILE D 858 -76.24 14.49 -7.13
C ILE D 858 -76.97 15.61 -7.88
N ASP D 859 -76.59 15.81 -9.14
CA ASP D 859 -77.18 16.85 -9.97
C ASP D 859 -78.06 16.35 -11.10
N GLY D 860 -78.54 17.31 -11.90
CA GLY D 860 -79.40 17.01 -13.03
C GLY D 860 -78.92 15.96 -14.01
N SER D 861 -77.62 15.94 -14.28
CA SER D 861 -77.07 14.97 -15.21
C SER D 861 -77.06 13.57 -14.61
N GLY D 862 -77.48 13.47 -13.35
CA GLY D 862 -77.53 12.19 -12.66
C GLY D 862 -76.20 11.63 -12.23
N GLN D 863 -75.26 12.52 -11.92
CA GLN D 863 -73.93 12.11 -11.49
C GLN D 863 -73.72 12.44 -10.03
N MET D 864 -73.20 11.48 -9.27
CA MET D 864 -72.95 11.71 -7.86
C MET D 864 -71.49 12.08 -7.63
N ALA D 865 -71.28 13.26 -7.05
CA ALA D 865 -69.94 13.75 -6.79
C ALA D 865 -69.61 13.63 -5.31
N ILE D 866 -68.82 12.61 -4.96
CA ILE D 866 -68.44 12.40 -3.57
C ILE D 866 -67.10 13.11 -3.25
N THR D 867 -67.11 14.00 -2.27
CA THR D 867 -65.91 14.72 -1.84
C THR D 867 -65.56 14.33 -0.41
N VAL D 868 -64.43 13.64 -0.26
CA VAL D 868 -63.99 13.19 1.06
C VAL D 868 -62.81 13.99 1.63
N ASP D 869 -62.85 14.21 2.94
CA ASP D 869 -61.80 14.93 3.64
C ASP D 869 -61.55 14.24 4.98
N VAL D 870 -60.50 13.43 5.04
CA VAL D 870 -60.19 12.68 6.25
C VAL D 870 -59.11 13.30 7.13
N GLU D 871 -59.20 13.02 8.42
CA GLU D 871 -58.23 13.48 9.42
C GLU D 871 -57.70 12.24 10.12
N VAL D 872 -56.40 12.20 10.37
CA VAL D 872 -55.82 11.06 11.03
C VAL D 872 -55.02 11.50 12.24
N ALA D 873 -55.34 10.91 13.40
CA ALA D 873 -54.64 11.23 14.64
C ALA D 873 -53.15 11.13 14.44
N SER D 874 -52.44 12.20 14.78
CA SER D 874 -51.00 12.23 14.61
C SER D 874 -50.30 11.40 15.67
N ASP D 875 -51.00 10.43 16.24
CA ASP D 875 -50.40 9.59 17.25
C ASP D 875 -50.99 8.18 17.21
N THR D 876 -51.46 7.82 16.03
CA THR D 876 -52.01 6.48 15.78
C THR D 876 -51.29 5.98 14.55
N PRO D 877 -50.75 4.76 14.60
CA PRO D 877 -50.04 4.22 13.43
C PRO D 877 -50.70 4.64 12.13
N HIS D 878 -49.90 5.06 11.17
CA HIS D 878 -50.40 5.51 9.89
C HIS D 878 -51.25 4.42 9.25
N PRO D 879 -52.46 4.80 8.78
CA PRO D 879 -53.40 3.86 8.14
C PRO D 879 -52.85 3.16 6.92
N ALA D 880 -53.29 1.92 6.71
CA ALA D 880 -52.86 1.13 5.55
C ALA D 880 -53.44 1.75 4.30
N ARG D 881 -54.52 2.48 4.45
CA ARG D 881 -55.18 3.11 3.32
C ARG D 881 -56.21 4.16 3.76
N ILE D 882 -56.70 4.95 2.82
CA ILE D 882 -57.71 5.96 3.10
C ILE D 882 -58.62 6.01 1.88
N GLY D 883 -59.73 5.29 1.95
CA GLY D 883 -60.66 5.27 0.84
C GLY D 883 -62.07 4.86 1.24
N LEU D 884 -62.79 4.32 0.28
CA LEU D 884 -64.15 3.87 0.47
C LEU D 884 -64.27 2.46 -0.07
N ASN D 885 -65.33 1.77 0.30
CA ASN D 885 -65.56 0.44 -0.21
C ASN D 885 -67.01 0.05 -0.03
N CYS D 886 -67.45 -0.91 -0.83
CA CYS D 886 -68.81 -1.39 -0.80
C CYS D 886 -68.88 -2.66 -1.64
N GLN D 887 -69.89 -3.49 -1.38
CA GLN D 887 -70.06 -4.69 -2.14
C GLN D 887 -71.12 -4.44 -3.21
N LEU D 888 -70.69 -4.31 -4.46
CA LEU D 888 -71.62 -4.08 -5.56
C LEU D 888 -72.45 -5.35 -5.78
N ALA D 889 -73.62 -5.20 -6.37
CA ALA D 889 -74.48 -6.36 -6.60
C ALA D 889 -74.13 -7.12 -7.89
N GLN D 890 -73.70 -6.40 -8.92
CA GLN D 890 -73.35 -7.01 -10.21
C GLN D 890 -72.10 -7.85 -10.17
N VAL D 891 -71.90 -8.61 -11.25
CA VAL D 891 -70.73 -9.46 -11.44
C VAL D 891 -70.44 -9.49 -12.94
N ALA D 892 -69.71 -8.49 -13.42
CA ALA D 892 -69.38 -8.37 -14.83
C ALA D 892 -68.17 -9.19 -15.21
N GLU D 893 -68.04 -9.44 -16.50
CA GLU D 893 -66.93 -10.22 -17.03
C GLU D 893 -65.65 -9.44 -17.22
N ARG D 894 -65.77 -8.14 -17.49
CA ARG D 894 -64.60 -7.32 -17.73
C ARG D 894 -64.46 -6.12 -16.82
N VAL D 895 -63.26 -5.54 -16.80
CA VAL D 895 -62.98 -4.34 -16.04
C VAL D 895 -62.16 -3.46 -16.96
N ASN D 896 -62.61 -2.23 -17.12
CA ASN D 896 -61.92 -1.28 -17.97
C ASN D 896 -61.59 -0.03 -17.17
N TRP D 897 -60.35 0.44 -17.29
CA TRP D 897 -59.93 1.63 -16.55
C TRP D 897 -58.83 2.41 -17.25
N LEU D 898 -58.80 3.71 -17.01
CA LEU D 898 -57.79 4.57 -17.58
C LEU D 898 -56.85 4.87 -16.41
N GLY D 899 -55.68 4.24 -16.41
CA GLY D 899 -54.74 4.48 -15.33
C GLY D 899 -53.54 3.57 -15.45
N LEU D 900 -52.86 3.34 -14.33
CA LEU D 900 -51.67 2.49 -14.32
C LEU D 900 -51.99 1.00 -14.39
N GLY D 901 -51.43 0.34 -15.38
CA GLY D 901 -51.66 -1.08 -15.54
C GLY D 901 -50.73 -1.67 -16.60
N PRO D 902 -51.08 -2.84 -17.15
CA PRO D 902 -52.26 -3.61 -16.81
C PRO D 902 -52.19 -4.39 -15.51
N GLN D 903 -50.98 -4.76 -15.10
CA GLN D 903 -50.82 -5.54 -13.89
C GLN D 903 -50.93 -4.78 -12.58
N GLU D 904 -51.07 -5.57 -11.52
CA GLU D 904 -51.17 -5.06 -10.17
C GLU D 904 -49.98 -4.16 -9.87
N ASN D 905 -50.28 -2.99 -9.30
CA ASN D 905 -49.25 -2.03 -8.95
C ASN D 905 -49.62 -1.22 -7.71
N TYR D 906 -48.63 -0.98 -6.86
CA TYR D 906 -48.82 -0.22 -5.63
C TYR D 906 -47.90 0.99 -5.63
N PRO D 907 -48.21 2.01 -4.81
CA PRO D 907 -47.41 3.22 -4.72
C PRO D 907 -45.89 3.02 -4.84
N ASP D 908 -45.34 2.15 -4.00
CA ASP D 908 -43.90 1.90 -3.99
C ASP D 908 -43.44 0.82 -4.94
N ARG D 909 -44.31 0.42 -5.88
CA ARG D 909 -43.97 -0.59 -6.88
C ARG D 909 -44.89 -0.41 -8.06
N LEU D 910 -44.70 0.69 -8.79
CA LEU D 910 -45.54 0.98 -9.96
C LEU D 910 -44.77 1.58 -11.13
N THR D 911 -43.44 1.63 -11.02
CA THR D 911 -42.64 2.20 -12.09
C THR D 911 -42.89 1.48 -13.40
N ALA D 912 -42.97 0.16 -13.34
CA ALA D 912 -43.18 -0.67 -14.52
C ALA D 912 -44.55 -0.48 -15.18
N ALA D 913 -45.56 -0.10 -14.39
CA ALA D 913 -46.89 0.09 -14.94
C ALA D 913 -46.95 1.31 -15.86
N CYS D 914 -47.81 1.24 -16.87
CA CYS D 914 -47.97 2.34 -17.81
C CYS D 914 -49.38 2.92 -17.76
N PHE D 915 -49.50 4.20 -18.08
CA PHE D 915 -50.80 4.87 -18.06
C PHE D 915 -51.46 4.71 -19.41
N ASP D 916 -52.67 4.18 -19.41
CA ASP D 916 -53.40 3.94 -20.65
C ASP D 916 -54.76 3.37 -20.31
N ARG D 917 -55.49 2.97 -21.35
CA ARG D 917 -56.82 2.37 -21.22
C ARG D 917 -56.59 0.88 -21.15
N TRP D 918 -56.98 0.25 -20.05
CA TRP D 918 -56.80 -1.20 -19.92
C TRP D 918 -58.14 -1.92 -19.77
N ASP D 919 -58.23 -3.09 -20.37
CA ASP D 919 -59.45 -3.88 -20.30
C ASP D 919 -59.06 -5.32 -20.04
N LEU D 920 -59.54 -5.89 -18.94
CA LEU D 920 -59.22 -7.27 -18.56
C LEU D 920 -60.41 -7.98 -17.91
N PRO D 921 -60.37 -9.32 -17.87
CA PRO D 921 -61.47 -10.05 -17.25
C PRO D 921 -61.38 -9.89 -15.72
N LEU D 922 -62.54 -9.75 -15.07
CA LEU D 922 -62.59 -9.57 -13.63
C LEU D 922 -61.56 -10.36 -12.84
N SER D 923 -61.30 -11.59 -13.29
CA SER D 923 -60.35 -12.46 -12.62
C SER D 923 -58.91 -11.96 -12.57
N ASP D 924 -58.47 -11.25 -13.63
CA ASP D 924 -57.11 -10.73 -13.67
C ASP D 924 -56.91 -9.53 -12.74
N MET D 925 -57.97 -9.13 -12.05
CA MET D 925 -57.88 -8.03 -11.12
C MET D 925 -57.68 -8.61 -9.74
N TYR D 926 -57.35 -9.90 -9.72
CA TYR D 926 -57.09 -10.62 -8.46
C TYR D 926 -55.78 -11.38 -8.59
N THR D 927 -54.87 -11.17 -7.65
CA THR D 927 -53.59 -11.88 -7.68
C THR D 927 -53.62 -13.06 -6.71
N PRO D 928 -53.56 -14.28 -7.25
CA PRO D 928 -53.59 -15.54 -6.50
C PRO D 928 -52.44 -15.84 -5.59
N TYR D 929 -52.01 -14.88 -4.77
CA TYR D 929 -50.91 -15.16 -3.85
C TYR D 929 -51.35 -16.33 -2.99
N VAL D 930 -50.49 -17.34 -2.85
CA VAL D 930 -50.82 -18.50 -2.04
C VAL D 930 -51.36 -18.09 -0.67
N PHE D 931 -50.74 -17.12 -0.02
CA PHE D 931 -51.24 -16.64 1.25
C PHE D 931 -52.07 -15.38 0.93
N PRO D 932 -53.39 -15.45 1.09
CA PRO D 932 -54.27 -14.31 0.81
C PRO D 932 -53.96 -13.03 1.58
N SER D 933 -54.14 -11.90 0.88
CA SER D 933 -53.91 -10.56 1.44
C SER D 933 -54.41 -9.51 0.46
N GLU D 934 -54.35 -8.25 0.86
CA GLU D 934 -54.76 -7.15 0.00
C GLU D 934 -54.01 -7.34 -1.31
N ASN D 935 -54.73 -7.22 -2.44
CA ASN D 935 -54.08 -7.40 -3.74
C ASN D 935 -54.84 -6.84 -4.92
N GLY D 936 -54.15 -6.81 -6.06
CA GLY D 936 -54.76 -6.34 -7.29
C GLY D 936 -54.94 -4.86 -7.44
N LEU D 937 -54.45 -4.09 -6.49
CA LEU D 937 -54.58 -2.64 -6.57
C LEU D 937 -53.98 -2.10 -7.87
N ARG D 938 -54.54 -1.00 -8.35
CA ARG D 938 -54.08 -0.31 -9.56
C ARG D 938 -54.08 1.19 -9.19
N CYS D 939 -52.93 1.83 -9.30
CA CYS D 939 -52.83 3.23 -8.93
C CYS D 939 -52.94 4.20 -10.10
N GLY D 940 -53.15 5.47 -9.77
CA GLY D 940 -53.26 6.52 -10.78
C GLY D 940 -54.37 6.32 -11.80
N THR D 941 -55.55 5.95 -11.32
CA THR D 941 -56.66 5.72 -12.22
C THR D 941 -57.60 6.93 -12.25
N ARG D 942 -57.88 7.42 -13.45
CA ARG D 942 -58.74 8.57 -13.62
C ARG D 942 -60.15 8.14 -14.02
N GLU D 943 -60.29 6.91 -14.54
CA GLU D 943 -61.58 6.38 -14.96
C GLU D 943 -61.67 4.87 -14.79
N LEU D 944 -62.70 4.42 -14.08
CA LEU D 944 -62.93 3.01 -13.83
C LEU D 944 -64.32 2.61 -14.31
N ASN D 945 -64.38 1.55 -15.12
CA ASN D 945 -65.64 1.08 -15.67
C ASN D 945 -65.90 -0.37 -15.33
N TYR D 946 -67.01 -0.63 -14.62
CA TYR D 946 -67.41 -1.99 -14.25
C TYR D 946 -68.93 -2.09 -14.36
N GLY D 947 -69.41 -2.96 -15.22
CA GLY D 947 -70.83 -3.09 -15.40
C GLY D 947 -71.43 -1.76 -15.84
N PRO D 948 -72.57 -1.37 -15.26
CA PRO D 948 -73.22 -0.11 -15.60
C PRO D 948 -72.49 1.10 -15.02
N HIS D 949 -71.63 0.82 -14.04
CA HIS D 949 -70.87 1.85 -13.34
C HIS D 949 -69.65 2.45 -14.02
N GLN D 950 -69.34 3.66 -13.59
CA GLN D 950 -68.15 4.38 -14.03
C GLN D 950 -67.78 5.30 -12.87
N TRP D 951 -66.52 5.25 -12.45
CA TRP D 951 -66.06 6.09 -11.36
C TRP D 951 -64.95 6.95 -11.95
N ARG D 952 -64.96 8.24 -11.64
CA ARG D 952 -63.95 9.13 -12.15
C ARG D 952 -63.29 9.95 -11.06
N GLY D 953 -62.00 10.23 -11.27
CA GLY D 953 -61.24 11.01 -10.32
C GLY D 953 -59.75 10.77 -10.47
N ASP D 954 -59.08 10.55 -9.35
CA ASP D 954 -57.65 10.31 -9.34
C ASP D 954 -57.40 9.40 -8.14
N PHE D 955 -57.85 8.15 -8.26
CA PHE D 955 -57.77 7.16 -7.20
C PHE D 955 -57.02 5.87 -7.56
N GLN D 956 -56.96 4.97 -6.57
CA GLN D 956 -56.35 3.65 -6.69
C GLN D 956 -57.54 2.70 -6.45
N PHE D 957 -57.44 1.45 -6.89
CA PHE D 957 -58.54 0.53 -6.68
C PHE D 957 -58.16 -0.92 -6.88
N ASN D 958 -58.97 -1.80 -6.33
CA ASN D 958 -58.82 -3.23 -6.51
C ASN D 958 -60.27 -3.72 -6.51
N ILE D 959 -60.58 -4.61 -7.44
CA ILE D 959 -61.96 -5.09 -7.57
C ILE D 959 -61.99 -6.60 -7.77
N SER D 960 -62.66 -7.31 -6.86
CA SER D 960 -62.73 -8.75 -6.97
C SER D 960 -63.94 -9.32 -6.25
N ARG D 961 -64.00 -10.64 -6.18
CA ARG D 961 -65.11 -11.31 -5.55
C ARG D 961 -64.79 -11.68 -4.09
N TYR D 962 -63.71 -11.12 -3.56
CA TYR D 962 -63.32 -11.42 -2.17
C TYR D 962 -63.21 -10.14 -1.34
N SER D 963 -63.83 -10.16 -0.16
CA SER D 963 -63.80 -9.01 0.74
C SER D 963 -62.49 -8.96 1.50
N GLN D 964 -62.08 -7.75 1.90
CA GLN D 964 -60.85 -7.60 2.63
C GLN D 964 -60.89 -8.48 3.85
N GLN D 965 -62.07 -8.60 4.45
CA GLN D 965 -62.24 -9.44 5.62
C GLN D 965 -61.94 -10.90 5.32
N GLN D 966 -62.59 -11.47 4.31
CA GLN D 966 -62.33 -12.87 3.97
C GLN D 966 -60.84 -13.06 3.73
N LEU D 967 -60.26 -12.17 2.94
CA LEU D 967 -58.86 -12.24 2.61
C LEU D 967 -57.95 -12.29 3.83
N MET D 968 -58.27 -11.52 4.86
CA MET D 968 -57.44 -11.53 6.05
C MET D 968 -57.75 -12.66 7.02
N GLU D 969 -58.86 -13.35 6.79
CA GLU D 969 -59.25 -14.46 7.65
C GLU D 969 -58.90 -15.79 6.99
N THR D 970 -58.59 -15.76 5.69
CA THR D 970 -58.23 -16.96 4.94
C THR D 970 -56.71 -17.13 4.83
N SER D 971 -56.25 -18.36 5.01
CA SER D 971 -54.82 -18.68 4.99
C SER D 971 -54.26 -19.19 3.67
N HIS D 972 -55.11 -19.84 2.86
CA HIS D 972 -54.68 -20.35 1.57
C HIS D 972 -55.63 -19.90 0.48
N ARG D 973 -55.08 -19.54 -0.68
CA ARG D 973 -55.88 -19.08 -1.80
C ARG D 973 -56.93 -20.08 -2.24
N HIS D 974 -56.74 -21.36 -1.91
CA HIS D 974 -57.71 -22.36 -2.35
C HIS D 974 -58.92 -22.51 -1.43
N LEU D 975 -58.90 -21.80 -0.30
CA LEU D 975 -60.02 -21.84 0.63
C LEU D 975 -60.88 -20.59 0.48
N LEU D 976 -60.56 -19.77 -0.52
CA LEU D 976 -61.31 -18.55 -0.79
C LEU D 976 -62.54 -18.87 -1.59
N HIS D 977 -63.69 -18.34 -1.17
CA HIS D 977 -64.92 -18.59 -1.91
C HIS D 977 -65.44 -17.26 -2.45
N ALA D 978 -65.90 -17.26 -3.70
CA ALA D 978 -66.41 -16.05 -4.30
C ALA D 978 -67.60 -15.63 -3.47
N GLU D 979 -67.82 -14.33 -3.37
CA GLU D 979 -68.93 -13.81 -2.59
C GLU D 979 -69.95 -13.20 -3.53
N GLU D 980 -71.15 -12.93 -3.02
CA GLU D 980 -72.20 -12.33 -3.83
C GLU D 980 -71.72 -10.99 -4.36
N GLY D 981 -71.90 -10.74 -5.65
CA GLY D 981 -71.48 -9.47 -6.19
C GLY D 981 -69.98 -9.26 -6.29
N THR D 982 -69.58 -8.00 -6.46
CA THR D 982 -68.18 -7.65 -6.60
C THR D 982 -67.74 -6.58 -5.60
N TRP D 983 -66.73 -6.90 -4.81
CA TRP D 983 -66.21 -5.94 -3.84
C TRP D 983 -65.34 -4.87 -4.49
N LEU D 984 -65.66 -3.61 -4.22
CA LEU D 984 -64.91 -2.50 -4.77
C LEU D 984 -64.20 -1.72 -3.66
N ASN D 985 -62.90 -1.57 -3.80
CA ASN D 985 -62.13 -0.82 -2.82
C ASN D 985 -61.52 0.36 -3.57
N ILE D 986 -62.05 1.56 -3.34
CA ILE D 986 -61.54 2.76 -3.99
C ILE D 986 -60.77 3.62 -2.99
N ASP D 987 -59.46 3.66 -3.17
CA ASP D 987 -58.60 4.41 -2.28
C ASP D 987 -58.17 5.74 -2.84
N GLY D 988 -58.19 6.76 -1.98
CA GLY D 988 -57.73 8.06 -2.39
C GLY D 988 -56.25 8.01 -2.15
N PHE D 989 -55.85 7.18 -1.17
CA PHE D 989 -54.46 7.00 -0.78
C PHE D 989 -54.23 5.58 -0.25
N HIS D 990 -53.11 4.98 -0.64
CA HIS D 990 -52.78 3.64 -0.18
C HIS D 990 -51.34 3.56 0.29
N MET D 991 -51.13 2.98 1.48
CA MET D 991 -49.78 2.85 2.02
C MET D 991 -48.94 1.94 1.12
N GLY D 992 -47.62 2.14 1.09
CA GLY D 992 -46.78 1.29 0.28
C GLY D 992 -46.76 -0.14 0.79
N ILE D 993 -46.35 -1.09 -0.04
CA ILE D 993 -46.29 -2.49 0.39
C ILE D 993 -44.95 -2.88 1.02
N GLY D 994 -43.90 -2.12 0.69
CA GLY D 994 -42.59 -2.40 1.24
C GLY D 994 -42.01 -3.71 0.75
N GLY D 995 -40.93 -4.15 1.40
CA GLY D 995 -40.31 -5.41 1.00
C GLY D 995 -38.80 -5.52 1.09
N ASP D 996 -38.12 -4.50 1.64
CA ASP D 996 -36.67 -4.55 1.77
C ASP D 996 -36.29 -5.82 2.51
N ASP D 997 -37.26 -6.35 3.25
CA ASP D 997 -37.15 -7.59 4.00
C ASP D 997 -38.55 -7.85 4.53
N SER D 998 -38.87 -9.10 4.83
CA SER D 998 -40.21 -9.39 5.29
C SER D 998 -40.30 -9.77 6.76
N TRP D 999 -39.41 -9.23 7.58
CA TRP D 999 -39.46 -9.55 9.00
C TRP D 999 -39.33 -8.33 9.92
N SER D 1000 -39.57 -7.16 9.36
CA SER D 1000 -39.49 -5.90 10.11
C SER D 1000 -40.06 -4.78 9.26
N PRO D 1001 -40.66 -3.77 9.88
CA PRO D 1001 -41.22 -2.67 9.10
C PRO D 1001 -40.26 -2.28 8.01
N SER D 1002 -40.71 -2.36 6.76
CA SER D 1002 -39.86 -2.05 5.63
C SER D 1002 -40.44 -1.06 4.63
N VAL D 1003 -41.48 -0.34 5.04
CA VAL D 1003 -42.08 0.62 4.13
C VAL D 1003 -41.47 1.99 4.34
N SER D 1004 -40.88 2.51 3.27
CA SER D 1004 -40.20 3.81 3.28
C SER D 1004 -41.15 4.90 3.72
N ALA D 1005 -40.64 5.86 4.50
CA ALA D 1005 -41.43 6.97 5.01
C ALA D 1005 -42.28 7.71 3.99
N GLU D 1006 -41.70 8.05 2.85
CA GLU D 1006 -42.42 8.78 1.83
C GLU D 1006 -43.65 8.03 1.32
N PHE D 1007 -43.79 6.77 1.71
CA PHE D 1007 -44.93 5.94 1.29
C PHE D 1007 -45.88 5.58 2.43
N GLN D 1008 -45.77 6.32 3.53
CA GLN D 1008 -46.60 6.09 4.70
C GLN D 1008 -47.65 7.18 4.80
N LEU D 1009 -48.93 6.81 4.84
CA LEU D 1009 -50.01 7.78 4.92
C LEU D 1009 -49.92 8.52 6.27
N SER D 1010 -49.07 9.53 6.31
CA SER D 1010 -48.83 10.30 7.53
C SER D 1010 -49.19 11.77 7.49
N ALA D 1011 -49.58 12.27 6.32
CA ALA D 1011 -49.94 13.67 6.15
C ALA D 1011 -50.91 14.22 7.21
N GLY D 1012 -51.67 13.34 7.86
CA GLY D 1012 -52.59 13.81 8.88
C GLY D 1012 -53.95 14.17 8.32
N ARG D 1013 -53.96 15.00 7.27
CA ARG D 1013 -55.18 15.42 6.61
C ARG D 1013 -55.11 15.03 5.14
N TYR D 1014 -56.09 14.27 4.67
CA TYR D 1014 -56.13 13.83 3.28
C TYR D 1014 -57.41 14.27 2.58
N HIS D 1015 -57.36 14.36 1.26
CA HIS D 1015 -58.52 14.80 0.48
C HIS D 1015 -58.57 14.17 -0.92
N TYR D 1016 -59.69 13.54 -1.24
CA TYR D 1016 -59.89 12.94 -2.56
C TYR D 1016 -61.33 13.15 -2.99
N GLN D 1017 -61.57 13.18 -4.30
CA GLN D 1017 -62.92 13.36 -4.82
C GLN D 1017 -63.25 12.36 -5.92
N LEU D 1018 -64.44 11.78 -5.84
CA LEU D 1018 -64.93 10.78 -6.78
C LEU D 1018 -66.24 11.19 -7.43
N VAL D 1019 -66.47 10.70 -8.63
CA VAL D 1019 -67.72 10.95 -9.35
C VAL D 1019 -68.28 9.61 -9.80
N TRP D 1020 -69.37 9.19 -9.17
CA TRP D 1020 -70.02 7.93 -9.48
C TRP D 1020 -71.15 8.20 -10.45
N CYS D 1021 -71.33 7.34 -11.44
CA CYS D 1021 -72.40 7.52 -12.39
C CYS D 1021 -72.58 6.28 -13.24
N GLN D 1022 -73.59 6.32 -14.10
CA GLN D 1022 -73.93 5.21 -14.99
C GLN D 1022 -73.44 5.53 -16.40
N LYS D 1023 -72.59 4.65 -16.93
CA LYS D 1023 -72.03 4.85 -18.27
C LYS D 1023 -73.04 4.46 -19.34
MG MG E . 14.36 -34.44 6.85
MG MG F . -5.94 -43.17 10.41
MG MG G . 35.25 -12.18 15.09
NA NA H . 20.51 -34.68 10.14
NA NA I . 20.55 -7.64 11.64
NA NA J . 28.34 -4.94 36.71
S DMS K . 2.10 -14.55 26.98
O DMS K . 1.32 -15.15 28.09
C1 DMS K . 1.75 -15.46 25.53
C2 DMS K . 1.44 -12.95 26.58
S DMS L . 31.99 -11.31 17.85
O DMS L . 31.51 -10.67 19.09
C1 DMS L . 31.62 -10.25 16.50
C2 DMS L . 33.77 -11.34 17.83
S DMS M . 22.88 -14.21 27.33
O DMS M . 22.37 -13.18 28.27
C1 DMS M . 24.34 -14.92 28.01
C2 DMS M . 21.77 -15.60 27.26
S DMS N . 0.14 -26.49 35.23
O DMS N . 1.25 -25.51 35.17
C1 DMS N . -1.26 -25.79 34.45
C2 DMS N . 0.51 -27.90 34.22
S DMS O . -13.06 -6.74 34.20
O DMS O . -13.38 -7.92 33.38
C1 DMS O . -13.71 -5.33 33.39
C2 DMS O . -13.99 -6.76 35.73
S DMS P . -13.12 -16.39 44.85
O DMS P . -14.19 -15.70 44.08
C1 DMS P . -11.72 -15.33 44.87
C2 DMS P . -13.55 -16.46 46.57
S DMS Q . 0.91 -46.30 38.77
O DMS Q . 1.78 -45.84 37.68
C1 DMS Q . -0.63 -45.47 38.62
C2 DMS Q . 0.46 -48.01 38.50
S DMS R . 0.24 -7.38 18.62
O DMS R . 0.98 -8.58 19.10
C1 DMS R . 0.69 -7.10 16.94
C2 DMS R . -1.50 -7.75 18.51
S DMS S . 13.28 -54.67 9.10
O DMS S . 13.47 -53.40 8.37
C1 DMS S . 12.13 -54.37 10.39
C2 DMS S . 12.43 -55.83 8.06
S DMS T . 29.84 -43.43 25.44
O DMS T . 30.50 -44.13 24.31
C1 DMS T . 30.88 -43.51 26.86
C2 DMS T . 29.77 -41.69 25.11
S DMS U . 12.20 -51.50 31.09
O DMS U . 11.41 -51.22 32.30
C1 DMS U . 13.88 -51.20 31.48
C2 DMS U . 12.20 -53.24 30.69
S DMS V . 35.40 -20.08 27.43
O DMS V . 34.30 -19.32 26.82
C1 DMS V . 34.77 -20.81 28.90
C2 DMS V . 35.80 -21.51 26.44
S DMS W . -31.69 -19.30 35.60
O DMS W . -30.57 -20.24 35.76
C1 DMS W . -32.08 -19.20 33.90
C2 DMS W . -33.17 -19.99 36.31
S DMS X . 0.73 0.29 18.74
O DMS X . 1.95 -0.40 19.23
C1 DMS X . 1.16 1.94 18.32
C2 DMS X . 0.25 -0.40 17.17
S DMS Y . 14.65 -58.25 24.37
O DMS Y . 13.87 -58.55 25.59
C1 DMS Y . 16.32 -58.03 24.84
C2 DMS Y . 14.72 -59.71 23.32
S DMS Z . 37.90 -42.57 21.85
O DMS Z . 36.73 -42.19 21.02
C1 DMS Z . 37.69 -41.77 23.41
C2 DMS Z . 37.81 -44.29 22.27
S DMS AA . 28.59 -6.47 41.32
O DMS AA . 28.56 -5.97 39.92
C1 DMS AA . 29.61 -5.39 42.25
C2 DMS AA . 26.99 -6.26 42.07
S DMS BA . 1.57 -29.19 38.37
O DMS BA . 1.20 -29.91 37.12
C1 DMS BA . 0.09 -28.91 39.26
C2 DMS BA . 2.47 -30.27 39.46
S DMS CA . 0.58 -53.35 36.51
O DMS CA . 1.83 -52.75 35.98
C1 DMS CA . -0.43 -53.77 35.15
C2 DMS CA . 0.93 -54.94 37.23
S DMS DA . 38.22 -3.44 16.66
O DMS DA . 39.63 -3.09 16.95
C1 DMS DA . 37.78 -2.73 15.13
C2 DMS DA . 38.06 -5.19 16.34
S DMS EA . -5.98 -4.73 43.53
O DMS EA . -5.49 -6.12 43.59
C1 DMS EA . -6.72 -4.50 41.95
C2 DMS EA . -7.35 -4.50 44.65
C1 GAL FA . 16.95 -30.18 6.92
C2 GAL FA . 15.81 -30.78 7.76
C3 GAL FA . 16.40 -31.34 9.06
C4 GAL FA . 17.45 -32.42 8.70
C5 GAL FA . 18.52 -31.75 7.83
C6 GAL FA . 19.55 -32.80 7.46
O1 GAL FA . 16.41 -29.66 5.72
O2 GAL FA . 14.86 -29.76 8.05
O3 GAL FA . 15.37 -31.93 9.87
O4 GAL FA . 16.81 -33.48 7.97
O5 GAL FA . 17.94 -31.20 6.61
O6 GAL FA . 20.70 -32.62 8.30
C1 GAL GA . 20.49 -33.74 3.11
C2 GAL GA . 19.91 -34.79 2.15
C3 GAL GA . 19.43 -34.07 0.88
C4 GAL GA . 18.34 -33.05 1.28
C5 GAL GA . 18.98 -32.05 2.29
C6 GAL GA . 17.92 -31.02 2.71
O1 GAL GA . 20.95 -34.41 4.30
O2 GAL GA . 20.93 -35.73 1.79
O3 GAL GA . 18.88 -35.02 -0.05
O4 GAL GA . 17.24 -33.72 1.92
O5 GAL GA . 19.47 -32.76 3.48
O6 GAL GA . 17.20 -31.48 3.85
S DMS HA . -17.62 -9.64 28.00
O DMS HA . -16.71 -10.77 28.29
C1 DMS HA . -18.64 -9.36 29.38
C2 DMS HA . -16.70 -8.12 27.88
S DMS IA . 13.25 0.41 15.16
O DMS IA . 13.98 -0.30 16.23
C1 DMS IA . 14.41 0.96 13.98
C2 DMS IA . 12.25 -0.74 14.23
S DMS JA . 2.16 -13.21 2.88
O DMS JA . 2.62 -14.52 3.38
C1 DMS JA . 3.44 -12.04 3.17
C2 DMS JA . 2.04 -13.24 1.11
MG MG KA . 31.56 20.77 -6.02
MG MG LA . 20.30 37.88 -9.90
MG MG MA . 39.42 -14.01 -16.80
NA NA NA . 36.89 16.75 -9.80
NA NA OA . 21.65 -6.02 -11.01
NA NA PA . 54.51 12.88 -6.39
NA NA QA . 26.89 -12.94 -35.94
S DMS RA . 10.55 10.87 -27.05
O DMS RA . 11.70 10.83 -27.98
C1 DMS RA . 10.37 9.29 -26.36
C2 DMS RA . 10.94 11.84 -25.61
S DMS SA . 33.32 -9.32 -16.23
O DMS SA . 32.47 -9.46 -17.44
C1 DMS SA . 32.32 -9.70 -14.83
C2 DMS SA . 34.54 -10.62 -16.18
S DMS TA . 27.73 -1.69 -26.67
O DMS TA . 26.92 -2.00 -27.86
C1 DMS TA . 29.42 -1.79 -27.11
C2 DMS TA . 27.52 0.04 -26.25
S DMS UA . 16.37 21.38 -35.39
O DMS UA . 15.68 22.55 -34.79
C1 DMS UA . 17.88 21.15 -34.53
C2 DMS UA . 15.50 19.88 -35.01
S DMS VA . -5.50 13.17 -34.68
O DMS VA . -5.37 14.20 -33.61
C1 DMS VA . -6.33 11.80 -33.97
C2 DMS VA . -6.62 13.72 -35.95
S DMS WA . 5.30 5.66 -18.18
O DMS WA . 6.44 6.25 -18.94
C1 DMS WA . 5.70 5.70 -16.47
C2 DMS WA . 3.90 6.76 -18.30
S DMS XA . 50.85 17.76 -23.77
O DMS XA . 50.42 18.52 -22.58
C1 DMS XA . 49.92 16.29 -23.85
C2 DMS XA . 50.34 18.60 -25.27
S DMS YA . 41.58 34.28 -30.57
O DMS YA . 40.31 35.01 -30.77
C1 DMS YA . 42.21 33.88 -32.16
C2 DMS YA . 42.81 35.39 -29.91
S DMS ZA . 38.42 33.51 -1.20
O DMS ZA . 37.36 32.48 -1.16
C1 DMS ZA . 38.13 34.52 -2.61
C2 DMS ZA . 38.21 34.65 0.16
S DMS AB . 44.29 42.65 -19.11
O DMS AB . 43.24 41.81 -19.74
C1 DMS AB . 43.85 44.33 -19.36
C2 DMS AB . 44.20 42.48 -17.34
S DMS BB . 56.45 12.91 -20.72
O DMS BB . 56.56 12.48 -19.30
C1 DMS BB . 54.82 13.48 -21.01
C2 DMS BB . 57.45 14.35 -20.99
S DMS CB . 43.64 -13.31 -15.74
O DMS CB . 43.40 -11.85 -15.59
C1 DMS CB . 43.93 -13.99 -14.15
C2 DMS CB . 42.14 -14.12 -16.26
S DMS DB . 19.35 22.84 -38.84
O DMS DB . 18.88 22.26 -37.57
C1 DMS DB . 20.08 24.39 -38.49
C2 DMS DB . 20.72 21.89 -39.47
S DMS EB . 34.41 -16.68 -14.75
O DMS EB . 33.40 -17.60 -15.33
C1 DMS EB . 33.70 -15.88 -13.37
C2 DMS EB . 35.74 -17.63 -14.03
S DMS FB . 11.86 36.05 -44.21
O DMS FB . 11.40 35.08 -43.19
C1 DMS FB . 13.48 35.57 -44.70
C2 DMS FB . 10.93 35.84 -45.71
S DMS GB . 0.90 2.74 -38.04
O DMS GB . 0.42 1.60 -37.25
C1 DMS GB . 1.88 2.12 -39.35
C2 DMS GB . -0.48 3.50 -38.88
C1 GAL HB . 32.16 14.58 -6.25
C2 GAL HB . 31.66 15.79 -7.07
C3 GAL HB . 32.49 15.86 -8.36
C4 GAL HB . 33.98 16.02 -8.00
C5 GAL HB . 34.39 14.79 -7.14
C6 GAL HB . 35.86 14.91 -6.75
O1 GAL HB . 31.40 14.52 -5.05
O2 GAL HB . 30.28 15.62 -7.38
O3 GAL HB . 32.07 16.97 -9.14
O4 GAL HB . 34.19 17.22 -7.26
O5 GAL HB . 33.57 14.73 -5.92
O6 GAL HB . 36.68 14.66 -7.89
C1 GAL IB . 36.57 15.87 -2.25
C2 GAL IB . 36.63 17.29 -1.63
C3 GAL IB . 36.01 17.22 -0.21
C4 GAL IB . 34.54 16.74 -0.35
C5 GAL IB . 34.55 15.35 -1.03
C6 GAL IB . 33.10 14.85 -1.18
O1 GAL IB . 37.16 15.92 -3.56
O2 GAL IB . 37.99 17.74 -1.53
O3 GAL IB . 36.03 18.51 0.41
O4 GAL IB . 33.79 17.67 -1.15
O5 GAL IB . 35.18 15.43 -2.35
O6 GAL IB . 32.87 14.40 -2.52
S DMS JB . 29.13 36.87 -38.39
O DMS JB . 28.83 36.06 -37.18
C1 DMS JB . 27.64 37.63 -38.92
C2 DMS JB . 30.14 38.27 -37.95
S DMS KB . -7.64 18.44 -28.95
O DMS KB . -6.92 17.27 -29.48
C1 DMS KB . -6.53 19.27 -27.87
C2 DMS KB . -7.89 19.61 -30.27
S DMS LB . -2.01 2.36 -25.74
O DMS LB . -1.26 1.63 -26.79
C1 DMS LB . -2.03 1.36 -24.31
C2 DMS LB . -1.09 3.78 -25.21
S DMS MB . 0.16 22.23 -45.70
O DMS MB . 0.84 21.96 -47.00
C1 DMS MB . -1.03 20.97 -45.43
C2 DMS MB . 1.31 22.01 -44.37
S DMS NB . 12.27 27.00 5.72
O DMS NB . 11.15 27.92 5.43
C1 DMS NB . 13.39 27.87 6.75
C2 DMS NB . 11.73 25.68 6.78
MG MG OB . -14.43 34.29 -7.94
MG MG PB . 6.08 42.93 -9.91
NA NA QB . -19.74 36.59 -3.47
NA NA RB . -19.44 12.70 9.09
NA NA SB . -36.78 42.39 -6.48
NA NA TB . -22.64 18.68 34.95
S DMS UB . 0.49 24.97 17.99
O DMS UB . 0.90 26.15 18.78
C1 DMS UB . 0.83 25.30 16.30
C2 DMS UB . 1.58 23.61 18.35
S DMS VB . -30.13 18.56 13.96
O DMS VB . -29.60 19.05 15.25
C1 DMS VB . -29.31 17.06 13.58
C2 DMS VB . -31.83 18.02 14.11
S DMS WB . -19.92 25.41 20.83
O DMS WB . -18.93 25.98 19.89
C1 DMS WB . -19.14 25.23 22.38
C2 DMS WB . -21.18 26.62 21.15
S DMS XB . 3.03 39.10 20.30
O DMS XB . 2.50 40.08 19.33
C1 DMS XB . 1.80 37.88 20.60
C2 DMS XB . 4.36 38.15 19.57
S DMS YB . 17.06 21.12 26.04
O DMS YB . 16.62 21.14 24.62
C1 DMS YB . 15.81 20.39 27.02
C2 DMS YB . 18.41 19.96 26.23
S DMS ZB . 17.92 34.17 31.97
O DMS ZB . 18.78 35.08 31.18
C1 DMS ZB . 18.58 32.56 31.86
C2 DMS ZB . 18.08 34.57 33.70
S DMS AC . -32.85 20.92 -9.67
O DMS AC . -34.07 21.35 -10.41
C1 DMS AC . -33.19 19.36 -8.93
C2 DMS AC . -31.53 20.56 -10.80
S DMS BC . 1.98 58.82 14.34
O DMS BC . 1.53 58.38 13.00
C1 DMS BC . 1.85 57.46 15.44
C2 DMS BC . 3.72 59.17 14.35
S DMS CC . 1.44 14.85 12.42
O DMS CC . 0.76 15.36 13.63
C1 DMS CC . 3.17 15.00 12.70
C2 DMS CC . 1.18 13.09 12.30
S DMS DC . -28.39 51.01 7.35
O DMS DC . -28.59 50.89 5.89
C1 DMS DC . -29.94 50.86 8.16
C2 DMS DC . -27.50 49.58 7.95
S DMS EC . -16.38 57.43 7.53
O DMS EC . -15.52 57.29 6.34
C1 DMS EC . -15.64 56.54 8.85
C2 DMS EC . -16.35 59.11 8.11
S DMS FC . -37.47 29.38 17.91
O DMS FC . -37.08 28.02 18.36
C1 DMS FC . -36.92 30.51 19.13
C2 DMS FC . -36.51 29.84 16.48
S DMS GC . 32.69 32.08 18.49
O DMS GC . 33.15 33.41 18.97
C1 DMS GC . 32.02 32.27 16.88
C2 DMS GC . 34.10 31.01 18.22
S DMS HC . 1.26 8.45 17.47
O DMS HC . 0.38 9.31 18.29
C1 DMS HC . 2.90 8.64 18.05
C2 DMS HC . 0.91 6.72 17.81
S DMS IC . -12.66 45.80 -18.63
O DMS IC . -13.76 46.04 -17.69
C1 DMS IC . -11.24 46.63 -18.02
C2 DMS IC . -12.19 44.08 -18.59
S DMS JC . -17.60 64.79 -2.14
O DMS JC . -16.50 63.88 -2.57
C1 DMS JC . -18.56 63.94 -0.94
C2 DMS JC . -16.94 66.17 -1.24
S DMS KC . -24.03 22.95 34.59
O DMS KC . -24.05 21.60 33.95
C1 DMS KC . -25.62 23.28 35.23
C2 DMS KC . -23.02 22.89 36.06
S DMS LC . 1.57 43.28 21.60
O DMS LC . 1.32 43.98 22.88
C1 DMS LC . 3.25 42.87 21.55
C2 DMS LC . 0.76 41.69 21.60
S DMS MC . -34.24 13.96 15.67
O DMS MC . -35.20 13.75 16.79
C1 DMS MC . -34.88 15.22 14.64
C2 DMS MC . -32.73 14.67 16.28
S DMS NC . 23.49 51.63 13.81
O DMS NC . 22.17 52.13 14.25
C1 DMS NC . 23.84 52.36 12.25
C2 DMS NC . 24.77 52.30 14.85
C1 GAL OC . -17.48 30.62 -5.28
C2 GAL OC . -16.23 31.40 -4.89
C3 GAL OC . -16.61 32.36 -3.77
C4 GAL OC . -17.67 33.32 -4.30
C5 GAL OC . -18.90 32.49 -4.72
C6 GAL OC . -20.01 33.41 -5.28
O1 GAL OC . -17.15 29.71 -6.34
O2 GAL OC . -15.24 30.50 -4.43
O3 GAL OC . -15.47 33.09 -3.37
O4 GAL OC . -17.15 34.01 -5.44
O5 GAL OC . -18.51 31.54 -5.75
O6 GAL OC . -20.30 34.46 -4.36
C1 GAL PC . -20.95 32.57 -10.27
C2 GAL PC . -20.27 33.02 -11.58
C3 GAL PC . -20.02 31.76 -12.44
C4 GAL PC . -19.11 30.81 -11.66
C5 GAL PC . -19.83 30.44 -10.33
C6 GAL PC . -18.94 29.48 -9.52
O1 GAL PC . -21.18 33.72 -9.45
O2 GAL PC . -21.12 33.92 -12.29
O3 GAL PC . -19.38 32.14 -13.67
O4 GAL PC . -17.86 31.45 -11.38
O5 GAL PC . -20.09 31.64 -9.54
O6 GAL PC . -17.88 30.20 -8.89
S DMS QC . -20.09 38.30 26.09
O DMS QC . -19.35 37.45 27.05
C1 DMS QC . -21.68 38.61 26.76
C2 DMS QC . -19.37 39.92 26.01
S DMS RC . 20.31 21.24 19.57
O DMS RC . 19.53 19.97 19.47
C1 DMS RC . 22.00 20.80 19.67
C2 DMS RC . 20.21 22.10 18.01
MG MG SC . -31.71 -19.24 6.76
C1 GAL TC . -32.23 -15.09 4.30
C2 GAL TC . -31.66 -16.51 4.10
C3 GAL TC . -32.50 -17.20 3.00
C4 GAL TC . -33.96 -17.27 3.46
C5 GAL TC . -34.48 -15.82 3.67
C6 GAL TC . -35.96 -15.86 4.12
O1 GAL TC . -31.47 -14.42 5.33
O2 GAL TC . -30.30 -16.42 3.70
O3 GAL TC . -32.00 -18.53 2.79
O4 GAL TC . -34.02 -17.97 4.71
O5 GAL TC . -33.66 -15.15 4.70
O6 GAL TC . -36.73 -16.77 3.31
C1 GAL UC . -35.51 -14.20 8.57
C2 GAL UC . -35.65 -15.08 9.84
C3 GAL UC . -35.11 -14.26 11.02
C4 GAL UC . -33.63 -13.92 10.76
C5 GAL UC . -33.56 -13.10 9.45
C6 GAL UC . -32.10 -12.74 9.14
O1 GAL UC . -36.00 -14.95 7.45
O2 GAL UC . -37.02 -15.40 10.05
O3 GAL UC . -35.21 -15.03 12.23
O4 GAL UC . -32.88 -15.14 10.63
O5 GAL UC . -34.12 -13.86 8.34
O6 GAL UC . -31.48 -13.79 8.39
NA NA VC . 19.91 -89.92 42.64
NA NA WC . -37.28 -19.23 1.80
S DMS XC . -13.49 -20.68 -18.44
O DMS XC . -13.98 -21.84 -19.21
C1 DMS XC . -13.72 -21.04 -16.74
C2 DMS XC . -11.72 -20.59 -18.56
S DMS YC . -19.90 -34.02 -20.25
O DMS YC . -18.50 -33.88 -20.67
C1 DMS YC . -19.98 -35.14 -18.90
C2 DMS YC . -20.49 -32.50 -19.50
S DMS ZC . -43.48 -43.42 -8.27
O DMS ZC . -42.10 -43.84 -7.93
C1 DMS ZC . -44.32 -43.12 -6.76
C2 DMS ZC . -43.45 -41.81 -9.05
S DMS AD . -4.71 -7.06 -18.23
O DMS AD . -5.08 -8.09 -17.24
C1 DMS AD . -5.76 -5.68 -17.98
C2 DMS AD . -3.10 -6.41 -17.84
S DMS BD . -37.80 -19.98 -27.15
O DMS BD . -37.03 -18.74 -27.43
C1 DMS BD . -39.50 -19.61 -27.28
C2 DMS BD . -37.51 -21.17 -28.45
MG MG CD . -20.36 -38.48 9.79
S DMS DD . -62.39 -15.07 -9.45
O DMS DD . -61.79 -14.49 -8.23
C1 DMS DD . -62.80 -13.76 -10.55
C2 DMS DD . -61.18 -16.01 -10.34
#